data_5ODI
#
_entry.id   5ODI
#
_cell.length_a   370.528
_cell.length_b   97.077
_cell.length_c   135.149
_cell.angle_alpha   90.00
_cell.angle_beta   109.43
_cell.angle_gamma   90.00
#
_symmetry.space_group_name_H-M   'C 1 2 1'
#
loop_
_entity.id
_entity.type
_entity.pdbx_description
1 polymer 'Heterodisulfide reductase, subunit A'
2 polymer 'Heterodisulfide reductase, subunit B'
3 polymer 'Heterodisulfide reductase, subunit C'
4 polymer 'Methyl-viologen reducing hydrogenase, subunit D'
5 polymer 'Methyl-viologen reducing hydrogenase, subunit G'
6 polymer 'Methyl-viologen reducing hydrogenase, subunit A'
7 non-polymer 'ACETATE ION'
8 non-polymer 'FLAVIN-ADENINE DINUCLEOTIDE'
9 non-polymer 'IRON/SULFUR CLUSTER'
10 non-polymer GLYCEROL
11 non-polymer 'Non-cubane [4Fe-4S]-cluster'
12 non-polymer '1-THIOETHANESULFONIC ACID'
13 non-polymer 'FE2/S2 (INORGANIC) CLUSTER'
14 non-polymer 2-AMINO-2-HYDROXYMETHYL-PROPANE-1,3-DIOL
15 non-polymer formyl[bis(hydrocyanato-1kappaC)]ironnickel(Fe-Ni)
16 non-polymer 'FE (III) ION'
17 non-polymer 3,6,9,12,15,18,21,24,27,30,33,36,39-TRIDECAOXAHENTETRACONTANE-1,41-DIOL
18 water water
#
loop_
_entity_poly.entity_id
_entity_poly.type
_entity_poly.pdbx_seq_one_letter_code
_entity_poly.pdbx_strand_id
1 'polypeptide(L)'
;MEEPRIGVYVCHCGVNIGGTVDCPDVTEFAKTLKNVVVARDYKYMCADPGQEMIKKDIKEHNLNRVVVAACSPRLHEPTF
RRCVAEAGLNPFLFEFANIREHCSWVHMHEKEKATEKAKDLVRMAVAKARLLEPLEFIKVGVTQRALVIGGGVAGIQTAL
DLGDMGFETILVEKTPSVGGRMAQLDKTFPTNDCSICILAPKMVDVAKHPNVKLYAYSEVVDVQGYVGNFKVKIMKKARY
IDETKCTGCGQCSEVCPIDVPNEFDMGIGMRKAIYKPFPQAVPAKYTIDKEHCIECGLCAKVCGPNAIDFDQEPEIIEAE
VGTIICAIGYDAFDPTVREEYGYGVYDNVVTALELERMINASGPTGGKVIRLSDGQKPKRIAFIQCVGSRDAKVGNKYCS
NVCCMYAMKNSQLIKEKSPDTEIDIYYMDIRAFSKGYEEFYERSAKQYGIKFMRGRPSQVIEDPETGNLVVRAEDTLLGE
ILEKEYDLVVLSVGMVPTKSADEVQKILGISRTPDQFFMEAHPKLRPVDTATDGVYLAGACQGPKDIPASVAQGSAAASR
AAIPLAKGEVEVEPIIASVDAEICGGCGVCVKQCPYGAPRLVEKDGKVVAEVISALCKGCGTCPAGCPSGALEQDHFKTI
QLFKQIEGMFRDTA
;
A,G
2 'polypeptide(L)'
;MKYAFFLGCIMPNRYAGVEAATRTVMEKLGVELVDMTGASCCPAPGVFGSFDQKTWLTLAARNLCIAEEMGVDIVTVCNG
CYGSLFEAAHLLHDNKEALNFVNEKLDKVGKEYKGNVKVRHFAELIYNDIGVDKIAEKVERPLNINVGVHYGCHFLKPTD
VKHLGSAERPVMLDEIVEATGAKSVPYADKMMCCGAGGGVRARELELSLDMTNEKIENMIKAGADCTVNVCPFCHLQFDR
GQIEIKEKFGKEYNFPVLHLSQLLGLAMGMDPKDLALSVHQISVDPLLKKI
;
B,H
3 'polypeptide(L)'
;MIYSSDLNKNLASQIIEAGTPIPGDDVVSSLKACYQCGTCTGSCPSGRRTSYRTRKVIRKALLGMDDVLDSDDIWKCTTC
YTCYERCPRDVKVTEIIKTIRNLAAQKGNMAKAHKMTAMYVLKYGHAVPANKNTAELRKSIGLSEKAPIAQFSEKDLNEM
NTLIKELGFDELIGFDWEKGALKE
;
C,I
4 'polypeptide(L)'
;MSEWEPKIIGFCCNWCTYGGADTAGVGRMQYPPSIRIIRVMCSGRIEPSLILKAFKEGADGVFVGGCHLGDCHYDSGNYK
WQRRVMMLYELLEELGIEKERLNHEWISASEGEKFQNTMKDFYNKIEALGPCKLKEELDK
;
D,J
5 'polypeptide(L)'
;MVKIATTWLGGCSGCHISLLDLHEELLNLLENVELVHCPVLMDVKEIPDEVEVALIEGGIRNEENLEIAKEMRERAKIVI
AFGTCAAFGGVPGLGNLYSNDELLDKAYKTTITTKNDDGIIPNEEVPELVSRVKPLSEVIEVDYFIPGCPPNPEMIAEVV
KALLEGKEPELPKKNLCEECARKKSEEGVAIETIKRNYEGNPDPEKCLLEQGYICLGIATREGCGAPCPSSGVPCSGCSG
PTDAVVDQGAKMISALCSDFGIDNDRDVDPMILPKSIKDKIGSFYKFTLPSAFVPIRLK
;
E,K
6 'polypeptide(L)'
;MVKLSVEPVTRVEGHGKISVSFDDSGNLDKVRFHVVEVRGFEKFLEGRYVEDAPIYTPRICGICQVAHHLASAKAVDNVF
GVKIPETAELLRNLMHQGATVHSHALHFYMLAAPDLMFPTTDDVLKRNLMGIAKEHPEIIKDAIELRKAGQNVVRVVGGR
AIHPVTAVVGGQSKSLKEEERDELLKLSERTIELSEKSIEVGKKLLENIKDEDLLDIGYFESAHMGMVNNGVHDLYDGKL
RVVNSEGKVEYEFDPSEYMNYIAEGVKPYSYLKFPYLKDKGEEDGIYRVNTLSRLNVSDKMATPLAQKYYDEFVKEFGKP
CHHPMLFHYARLIELLSSAEMVKELLENDKIVGEDIRAEPEEVVGDGVGCVEAPRGTLIHHFKTDDDGIITDTNLVVATV
QNNPAMDIGVRKVAEKYIKAPEDATPQVLNYMEMLIRAYDPCLSCATHIIGEESNNLSLDVYQKNKLVKSIRG
;
F,L
#
# COMPACT_ATOMS: atom_id res chain seq x y z
N GLU A 3 35.25 37.57 -11.04
CA GLU A 3 33.89 38.09 -11.00
C GLU A 3 32.89 36.98 -11.29
N PRO A 4 31.71 37.03 -10.69
CA PRO A 4 30.72 35.96 -10.95
C PRO A 4 30.20 35.90 -12.39
N ARG A 5 30.07 34.68 -12.90
CA ARG A 5 29.54 34.39 -14.23
C ARG A 5 28.40 33.41 -13.94
N ILE A 6 27.20 33.93 -13.74
CA ILE A 6 26.04 33.11 -13.40
C ILE A 6 25.21 32.64 -14.59
N GLY A 7 24.69 31.43 -14.47
CA GLY A 7 23.82 30.83 -15.47
C GLY A 7 22.46 30.75 -14.82
N VAL A 8 21.40 31.20 -15.51
CA VAL A 8 20.06 31.16 -14.92
C VAL A 8 19.21 30.25 -15.75
N TYR A 9 18.47 29.35 -15.13
CA TYR A 9 17.64 28.42 -15.88
C TYR A 9 16.22 28.41 -15.37
N VAL A 10 15.30 28.96 -16.18
CA VAL A 10 13.92 28.99 -15.74
C VAL A 10 13.16 27.76 -16.19
N CYS A 11 12.61 27.02 -15.23
CA CYS A 11 11.86 25.82 -15.58
C CYS A 11 10.37 26.07 -15.72
N HIS A 12 9.71 25.28 -16.58
CA HIS A 12 8.28 25.39 -16.80
C HIS A 12 7.58 24.27 -16.02
N CYS A 13 8.33 23.16 -15.77
CA CYS A 13 7.82 21.96 -15.07
C CYS A 13 6.56 21.62 -15.83
N GLY A 14 6.69 21.59 -17.15
CA GLY A 14 5.57 21.30 -18.06
C GLY A 14 4.70 22.53 -18.16
N VAL A 15 3.60 22.55 -17.39
CA VAL A 15 2.69 23.70 -17.33
C VAL A 15 2.57 24.12 -15.87
N ASN A 16 3.09 23.30 -14.95
CA ASN A 16 3.04 23.62 -13.53
C ASN A 16 3.53 25.04 -13.28
N ILE A 17 4.61 25.45 -13.96
CA ILE A 17 5.12 26.80 -13.79
C ILE A 17 4.71 27.62 -15.00
N GLY A 18 4.98 27.09 -16.19
CA GLY A 18 4.69 27.77 -17.46
C GLY A 18 3.26 28.24 -17.58
N GLY A 19 2.33 27.45 -17.07
CA GLY A 19 0.91 27.78 -17.12
C GLY A 19 0.53 29.06 -16.41
N THR A 20 1.30 29.48 -15.41
CA THR A 20 1.01 30.70 -14.66
C THR A 20 2.11 31.75 -14.90
N VAL A 21 3.34 31.35 -14.61
CA VAL A 21 4.50 32.21 -14.75
C VAL A 21 5.03 32.22 -16.17
N ASP A 22 5.08 33.39 -16.79
CA ASP A 22 5.61 33.52 -18.15
C ASP A 22 7.14 33.33 -18.06
N CYS A 23 7.58 32.07 -18.12
CA CYS A 23 8.99 31.72 -18.03
C CYS A 23 9.85 32.43 -19.07
N PRO A 24 9.54 32.36 -20.37
CA PRO A 24 10.38 33.07 -21.34
C PRO A 24 10.64 34.50 -20.88
N ASP A 25 9.60 35.21 -20.41
CA ASP A 25 9.78 36.58 -19.94
C ASP A 25 10.73 36.71 -18.76
N VAL A 26 10.70 35.73 -17.84
CA VAL A 26 11.58 35.74 -16.67
C VAL A 26 13.03 35.52 -17.17
N THR A 27 13.19 34.62 -18.15
CA THR A 27 14.49 34.31 -18.73
C THR A 27 15.08 35.56 -19.42
N GLU A 28 14.22 36.39 -20.03
CA GLU A 28 14.70 37.60 -20.68
C GLU A 28 15.14 38.57 -19.61
N PHE A 29 14.34 38.72 -18.56
CA PHE A 29 14.64 39.58 -17.45
C PHE A 29 15.94 39.16 -16.73
N ALA A 30 16.13 37.85 -16.52
CA ALA A 30 17.31 37.30 -15.85
C ALA A 30 18.61 37.76 -16.50
N LYS A 31 18.59 37.90 -17.83
CA LYS A 31 19.74 38.34 -18.62
C LYS A 31 20.12 39.78 -18.29
N THR A 32 19.13 40.63 -18.00
CA THR A 32 19.39 42.04 -17.69
C THR A 32 20.11 42.22 -16.37
N LEU A 33 20.05 41.22 -15.49
CA LEU A 33 20.71 41.34 -14.18
C LEU A 33 22.23 41.21 -14.27
N LYS A 34 22.92 41.92 -13.39
CA LYS A 34 24.39 41.91 -13.36
C LYS A 34 24.92 40.51 -13.23
N ASN A 35 26.08 40.24 -13.83
CA ASN A 35 26.79 38.95 -13.79
C ASN A 35 26.13 37.74 -14.47
N VAL A 36 24.92 37.89 -15.03
CA VAL A 36 24.24 36.78 -15.69
C VAL A 36 24.74 36.75 -17.13
N VAL A 37 25.56 35.74 -17.48
CA VAL A 37 26.13 35.61 -18.83
C VAL A 37 25.33 34.65 -19.74
N VAL A 38 24.45 33.83 -19.14
CA VAL A 38 23.59 32.88 -19.86
C VAL A 38 22.28 32.75 -19.09
N ALA A 39 21.20 32.49 -19.79
CA ALA A 39 19.88 32.32 -19.19
C ALA A 39 19.00 31.61 -20.20
N ARG A 40 18.47 30.44 -19.84
CA ARG A 40 17.64 29.67 -20.73
C ARG A 40 16.37 29.23 -20.02
N ASP A 41 15.41 28.70 -20.77
CA ASP A 41 14.15 28.19 -20.23
C ASP A 41 13.91 26.84 -20.89
N TYR A 42 13.71 25.78 -20.08
CA TYR A 42 13.45 24.43 -20.59
C TYR A 42 12.28 23.83 -19.81
N LYS A 43 11.46 23.02 -20.49
CA LYS A 43 10.27 22.40 -19.92
C LYS A 43 10.49 21.58 -18.66
N TYR A 44 11.63 20.90 -18.58
CA TYR A 44 11.96 20.07 -17.41
C TYR A 44 13.46 20.21 -17.20
N MET A 45 13.86 21.06 -16.26
CA MET A 45 15.29 21.29 -16.03
C MET A 45 15.98 20.09 -15.38
N CYS A 46 15.30 19.39 -14.47
CA CYS A 46 15.89 18.22 -13.82
C CYS A 46 16.08 17.01 -14.76
N ALA A 47 15.40 16.99 -15.91
CA ALA A 47 15.50 15.89 -16.86
C ALA A 47 16.87 15.81 -17.58
N ASP A 48 17.06 14.81 -18.45
CA ASP A 48 18.34 14.65 -19.15
C ASP A 48 18.74 15.86 -20.02
N PRO A 49 17.88 16.35 -20.93
CA PRO A 49 18.27 17.50 -21.75
C PRO A 49 18.49 18.76 -20.91
N GLY A 50 17.73 18.88 -19.83
CA GLY A 50 17.84 20.01 -18.93
C GLY A 50 19.19 19.99 -18.24
N GLN A 51 19.52 18.86 -17.62
CA GLN A 51 20.78 18.68 -16.90
C GLN A 51 22.00 18.80 -17.81
N GLU A 52 21.94 18.24 -19.02
CA GLU A 52 23.07 18.34 -19.96
C GLU A 52 23.27 19.80 -20.40
N MET A 53 22.17 20.56 -20.51
CA MET A 53 22.20 21.98 -20.90
C MET A 53 23.11 22.74 -19.95
N ILE A 54 22.87 22.57 -18.65
CA ILE A 54 23.63 23.22 -17.59
C ILE A 54 25.11 22.77 -17.63
N LYS A 55 25.33 21.47 -17.79
CA LYS A 55 26.68 20.91 -17.86
C LYS A 55 27.44 21.43 -19.09
N LYS A 56 26.77 21.51 -20.24
CA LYS A 56 27.41 22.00 -21.46
C LYS A 56 27.77 23.48 -21.35
N ASP A 57 26.88 24.27 -20.75
CA ASP A 57 27.08 25.70 -20.59
C ASP A 57 28.15 26.05 -19.58
N ILE A 58 28.28 25.28 -18.50
CA ILE A 58 29.30 25.59 -17.50
C ILE A 58 30.66 25.48 -18.15
N LYS A 59 30.83 24.51 -19.03
CA LYS A 59 32.09 24.31 -19.74
C LYS A 59 32.30 25.37 -20.82
N GLU A 60 31.32 25.48 -21.73
CA GLU A 60 31.37 26.39 -22.87
C GLU A 60 31.42 27.87 -22.50
N HIS A 61 30.78 28.29 -21.40
CA HIS A 61 30.78 29.69 -21.02
C HIS A 61 31.61 30.00 -19.77
N ASN A 62 32.18 28.95 -19.14
CA ASN A 62 33.00 29.13 -17.95
C ASN A 62 32.20 29.78 -16.80
N LEU A 63 31.06 29.19 -16.45
CA LEU A 63 30.22 29.69 -15.38
C LEU A 63 30.80 29.28 -14.03
N ASN A 64 30.72 30.17 -13.04
CA ASN A 64 31.21 29.90 -11.69
C ASN A 64 30.06 29.91 -10.68
N ARG A 65 28.84 30.05 -11.20
CA ARG A 65 27.63 30.06 -10.40
C ARG A 65 26.53 29.55 -11.31
N VAL A 66 25.44 29.09 -10.73
CA VAL A 66 24.26 28.60 -11.44
C VAL A 66 23.04 28.89 -10.56
N VAL A 67 21.94 29.31 -11.17
CA VAL A 67 20.70 29.59 -10.46
C VAL A 67 19.59 28.91 -11.23
N VAL A 68 18.81 28.07 -10.57
CA VAL A 68 17.70 27.37 -11.23
C VAL A 68 16.40 27.85 -10.62
N ALA A 69 15.55 28.42 -11.46
CA ALA A 69 14.26 28.93 -11.05
C ALA A 69 13.25 27.84 -11.35
N ALA A 70 12.88 27.06 -10.33
CA ALA A 70 11.94 25.97 -10.53
C ALA A 70 11.10 25.57 -9.30
N CYS A 71 11.25 24.30 -8.85
CA CYS A 71 10.51 23.72 -7.73
C CYS A 71 11.20 24.04 -6.40
N SER A 72 10.72 23.49 -5.27
CA SER A 72 11.39 23.80 -4.00
C SER A 72 12.74 23.08 -3.86
N PRO A 73 13.72 23.72 -3.22
CA PRO A 73 15.02 23.04 -3.03
C PRO A 73 14.90 21.86 -2.07
N ARG A 74 13.82 21.83 -1.27
CA ARG A 74 13.64 20.72 -0.34
C ARG A 74 13.48 19.42 -1.10
N LEU A 75 13.20 19.51 -2.42
CA LEU A 75 12.99 18.36 -3.29
C LEU A 75 14.17 18.06 -4.22
N HIS A 76 14.69 19.06 -4.96
CA HIS A 76 15.77 18.81 -5.90
C HIS A 76 17.05 19.62 -5.65
N GLU A 77 17.33 19.98 -4.39
CA GLU A 77 18.57 20.69 -4.20
C GLU A 77 19.73 19.70 -4.51
N PRO A 78 19.69 18.48 -3.95
CA PRO A 78 20.79 17.52 -4.21
C PRO A 78 20.98 17.15 -5.67
N THR A 79 19.87 17.00 -6.37
CA THR A 79 19.90 16.63 -7.78
C THR A 79 20.80 17.56 -8.58
N PHE A 80 20.52 18.86 -8.51
CA PHE A 80 21.27 19.88 -9.23
C PHE A 80 22.65 20.05 -8.68
N ARG A 81 22.84 19.78 -7.38
CA ARG A 81 24.16 19.87 -6.78
C ARG A 81 25.02 18.77 -7.38
N ARG A 82 24.43 17.58 -7.58
CA ARG A 82 25.16 16.47 -8.18
C ARG A 82 25.48 16.82 -9.63
N CYS A 83 24.50 17.37 -10.35
CA CYS A 83 24.65 17.76 -11.76
C CYS A 83 25.82 18.70 -12.00
N VAL A 84 25.83 19.85 -11.31
CA VAL A 84 26.86 20.87 -11.44
C VAL A 84 28.20 20.41 -10.89
N ALA A 85 28.20 19.38 -10.04
CA ALA A 85 29.44 18.87 -9.47
C ALA A 85 30.17 18.09 -10.54
N GLU A 86 29.40 17.43 -11.40
CA GLU A 86 29.95 16.63 -12.50
C GLU A 86 30.53 17.51 -13.59
N ALA A 87 30.06 18.78 -13.65
CA ALA A 87 30.54 19.74 -14.63
C ALA A 87 31.79 20.46 -14.12
N GLY A 88 32.16 20.22 -12.87
CA GLY A 88 33.33 20.87 -12.28
C GLY A 88 33.02 22.04 -11.37
N LEU A 89 31.77 22.50 -11.36
CA LEU A 89 31.37 23.62 -10.52
C LEU A 89 31.05 23.12 -9.11
N ASN A 90 31.51 23.84 -8.07
CA ASN A 90 31.24 23.46 -6.68
C ASN A 90 29.73 23.45 -6.38
N PRO A 91 29.21 22.43 -5.69
CA PRO A 91 27.77 22.42 -5.40
C PRO A 91 27.24 23.62 -4.61
N PHE A 92 28.09 24.28 -3.79
CA PHE A 92 27.65 25.42 -2.97
C PHE A 92 27.71 26.77 -3.70
N LEU A 93 27.99 26.74 -5.02
CA LEU A 93 28.03 27.95 -5.84
C LEU A 93 26.75 28.00 -6.65
N PHE A 94 25.88 27.01 -6.42
CA PHE A 94 24.60 26.85 -7.08
C PHE A 94 23.52 27.38 -6.13
N GLU A 95 22.51 28.10 -6.65
CA GLU A 95 21.42 28.64 -5.82
C GLU A 95 20.10 28.32 -6.47
N PHE A 96 19.08 28.08 -5.66
CA PHE A 96 17.76 27.70 -6.14
C PHE A 96 16.67 28.73 -5.93
N ALA A 97 15.96 29.09 -7.00
CA ALA A 97 14.86 30.03 -6.88
C ALA A 97 13.55 29.20 -6.91
N ASN A 98 12.76 29.29 -5.82
CA ASN A 98 11.50 28.56 -5.69
C ASN A 98 10.34 29.28 -6.41
N ILE A 99 10.18 29.06 -7.72
CA ILE A 99 9.10 29.71 -8.49
C ILE A 99 7.86 28.85 -8.70
N ARG A 100 7.84 27.60 -8.21
CA ARG A 100 6.66 26.75 -8.39
C ARG A 100 5.74 26.69 -7.16
N GLU A 101 6.16 26.05 -6.05
CA GLU A 101 5.30 25.94 -4.87
C GLU A 101 5.09 27.27 -4.23
N HIS A 102 6.16 28.07 -4.19
CA HIS A 102 6.14 29.38 -3.57
C HIS A 102 5.62 30.47 -4.49
N CYS A 103 5.16 30.13 -5.73
CA CYS A 103 4.65 31.17 -6.66
C CYS A 103 3.56 30.68 -7.63
N SER A 104 3.94 30.03 -8.75
CA SER A 104 2.98 29.55 -9.76
C SER A 104 1.81 28.79 -9.18
N TRP A 105 2.08 27.83 -8.28
CA TRP A 105 1.04 27.01 -7.68
C TRP A 105 0.18 27.73 -6.64
N VAL A 106 0.45 29.00 -6.33
CA VAL A 106 -0.36 29.71 -5.34
C VAL A 106 -0.94 30.99 -5.89
N HIS A 107 -0.52 31.38 -7.10
CA HIS A 107 -0.98 32.62 -7.72
C HIS A 107 -1.48 32.34 -9.13
N MET A 108 -2.26 31.27 -9.30
CA MET A 108 -2.76 30.87 -10.61
C MET A 108 -3.70 31.86 -11.26
N HIS A 109 -4.51 32.57 -10.47
CA HIS A 109 -5.45 33.53 -11.04
C HIS A 109 -4.91 34.94 -11.12
N GLU A 110 -3.62 35.08 -10.84
CA GLU A 110 -2.95 36.35 -10.87
C GLU A 110 -1.63 36.10 -11.59
N LYS A 111 -1.72 35.85 -12.90
CA LYS A 111 -0.56 35.55 -13.74
C LYS A 111 0.45 36.67 -13.88
N GLU A 112 0.00 37.90 -14.12
CA GLU A 112 0.92 39.01 -14.29
C GLU A 112 1.76 39.22 -13.03
N LYS A 113 1.13 39.20 -11.87
CA LYS A 113 1.85 39.39 -10.61
C LYS A 113 2.75 38.21 -10.34
N ALA A 114 2.29 36.99 -10.71
CA ALA A 114 3.07 35.75 -10.52
C ALA A 114 4.41 35.82 -11.26
N THR A 115 4.38 36.39 -12.48
CA THR A 115 5.54 36.56 -13.33
C THR A 115 6.46 37.57 -12.61
N GLU A 116 5.93 38.75 -12.28
CA GLU A 116 6.71 39.77 -11.58
C GLU A 116 7.38 39.20 -10.32
N LYS A 117 6.66 38.38 -9.57
CA LYS A 117 7.16 37.77 -8.35
C LYS A 117 8.25 36.77 -8.65
N ALA A 118 8.12 36.05 -9.75
CA ALA A 118 9.14 35.07 -10.12
C ALA A 118 10.41 35.86 -10.43
N LYS A 119 10.25 36.92 -11.21
CA LYS A 119 11.38 37.78 -11.53
C LYS A 119 12.10 38.24 -10.26
N ASP A 120 11.34 38.56 -9.21
CA ASP A 120 12.00 39.05 -8.00
C ASP A 120 12.76 37.96 -7.36
N LEU A 121 12.17 36.78 -7.33
CA LEU A 121 12.80 35.63 -6.72
C LEU A 121 14.06 35.22 -7.48
N VAL A 122 14.11 35.43 -8.81
CA VAL A 122 15.31 35.09 -9.57
C VAL A 122 16.40 36.08 -9.15
N ARG A 123 16.05 37.37 -9.15
CA ARG A 123 16.95 38.46 -8.75
C ARG A 123 17.46 38.20 -7.35
N MET A 124 16.53 37.90 -6.43
CA MET A 124 16.90 37.63 -5.03
C MET A 124 17.93 36.53 -5.03
N ALA A 125 17.58 35.38 -5.57
CA ALA A 125 18.49 34.25 -5.65
C ALA A 125 19.80 34.68 -6.31
N VAL A 126 19.74 35.32 -7.48
CA VAL A 126 20.97 35.75 -8.17
C VAL A 126 21.80 36.60 -7.23
N ALA A 127 21.16 37.52 -6.50
CA ALA A 127 21.88 38.38 -5.56
C ALA A 127 22.64 37.56 -4.52
N LYS A 128 22.05 36.51 -4.00
CA LYS A 128 22.77 35.70 -3.00
C LYS A 128 23.91 34.95 -3.64
N ALA A 129 23.61 34.34 -4.80
CA ALA A 129 24.58 33.57 -5.57
C ALA A 129 25.89 34.35 -5.80
N ARG A 130 25.81 35.66 -6.06
CA ARG A 130 27.05 36.42 -6.26
C ARG A 130 28.02 36.27 -5.07
N LEU A 131 27.48 36.33 -3.86
CA LEU A 131 28.33 36.20 -2.67
C LEU A 131 28.51 34.79 -2.16
N LEU A 132 28.06 33.77 -2.92
CA LEU A 132 28.27 32.41 -2.43
C LEU A 132 29.74 31.99 -2.52
N GLU A 133 30.17 31.10 -1.63
CA GLU A 133 31.56 30.64 -1.59
C GLU A 133 31.65 29.14 -1.81
N PRO A 134 32.77 28.64 -2.36
CA PRO A 134 32.88 27.19 -2.56
C PRO A 134 33.17 26.53 -1.22
N LEU A 135 32.42 25.49 -0.90
CA LEU A 135 32.57 24.77 0.36
C LEU A 135 32.79 23.29 0.06
N GLU A 136 33.48 22.59 0.96
CA GLU A 136 33.78 21.17 0.79
C GLU A 136 32.88 20.31 1.66
N PHE A 137 32.14 19.35 1.04
CA PHE A 137 31.26 18.45 1.77
C PHE A 137 32.08 17.69 2.80
N ILE A 138 31.56 17.59 4.03
CA ILE A 138 32.27 16.90 5.11
C ILE A 138 32.10 15.40 4.97
N LYS A 139 33.21 14.69 4.73
CA LYS A 139 33.16 13.23 4.60
C LYS A 139 33.27 12.61 5.99
N VAL A 140 32.15 12.04 6.47
CA VAL A 140 32.12 11.43 7.80
C VAL A 140 31.87 9.94 7.70
N GLY A 141 32.45 9.19 8.64
CA GLY A 141 32.31 7.74 8.69
C GLY A 141 30.93 7.34 9.16
N VAL A 142 30.50 6.14 8.77
CA VAL A 142 29.19 5.62 9.16
C VAL A 142 29.41 4.48 10.13
N THR A 143 28.84 4.60 11.34
CA THR A 143 28.98 3.54 12.35
C THR A 143 28.13 2.36 11.86
N GLN A 144 28.76 1.20 11.64
CA GLN A 144 28.07 -0.01 11.13
C GLN A 144 27.07 -0.60 12.14
N ARG A 145 26.00 0.12 12.45
CA ARG A 145 24.98 -0.33 13.40
C ARG A 145 23.67 0.42 13.15
N ALA A 146 22.54 -0.28 13.23
CA ALA A 146 21.24 0.33 12.97
C ALA A 146 20.31 0.26 14.17
N LEU A 147 19.48 1.28 14.35
CA LEU A 147 18.54 1.30 15.46
C LEU A 147 17.12 1.31 14.91
N VAL A 148 16.28 0.39 15.38
CA VAL A 148 14.89 0.29 14.96
C VAL A 148 14.05 0.57 16.20
N ILE A 149 13.14 1.53 16.10
CA ILE A 149 12.29 1.89 17.24
C ILE A 149 10.86 1.46 16.97
N GLY A 150 10.37 0.51 17.78
CA GLY A 150 9.02 -0.02 17.62
C GLY A 150 9.07 -1.46 17.16
N GLY A 151 8.69 -2.36 18.06
CA GLY A 151 8.69 -3.80 17.82
C GLY A 151 7.41 -4.39 17.24
N GLY A 152 6.85 -3.76 16.22
CA GLY A 152 5.64 -4.27 15.58
C GLY A 152 6.03 -4.97 14.28
N VAL A 153 5.06 -5.49 13.52
CA VAL A 153 5.38 -6.20 12.28
C VAL A 153 6.33 -5.41 11.37
N ALA A 154 6.15 -4.08 11.31
CA ALA A 154 6.99 -3.24 10.48
C ALA A 154 8.43 -3.23 10.92
N GLY A 155 8.66 -2.98 12.20
CA GLY A 155 10.00 -2.93 12.76
C GLY A 155 10.74 -4.25 12.78
N ILE A 156 10.01 -5.34 13.00
CA ILE A 156 10.63 -6.66 13.06
C ILE A 156 11.15 -6.99 11.66
N GLN A 157 10.42 -6.56 10.64
CA GLN A 157 10.83 -6.81 9.28
C GLN A 157 12.15 -6.10 9.00
N THR A 158 12.21 -4.81 9.32
CA THR A 158 13.41 -3.99 9.09
C THR A 158 14.59 -4.59 9.82
N ALA A 159 14.40 -4.92 11.09
CA ALA A 159 15.46 -5.50 11.91
C ALA A 159 15.95 -6.82 11.31
N LEU A 160 15.02 -7.66 10.84
CA LEU A 160 15.37 -8.95 10.26
C LEU A 160 16.09 -8.82 8.93
N ASP A 161 15.67 -7.89 8.06
CA ASP A 161 16.35 -7.74 6.78
C ASP A 161 17.77 -7.21 6.98
N LEU A 162 17.96 -6.23 7.88
CA LEU A 162 19.29 -5.68 8.12
C LEU A 162 20.15 -6.75 8.75
N GLY A 163 19.57 -7.48 9.69
CA GLY A 163 20.28 -8.56 10.36
C GLY A 163 20.73 -9.61 9.37
N ASP A 164 19.82 -10.01 8.48
CA ASP A 164 20.10 -11.00 7.45
C ASP A 164 21.17 -10.50 6.48
N MET A 165 21.22 -9.18 6.29
CA MET A 165 22.21 -8.57 5.41
C MET A 165 23.60 -8.57 6.07
N GLY A 166 23.65 -8.83 7.38
CA GLY A 166 24.92 -8.87 8.11
C GLY A 166 25.26 -7.60 8.89
N PHE A 167 24.25 -6.75 9.17
CA PHE A 167 24.50 -5.51 9.91
C PHE A 167 24.03 -5.62 11.36
N GLU A 168 24.83 -5.12 12.32
CA GLU A 168 24.43 -5.16 13.74
C GLU A 168 23.22 -4.28 13.84
N THR A 169 22.15 -4.75 14.49
CA THR A 169 20.95 -3.93 14.61
C THR A 169 20.40 -3.97 16.03
N ILE A 170 19.76 -2.88 16.44
CA ILE A 170 19.16 -2.78 17.77
C ILE A 170 17.67 -2.52 17.63
N LEU A 171 16.84 -3.35 18.25
CA LEU A 171 15.40 -3.19 18.19
C LEU A 171 14.89 -2.79 19.58
N VAL A 172 14.30 -1.61 19.68
CA VAL A 172 13.78 -1.10 20.95
C VAL A 172 12.25 -1.18 20.93
N GLU A 173 11.67 -1.83 21.93
CA GLU A 173 10.22 -2.00 22.01
C GLU A 173 9.70 -1.53 23.36
N LYS A 174 8.81 -0.52 23.34
CA LYS A 174 8.22 0.07 24.54
C LYS A 174 7.58 -0.93 25.50
N THR A 175 6.59 -1.69 25.04
CA THR A 175 5.91 -2.65 25.92
C THR A 175 6.81 -3.84 26.24
N PRO A 176 6.37 -4.73 27.12
CA PRO A 176 7.19 -5.89 27.44
C PRO A 176 7.32 -6.93 26.33
N SER A 177 6.61 -6.76 25.18
CA SER A 177 6.71 -7.75 24.12
C SER A 177 6.53 -7.18 22.74
N VAL A 178 7.19 -7.79 21.76
CA VAL A 178 7.09 -7.37 20.37
C VAL A 178 5.81 -7.96 19.76
N GLY A 179 5.53 -7.62 18.50
CA GLY A 179 4.34 -8.11 17.82
C GLY A 179 3.37 -6.98 17.50
N GLY A 180 3.27 -6.03 18.43
CA GLY A 180 2.42 -4.86 18.27
C GLY A 180 0.93 -5.12 18.16
N ARG A 181 0.25 -4.30 17.36
CA ARG A 181 -1.19 -4.41 17.19
C ARG A 181 -1.55 -5.75 16.58
N MET A 182 -0.80 -6.15 15.56
CA MET A 182 -1.02 -7.42 14.88
C MET A 182 -1.29 -8.51 15.91
N ALA A 183 -0.49 -8.55 16.96
CA ALA A 183 -0.68 -9.53 18.02
C ALA A 183 -2.09 -9.46 18.63
N GLN A 184 -2.72 -8.27 18.64
CA GLN A 184 -4.07 -8.13 19.19
C GLN A 184 -5.15 -8.62 18.21
N LEU A 185 -4.82 -8.71 16.92
CA LEU A 185 -5.82 -9.16 15.96
C LEU A 185 -6.02 -10.66 16.05
N ASP A 186 -7.21 -11.14 15.69
CA ASP A 186 -7.46 -12.58 15.71
C ASP A 186 -6.99 -13.10 14.37
N LYS A 187 -7.71 -12.77 13.29
CA LYS A 187 -7.36 -13.19 11.94
C LYS A 187 -6.97 -11.95 11.10
N THR A 188 -6.38 -12.14 9.91
CA THR A 188 -5.99 -11.00 9.07
C THR A 188 -6.43 -11.11 7.62
N PHE A 189 -7.19 -10.10 7.17
CA PHE A 189 -7.70 -10.06 5.81
C PHE A 189 -6.53 -9.88 4.90
N PRO A 190 -6.63 -10.26 3.62
CA PRO A 190 -7.77 -10.88 2.96
C PRO A 190 -7.70 -12.41 3.01
N THR A 191 -6.68 -12.98 3.68
CA THR A 191 -6.53 -14.45 3.74
C THR A 191 -7.24 -15.03 4.92
N ASN A 192 -7.56 -14.18 5.90
CA ASN A 192 -8.20 -14.60 7.12
C ASN A 192 -7.26 -15.56 7.88
N ASP A 193 -5.95 -15.37 7.62
CA ASP A 193 -4.87 -16.11 8.28
C ASP A 193 -4.89 -15.67 9.73
N CYS A 194 -4.70 -16.60 10.64
CA CYS A 194 -4.63 -16.32 12.07
C CYS A 194 -3.46 -15.35 12.19
N SER A 195 -3.71 -14.13 12.67
CA SER A 195 -2.68 -13.11 12.79
C SER A 195 -1.45 -13.56 13.52
N ILE A 196 -1.59 -13.77 14.83
CA ILE A 196 -0.47 -14.17 15.67
C ILE A 196 0.24 -15.36 15.07
N CYS A 197 -0.53 -16.37 14.67
CA CYS A 197 0.01 -17.61 14.13
C CYS A 197 1.12 -17.37 13.07
N ILE A 198 0.98 -16.37 12.19
CA ILE A 198 1.99 -16.09 11.16
C ILE A 198 3.09 -15.09 11.62
N LEU A 199 2.79 -14.26 12.60
CA LEU A 199 3.73 -13.27 13.15
C LEU A 199 4.71 -13.89 14.17
N ALA A 200 4.23 -14.84 14.96
CA ALA A 200 5.03 -15.50 15.99
C ALA A 200 6.43 -15.97 15.56
N PRO A 201 6.56 -16.65 14.41
CA PRO A 201 7.91 -17.09 14.00
C PRO A 201 8.84 -15.92 13.76
N LYS A 202 8.33 -14.80 13.26
CA LYS A 202 9.16 -13.63 13.00
C LYS A 202 9.57 -13.05 14.35
N MET A 203 8.63 -13.02 15.32
CA MET A 203 8.93 -12.54 16.66
C MET A 203 9.98 -13.46 17.31
N VAL A 204 9.85 -14.77 17.06
CA VAL A 204 10.80 -15.74 17.62
C VAL A 204 12.17 -15.58 16.95
N ASP A 205 12.20 -15.39 15.64
CA ASP A 205 13.46 -15.24 14.89
C ASP A 205 14.21 -14.03 15.36
N VAL A 206 13.53 -12.88 15.40
CA VAL A 206 14.15 -11.62 15.81
C VAL A 206 14.64 -11.64 17.27
N ALA A 207 14.13 -12.56 18.11
CA ALA A 207 14.57 -12.62 19.51
C ALA A 207 15.83 -13.45 19.69
N LYS A 208 16.14 -14.33 18.72
CA LYS A 208 17.36 -15.15 18.81
C LYS A 208 18.25 -14.93 17.58
N HIS A 209 18.18 -13.73 16.99
CA HIS A 209 18.99 -13.43 15.81
C HIS A 209 20.41 -13.04 16.25
N PRO A 210 21.44 -13.61 15.61
CA PRO A 210 22.83 -13.27 16.01
C PRO A 210 23.20 -11.81 15.80
N ASN A 211 22.64 -11.17 14.77
CA ASN A 211 22.96 -9.78 14.46
C ASN A 211 21.98 -8.78 15.05
N VAL A 212 20.91 -9.26 15.71
CA VAL A 212 19.92 -8.34 16.30
C VAL A 212 19.92 -8.38 17.82
N LYS A 213 20.13 -7.23 18.45
CA LYS A 213 20.10 -7.11 19.91
C LYS A 213 18.70 -6.55 20.20
N LEU A 214 17.92 -7.20 21.06
CA LEU A 214 16.56 -6.74 21.34
C LEU A 214 16.40 -6.15 22.74
N TYR A 215 15.85 -4.95 22.82
CA TYR A 215 15.63 -4.32 24.11
C TYR A 215 14.12 -4.10 24.26
N ALA A 216 13.43 -5.11 24.82
CA ALA A 216 11.98 -5.07 25.01
C ALA A 216 11.73 -4.43 26.35
N TYR A 217 10.62 -3.72 26.49
CA TYR A 217 10.31 -2.98 27.71
C TYR A 217 11.43 -1.96 27.90
N SER A 218 11.79 -1.28 26.81
CA SER A 218 12.84 -0.27 26.80
C SER A 218 12.40 0.89 25.91
N GLU A 219 12.97 2.10 26.14
CA GLU A 219 12.65 3.28 25.37
C GLU A 219 13.88 4.10 25.00
N VAL A 220 13.89 4.72 23.81
CA VAL A 220 15.01 5.56 23.40
C VAL A 220 14.68 6.88 24.04
N VAL A 221 15.49 7.33 25.00
CA VAL A 221 15.23 8.57 25.72
C VAL A 221 16.00 9.75 25.17
N ASP A 222 17.14 9.52 24.53
CA ASP A 222 17.90 10.62 23.98
C ASP A 222 18.73 10.19 22.79
N VAL A 223 18.69 11.01 21.73
CA VAL A 223 19.43 10.77 20.50
C VAL A 223 20.20 12.05 20.18
N GLN A 224 21.46 11.89 19.84
CA GLN A 224 22.30 13.02 19.50
C GLN A 224 23.20 12.62 18.39
N GLY A 225 23.59 13.58 17.57
CA GLY A 225 24.47 13.33 16.46
C GLY A 225 23.85 13.62 15.12
N TYR A 226 24.48 13.07 14.09
CA TYR A 226 24.06 13.27 12.72
C TYR A 226 24.20 11.94 11.99
N VAL A 227 23.73 11.88 10.73
CA VAL A 227 23.81 10.66 9.93
C VAL A 227 25.17 9.98 10.08
N GLY A 228 25.16 8.68 10.33
CA GLY A 228 26.38 7.91 10.50
C GLY A 228 27.00 8.03 11.86
N ASN A 229 26.79 9.16 12.53
CA ASN A 229 27.36 9.37 13.85
C ASN A 229 26.29 9.73 14.86
N PHE A 230 25.37 8.78 15.11
CA PHE A 230 24.31 8.98 16.09
C PHE A 230 24.71 8.32 17.43
N LYS A 231 24.57 9.03 18.54
CA LYS A 231 24.91 8.49 19.86
C LYS A 231 23.59 8.43 20.62
N VAL A 232 23.00 7.22 20.71
CA VAL A 232 21.71 7.02 21.36
C VAL A 232 21.81 6.48 22.77
N LYS A 233 20.78 6.76 23.57
CA LYS A 233 20.68 6.31 24.96
C LYS A 233 19.33 5.62 25.14
N ILE A 234 19.35 4.33 25.44
CA ILE A 234 18.15 3.52 25.64
C ILE A 234 17.96 3.22 27.12
N MET A 235 16.71 3.34 27.60
CA MET A 235 16.42 3.07 29.00
C MET A 235 15.75 1.70 29.12
N LYS A 236 16.46 0.74 29.72
CA LYS A 236 15.91 -0.60 29.92
C LYS A 236 15.05 -0.51 31.16
N LYS A 237 13.73 -0.40 30.96
CA LYS A 237 12.79 -0.27 32.05
C LYS A 237 12.83 -1.47 33.00
N ALA A 238 12.58 -1.23 34.28
CA ALA A 238 12.62 -2.28 35.29
C ALA A 238 11.32 -3.08 35.35
N ARG A 239 11.40 -4.36 35.02
CA ARG A 239 10.26 -5.26 35.08
C ARG A 239 10.04 -5.71 36.50
N TYR A 240 11.12 -5.70 37.29
CA TYR A 240 11.16 -6.14 38.69
C TYR A 240 11.17 -7.67 38.70
N ILE A 241 11.66 -8.26 37.61
CA ILE A 241 11.80 -9.70 37.43
C ILE A 241 13.07 -9.97 36.63
N ASP A 242 13.86 -10.93 37.07
CA ASP A 242 15.11 -11.29 36.42
C ASP A 242 14.79 -12.09 35.16
N GLU A 243 15.10 -11.53 33.99
CA GLU A 243 14.80 -12.22 32.74
C GLU A 243 15.58 -13.53 32.58
N THR A 244 16.86 -13.57 32.97
CA THR A 244 17.63 -14.81 32.83
C THR A 244 17.05 -15.95 33.69
N LYS A 245 16.46 -15.64 34.85
CA LYS A 245 15.89 -16.68 35.71
C LYS A 245 14.45 -17.03 35.37
N CYS A 246 13.65 -16.07 34.88
CA CYS A 246 12.26 -16.34 34.56
C CYS A 246 12.06 -17.33 33.43
N THR A 247 11.01 -18.15 33.52
CA THR A 247 10.68 -19.15 32.52
C THR A 247 9.34 -18.87 31.81
N GLY A 248 8.56 -17.94 32.34
CA GLY A 248 7.27 -17.58 31.77
C GLY A 248 6.19 -18.62 32.03
N CYS A 249 6.31 -19.35 33.15
CA CYS A 249 5.34 -20.38 33.50
C CYS A 249 3.99 -19.75 33.86
N GLY A 250 4.02 -18.60 34.51
CA GLY A 250 2.80 -17.89 34.89
C GLY A 250 2.11 -18.37 36.14
N GLN A 251 2.85 -18.91 37.11
CA GLN A 251 2.24 -19.38 38.35
C GLN A 251 1.92 -18.16 39.20
N CYS A 252 2.85 -17.21 39.18
CA CYS A 252 2.73 -15.97 39.94
C CYS A 252 1.39 -15.28 39.75
N SER A 253 0.92 -15.18 38.50
CA SER A 253 -0.35 -14.51 38.19
C SER A 253 -1.57 -15.18 38.80
N GLU A 254 -1.53 -16.51 38.90
CA GLU A 254 -2.67 -17.23 39.47
C GLU A 254 -2.88 -16.93 40.95
N VAL A 255 -1.84 -16.47 41.67
CA VAL A 255 -1.97 -16.14 43.09
C VAL A 255 -2.02 -14.63 43.36
N CYS A 256 -1.72 -13.78 42.36
CA CYS A 256 -1.74 -12.34 42.57
C CYS A 256 -3.17 -11.86 42.87
N PRO A 257 -3.31 -11.06 43.92
CA PRO A 257 -4.65 -10.57 44.29
C PRO A 257 -5.10 -9.29 43.60
N ILE A 258 -4.15 -8.48 43.14
CA ILE A 258 -4.45 -7.22 42.47
C ILE A 258 -4.96 -7.46 41.05
N ASP A 259 -6.07 -6.80 40.69
CA ASP A 259 -6.67 -6.91 39.36
C ASP A 259 -6.56 -5.57 38.64
N VAL A 260 -5.79 -5.54 37.55
CA VAL A 260 -5.57 -4.33 36.77
C VAL A 260 -6.20 -4.48 35.38
N PRO A 261 -6.87 -3.46 34.82
CA PRO A 261 -7.45 -3.64 33.47
C PRO A 261 -6.38 -3.91 32.42
N ASN A 262 -6.61 -4.91 31.56
CA ASN A 262 -5.64 -5.23 30.52
C ASN A 262 -5.67 -4.19 29.40
N GLU A 263 -4.51 -3.61 29.16
CA GLU A 263 -4.31 -2.59 28.13
C GLU A 263 -4.35 -3.29 26.79
N PHE A 264 -3.78 -4.48 26.73
CA PHE A 264 -3.76 -5.25 25.50
C PHE A 264 -5.18 -5.55 25.10
N ASP A 265 -6.03 -5.86 26.10
CA ASP A 265 -7.44 -6.18 25.85
C ASP A 265 -8.34 -4.96 25.74
N MET A 266 -7.76 -3.77 25.56
CA MET A 266 -8.50 -2.53 25.41
C MET A 266 -9.53 -2.28 26.52
N GLY A 267 -9.24 -2.72 27.73
CA GLY A 267 -10.14 -2.53 28.87
C GLY A 267 -11.18 -3.62 29.08
N ILE A 268 -11.46 -4.40 28.04
CA ILE A 268 -12.47 -5.46 28.11
C ILE A 268 -12.08 -6.55 29.10
N GLY A 269 -10.78 -6.79 29.26
CA GLY A 269 -10.28 -7.81 30.17
C GLY A 269 -9.55 -7.27 31.39
N MET A 270 -9.39 -8.14 32.39
CA MET A 270 -8.69 -7.78 33.62
C MET A 270 -7.45 -8.67 33.70
N ARG A 271 -6.30 -8.09 34.03
CA ARG A 271 -5.05 -8.84 34.15
C ARG A 271 -4.52 -8.62 35.56
N LYS A 272 -3.41 -9.24 35.95
CA LYS A 272 -2.89 -9.06 37.30
C LYS A 272 -1.71 -8.10 37.32
N ALA A 273 -1.31 -7.64 38.51
CA ALA A 273 -0.19 -6.72 38.63
C ALA A 273 1.04 -7.36 38.00
N ILE A 274 1.22 -8.66 38.21
CA ILE A 274 2.33 -9.40 37.63
C ILE A 274 1.72 -10.02 36.37
N TYR A 275 2.34 -9.89 35.18
CA TYR A 275 1.68 -10.42 34.00
C TYR A 275 2.56 -10.62 32.76
N LYS A 276 1.91 -11.09 31.68
CA LYS A 276 2.46 -11.28 30.35
C LYS A 276 1.39 -10.70 29.40
N PRO A 277 1.73 -9.80 28.47
CA PRO A 277 0.69 -9.22 27.58
C PRO A 277 -0.25 -10.24 26.96
N PHE A 278 0.32 -11.28 26.31
CA PHE A 278 -0.44 -12.34 25.67
C PHE A 278 0.33 -13.64 25.73
N PRO A 279 -0.36 -14.78 25.59
CA PRO A 279 0.33 -16.07 25.75
C PRO A 279 1.48 -16.36 24.77
N GLN A 280 1.42 -15.81 23.58
CA GLN A 280 2.49 -16.06 22.62
C GLN A 280 3.55 -14.96 22.68
N ALA A 281 3.54 -14.13 23.77
CA ALA A 281 4.46 -13.01 23.92
C ALA A 281 5.94 -13.37 23.86
N VAL A 282 6.73 -12.49 23.26
CA VAL A 282 8.17 -12.62 23.12
C VAL A 282 8.83 -11.29 23.54
N PRO A 283 9.77 -11.28 24.49
CA PRO A 283 10.31 -12.41 25.23
C PRO A 283 9.27 -13.03 26.15
N ALA A 284 9.27 -14.36 26.27
CA ALA A 284 8.33 -15.07 27.11
C ALA A 284 8.74 -14.92 28.57
N LYS A 285 8.61 -13.69 29.10
CA LYS A 285 8.95 -13.35 30.47
C LYS A 285 7.80 -12.58 31.07
N TYR A 286 7.80 -12.37 32.39
CA TYR A 286 6.71 -11.62 33.03
C TYR A 286 7.15 -10.24 33.49
N THR A 287 6.20 -9.41 33.93
CA THR A 287 6.49 -8.05 34.38
C THR A 287 5.57 -7.67 35.53
N ILE A 288 6.08 -6.82 36.45
CA ILE A 288 5.29 -6.36 37.59
C ILE A 288 4.96 -4.89 37.40
N ASP A 289 3.67 -4.53 37.44
CA ASP A 289 3.24 -3.14 37.29
C ASP A 289 3.23 -2.48 38.68
N LYS A 290 4.33 -1.80 39.02
CA LYS A 290 4.49 -1.16 40.31
C LYS A 290 3.36 -0.18 40.67
N GLU A 291 2.65 0.40 39.68
CA GLU A 291 1.57 1.32 40.00
C GLU A 291 0.49 0.64 40.83
N HIS A 292 0.26 -0.66 40.58
CA HIS A 292 -0.78 -1.40 41.31
C HIS A 292 -0.24 -2.49 42.26
N CYS A 293 1.04 -2.85 42.18
CA CYS A 293 1.58 -3.87 43.08
C CYS A 293 1.59 -3.38 44.52
N ILE A 294 1.10 -4.20 45.45
CA ILE A 294 1.07 -3.84 46.87
C ILE A 294 2.24 -4.44 47.65
N GLU A 295 3.11 -5.22 46.98
CA GLU A 295 4.28 -5.85 47.59
C GLU A 295 3.89 -6.78 48.74
N CYS A 296 2.91 -7.64 48.52
CA CYS A 296 2.49 -8.58 49.56
C CYS A 296 3.47 -9.75 49.62
N GLY A 297 4.05 -10.09 48.47
CA GLY A 297 5.01 -11.18 48.37
C GLY A 297 4.42 -12.55 48.11
N LEU A 298 3.19 -12.62 47.61
CA LEU A 298 2.56 -13.91 47.34
C LEU A 298 3.16 -14.56 46.08
N CYS A 299 3.50 -13.74 45.06
CA CYS A 299 4.07 -14.25 43.80
C CYS A 299 5.44 -14.89 44.01
N ALA A 300 6.28 -14.28 44.87
CA ALA A 300 7.61 -14.80 45.13
C ALA A 300 7.53 -16.22 45.69
N LYS A 301 6.51 -16.50 46.50
CA LYS A 301 6.34 -17.82 47.11
C LYS A 301 6.22 -18.94 46.07
N VAL A 302 5.50 -18.71 44.96
CA VAL A 302 5.30 -19.72 43.94
C VAL A 302 6.39 -19.71 42.86
N CYS A 303 7.25 -18.68 42.85
CA CYS A 303 8.31 -18.58 41.84
C CYS A 303 9.43 -19.55 42.20
N GLY A 304 9.65 -20.53 41.34
CA GLY A 304 10.70 -21.51 41.54
C GLY A 304 12.09 -20.93 41.42
N PRO A 305 12.49 -20.48 40.20
CA PRO A 305 13.85 -19.96 40.00
C PRO A 305 14.23 -18.60 40.60
N ASN A 306 13.50 -18.05 41.58
CA ASN A 306 13.86 -16.75 42.20
C ASN A 306 14.01 -15.59 41.21
N ALA A 307 13.13 -15.53 40.21
CA ALA A 307 13.17 -14.48 39.20
C ALA A 307 12.85 -13.07 39.75
N ILE A 308 11.94 -12.96 40.73
CA ILE A 308 11.53 -11.66 41.29
C ILE A 308 12.64 -10.84 41.97
N ASP A 309 12.60 -9.49 41.80
CA ASP A 309 13.56 -8.57 42.40
C ASP A 309 12.93 -7.18 42.47
N PHE A 310 12.34 -6.81 43.63
CA PHE A 310 11.69 -5.51 43.79
C PHE A 310 12.67 -4.33 43.89
N ASP A 311 13.96 -4.59 44.16
CA ASP A 311 14.97 -3.53 44.24
C ASP A 311 15.72 -3.46 42.90
N GLN A 312 14.99 -3.24 41.80
CA GLN A 312 15.61 -3.19 40.48
C GLN A 312 15.77 -1.75 39.97
N GLU A 313 16.96 -1.43 39.45
CA GLU A 313 17.24 -0.12 38.88
C GLU A 313 17.12 -0.19 37.34
N PRO A 314 16.35 0.71 36.69
CA PRO A 314 16.25 0.64 35.22
C PRO A 314 17.55 1.15 34.59
N GLU A 315 18.33 0.25 34.02
CA GLU A 315 19.61 0.59 33.41
C GLU A 315 19.51 1.40 32.11
N ILE A 316 20.47 2.32 31.92
CA ILE A 316 20.58 3.18 30.74
C ILE A 316 21.72 2.61 29.91
N ILE A 317 21.50 2.34 28.62
CA ILE A 317 22.56 1.79 27.78
C ILE A 317 22.96 2.79 26.71
N GLU A 318 24.26 3.05 26.58
CA GLU A 318 24.77 3.98 25.57
C GLU A 318 25.13 3.17 24.32
N ALA A 319 24.73 3.66 23.15
CA ALA A 319 25.03 2.96 21.91
C ALA A 319 25.28 3.93 20.75
N GLU A 320 26.20 3.56 19.84
CA GLU A 320 26.55 4.37 18.68
C GLU A 320 25.95 3.74 17.43
N VAL A 321 25.06 4.44 16.72
CA VAL A 321 24.49 3.88 15.49
C VAL A 321 24.72 4.80 14.32
N GLY A 322 24.50 4.26 13.13
CA GLY A 322 24.67 4.99 11.88
C GLY A 322 23.35 5.49 11.31
N THR A 323 22.31 4.65 11.35
CA THR A 323 20.99 5.00 10.83
C THR A 323 19.91 4.63 11.83
N ILE A 324 18.77 5.34 11.80
CA ILE A 324 17.66 5.04 12.71
C ILE A 324 16.39 4.87 11.92
N ILE A 325 15.61 3.82 12.23
CA ILE A 325 14.34 3.58 11.53
C ILE A 325 13.21 3.68 12.53
N CYS A 326 12.25 4.55 12.27
CA CYS A 326 11.11 4.77 13.13
C CYS A 326 9.91 3.90 12.69
N ALA A 327 9.39 3.06 13.61
CA ALA A 327 8.24 2.17 13.33
C ALA A 327 7.34 2.05 14.56
N ILE A 328 7.08 3.19 15.22
CA ILE A 328 6.25 3.23 16.42
C ILE A 328 4.82 2.75 16.18
N GLY A 329 4.39 2.75 14.93
CA GLY A 329 3.06 2.31 14.59
C GLY A 329 1.94 3.29 14.83
N TYR A 330 0.78 2.79 15.29
CA TYR A 330 -0.39 3.63 15.47
C TYR A 330 -1.24 3.27 16.67
N ASP A 331 -2.28 4.06 16.88
CA ASP A 331 -3.24 3.92 17.96
C ASP A 331 -4.59 3.96 17.30
N ALA A 332 -5.66 3.64 18.02
CA ALA A 332 -7.02 3.71 17.49
C ALA A 332 -7.67 5.02 17.90
N PHE A 333 -8.58 5.49 17.06
CA PHE A 333 -9.31 6.72 17.31
C PHE A 333 -10.24 6.55 18.51
N ASP A 334 -10.21 7.48 19.47
CA ASP A 334 -11.10 7.44 20.62
C ASP A 334 -12.40 8.07 20.10
N PRO A 335 -13.49 7.31 19.99
CA PRO A 335 -14.71 7.89 19.42
C PRO A 335 -15.61 8.66 20.40
N THR A 336 -15.22 8.77 21.69
CA THR A 336 -16.03 9.51 22.68
C THR A 336 -16.46 10.89 22.13
N VAL A 337 -15.62 11.54 21.28
CA VAL A 337 -15.95 12.84 20.70
C VAL A 337 -17.25 12.82 19.86
N ARG A 338 -17.47 11.75 19.05
CA ARG A 338 -18.69 11.64 18.23
C ARG A 338 -19.80 11.18 19.18
N GLU A 339 -20.32 12.13 19.95
CA GLU A 339 -21.35 11.93 20.97
C GLU A 339 -22.59 11.18 20.47
N GLU A 340 -23.09 11.55 19.28
CA GLU A 340 -24.29 10.90 18.71
C GLU A 340 -24.18 9.37 18.70
N TYR A 341 -22.96 8.84 18.49
CA TYR A 341 -22.76 7.39 18.44
C TYR A 341 -22.82 6.74 19.85
N GLY A 342 -22.69 7.56 20.89
CA GLY A 342 -22.78 7.10 22.27
C GLY A 342 -21.66 6.24 22.81
N TYR A 343 -20.44 6.35 22.27
CA TYR A 343 -19.34 5.54 22.80
C TYR A 343 -18.94 6.12 24.14
N GLY A 344 -18.97 5.31 25.18
CA GLY A 344 -18.63 5.77 26.51
C GLY A 344 -19.85 5.89 27.39
N VAL A 345 -21.02 6.12 26.76
CA VAL A 345 -22.29 6.23 27.46
C VAL A 345 -23.06 4.91 27.36
N TYR A 346 -23.23 4.41 26.12
CA TYR A 346 -23.94 3.15 25.91
C TYR A 346 -23.00 1.97 26.05
N ASP A 347 -23.41 0.97 26.84
CA ASP A 347 -22.62 -0.23 27.11
C ASP A 347 -22.31 -1.09 25.89
N ASN A 348 -23.28 -1.24 24.96
CA ASN A 348 -23.10 -2.08 23.80
C ASN A 348 -22.58 -1.37 22.54
N VAL A 349 -21.82 -0.29 22.71
CA VAL A 349 -21.22 0.40 21.57
C VAL A 349 -19.73 0.22 21.77
N VAL A 350 -19.12 -0.62 20.95
CA VAL A 350 -17.70 -0.94 21.07
C VAL A 350 -16.92 -0.52 19.86
N THR A 351 -15.61 -0.38 20.04
CA THR A 351 -14.71 -0.02 18.95
C THR A 351 -14.36 -1.34 18.30
N ALA A 352 -13.96 -1.30 17.04
CA ALA A 352 -13.58 -2.52 16.32
C ALA A 352 -12.36 -3.16 16.95
N LEU A 353 -11.42 -2.36 17.48
CA LEU A 353 -10.25 -2.97 18.10
C LEU A 353 -10.70 -3.78 19.32
N GLU A 354 -11.74 -3.31 20.04
CA GLU A 354 -12.24 -4.06 21.20
C GLU A 354 -12.85 -5.39 20.68
N LEU A 355 -13.60 -5.33 19.60
CA LEU A 355 -14.21 -6.51 18.99
C LEU A 355 -13.12 -7.52 18.65
N GLU A 356 -12.01 -7.07 18.09
CA GLU A 356 -10.90 -7.95 17.72
C GLU A 356 -10.48 -8.75 18.92
N ARG A 357 -10.36 -8.07 20.07
CA ARG A 357 -9.94 -8.73 21.31
C ARG A 357 -11.03 -9.69 21.78
N MET A 358 -12.30 -9.39 21.51
CA MET A 358 -13.39 -10.27 21.93
C MET A 358 -13.39 -11.51 21.03
N ILE A 359 -13.28 -11.29 19.72
CA ILE A 359 -13.25 -12.39 18.75
C ILE A 359 -12.04 -13.30 18.94
N ASN A 360 -10.91 -12.74 19.38
CA ASN A 360 -9.68 -13.52 19.55
C ASN A 360 -9.86 -14.66 20.54
N ALA A 361 -9.40 -15.87 20.16
CA ALA A 361 -9.49 -17.07 21.01
C ALA A 361 -8.75 -16.85 22.32
N SER A 362 -7.57 -16.21 22.26
CA SER A 362 -6.76 -15.94 23.44
C SER A 362 -7.20 -14.64 24.13
N GLY A 363 -8.43 -14.20 23.84
CA GLY A 363 -8.95 -12.98 24.42
C GLY A 363 -9.55 -13.16 25.80
N PRO A 364 -9.99 -12.05 26.41
CA PRO A 364 -10.58 -12.15 27.74
C PRO A 364 -11.96 -12.82 27.76
N THR A 365 -12.64 -12.94 26.60
CA THR A 365 -13.95 -13.58 26.54
C THR A 365 -13.85 -14.96 25.91
N GLY A 366 -12.64 -15.39 25.56
CA GLY A 366 -12.43 -16.69 24.94
C GLY A 366 -13.06 -16.79 23.57
N GLY A 367 -12.83 -15.78 22.74
CA GLY A 367 -13.37 -15.75 21.38
C GLY A 367 -14.85 -15.47 21.29
N LYS A 368 -15.53 -15.18 22.41
CA LYS A 368 -16.96 -14.93 22.39
C LYS A 368 -17.34 -13.45 22.25
N VAL A 369 -18.09 -13.12 21.20
CA VAL A 369 -18.57 -11.77 20.96
C VAL A 369 -19.75 -11.61 21.89
N ILE A 370 -19.59 -10.85 22.96
CA ILE A 370 -20.69 -10.68 23.91
C ILE A 370 -20.96 -9.23 24.21
N ARG A 371 -22.18 -8.96 24.66
CA ARG A 371 -22.61 -7.62 25.04
C ARG A 371 -22.00 -7.31 26.40
N LEU A 372 -21.56 -6.08 26.63
CA LEU A 372 -20.97 -5.72 27.91
C LEU A 372 -22.04 -5.35 28.92
N SER A 373 -23.30 -5.27 28.48
CA SER A 373 -24.40 -4.93 29.39
C SER A 373 -24.88 -6.15 30.17
N ASP A 374 -24.97 -7.32 29.50
CA ASP A 374 -25.47 -8.53 30.15
C ASP A 374 -24.66 -9.79 29.84
N GLY A 375 -23.62 -9.67 29.03
CA GLY A 375 -22.79 -10.82 28.67
C GLY A 375 -23.41 -11.71 27.61
N GLN A 376 -24.58 -11.32 27.09
CA GLN A 376 -25.28 -12.10 26.08
C GLN A 376 -24.64 -12.01 24.70
N LYS A 377 -24.96 -12.98 23.85
CA LYS A 377 -24.43 -13.00 22.48
C LYS A 377 -25.35 -12.15 21.61
N PRO A 378 -24.83 -11.15 20.90
CA PRO A 378 -25.71 -10.33 20.06
C PRO A 378 -26.20 -11.04 18.81
N LYS A 379 -27.52 -10.99 18.57
CA LYS A 379 -28.14 -11.63 17.41
C LYS A 379 -28.11 -10.71 16.20
N ARG A 380 -28.02 -9.40 16.44
CA ARG A 380 -27.99 -8.42 15.37
C ARG A 380 -26.85 -7.46 15.66
N ILE A 381 -25.93 -7.29 14.71
CA ILE A 381 -24.78 -6.41 14.88
C ILE A 381 -24.72 -5.38 13.76
N ALA A 382 -24.39 -4.14 14.12
CA ALA A 382 -24.26 -3.06 13.17
C ALA A 382 -22.82 -2.57 13.16
N PHE A 383 -22.24 -2.41 11.98
CA PHE A 383 -20.87 -1.89 11.85
C PHE A 383 -20.99 -0.48 11.29
N ILE A 384 -20.36 0.49 11.95
CA ILE A 384 -20.39 1.88 11.50
C ILE A 384 -19.01 2.19 10.96
N GLN A 385 -18.92 2.60 9.69
CA GLN A 385 -17.64 2.91 9.04
C GLN A 385 -17.25 4.39 9.10
N CYS A 386 -15.96 4.64 8.83
CA CYS A 386 -15.39 5.97 8.81
C CYS A 386 -15.55 6.73 10.13
N VAL A 387 -15.54 6.02 11.28
CA VAL A 387 -15.64 6.69 12.57
C VAL A 387 -14.26 7.28 12.88
N GLY A 388 -14.15 8.59 12.89
CA GLY A 388 -12.88 9.26 13.16
C GLY A 388 -12.04 9.40 11.93
N SER A 389 -12.68 9.22 10.74
CA SER A 389 -12.00 9.30 9.45
C SER A 389 -12.91 10.02 8.44
N ARG A 390 -12.32 10.61 7.41
CA ARG A 390 -13.11 11.31 6.39
C ARG A 390 -14.12 12.17 7.10
N ASP A 391 -13.69 12.83 8.20
CA ASP A 391 -14.55 13.65 9.04
C ASP A 391 -13.85 14.89 9.53
N ALA A 392 -14.29 16.06 9.06
CA ALA A 392 -13.72 17.35 9.43
C ALA A 392 -14.06 17.74 10.86
N LYS A 393 -15.22 17.33 11.36
CA LYS A 393 -15.65 17.69 12.70
C LYS A 393 -14.72 17.14 13.78
N VAL A 394 -13.94 16.10 13.46
CA VAL A 394 -12.98 15.55 14.42
C VAL A 394 -11.55 15.82 13.97
N GLY A 395 -11.41 16.69 12.97
CA GLY A 395 -10.10 17.06 12.44
C GLY A 395 -9.38 16.03 11.60
N ASN A 396 -10.03 14.90 11.29
CA ASN A 396 -9.39 13.85 10.50
C ASN A 396 -10.04 13.75 9.14
N LYS A 397 -9.52 14.52 8.18
CA LYS A 397 -10.03 14.55 6.82
C LYS A 397 -9.31 13.48 5.94
N TYR A 398 -8.94 12.35 6.53
CA TYR A 398 -8.27 11.28 5.77
C TYR A 398 -8.96 9.92 5.91
N CYS A 399 -8.58 8.98 5.04
CA CYS A 399 -9.14 7.62 5.03
C CYS A 399 -8.16 6.78 5.84
N SER A 400 -8.65 5.96 6.78
CA SER A 400 -7.73 5.13 7.56
C SER A 400 -7.29 3.85 6.81
N ASN A 401 -7.72 3.68 5.54
CA ASN A 401 -7.26 2.59 4.66
C ASN A 401 -7.75 1.15 4.90
N VAL A 402 -7.72 0.66 6.15
CA VAL A 402 -8.10 -0.72 6.46
C VAL A 402 -9.55 -0.95 7.00
N CYS A 403 -10.18 0.08 7.60
CA CYS A 403 -11.50 -0.01 8.25
C CYS A 403 -12.56 -0.71 7.44
N CYS A 404 -12.58 -0.47 6.12
CA CYS A 404 -13.57 -1.14 5.31
C CYS A 404 -13.29 -2.65 5.39
N MET A 405 -12.07 -3.03 5.02
CA MET A 405 -11.60 -4.42 5.00
C MET A 405 -11.71 -5.11 6.36
N TYR A 406 -11.28 -4.50 7.46
CA TYR A 406 -11.41 -5.23 8.71
C TYR A 406 -12.85 -5.40 9.16
N ALA A 407 -13.75 -4.49 8.79
CA ALA A 407 -15.14 -4.62 9.21
C ALA A 407 -15.75 -5.86 8.58
N MET A 408 -15.57 -5.98 7.27
CA MET A 408 -16.09 -7.13 6.55
C MET A 408 -15.45 -8.39 7.09
N LYS A 409 -14.13 -8.34 7.33
CA LYS A 409 -13.40 -9.48 7.85
C LYS A 409 -14.02 -9.94 9.16
N ASN A 410 -14.15 -9.05 10.13
CA ASN A 410 -14.75 -9.41 11.42
C ASN A 410 -16.21 -9.87 11.29
N SER A 411 -16.91 -9.42 10.24
CA SER A 411 -18.29 -9.84 10.01
C SER A 411 -18.26 -11.28 9.53
N GLN A 412 -17.23 -11.67 8.76
CA GLN A 412 -17.14 -13.03 8.27
C GLN A 412 -16.92 -13.97 9.47
N LEU A 413 -16.08 -13.55 10.40
CA LEU A 413 -15.76 -14.35 11.57
C LEU A 413 -16.98 -14.52 12.47
N ILE A 414 -17.79 -13.49 12.66
CA ILE A 414 -18.97 -13.66 13.49
C ILE A 414 -19.87 -14.67 12.81
N LYS A 415 -20.01 -14.58 11.46
CA LYS A 415 -20.83 -15.50 10.68
C LYS A 415 -20.30 -16.94 10.81
N GLU A 416 -18.98 -17.14 10.73
CA GLU A 416 -18.43 -18.50 10.84
C GLU A 416 -18.82 -19.05 12.20
N LYS A 417 -18.63 -18.26 13.25
CA LYS A 417 -18.96 -18.68 14.60
C LYS A 417 -20.47 -18.81 14.79
N SER A 418 -21.25 -17.87 14.20
CA SER A 418 -22.70 -17.87 14.35
C SER A 418 -23.40 -17.48 13.06
N PRO A 419 -23.65 -18.46 12.20
CA PRO A 419 -24.29 -18.14 10.91
C PRO A 419 -25.62 -17.40 10.97
N ASP A 420 -26.40 -17.62 12.02
CA ASP A 420 -27.70 -16.97 12.16
C ASP A 420 -27.61 -15.45 12.42
N THR A 421 -26.46 -14.93 12.88
CA THR A 421 -26.30 -13.48 13.17
C THR A 421 -26.57 -12.52 12.01
N GLU A 422 -27.29 -11.42 12.30
CA GLU A 422 -27.59 -10.40 11.30
C GLU A 422 -26.51 -9.34 11.38
N ILE A 423 -25.69 -9.17 10.33
CA ILE A 423 -24.64 -8.16 10.37
C ILE A 423 -24.84 -7.16 9.28
N ASP A 424 -25.01 -5.90 9.66
CA ASP A 424 -25.20 -4.82 8.70
C ASP A 424 -24.02 -3.88 8.77
N ILE A 425 -23.47 -3.49 7.62
CA ILE A 425 -22.34 -2.57 7.57
C ILE A 425 -22.81 -1.26 6.93
N TYR A 426 -22.80 -0.17 7.72
CA TYR A 426 -23.20 1.16 7.24
C TYR A 426 -21.93 1.79 6.71
N TYR A 427 -21.88 2.07 5.41
CA TYR A 427 -20.67 2.62 4.77
C TYR A 427 -20.94 3.82 3.82
N MET A 428 -19.85 4.37 3.22
CA MET A 428 -19.90 5.48 2.25
C MET A 428 -19.25 5.01 0.95
N ASP A 429 -18.08 4.41 1.07
CA ASP A 429 -17.37 3.81 -0.04
C ASP A 429 -16.68 2.53 0.51
N ILE A 430 -16.90 1.39 -0.15
CA ILE A 430 -16.24 0.17 0.27
C ILE A 430 -14.90 0.34 -0.44
N ARG A 431 -13.80 0.42 0.32
CA ARG A 431 -12.46 0.62 -0.29
C ARG A 431 -11.63 -0.65 -0.09
N ALA A 432 -11.75 -1.54 -1.08
CA ALA A 432 -11.10 -2.86 -1.20
C ALA A 432 -10.29 -2.77 -2.48
N PHE A 433 -9.21 -2.05 -2.38
CA PHE A 433 -8.32 -1.68 -3.48
C PHE A 433 -7.13 -2.57 -3.78
N SER A 434 -6.76 -3.45 -2.86
CA SER A 434 -5.58 -4.28 -3.10
C SER A 434 -5.88 -5.70 -3.60
N LYS A 435 -4.83 -6.45 -3.93
CA LYS A 435 -4.97 -7.82 -4.45
C LYS A 435 -5.81 -8.71 -3.55
N GLY A 436 -6.93 -9.20 -4.07
CA GLY A 436 -7.87 -10.04 -3.35
C GLY A 436 -8.90 -9.29 -2.53
N TYR A 437 -8.72 -7.98 -2.38
CA TYR A 437 -9.64 -7.20 -1.56
C TYR A 437 -11.06 -7.15 -2.16
N GLU A 438 -11.20 -6.77 -3.43
CA GLU A 438 -12.54 -6.74 -4.02
C GLU A 438 -13.20 -8.14 -3.92
N GLU A 439 -12.43 -9.17 -4.23
CA GLU A 439 -12.91 -10.54 -4.17
C GLU A 439 -13.39 -10.85 -2.74
N PHE A 440 -12.64 -10.35 -1.75
CA PHE A 440 -12.97 -10.51 -0.33
C PHE A 440 -14.32 -9.83 -0.06
N TYR A 441 -14.50 -8.64 -0.65
CA TYR A 441 -15.75 -7.86 -0.53
C TYR A 441 -16.93 -8.63 -1.16
N GLU A 442 -16.74 -9.16 -2.39
CA GLU A 442 -17.75 -9.95 -3.11
C GLU A 442 -18.15 -11.16 -2.29
N ARG A 443 -17.13 -11.85 -1.77
CA ARG A 443 -17.32 -13.05 -0.96
C ARG A 443 -18.09 -12.78 0.32
N SER A 444 -17.84 -11.63 0.95
CA SER A 444 -18.50 -11.23 2.19
C SER A 444 -20.01 -11.18 2.03
N ALA A 445 -20.48 -10.66 0.89
CA ALA A 445 -21.90 -10.53 0.61
C ALA A 445 -22.50 -11.81 0.04
N LYS A 446 -21.80 -12.40 -0.95
CA LYS A 446 -22.27 -13.61 -1.61
C LYS A 446 -22.23 -14.83 -0.72
N GLN A 447 -21.06 -15.18 -0.20
CA GLN A 447 -20.91 -16.37 0.64
C GLN A 447 -21.39 -16.22 2.08
N TYR A 448 -20.99 -15.14 2.78
CA TYR A 448 -21.39 -14.97 4.18
C TYR A 448 -22.69 -14.21 4.44
N GLY A 449 -23.30 -13.66 3.42
CA GLY A 449 -24.56 -12.94 3.59
C GLY A 449 -24.47 -11.71 4.48
N ILE A 450 -23.36 -10.96 4.35
CA ILE A 450 -23.18 -9.74 5.12
C ILE A 450 -23.91 -8.64 4.35
N LYS A 451 -24.75 -7.87 5.04
CA LYS A 451 -25.52 -6.81 4.39
C LYS A 451 -24.78 -5.48 4.47
N PHE A 452 -24.89 -4.66 3.43
CA PHE A 452 -24.25 -3.35 3.38
C PHE A 452 -25.27 -2.24 3.15
N MET A 453 -25.23 -1.19 3.97
CA MET A 453 -26.14 -0.06 3.80
C MET A 453 -25.30 1.14 3.40
N ARG A 454 -25.60 1.76 2.26
CA ARG A 454 -24.80 2.93 1.92
C ARG A 454 -25.45 4.11 2.62
N GLY A 455 -24.85 4.52 3.71
CA GLY A 455 -25.36 5.64 4.49
C GLY A 455 -24.55 5.83 5.74
N ARG A 456 -24.12 7.05 5.98
CA ARG A 456 -23.33 7.35 7.18
C ARG A 456 -24.34 7.60 8.31
N PRO A 457 -24.37 6.77 9.36
CA PRO A 457 -25.37 6.98 10.41
C PRO A 457 -25.39 8.36 11.03
N SER A 458 -26.59 8.88 11.30
CA SER A 458 -26.74 10.20 11.90
C SER A 458 -26.54 10.10 13.41
N GLN A 459 -26.93 8.98 14.02
CA GLN A 459 -26.75 8.78 15.46
C GLN A 459 -27.13 7.36 15.90
N VAL A 460 -26.87 7.08 17.18
CA VAL A 460 -27.17 5.80 17.82
C VAL A 460 -27.98 6.11 19.10
N ILE A 461 -29.10 5.42 19.31
CA ILE A 461 -29.91 5.67 20.49
C ILE A 461 -30.20 4.36 21.18
N GLU A 462 -29.74 4.23 22.41
CA GLU A 462 -29.92 3.01 23.20
C GLU A 462 -31.29 2.96 23.84
N ASP A 463 -31.84 1.75 23.96
CA ASP A 463 -33.12 1.53 24.63
C ASP A 463 -32.65 1.26 26.06
N PRO A 464 -32.93 2.17 27.01
CA PRO A 464 -32.45 1.96 28.39
C PRO A 464 -33.07 0.77 29.08
N GLU A 465 -34.08 0.18 28.45
CA GLU A 465 -34.78 -0.94 29.03
C GLU A 465 -34.10 -2.26 28.72
N THR A 466 -33.78 -2.51 27.43
CA THR A 466 -33.13 -3.75 27.01
C THR A 466 -31.62 -3.64 26.81
N GLY A 467 -31.14 -2.44 26.54
CA GLY A 467 -29.72 -2.24 26.28
C GLY A 467 -29.41 -2.30 24.79
N ASN A 468 -30.46 -2.57 23.98
CA ASN A 468 -30.31 -2.65 22.53
C ASN A 468 -30.13 -1.27 21.97
N LEU A 469 -29.54 -1.17 20.77
CA LEU A 469 -29.26 0.10 20.12
C LEU A 469 -29.97 0.28 18.79
N VAL A 470 -30.54 1.45 18.58
CA VAL A 470 -31.24 1.76 17.35
C VAL A 470 -30.29 2.62 16.51
N VAL A 471 -30.12 2.28 15.23
CA VAL A 471 -29.22 3.05 14.36
C VAL A 471 -30.04 3.89 13.38
N ARG A 472 -29.91 5.21 13.48
CA ARG A 472 -30.61 6.13 12.58
C ARG A 472 -29.68 6.48 11.41
N ALA A 473 -30.14 6.27 10.18
CA ALA A 473 -29.34 6.58 8.99
C ALA A 473 -30.25 6.63 7.74
N GLU A 474 -29.72 7.06 6.60
CA GLU A 474 -30.54 7.10 5.40
C GLU A 474 -30.01 6.08 4.41
N ASP A 475 -30.90 5.28 3.82
CA ASP A 475 -30.45 4.33 2.82
C ASP A 475 -30.46 5.17 1.55
N THR A 476 -29.28 5.71 1.22
CA THR A 476 -29.11 6.57 0.05
C THR A 476 -29.45 5.87 -1.25
N LEU A 477 -29.30 4.55 -1.29
CA LEU A 477 -29.61 3.78 -2.50
C LEU A 477 -31.11 3.57 -2.65
N LEU A 478 -31.89 3.94 -1.62
CA LEU A 478 -33.36 3.85 -1.64
C LEU A 478 -33.99 5.22 -1.45
N GLY A 479 -33.23 6.17 -0.91
CA GLY A 479 -33.75 7.51 -0.65
C GLY A 479 -34.78 7.49 0.46
N GLU A 480 -34.61 6.55 1.42
CA GLU A 480 -35.52 6.39 2.56
C GLU A 480 -34.70 6.32 3.84
N ILE A 481 -35.28 6.74 4.96
CA ILE A 481 -34.60 6.75 6.25
C ILE A 481 -34.81 5.46 7.00
N LEU A 482 -33.72 4.87 7.47
CA LEU A 482 -33.76 3.62 8.22
C LEU A 482 -33.61 3.87 9.70
N GLU A 483 -34.26 3.02 10.51
CA GLU A 483 -34.18 3.07 11.97
C GLU A 483 -34.17 1.63 12.49
N LYS A 484 -33.08 0.90 12.18
CA LYS A 484 -32.96 -0.51 12.58
C LYS A 484 -32.45 -0.70 14.00
N GLU A 485 -32.89 -1.78 14.64
CA GLU A 485 -32.49 -2.13 16.00
C GLU A 485 -31.38 -3.17 15.99
N TYR A 486 -30.41 -3.01 16.89
CA TYR A 486 -29.30 -3.96 16.97
C TYR A 486 -29.02 -4.30 18.42
N ASP A 487 -28.34 -5.41 18.61
CA ASP A 487 -27.95 -5.89 19.92
C ASP A 487 -26.56 -5.37 20.25
N LEU A 488 -25.77 -4.99 19.24
CA LEU A 488 -24.42 -4.49 19.43
C LEU A 488 -24.05 -3.57 18.27
N VAL A 489 -23.34 -2.48 18.55
CA VAL A 489 -22.92 -1.51 17.55
C VAL A 489 -21.41 -1.45 17.56
N VAL A 490 -20.78 -1.73 16.43
CA VAL A 490 -19.33 -1.72 16.33
C VAL A 490 -18.91 -0.50 15.57
N LEU A 491 -18.11 0.34 16.18
CA LEU A 491 -17.61 1.52 15.52
C LEU A 491 -16.31 1.15 14.84
N SER A 492 -16.23 1.32 13.53
CA SER A 492 -15.00 1.00 12.80
C SER A 492 -14.08 2.21 12.92
N VAL A 493 -13.49 2.33 14.10
CA VAL A 493 -12.59 3.42 14.47
C VAL A 493 -11.39 3.49 13.54
N GLY A 494 -10.99 4.71 13.20
CA GLY A 494 -9.85 4.93 12.34
C GLY A 494 -8.49 4.82 13.05
N MET A 495 -7.42 5.18 12.34
CA MET A 495 -6.06 5.13 12.86
C MET A 495 -5.58 6.53 13.12
N VAL A 496 -4.91 6.75 14.24
CA VAL A 496 -4.36 8.05 14.65
C VAL A 496 -2.98 7.71 15.16
N PRO A 497 -2.06 8.68 15.18
CA PRO A 497 -0.70 8.38 15.67
C PRO A 497 -0.68 7.91 17.13
N THR A 498 0.32 7.11 17.49
CA THR A 498 0.43 6.60 18.86
C THR A 498 0.75 7.73 19.83
N LYS A 499 0.37 7.57 21.12
CA LYS A 499 0.58 8.62 22.15
C LYS A 499 1.99 9.17 22.19
N SER A 500 3.00 8.29 22.16
CA SER A 500 4.41 8.66 22.24
C SER A 500 5.00 9.29 20.98
N ALA A 501 4.22 9.45 19.90
CA ALA A 501 4.74 10.03 18.68
C ALA A 501 5.34 11.42 18.89
N ASP A 502 4.74 12.24 19.77
CA ASP A 502 5.27 13.57 20.03
C ASP A 502 6.65 13.47 20.67
N GLU A 503 6.86 12.50 21.56
CA GLU A 503 8.16 12.38 22.19
C GLU A 503 9.21 11.99 21.16
N VAL A 504 8.90 10.96 20.36
CA VAL A 504 9.80 10.44 19.34
C VAL A 504 10.16 11.51 18.32
N GLN A 505 9.15 12.23 17.85
CA GLN A 505 9.36 13.30 16.87
C GLN A 505 10.43 14.28 17.38
N LYS A 506 10.32 14.69 18.64
CA LYS A 506 11.29 15.62 19.24
C LYS A 506 12.67 14.99 19.35
N ILE A 507 12.74 13.73 19.78
CA ILE A 507 14.02 13.04 19.93
C ILE A 507 14.71 12.85 18.57
N LEU A 508 13.98 12.40 17.56
CA LEU A 508 14.55 12.16 16.23
C LEU A 508 14.65 13.43 15.42
N GLY A 509 13.74 14.34 15.64
CA GLY A 509 13.77 15.59 14.89
C GLY A 509 13.24 15.38 13.50
N ILE A 510 12.00 14.91 13.41
CA ILE A 510 11.33 14.64 12.14
C ILE A 510 10.01 15.37 12.15
N SER A 511 9.42 15.59 10.97
CA SER A 511 8.18 16.35 10.85
C SER A 511 6.94 15.46 10.77
N ARG A 512 5.76 16.09 10.77
CA ARG A 512 4.48 15.41 10.68
C ARG A 512 3.68 15.91 9.50
N THR A 513 2.85 15.05 8.92
CA THR A 513 2.02 15.45 7.79
C THR A 513 0.70 16.05 8.33
N PRO A 514 -0.13 16.67 7.48
CA PRO A 514 -1.39 17.23 7.98
C PRO A 514 -2.26 16.21 8.71
N ASP A 515 -2.05 14.91 8.43
CA ASP A 515 -2.83 13.85 9.08
C ASP A 515 -2.23 13.52 10.47
N GLN A 516 -1.11 14.20 10.84
CA GLN A 516 -0.42 14.02 12.11
C GLN A 516 0.53 12.82 12.13
N PHE A 517 0.62 12.07 11.05
CA PHE A 517 1.54 10.93 11.02
C PHE A 517 2.90 11.45 10.61
N PHE A 518 3.94 10.63 10.68
CA PHE A 518 5.27 11.10 10.27
C PHE A 518 5.38 11.37 8.80
N MET A 519 6.07 12.46 8.47
CA MET A 519 6.25 12.95 7.11
C MET A 519 7.44 12.32 6.40
N GLU A 520 7.19 11.73 5.21
CA GLU A 520 8.22 11.13 4.38
C GLU A 520 8.95 12.24 3.64
N ALA A 521 10.14 11.96 3.13
CA ALA A 521 10.90 12.96 2.39
C ALA A 521 10.09 13.43 1.20
N HIS A 522 9.64 12.48 0.37
CA HIS A 522 8.80 12.76 -0.80
C HIS A 522 7.92 11.53 -1.08
N PRO A 523 6.60 11.71 -1.21
CA PRO A 523 5.73 10.53 -1.46
C PRO A 523 6.16 9.56 -2.54
N LYS A 524 6.85 10.01 -3.59
CA LYS A 524 7.21 9.08 -4.66
C LYS A 524 8.68 9.04 -4.91
N LEU A 525 9.41 10.08 -4.58
CA LEU A 525 10.83 10.09 -4.83
C LEU A 525 11.56 9.27 -3.76
N ARG A 526 11.06 9.34 -2.52
CA ARG A 526 11.67 8.74 -1.33
C ARG A 526 10.58 8.45 -0.27
N PRO A 527 9.78 7.38 -0.43
CA PRO A 527 8.68 7.11 0.50
C PRO A 527 8.99 6.63 1.92
N VAL A 528 10.20 6.16 2.20
CA VAL A 528 10.47 5.71 3.59
C VAL A 528 11.51 6.64 4.23
N ASP A 529 12.17 7.47 3.41
CA ASP A 529 13.19 8.41 3.90
C ASP A 529 12.54 9.64 4.53
N THR A 530 13.31 10.39 5.34
CA THR A 530 12.83 11.64 5.95
C THR A 530 13.76 12.76 5.50
N ALA A 531 13.31 14.01 5.63
CA ALA A 531 14.13 15.16 5.27
C ALA A 531 15.44 15.14 6.09
N THR A 532 15.37 14.57 7.30
CA THR A 532 16.51 14.43 8.20
C THR A 532 17.35 13.21 7.77
N ASP A 533 18.52 13.45 7.17
CA ASP A 533 19.39 12.37 6.71
C ASP A 533 19.65 11.35 7.82
N GLY A 534 19.70 10.06 7.45
CA GLY A 534 19.95 8.99 8.40
C GLY A 534 18.73 8.48 9.16
N VAL A 535 17.64 9.25 9.19
CA VAL A 535 16.44 8.82 9.91
C VAL A 535 15.42 8.35 8.87
N TYR A 536 14.84 7.17 9.08
CA TYR A 536 13.86 6.60 8.16
C TYR A 536 12.60 6.20 8.87
N LEU A 537 11.56 5.90 8.08
CA LEU A 537 10.26 5.48 8.61
C LEU A 537 9.82 4.08 8.08
N ALA A 538 8.91 3.43 8.80
CA ALA A 538 8.38 2.14 8.39
C ALA A 538 7.14 1.75 9.17
N GLY A 539 6.10 1.42 8.44
CA GLY A 539 4.84 1.00 9.04
C GLY A 539 3.79 2.07 9.12
N ALA A 540 2.78 1.81 9.98
CA ALA A 540 1.65 2.70 10.23
C ALA A 540 2.00 4.11 10.77
N CYS A 541 3.19 4.31 11.38
CA CYS A 541 3.56 5.63 11.93
C CYS A 541 3.72 6.64 10.79
N GLN A 542 3.98 6.14 9.59
CA GLN A 542 4.13 6.96 8.39
C GLN A 542 2.76 7.30 7.81
N GLY A 543 1.74 6.51 8.13
CA GLY A 543 0.39 6.71 7.60
C GLY A 543 -0.49 5.47 7.68
N PRO A 544 -1.82 5.62 7.73
CA PRO A 544 -2.69 4.43 7.85
C PRO A 544 -2.54 3.42 6.71
N LYS A 545 -2.06 2.20 7.02
CA LYS A 545 -1.88 1.16 6.01
C LYS A 545 -2.08 -0.26 6.58
N ASP A 546 -2.17 -1.28 5.70
CA ASP A 546 -2.39 -2.68 6.12
C ASP A 546 -1.04 -3.37 6.38
N ILE A 547 -1.06 -4.68 6.75
CA ILE A 547 0.17 -5.42 7.05
C ILE A 547 1.07 -5.64 5.84
N PRO A 548 0.54 -6.08 4.71
CA PRO A 548 1.44 -6.25 3.55
C PRO A 548 2.25 -4.98 3.30
N ALA A 549 1.57 -3.82 3.37
CA ALA A 549 2.18 -2.52 3.10
C ALA A 549 3.22 -2.15 4.12
N SER A 550 2.95 -2.43 5.39
CA SER A 550 3.91 -2.14 6.45
C SER A 550 5.18 -3.01 6.26
N VAL A 551 4.99 -4.29 5.92
CA VAL A 551 6.10 -5.21 5.73
C VAL A 551 6.98 -4.72 4.59
N ALA A 552 6.35 -4.29 3.50
CA ALA A 552 7.10 -3.79 2.34
C ALA A 552 7.88 -2.60 2.77
N GLN A 553 7.26 -1.71 3.57
CA GLN A 553 7.94 -0.52 4.05
C GLN A 553 9.12 -0.91 4.94
N GLY A 554 8.94 -1.92 5.78
CA GLY A 554 10.02 -2.36 6.66
C GLY A 554 11.22 -2.81 5.87
N SER A 555 10.95 -3.51 4.75
CA SER A 555 12.01 -4.00 3.89
C SER A 555 12.57 -2.81 3.12
N ALA A 556 11.68 -1.97 2.60
CA ALA A 556 12.10 -0.80 1.84
C ALA A 556 13.03 0.06 2.69
N ALA A 557 12.63 0.36 3.94
CA ALA A 557 13.39 1.18 4.88
C ALA A 557 14.75 0.58 5.18
N ALA A 558 14.82 -0.74 5.27
CA ALA A 558 16.06 -1.43 5.55
C ALA A 558 17.01 -1.27 4.36
N SER A 559 16.47 -1.30 3.14
CA SER A 559 17.26 -1.14 1.93
C SER A 559 17.88 0.24 1.96
N ARG A 560 17.01 1.24 2.18
CA ARG A 560 17.42 2.64 2.24
C ARG A 560 18.42 2.86 3.36
N ALA A 561 18.14 2.32 4.56
CA ALA A 561 19.04 2.47 5.69
C ALA A 561 20.33 1.65 5.47
N ALA A 562 20.29 0.65 4.60
CA ALA A 562 21.49 -0.15 4.36
C ALA A 562 22.48 0.57 3.45
N ILE A 563 22.02 1.60 2.74
CA ILE A 563 22.89 2.31 1.82
C ILE A 563 24.04 3.02 2.55
N PRO A 564 23.79 3.94 3.49
CA PRO A 564 24.94 4.57 4.17
C PRO A 564 25.85 3.56 4.84
N LEU A 565 25.24 2.58 5.53
CA LEU A 565 25.97 1.53 6.24
C LEU A 565 26.85 0.73 5.28
N ALA A 566 26.36 0.47 4.07
CA ALA A 566 27.14 -0.28 3.09
C ALA A 566 28.30 0.55 2.56
N LYS A 567 28.08 1.84 2.32
CA LYS A 567 29.11 2.73 1.82
C LYS A 567 30.22 2.96 2.85
N GLY A 568 29.83 3.13 4.11
CA GLY A 568 30.76 3.36 5.20
C GLY A 568 31.13 4.83 5.36
N GLU A 569 30.85 5.65 4.33
CA GLU A 569 31.16 7.08 4.33
C GLU A 569 30.02 7.90 3.71
N VAL A 570 29.67 9.03 4.31
CA VAL A 570 28.60 9.88 3.79
C VAL A 570 29.01 11.34 3.81
N GLU A 571 28.42 12.15 2.90
CA GLU A 571 28.70 13.57 2.82
C GLU A 571 27.70 14.37 3.65
N VAL A 572 28.19 15.22 4.55
CA VAL A 572 27.36 16.07 5.41
C VAL A 572 27.54 17.54 4.98
N GLU A 573 26.46 18.34 5.00
CA GLU A 573 26.58 19.74 4.60
C GLU A 573 27.55 20.58 5.46
N PRO A 574 28.46 21.31 4.80
CA PRO A 574 29.44 22.16 5.52
C PRO A 574 28.88 23.53 5.93
N ILE A 575 27.54 23.68 6.03
CA ILE A 575 26.94 24.97 6.41
C ILE A 575 27.04 25.13 7.91
N ILE A 576 28.27 25.21 8.42
CA ILE A 576 28.54 25.33 9.85
C ILE A 576 29.11 26.69 10.25
N ALA A 577 29.08 26.98 11.56
CA ALA A 577 29.56 28.24 12.10
C ALA A 577 31.05 28.24 12.40
N SER A 578 31.70 29.36 12.12
CA SER A 578 33.13 29.50 12.37
C SER A 578 33.35 30.88 12.95
N VAL A 579 34.38 31.03 13.79
CA VAL A 579 34.71 32.29 14.44
C VAL A 579 35.92 32.94 13.78
N ASP A 580 35.79 34.24 13.43
CA ASP A 580 36.92 34.97 12.88
C ASP A 580 37.76 35.42 14.09
N ALA A 581 38.88 34.75 14.34
CA ALA A 581 39.74 35.08 15.49
C ALA A 581 40.18 36.54 15.56
N GLU A 582 40.27 37.24 14.41
CA GLU A 582 40.71 38.64 14.40
C GLU A 582 39.62 39.60 14.86
N ILE A 583 38.37 39.21 14.77
CA ILE A 583 37.25 40.08 15.15
C ILE A 583 36.67 39.75 16.51
N CYS A 584 36.79 38.50 16.94
CA CYS A 584 36.22 38.07 18.21
C CYS A 584 37.07 38.54 19.38
N GLY A 585 36.42 39.15 20.38
CA GLY A 585 37.09 39.64 21.58
C GLY A 585 36.72 38.87 22.82
N GLY A 586 36.01 37.75 22.65
CA GLY A 586 35.62 36.89 23.75
C GLY A 586 34.56 37.46 24.67
N CYS A 587 33.43 37.90 24.10
CA CYS A 587 32.35 38.45 24.90
C CYS A 587 31.62 37.34 25.66
N GLY A 588 31.57 36.14 25.10
CA GLY A 588 30.89 35.02 25.73
C GLY A 588 29.39 34.94 25.49
N VAL A 589 28.87 35.68 24.50
CA VAL A 589 27.44 35.69 24.19
C VAL A 589 27.04 34.37 23.56
N CYS A 590 27.83 33.92 22.60
CA CYS A 590 27.62 32.71 21.82
C CYS A 590 27.56 31.42 22.61
N VAL A 591 28.48 31.26 23.57
CA VAL A 591 28.61 30.02 24.32
C VAL A 591 27.32 29.30 24.69
N LYS A 592 26.39 29.96 25.39
CA LYS A 592 25.15 29.30 25.84
C LYS A 592 24.03 29.25 24.82
N GLN A 593 24.16 29.91 23.67
CA GLN A 593 23.08 29.88 22.67
C GLN A 593 22.98 28.52 22.02
N CYS A 594 24.14 27.85 21.89
CA CYS A 594 24.21 26.54 21.28
C CYS A 594 23.71 25.45 22.21
N PRO A 595 22.68 24.72 21.77
CA PRO A 595 22.15 23.61 22.58
C PRO A 595 23.10 22.42 22.59
N TYR A 596 24.00 22.34 21.59
CA TYR A 596 24.96 21.24 21.49
C TYR A 596 26.33 21.60 22.05
N GLY A 597 26.48 22.83 22.51
CA GLY A 597 27.75 23.27 23.09
C GLY A 597 28.92 23.30 22.12
N ALA A 598 28.67 23.74 20.88
CA ALA A 598 29.76 23.81 19.90
C ALA A 598 30.71 24.97 20.17
N PRO A 599 30.22 26.21 20.39
CA PRO A 599 31.17 27.30 20.65
C PRO A 599 31.70 27.29 22.06
N ARG A 600 33.01 27.29 22.20
CA ARG A 600 33.62 27.31 23.50
C ARG A 600 34.75 28.36 23.53
N LEU A 601 34.93 29.01 24.69
CA LEU A 601 35.96 30.02 24.85
C LEU A 601 37.30 29.34 25.08
N VAL A 602 38.33 29.81 24.38
CA VAL A 602 39.67 29.24 24.49
C VAL A 602 40.71 30.35 24.46
N GLU A 603 41.91 30.05 24.89
CA GLU A 603 43.00 31.03 24.88
C GLU A 603 43.78 30.87 23.57
N LYS A 604 44.09 31.99 22.90
CA LYS A 604 44.84 31.93 21.64
C LYS A 604 45.69 33.18 21.49
N ASP A 605 47.00 32.99 21.25
CA ASP A 605 47.95 34.10 21.08
C ASP A 605 47.90 35.07 22.27
N GLY A 606 47.70 34.52 23.46
CA GLY A 606 47.64 35.31 24.68
C GLY A 606 46.32 35.99 24.96
N LYS A 607 45.31 35.78 24.12
CA LYS A 607 44.02 36.43 24.33
C LYS A 607 42.87 35.44 24.22
N VAL A 608 41.73 35.79 24.83
CA VAL A 608 40.54 34.94 24.85
C VAL A 608 39.76 35.08 23.56
N VAL A 609 39.40 33.96 22.94
CA VAL A 609 38.63 33.96 21.70
C VAL A 609 37.69 32.78 21.68
N ALA A 610 36.54 32.95 21.02
CA ALA A 610 35.61 31.86 20.92
C ALA A 610 36.05 30.94 19.79
N GLU A 611 35.73 29.65 19.91
CA GLU A 611 36.06 28.68 18.89
C GLU A 611 34.97 27.64 18.85
N VAL A 612 34.45 27.38 17.65
CA VAL A 612 33.40 26.39 17.45
C VAL A 612 33.99 25.03 17.16
N ILE A 613 33.40 24.01 17.76
CA ILE A 613 33.81 22.61 17.53
C ILE A 613 32.92 22.14 16.37
N SER A 614 33.52 22.05 15.19
CA SER A 614 32.85 21.66 13.94
C SER A 614 31.98 20.38 14.04
N ALA A 615 32.41 19.40 14.83
CA ALA A 615 31.65 18.15 14.98
C ALA A 615 30.33 18.39 15.71
N LEU A 616 30.34 19.31 16.69
CA LEU A 616 29.14 19.62 17.45
C LEU A 616 28.19 20.59 16.79
N CYS A 617 28.62 21.35 15.77
CA CYS A 617 27.67 22.32 15.15
C CYS A 617 26.78 21.62 14.15
N LYS A 618 25.48 21.89 14.24
CA LYS A 618 24.48 21.34 13.34
C LYS A 618 23.97 22.45 12.37
N GLY A 619 24.71 23.56 12.28
CA GLY A 619 24.39 24.68 11.39
C GLY A 619 23.04 25.34 11.56
N CYS A 620 22.60 25.63 12.79
CA CYS A 620 21.30 26.27 12.98
C CYS A 620 21.39 27.74 12.61
N GLY A 621 22.39 28.43 13.14
CA GLY A 621 22.57 29.85 12.83
C GLY A 621 22.18 30.79 13.93
N THR A 622 22.02 30.27 15.16
CA THR A 622 21.63 31.10 16.30
C THR A 622 22.79 31.87 16.85
N CYS A 623 23.92 31.25 17.06
CA CYS A 623 25.04 31.99 17.60
C CYS A 623 25.54 33.08 16.60
N PRO A 624 25.70 32.80 15.30
CA PRO A 624 26.14 33.90 14.40
C PRO A 624 25.18 35.07 14.41
N ALA A 625 23.90 34.77 14.59
CA ALA A 625 22.87 35.78 14.65
C ALA A 625 22.97 36.54 15.94
N GLY A 626 23.29 35.82 17.02
CA GLY A 626 23.42 36.41 18.33
C GLY A 626 24.69 37.21 18.52
N CYS A 627 25.78 36.80 17.84
CA CYS A 627 27.09 37.46 17.91
C CYS A 627 27.07 38.96 17.61
N PRO A 628 27.42 39.82 18.59
CA PRO A 628 27.40 41.28 18.35
C PRO A 628 28.65 41.83 17.69
N SER A 629 29.70 41.03 17.50
CA SER A 629 30.93 41.53 16.87
C SER A 629 30.99 41.12 15.39
N GLY A 630 30.09 40.24 14.95
CA GLY A 630 30.07 39.78 13.56
C GLY A 630 31.20 38.80 13.23
N ALA A 631 31.98 38.40 14.26
CA ALA A 631 33.08 37.46 14.11
C ALA A 631 32.56 36.06 13.80
N LEU A 632 31.43 35.71 14.40
CA LEU A 632 30.82 34.42 14.16
C LEU A 632 29.96 34.50 12.89
N GLU A 633 30.18 33.59 11.92
CA GLU A 633 29.41 33.55 10.67
C GLU A 633 29.08 32.12 10.30
N GLN A 634 27.89 31.90 9.67
CA GLN A 634 27.47 30.58 9.23
C GLN A 634 27.74 30.47 7.75
N ASP A 635 28.59 29.52 7.33
CA ASP A 635 28.88 29.36 5.91
C ASP A 635 27.58 29.18 5.15
N HIS A 636 27.52 29.75 3.94
CA HIS A 636 26.32 29.66 3.08
C HIS A 636 25.12 30.49 3.57
N PHE A 637 25.18 31.00 4.79
CA PHE A 637 24.09 31.82 5.33
C PHE A 637 24.70 33.00 6.10
N LYS A 638 25.75 33.60 5.52
CA LYS A 638 26.44 34.73 6.12
C LYS A 638 25.52 35.97 6.07
N THR A 639 25.68 36.87 7.02
CA THR A 639 24.83 38.06 7.02
C THR A 639 24.88 38.86 5.72
N ILE A 640 26.07 38.95 5.08
CA ILE A 640 26.19 39.73 3.83
C ILE A 640 25.38 39.05 2.72
N GLN A 641 25.36 37.72 2.68
CA GLN A 641 24.59 37.00 1.65
C GLN A 641 23.10 37.24 1.88
N LEU A 642 22.64 37.22 3.13
CA LEU A 642 21.21 37.44 3.37
C LEU A 642 20.85 38.90 3.11
N PHE A 643 21.83 39.81 3.30
CA PHE A 643 21.61 41.23 3.07
C PHE A 643 21.41 41.46 1.59
N LYS A 644 22.25 40.82 0.77
CA LYS A 644 22.14 40.96 -0.67
C LYS A 644 20.83 40.39 -1.13
N GLN A 645 20.38 39.33 -0.49
CA GLN A 645 19.12 38.70 -0.86
C GLN A 645 17.96 39.64 -0.55
N ILE A 646 17.99 40.36 0.58
CA ILE A 646 16.92 41.31 0.91
C ILE A 646 16.91 42.40 -0.15
N GLU A 647 18.10 42.84 -0.60
CA GLU A 647 18.19 43.90 -1.62
C GLU A 647 17.60 43.40 -2.93
N GLY A 648 17.94 42.16 -3.30
CA GLY A 648 17.45 41.52 -4.51
C GLY A 648 15.95 41.64 -4.75
N MET A 649 15.16 41.78 -3.69
CA MET A 649 13.70 41.89 -3.85
C MET A 649 13.36 43.23 -4.43
N PHE A 650 14.15 44.26 -4.07
CA PHE A 650 13.90 45.64 -4.51
C PHE A 650 14.75 46.14 -5.65
N ARG A 651 16.00 45.72 -5.76
CA ARG A 651 16.84 46.22 -6.83
C ARG A 651 17.99 45.28 -7.13
N ASP A 652 18.63 45.45 -8.27
CA ASP A 652 19.76 44.61 -8.63
C ASP A 652 21.05 45.10 -7.92
N THR A 653 22.00 44.17 -7.68
CA THR A 653 23.27 44.51 -7.02
C THR A 653 24.39 43.60 -7.54
N MET B 1 -31.17 -33.71 -42.92
CA MET B 1 -31.58 -33.01 -41.71
C MET B 1 -33.01 -33.36 -41.32
N LYS B 2 -33.18 -34.02 -40.18
CA LYS B 2 -34.48 -34.43 -39.68
C LYS B 2 -34.65 -33.77 -38.33
N TYR B 3 -35.77 -33.05 -38.12
CA TYR B 3 -36.01 -32.37 -36.86
C TYR B 3 -37.49 -32.41 -36.50
N ALA B 4 -37.80 -32.54 -35.21
CA ALA B 4 -39.20 -32.56 -34.77
C ALA B 4 -39.64 -31.11 -34.69
N PHE B 5 -40.66 -30.72 -35.47
CA PHE B 5 -41.12 -29.34 -35.48
C PHE B 5 -42.13 -28.99 -34.38
N PHE B 6 -41.70 -28.17 -33.42
CA PHE B 6 -42.55 -27.73 -32.34
C PHE B 6 -43.37 -26.55 -32.83
N LEU B 7 -44.71 -26.69 -32.85
CA LEU B 7 -45.59 -25.64 -33.33
C LEU B 7 -45.78 -24.53 -32.30
N GLY B 8 -46.24 -24.90 -31.11
CA GLY B 8 -46.46 -23.93 -30.05
C GLY B 8 -47.92 -23.60 -29.82
N CYS B 9 -48.31 -22.34 -30.02
CA CYS B 9 -49.70 -21.93 -29.80
C CYS B 9 -50.17 -20.91 -30.82
N ILE B 10 -49.53 -19.73 -30.79
CA ILE B 10 -49.88 -18.62 -31.66
C ILE B 10 -49.78 -18.96 -33.15
N MET B 11 -48.69 -19.61 -33.56
CA MET B 11 -48.55 -19.94 -34.99
C MET B 11 -49.58 -20.93 -35.49
N PRO B 12 -49.71 -22.12 -34.90
CA PRO B 12 -50.70 -23.07 -35.41
C PRO B 12 -52.16 -22.62 -35.28
N ASN B 13 -52.55 -22.07 -34.13
CA ASN B 13 -53.95 -21.67 -33.91
C ASN B 13 -54.35 -20.27 -34.36
N ARG B 14 -53.42 -19.32 -34.49
CA ARG B 14 -53.81 -17.97 -34.92
C ARG B 14 -53.17 -17.61 -36.25
N TYR B 15 -51.85 -17.38 -36.28
CA TYR B 15 -51.17 -17.03 -37.53
C TYR B 15 -50.68 -18.31 -38.21
N ALA B 16 -51.64 -19.13 -38.65
CA ALA B 16 -51.38 -20.40 -39.31
C ALA B 16 -50.46 -20.30 -40.53
N GLY B 17 -50.59 -19.21 -41.29
CA GLY B 17 -49.78 -19.00 -42.49
C GLY B 17 -48.29 -19.11 -42.25
N VAL B 18 -47.85 -18.74 -41.05
CA VAL B 18 -46.45 -18.81 -40.68
C VAL B 18 -46.00 -20.27 -40.72
N GLU B 19 -46.89 -21.19 -40.33
CA GLU B 19 -46.60 -22.63 -40.33
C GLU B 19 -46.47 -23.11 -41.77
N ALA B 20 -47.45 -22.75 -42.61
CA ALA B 20 -47.47 -23.14 -44.02
C ALA B 20 -46.24 -22.57 -44.74
N ALA B 21 -45.79 -21.38 -44.33
CA ALA B 21 -44.61 -20.77 -44.93
C ALA B 21 -43.36 -21.54 -44.55
N THR B 22 -43.23 -21.87 -43.26
CA THR B 22 -42.10 -22.61 -42.74
C THR B 22 -42.00 -24.00 -43.35
N ARG B 23 -43.10 -24.76 -43.31
CA ARG B 23 -43.11 -26.11 -43.84
C ARG B 23 -42.60 -26.20 -45.27
N THR B 24 -43.05 -25.29 -46.13
CA THR B 24 -42.64 -25.28 -47.53
C THR B 24 -41.21 -24.72 -47.69
N VAL B 25 -40.81 -23.78 -46.84
CA VAL B 25 -39.47 -23.18 -46.90
C VAL B 25 -38.42 -24.19 -46.42
N MET B 26 -38.71 -24.87 -45.31
CA MET B 26 -37.80 -25.86 -44.76
C MET B 26 -37.70 -27.06 -45.69
N GLU B 27 -38.79 -27.35 -46.42
CA GLU B 27 -38.84 -28.46 -47.36
C GLU B 27 -37.89 -28.19 -48.52
N LYS B 28 -37.85 -26.92 -48.98
CA LYS B 28 -36.99 -26.53 -50.09
C LYS B 28 -35.52 -26.49 -49.68
N LEU B 29 -35.23 -26.33 -48.38
CA LEU B 29 -33.86 -26.30 -47.88
C LEU B 29 -33.33 -27.71 -47.56
N GLY B 30 -34.20 -28.71 -47.61
CA GLY B 30 -33.84 -30.10 -47.34
C GLY B 30 -33.92 -30.51 -45.89
N VAL B 31 -34.97 -30.06 -45.18
CA VAL B 31 -35.16 -30.39 -43.76
C VAL B 31 -36.47 -31.16 -43.57
N GLU B 32 -36.42 -32.36 -42.99
CA GLU B 32 -37.63 -33.15 -42.76
C GLU B 32 -38.26 -32.81 -41.42
N LEU B 33 -39.38 -32.05 -41.47
CA LEU B 33 -40.10 -31.64 -40.27
C LEU B 33 -41.08 -32.73 -39.86
N VAL B 34 -40.60 -33.73 -39.10
CA VAL B 34 -41.47 -34.81 -38.65
C VAL B 34 -42.47 -34.31 -37.61
N ASP B 35 -43.68 -34.87 -37.62
CA ASP B 35 -44.75 -34.49 -36.69
C ASP B 35 -44.43 -34.85 -35.25
N MET B 36 -44.48 -33.82 -34.37
CA MET B 36 -44.23 -33.95 -32.94
C MET B 36 -45.60 -34.03 -32.29
N THR B 37 -46.29 -35.16 -32.52
CA THR B 37 -47.64 -35.38 -32.01
C THR B 37 -47.79 -35.21 -30.50
N GLY B 38 -48.95 -34.69 -30.09
CA GLY B 38 -49.26 -34.48 -28.68
C GLY B 38 -48.47 -33.38 -27.99
N ALA B 39 -47.80 -32.52 -28.76
CA ALA B 39 -47.00 -31.45 -28.18
C ALA B 39 -47.90 -30.30 -27.70
N SER B 40 -47.75 -29.91 -26.43
CA SER B 40 -48.56 -28.85 -25.82
C SER B 40 -47.88 -27.48 -25.87
N CYS B 41 -48.13 -26.65 -24.85
CA CYS B 41 -47.55 -25.32 -24.74
C CYS B 41 -46.07 -25.53 -24.39
N CYS B 42 -45.18 -24.61 -24.76
CA CYS B 42 -43.75 -24.81 -24.46
C CYS B 42 -43.44 -25.31 -23.02
N PRO B 43 -44.02 -24.79 -21.91
CA PRO B 43 -45.02 -23.71 -21.80
C PRO B 43 -44.39 -22.33 -21.83
N ALA B 44 -45.24 -21.30 -22.05
CA ALA B 44 -44.80 -19.90 -22.11
C ALA B 44 -44.07 -19.48 -20.83
N PRO B 45 -42.76 -19.19 -20.90
CA PRO B 45 -42.04 -18.82 -19.66
C PRO B 45 -42.61 -17.58 -18.99
N GLY B 46 -43.13 -16.66 -19.79
CA GLY B 46 -43.71 -15.44 -19.26
C GLY B 46 -44.72 -15.69 -18.15
N VAL B 47 -45.67 -16.62 -18.34
CA VAL B 47 -46.70 -16.91 -17.33
C VAL B 47 -46.35 -18.13 -16.47
N PHE B 48 -45.78 -19.17 -17.07
CA PHE B 48 -45.46 -20.38 -16.32
C PHE B 48 -44.21 -20.21 -15.46
N GLY B 49 -43.14 -19.71 -16.06
CA GLY B 49 -41.92 -19.49 -15.31
C GLY B 49 -42.13 -18.49 -14.20
N SER B 50 -43.02 -17.52 -14.44
CA SER B 50 -43.33 -16.51 -13.44
C SER B 50 -44.22 -17.10 -12.36
N PHE B 51 -45.10 -18.03 -12.73
CA PHE B 51 -46.01 -18.62 -11.75
C PHE B 51 -45.28 -19.66 -10.95
N ASP B 52 -44.85 -20.75 -11.60
CA ASP B 52 -44.13 -21.81 -10.92
C ASP B 52 -43.07 -22.41 -11.82
N GLN B 53 -41.80 -22.14 -11.51
CA GLN B 53 -40.69 -22.66 -12.30
C GLN B 53 -40.74 -24.17 -12.38
N LYS B 54 -41.04 -24.83 -11.25
CA LYS B 54 -41.14 -26.30 -11.23
C LYS B 54 -42.12 -26.74 -12.31
N THR B 55 -43.27 -26.07 -12.39
CA THR B 55 -44.29 -26.41 -13.40
C THR B 55 -43.79 -26.09 -14.80
N TRP B 56 -43.04 -25.01 -14.96
CA TRP B 56 -42.53 -24.64 -16.29
C TRP B 56 -41.61 -25.74 -16.82
N LEU B 57 -40.62 -26.14 -16.01
CA LEU B 57 -39.65 -27.16 -16.40
C LEU B 57 -40.29 -28.52 -16.54
N THR B 58 -41.13 -28.91 -15.57
CA THR B 58 -41.78 -30.22 -15.65
C THR B 58 -42.55 -30.35 -16.96
N LEU B 59 -43.34 -29.34 -17.29
CA LEU B 59 -44.12 -29.36 -18.53
C LEU B 59 -43.20 -29.29 -19.76
N ALA B 60 -42.16 -28.45 -19.70
CA ALA B 60 -41.23 -28.32 -20.82
C ALA B 60 -40.49 -29.65 -21.05
N ALA B 61 -40.16 -30.36 -19.97
CA ALA B 61 -39.48 -31.64 -20.06
C ALA B 61 -40.38 -32.66 -20.72
N ARG B 62 -41.69 -32.60 -20.42
CA ARG B 62 -42.64 -33.53 -21.00
C ARG B 62 -42.62 -33.37 -22.53
N ASN B 63 -42.59 -32.12 -23.01
CA ASN B 63 -42.57 -31.87 -24.45
C ASN B 63 -41.23 -32.31 -25.03
N LEU B 64 -40.16 -32.25 -24.22
CA LEU B 64 -38.82 -32.65 -24.68
C LEU B 64 -38.82 -34.16 -24.86
N CYS B 65 -39.49 -34.89 -23.96
CA CYS B 65 -39.56 -36.35 -24.02
C CYS B 65 -40.18 -36.85 -25.33
N ILE B 66 -41.20 -36.14 -25.85
CA ILE B 66 -41.85 -36.52 -27.10
C ILE B 66 -40.81 -36.69 -28.19
N ALA B 67 -39.92 -35.72 -28.36
CA ALA B 67 -38.89 -35.79 -29.38
C ALA B 67 -37.84 -36.85 -29.02
N GLU B 68 -37.60 -37.06 -27.73
CA GLU B 68 -36.62 -38.06 -27.29
C GLU B 68 -37.12 -39.44 -27.65
N GLU B 69 -38.40 -39.72 -27.41
CA GLU B 69 -38.98 -41.02 -27.73
C GLU B 69 -38.90 -41.27 -29.23
N MET B 70 -38.85 -40.19 -30.03
CA MET B 70 -38.76 -40.31 -31.48
C MET B 70 -37.30 -40.45 -31.93
N GLY B 71 -36.38 -39.99 -31.10
CA GLY B 71 -34.96 -40.07 -31.41
C GLY B 71 -34.50 -38.98 -32.35
N VAL B 72 -34.99 -37.75 -32.15
CA VAL B 72 -34.63 -36.62 -32.99
C VAL B 72 -34.56 -35.31 -32.17
N ASP B 73 -33.92 -34.29 -32.73
CA ASP B 73 -33.76 -33.00 -32.07
C ASP B 73 -34.92 -32.08 -32.46
N ILE B 74 -35.21 -31.04 -31.64
CA ILE B 74 -36.32 -30.13 -31.91
C ILE B 74 -35.91 -28.87 -32.65
N VAL B 75 -36.80 -28.37 -33.52
CA VAL B 75 -36.59 -27.14 -34.28
C VAL B 75 -37.85 -26.30 -34.10
N THR B 76 -37.70 -24.97 -34.04
CA THR B 76 -38.87 -24.11 -33.87
C THR B 76 -38.70 -22.77 -34.56
N VAL B 77 -39.80 -22.04 -34.74
CA VAL B 77 -39.77 -20.73 -35.39
C VAL B 77 -40.15 -19.67 -34.38
N CYS B 78 -40.17 -20.00 -33.08
CA CYS B 78 -40.52 -19.02 -32.07
C CYS B 78 -39.43 -18.86 -31.04
N ASN B 79 -39.15 -17.60 -30.65
CA ASN B 79 -38.14 -17.30 -29.66
C ASN B 79 -38.64 -17.79 -28.30
N GLY B 80 -39.91 -17.53 -28.04
CA GLY B 80 -40.53 -17.93 -26.77
C GLY B 80 -40.38 -19.40 -26.51
N CYS B 81 -40.77 -20.21 -27.49
CA CYS B 81 -40.70 -21.66 -27.38
C CYS B 81 -39.22 -22.11 -27.39
N TYR B 82 -38.39 -21.46 -28.20
CA TYR B 82 -36.97 -21.78 -28.26
C TYR B 82 -36.33 -21.57 -26.91
N GLY B 83 -36.57 -20.41 -26.32
CA GLY B 83 -36.02 -20.09 -25.01
C GLY B 83 -36.47 -21.08 -23.96
N SER B 84 -37.76 -21.35 -23.93
CA SER B 84 -38.36 -22.26 -22.96
C SER B 84 -37.78 -23.66 -23.06
N LEU B 85 -37.80 -24.25 -24.26
CA LEU B 85 -37.31 -25.61 -24.46
C LEU B 85 -35.78 -25.67 -24.38
N PHE B 86 -35.08 -24.62 -24.82
CA PHE B 86 -33.63 -24.61 -24.77
C PHE B 86 -33.18 -24.52 -23.31
N GLU B 87 -33.76 -23.58 -22.56
CA GLU B 87 -33.40 -23.43 -21.15
C GLU B 87 -33.72 -24.72 -20.42
N ALA B 88 -34.88 -25.31 -20.71
CA ALA B 88 -35.26 -26.54 -20.05
C ALA B 88 -34.21 -27.61 -20.31
N ALA B 89 -33.75 -27.71 -21.57
CA ALA B 89 -32.76 -28.70 -21.97
C ALA B 89 -31.43 -28.47 -21.26
N HIS B 90 -30.94 -27.23 -21.25
CA HIS B 90 -29.67 -26.90 -20.60
C HIS B 90 -29.70 -27.25 -19.11
N LEU B 91 -30.75 -26.81 -18.43
CA LEU B 91 -30.94 -27.02 -16.99
C LEU B 91 -31.02 -28.49 -16.63
N LEU B 92 -31.77 -29.29 -17.39
CA LEU B 92 -31.89 -30.72 -17.09
C LEU B 92 -30.56 -31.42 -17.27
N HIS B 93 -29.73 -30.95 -18.20
CA HIS B 93 -28.42 -31.53 -18.48
C HIS B 93 -27.38 -31.10 -17.45
N ASP B 94 -27.45 -29.86 -16.96
CA ASP B 94 -26.49 -29.35 -15.99
C ASP B 94 -26.89 -29.67 -14.54
N ASN B 95 -28.09 -29.25 -14.13
CA ASN B 95 -28.58 -29.46 -12.77
C ASN B 95 -29.19 -30.84 -12.61
N LYS B 96 -28.59 -31.69 -11.76
CA LYS B 96 -29.11 -33.04 -11.54
C LYS B 96 -30.31 -33.03 -10.58
N GLU B 97 -30.33 -32.10 -9.61
CA GLU B 97 -31.45 -32.02 -8.67
C GLU B 97 -32.74 -31.67 -9.42
N ALA B 98 -32.65 -30.84 -10.47
CA ALA B 98 -33.80 -30.44 -11.27
C ALA B 98 -34.23 -31.60 -12.13
N LEU B 99 -33.25 -32.38 -12.61
CA LEU B 99 -33.51 -33.55 -13.45
C LEU B 99 -34.21 -34.62 -12.61
N ASN B 100 -33.78 -34.81 -11.35
CA ASN B 100 -34.40 -35.82 -10.49
C ASN B 100 -35.85 -35.45 -10.21
N PHE B 101 -36.09 -34.25 -9.68
CA PHE B 101 -37.43 -33.79 -9.38
C PHE B 101 -38.35 -33.93 -10.58
N VAL B 102 -37.90 -33.48 -11.75
CA VAL B 102 -38.69 -33.55 -12.97
C VAL B 102 -38.99 -34.98 -13.37
N ASN B 103 -38.00 -35.87 -13.30
CA ASN B 103 -38.21 -37.28 -13.66
C ASN B 103 -39.12 -37.95 -12.63
N GLU B 104 -39.01 -37.58 -11.35
CA GLU B 104 -39.89 -38.15 -10.33
C GLU B 104 -41.32 -37.83 -10.72
N LYS B 105 -41.56 -36.60 -11.20
CA LYS B 105 -42.90 -36.20 -11.62
C LYS B 105 -43.27 -36.92 -12.91
N LEU B 106 -42.37 -36.94 -13.89
CA LEU B 106 -42.65 -37.59 -15.17
C LEU B 106 -42.89 -39.10 -15.05
N ASP B 107 -42.40 -39.74 -13.98
CA ASP B 107 -42.61 -41.17 -13.79
C ASP B 107 -44.10 -41.48 -13.70
N LYS B 108 -44.87 -40.60 -13.06
CA LYS B 108 -46.31 -40.75 -12.89
C LYS B 108 -47.06 -40.87 -14.23
N VAL B 109 -46.50 -40.33 -15.31
CA VAL B 109 -47.14 -40.40 -16.63
C VAL B 109 -46.40 -41.36 -17.57
N GLY B 110 -45.45 -42.11 -17.02
CA GLY B 110 -44.67 -43.08 -17.79
C GLY B 110 -43.63 -42.44 -18.68
N LYS B 111 -43.00 -41.35 -18.23
CA LYS B 111 -41.98 -40.68 -19.02
C LYS B 111 -40.70 -40.48 -18.23
N GLU B 112 -39.59 -40.32 -18.95
CA GLU B 112 -38.28 -40.12 -18.33
C GLU B 112 -37.35 -39.41 -19.30
N TYR B 113 -36.82 -38.26 -18.90
CA TYR B 113 -35.92 -37.50 -19.75
C TYR B 113 -34.50 -38.00 -19.55
N LYS B 114 -33.74 -38.18 -20.64
CA LYS B 114 -32.37 -38.69 -20.60
C LYS B 114 -31.29 -37.65 -20.98
N GLY B 115 -31.68 -36.46 -21.41
CA GLY B 115 -30.74 -35.41 -21.76
C GLY B 115 -30.09 -35.56 -23.12
N ASN B 116 -30.84 -36.05 -24.10
CA ASN B 116 -30.31 -36.25 -25.46
C ASN B 116 -30.86 -35.27 -26.48
N VAL B 117 -31.94 -34.57 -26.14
CA VAL B 117 -32.56 -33.63 -27.10
C VAL B 117 -31.81 -32.31 -27.18
N LYS B 118 -31.70 -31.80 -28.40
CA LYS B 118 -31.05 -30.51 -28.67
C LYS B 118 -32.11 -29.62 -29.26
N VAL B 119 -32.23 -28.38 -28.73
CA VAL B 119 -33.24 -27.44 -29.21
C VAL B 119 -32.58 -26.45 -30.16
N ARG B 120 -33.13 -26.31 -31.38
CA ARG B 120 -32.58 -25.41 -32.38
C ARG B 120 -33.61 -24.38 -32.85
N HIS B 121 -33.13 -23.18 -33.18
CA HIS B 121 -33.98 -22.10 -33.67
C HIS B 121 -33.79 -22.15 -35.19
N PHE B 122 -34.87 -22.21 -35.97
CA PHE B 122 -34.75 -22.30 -37.42
C PHE B 122 -33.83 -21.27 -38.05
N ALA B 123 -33.71 -20.06 -37.46
CA ALA B 123 -32.84 -19.04 -38.01
C ALA B 123 -31.38 -19.42 -37.84
N GLU B 124 -30.96 -19.78 -36.61
CA GLU B 124 -29.57 -20.18 -36.38
C GLU B 124 -29.27 -21.51 -37.09
N LEU B 125 -30.30 -22.34 -37.27
CA LEU B 125 -30.12 -23.61 -37.97
C LEU B 125 -29.75 -23.30 -39.41
N ILE B 126 -30.51 -22.38 -40.02
CA ILE B 126 -30.29 -21.94 -41.39
C ILE B 126 -28.91 -21.30 -41.57
N TYR B 127 -28.48 -20.50 -40.60
CA TYR B 127 -27.20 -19.81 -40.66
C TYR B 127 -25.98 -20.71 -40.44
N ASN B 128 -26.02 -21.59 -39.44
CA ASN B 128 -24.88 -22.46 -39.13
C ASN B 128 -24.81 -23.76 -39.92
N ASP B 129 -25.93 -24.48 -40.08
CA ASP B 129 -25.92 -25.77 -40.77
C ASP B 129 -26.16 -25.69 -42.28
N ILE B 130 -27.31 -25.16 -42.70
CA ILE B 130 -27.65 -25.10 -44.12
C ILE B 130 -26.76 -24.11 -44.88
N GLY B 131 -26.79 -22.86 -44.46
CA GLY B 131 -26.00 -21.82 -45.11
C GLY B 131 -26.85 -20.77 -45.78
N VAL B 132 -26.38 -19.52 -45.77
CA VAL B 132 -27.09 -18.40 -46.39
C VAL B 132 -27.09 -18.56 -47.90
N ASP B 133 -26.03 -19.17 -48.45
CA ASP B 133 -25.90 -19.40 -49.89
C ASP B 133 -27.08 -20.19 -50.44
N LYS B 134 -27.59 -21.14 -49.66
CA LYS B 134 -28.71 -21.98 -50.10
C LYS B 134 -30.02 -21.19 -50.14
N ILE B 135 -30.16 -20.16 -49.30
CA ILE B 135 -31.37 -19.34 -49.30
C ILE B 135 -31.45 -18.61 -50.64
N ALA B 136 -30.37 -17.93 -51.02
CA ALA B 136 -30.29 -17.18 -52.28
C ALA B 136 -30.56 -18.06 -53.51
N GLU B 137 -30.11 -19.32 -53.47
CA GLU B 137 -30.30 -20.25 -54.60
C GLU B 137 -31.77 -20.55 -54.86
N LYS B 138 -32.62 -20.47 -53.83
CA LYS B 138 -34.05 -20.76 -53.96
C LYS B 138 -34.91 -19.51 -54.13
N VAL B 139 -34.30 -18.33 -54.30
CA VAL B 139 -35.08 -17.10 -54.46
C VAL B 139 -35.69 -17.02 -55.86
N GLU B 140 -36.99 -17.30 -55.96
CA GLU B 140 -37.71 -17.25 -57.23
C GLU B 140 -38.22 -15.83 -57.48
N ARG B 141 -38.69 -15.15 -56.43
CA ARG B 141 -39.20 -13.78 -56.50
C ARG B 141 -38.30 -12.90 -55.63
N PRO B 142 -37.26 -12.26 -56.19
CA PRO B 142 -36.38 -11.43 -55.35
C PRO B 142 -37.11 -10.21 -54.75
N LEU B 143 -37.30 -10.22 -53.43
CA LEU B 143 -38.00 -9.16 -52.71
C LEU B 143 -37.09 -7.96 -52.51
N ASN B 144 -37.29 -6.89 -53.29
CA ASN B 144 -36.46 -5.69 -53.17
C ASN B 144 -37.19 -4.59 -52.41
N ILE B 145 -37.15 -4.68 -51.08
CA ILE B 145 -37.79 -3.73 -50.18
C ILE B 145 -36.92 -3.60 -48.93
N ASN B 146 -37.10 -2.52 -48.18
CA ASN B 146 -36.34 -2.32 -46.95
C ASN B 146 -37.06 -3.07 -45.83
N VAL B 147 -36.31 -3.63 -44.88
CA VAL B 147 -36.90 -4.39 -43.78
C VAL B 147 -36.42 -3.92 -42.42
N GLY B 148 -37.34 -3.89 -41.46
CA GLY B 148 -37.05 -3.52 -40.09
C GLY B 148 -36.87 -4.79 -39.28
N VAL B 149 -35.64 -5.32 -39.27
CA VAL B 149 -35.31 -6.57 -38.57
C VAL B 149 -35.52 -6.49 -37.07
N HIS B 150 -36.30 -7.44 -36.52
CA HIS B 150 -36.57 -7.51 -35.09
C HIS B 150 -36.11 -8.88 -34.59
N TYR B 151 -34.90 -8.93 -34.04
CA TYR B 151 -34.29 -10.14 -33.51
C TYR B 151 -35.02 -10.76 -32.32
N GLY B 152 -35.65 -9.94 -31.51
CA GLY B 152 -36.34 -10.41 -30.31
C GLY B 152 -35.36 -10.52 -29.17
N CYS B 153 -35.78 -11.02 -28.02
CA CYS B 153 -34.88 -11.12 -26.89
C CYS B 153 -34.47 -12.53 -26.56
N HIS B 154 -35.44 -13.45 -26.59
CA HIS B 154 -35.20 -14.84 -26.24
C HIS B 154 -34.45 -15.68 -27.30
N PHE B 155 -34.11 -15.09 -28.44
CA PHE B 155 -33.39 -15.83 -29.47
C PHE B 155 -31.90 -15.98 -29.13
N LEU B 156 -31.20 -14.86 -28.94
CA LEU B 156 -29.77 -14.92 -28.63
C LEU B 156 -29.48 -14.91 -27.12
N LYS B 157 -30.33 -14.26 -26.33
CA LYS B 157 -30.11 -14.15 -24.90
C LYS B 157 -30.88 -15.16 -24.06
N PRO B 158 -30.27 -15.64 -22.96
CA PRO B 158 -28.92 -15.36 -22.47
C PRO B 158 -27.85 -15.91 -23.40
N THR B 159 -26.78 -15.16 -23.64
CA THR B 159 -25.69 -15.59 -24.54
C THR B 159 -24.82 -16.64 -23.90
N ASP B 160 -24.79 -16.68 -22.57
CA ASP B 160 -23.96 -17.66 -21.85
C ASP B 160 -24.44 -19.09 -22.02
N VAL B 161 -25.75 -19.31 -22.27
CA VAL B 161 -26.27 -20.68 -22.45
C VAL B 161 -26.57 -20.97 -23.93
N LYS B 162 -26.88 -19.94 -24.74
CA LYS B 162 -27.20 -20.12 -26.16
C LYS B 162 -25.97 -20.28 -27.04
N HIS B 163 -24.94 -19.46 -26.80
CA HIS B 163 -23.69 -19.51 -27.59
C HIS B 163 -23.92 -19.25 -29.08
N LEU B 164 -24.68 -18.19 -29.40
CA LEU B 164 -24.99 -17.79 -30.78
C LEU B 164 -24.37 -16.43 -31.08
N GLY B 165 -23.13 -16.23 -30.63
CA GLY B 165 -22.42 -14.97 -30.86
C GLY B 165 -22.94 -13.80 -30.03
N SER B 166 -22.57 -12.59 -30.45
CA SER B 166 -22.97 -11.36 -29.76
C SER B 166 -24.44 -11.04 -29.85
N ALA B 167 -24.99 -10.45 -28.78
CA ALA B 167 -26.38 -10.04 -28.71
C ALA B 167 -26.50 -8.54 -28.96
N GLU B 168 -25.40 -7.79 -28.72
CA GLU B 168 -25.36 -6.33 -28.90
C GLU B 168 -25.28 -5.96 -30.39
N ARG B 169 -24.47 -6.69 -31.16
CA ARG B 169 -24.29 -6.43 -32.58
C ARG B 169 -24.40 -7.72 -33.40
N PRO B 170 -25.60 -8.27 -33.54
CA PRO B 170 -25.73 -9.51 -34.32
C PRO B 170 -25.89 -9.26 -35.83
N VAL B 171 -25.48 -10.26 -36.64
CA VAL B 171 -25.59 -10.17 -38.11
C VAL B 171 -26.18 -11.49 -38.65
N MET B 172 -26.79 -12.30 -37.79
CA MET B 172 -27.37 -13.58 -38.20
C MET B 172 -28.57 -13.41 -39.11
N LEU B 173 -29.58 -12.65 -38.68
CA LEU B 173 -30.79 -12.44 -39.48
C LEU B 173 -30.52 -11.46 -40.61
N ASP B 174 -29.70 -10.44 -40.37
CA ASP B 174 -29.39 -9.44 -41.38
C ASP B 174 -28.92 -10.10 -42.67
N GLU B 175 -28.00 -11.05 -42.57
CA GLU B 175 -27.49 -11.74 -43.74
C GLU B 175 -28.56 -12.63 -44.38
N ILE B 176 -29.48 -13.19 -43.57
CA ILE B 176 -30.53 -14.05 -44.09
C ILE B 176 -31.56 -13.26 -44.89
N VAL B 177 -32.03 -12.13 -44.37
CA VAL B 177 -33.02 -11.32 -45.09
C VAL B 177 -32.42 -10.69 -46.35
N GLU B 178 -31.14 -10.28 -46.30
CA GLU B 178 -30.51 -9.65 -47.46
C GLU B 178 -30.25 -10.64 -48.60
N ALA B 179 -30.32 -11.95 -48.32
CA ALA B 179 -30.10 -12.95 -49.37
C ALA B 179 -31.29 -13.01 -50.33
N THR B 180 -32.44 -12.44 -49.92
CA THR B 180 -33.64 -12.41 -50.77
C THR B 180 -33.70 -11.14 -51.62
N GLY B 181 -32.75 -10.24 -51.42
CA GLY B 181 -32.69 -8.99 -52.16
C GLY B 181 -33.13 -7.79 -51.33
N ALA B 182 -33.65 -8.04 -50.12
CA ALA B 182 -34.12 -6.97 -49.24
C ALA B 182 -32.95 -6.21 -48.62
N LYS B 183 -33.23 -5.16 -47.84
CA LYS B 183 -32.21 -4.34 -47.20
C LYS B 183 -32.49 -4.19 -45.70
N SER B 184 -31.59 -4.69 -44.85
CA SER B 184 -31.77 -4.59 -43.40
C SER B 184 -31.36 -3.20 -42.94
N VAL B 185 -32.32 -2.27 -42.89
CA VAL B 185 -32.02 -0.90 -42.47
C VAL B 185 -31.70 -0.83 -40.98
N PRO B 186 -30.58 -0.22 -40.60
CA PRO B 186 -30.25 -0.12 -39.18
C PRO B 186 -31.01 1.02 -38.51
N TYR B 187 -31.78 0.72 -37.46
CA TYR B 187 -32.56 1.73 -36.76
C TYR B 187 -32.16 1.86 -35.29
N ALA B 188 -32.54 2.98 -34.67
CA ALA B 188 -32.20 3.27 -33.28
C ALA B 188 -32.72 2.18 -32.34
N ASP B 189 -31.86 1.73 -31.42
CA ASP B 189 -32.22 0.71 -30.43
C ASP B 189 -32.77 -0.52 -31.16
N LYS B 190 -31.99 -1.06 -32.09
CA LYS B 190 -32.39 -2.22 -32.89
C LYS B 190 -32.64 -3.46 -32.04
N MET B 191 -31.89 -3.61 -30.94
CA MET B 191 -32.02 -4.77 -30.08
C MET B 191 -32.97 -4.58 -28.90
N MET B 192 -33.75 -3.50 -28.86
CA MET B 192 -34.66 -3.34 -27.73
C MET B 192 -35.85 -4.30 -27.84
N CYS B 193 -36.47 -4.59 -26.68
CA CYS B 193 -37.62 -5.49 -26.55
C CYS B 193 -38.87 -4.92 -27.20
N CYS B 194 -39.77 -5.79 -27.72
CA CYS B 194 -41.01 -5.33 -28.34
C CYS B 194 -41.97 -4.86 -27.23
N GLY B 195 -41.77 -5.40 -26.03
CA GLY B 195 -42.57 -5.06 -24.85
C GLY B 195 -43.56 -6.12 -24.41
N ALA B 196 -43.89 -7.05 -25.30
CA ALA B 196 -44.87 -8.10 -25.02
C ALA B 196 -44.43 -9.18 -24.02
N GLY B 197 -43.16 -9.56 -24.08
CA GLY B 197 -42.59 -10.60 -23.22
C GLY B 197 -42.79 -10.51 -21.72
N GLY B 198 -42.50 -11.61 -21.05
CA GLY B 198 -42.62 -11.69 -19.59
C GLY B 198 -44.02 -11.53 -19.05
N GLY B 199 -45.03 -11.73 -19.89
CA GLY B 199 -46.42 -11.61 -19.48
C GLY B 199 -46.89 -10.17 -19.39
N VAL B 200 -46.03 -9.25 -19.84
CA VAL B 200 -46.32 -7.82 -19.79
C VAL B 200 -47.48 -7.44 -20.70
N ARG B 201 -47.54 -8.02 -21.91
CA ARG B 201 -48.64 -7.71 -22.84
C ARG B 201 -50.00 -7.92 -22.16
N ALA B 202 -50.12 -8.97 -21.35
CA ALA B 202 -51.38 -9.27 -20.66
C ALA B 202 -51.64 -8.39 -19.44
N ARG B 203 -50.72 -8.42 -18.45
CA ARG B 203 -50.88 -7.67 -17.20
C ARG B 203 -50.72 -6.14 -17.38
N GLU B 204 -49.67 -5.70 -18.11
CA GLU B 204 -49.44 -4.26 -18.34
C GLU B 204 -49.46 -3.99 -19.85
N LEU B 205 -50.65 -3.94 -20.44
CA LEU B 205 -50.79 -3.71 -21.88
C LEU B 205 -50.22 -2.35 -22.33
N GLU B 206 -50.77 -1.25 -21.81
CA GLU B 206 -50.31 0.09 -22.16
C GLU B 206 -48.77 0.18 -22.16
N LEU B 207 -48.10 -0.38 -21.14
CA LEU B 207 -46.65 -0.35 -21.07
C LEU B 207 -46.03 -1.04 -22.31
N SER B 208 -46.51 -2.25 -22.65
CA SER B 208 -45.98 -2.99 -23.80
C SER B 208 -46.15 -2.21 -25.10
N LEU B 209 -47.31 -1.58 -25.28
CA LEU B 209 -47.60 -0.83 -26.50
C LEU B 209 -46.65 0.35 -26.64
N ASP B 210 -46.28 0.98 -25.50
CA ASP B 210 -45.36 2.11 -25.49
C ASP B 210 -44.01 1.68 -26.07
N MET B 211 -43.55 0.50 -25.70
CA MET B 211 -42.26 0.02 -26.18
C MET B 211 -42.31 -0.33 -27.66
N THR B 212 -43.46 -0.83 -28.14
CA THR B 212 -43.65 -1.19 -29.55
C THR B 212 -43.73 0.07 -30.40
N ASN B 213 -44.42 1.09 -29.89
CA ASN B 213 -44.57 2.35 -30.60
C ASN B 213 -43.18 2.92 -30.92
N GLU B 214 -42.24 2.81 -29.97
CA GLU B 214 -40.89 3.31 -30.17
C GLU B 214 -40.19 2.54 -31.28
N LYS B 215 -40.27 1.21 -31.24
CA LYS B 215 -39.63 0.38 -32.26
C LYS B 215 -40.16 0.73 -33.64
N ILE B 216 -41.49 0.82 -33.79
CA ILE B 216 -42.10 1.15 -35.07
C ILE B 216 -41.60 2.50 -35.56
N GLU B 217 -41.66 3.51 -34.70
CA GLU B 217 -41.20 4.86 -35.04
C GLU B 217 -39.77 4.85 -35.59
N ASN B 218 -38.86 4.13 -34.92
CA ASN B 218 -37.46 4.05 -35.33
C ASN B 218 -37.30 3.36 -36.68
N MET B 219 -38.08 2.31 -36.93
CA MET B 219 -38.02 1.56 -38.18
C MET B 219 -38.48 2.41 -39.36
N ILE B 220 -39.60 3.11 -39.19
CA ILE B 220 -40.13 3.95 -40.26
C ILE B 220 -39.18 5.10 -40.55
N LYS B 221 -38.54 5.65 -39.51
CA LYS B 221 -37.60 6.75 -39.72
C LYS B 221 -36.33 6.26 -40.43
N ALA B 222 -36.00 4.97 -40.29
CA ALA B 222 -34.82 4.38 -40.92
C ALA B 222 -35.08 4.07 -42.40
N GLY B 223 -36.34 4.15 -42.81
CA GLY B 223 -36.75 3.90 -44.19
C GLY B 223 -37.25 2.49 -44.44
N ALA B 224 -37.83 1.85 -43.42
CA ALA B 224 -38.32 0.48 -43.56
C ALA B 224 -39.71 0.43 -44.19
N ASP B 225 -39.96 -0.60 -45.01
CA ASP B 225 -41.24 -0.81 -45.68
C ASP B 225 -42.09 -1.80 -44.87
N CYS B 226 -41.45 -2.61 -44.01
CA CYS B 226 -42.15 -3.58 -43.17
C CYS B 226 -41.25 -4.02 -42.02
N THR B 227 -41.76 -4.89 -41.14
CA THR B 227 -40.97 -5.39 -40.01
C THR B 227 -40.97 -6.91 -40.05
N VAL B 228 -39.78 -7.51 -40.01
CA VAL B 228 -39.66 -8.96 -40.03
C VAL B 228 -39.21 -9.43 -38.65
N ASN B 229 -39.92 -10.43 -38.10
CA ASN B 229 -39.62 -10.99 -36.80
C ASN B 229 -39.45 -12.50 -36.88
N VAL B 230 -39.02 -13.11 -35.78
CA VAL B 230 -38.82 -14.55 -35.72
C VAL B 230 -39.57 -15.06 -34.49
N CYS B 231 -40.68 -14.42 -34.16
CA CYS B 231 -41.44 -14.84 -32.99
C CYS B 231 -42.90 -14.48 -33.13
N PRO B 232 -43.82 -15.46 -33.08
CA PRO B 232 -45.24 -15.11 -33.19
C PRO B 232 -45.71 -14.13 -32.11
N PHE B 233 -45.06 -14.12 -30.94
CA PHE B 233 -45.45 -13.20 -29.88
C PHE B 233 -45.11 -11.79 -30.34
N CYS B 234 -43.91 -11.62 -30.93
CA CYS B 234 -43.49 -10.32 -31.45
C CYS B 234 -44.44 -9.93 -32.58
N HIS B 235 -44.73 -10.92 -33.46
CA HIS B 235 -45.63 -10.76 -34.59
C HIS B 235 -46.97 -10.19 -34.11
N LEU B 236 -47.57 -10.83 -33.10
CA LEU B 236 -48.84 -10.39 -32.54
C LEU B 236 -48.71 -8.96 -31.99
N GLN B 237 -47.66 -8.72 -31.22
CA GLN B 237 -47.43 -7.40 -30.63
C GLN B 237 -47.31 -6.33 -31.71
N PHE B 238 -46.54 -6.61 -32.76
CA PHE B 238 -46.35 -5.65 -33.85
C PHE B 238 -47.60 -5.51 -34.73
N ASP B 239 -48.35 -6.60 -34.90
CA ASP B 239 -49.54 -6.56 -35.75
C ASP B 239 -50.80 -6.14 -34.98
N ARG B 240 -51.25 -6.98 -34.04
CA ARG B 240 -52.45 -6.67 -33.26
C ARG B 240 -52.27 -5.40 -32.44
N GLY B 241 -51.06 -5.15 -31.96
CA GLY B 241 -50.77 -3.96 -31.16
C GLY B 241 -50.99 -2.65 -31.87
N GLN B 242 -50.77 -2.61 -33.19
CA GLN B 242 -50.97 -1.37 -33.94
C GLN B 242 -52.43 -0.93 -33.83
N ILE B 243 -53.34 -1.91 -33.81
CA ILE B 243 -54.77 -1.62 -33.71
C ILE B 243 -55.03 -1.04 -32.32
N GLU B 244 -54.40 -1.62 -31.30
CA GLU B 244 -54.55 -1.15 -29.92
C GLU B 244 -53.96 0.25 -29.78
N ILE B 245 -52.85 0.51 -30.48
CA ILE B 245 -52.20 1.82 -30.45
C ILE B 245 -53.10 2.85 -31.12
N LYS B 246 -53.71 2.48 -32.24
CA LYS B 246 -54.59 3.40 -32.96
C LYS B 246 -55.85 3.69 -32.13
N GLU B 247 -56.46 2.64 -31.56
CA GLU B 247 -57.67 2.81 -30.75
C GLU B 247 -57.34 3.53 -29.44
N LYS B 248 -56.12 3.35 -28.92
CA LYS B 248 -55.73 4.01 -27.66
C LYS B 248 -54.88 5.25 -27.88
N PHE B 249 -53.59 5.11 -28.18
CA PHE B 249 -52.72 6.27 -28.38
C PHE B 249 -53.21 7.22 -29.47
N GLY B 250 -53.79 6.68 -30.55
CA GLY B 250 -54.29 7.50 -31.64
C GLY B 250 -53.39 7.48 -32.87
N LYS B 251 -52.19 6.90 -32.75
CA LYS B 251 -51.22 6.83 -33.85
C LYS B 251 -51.50 5.68 -34.82
N GLU B 252 -51.49 5.98 -36.13
CA GLU B 252 -51.74 4.99 -37.17
C GLU B 252 -50.55 4.94 -38.11
N TYR B 253 -49.92 3.77 -38.25
CA TYR B 253 -48.77 3.62 -39.12
C TYR B 253 -49.06 2.71 -40.31
N ASN B 254 -50.03 1.79 -40.18
CA ASN B 254 -50.39 0.84 -41.26
C ASN B 254 -49.10 0.17 -41.74
N PHE B 255 -48.21 -0.14 -40.80
CA PHE B 255 -46.92 -0.77 -41.06
C PHE B 255 -47.03 -2.30 -41.17
N PRO B 256 -46.78 -2.88 -42.37
CA PRO B 256 -46.89 -4.33 -42.51
C PRO B 256 -45.96 -5.13 -41.61
N VAL B 257 -46.47 -6.24 -41.05
CA VAL B 257 -45.73 -7.12 -40.16
C VAL B 257 -45.57 -8.50 -40.80
N LEU B 258 -44.34 -9.04 -40.82
CA LEU B 258 -44.09 -10.36 -41.40
C LEU B 258 -43.15 -11.18 -40.56
N HIS B 259 -43.27 -12.50 -40.66
CA HIS B 259 -42.40 -13.43 -39.95
C HIS B 259 -41.28 -13.78 -40.94
N LEU B 260 -40.12 -14.21 -40.45
CA LEU B 260 -39.00 -14.54 -41.36
C LEU B 260 -39.39 -15.63 -42.35
N SER B 261 -40.10 -16.68 -41.91
CA SER B 261 -40.51 -17.75 -42.81
C SER B 261 -41.49 -17.20 -43.84
N GLN B 262 -42.43 -16.36 -43.40
CA GLN B 262 -43.41 -15.77 -44.30
C GLN B 262 -42.67 -14.93 -45.33
N LEU B 263 -41.63 -14.21 -44.89
CA LEU B 263 -40.84 -13.40 -45.80
C LEU B 263 -40.12 -14.33 -46.76
N LEU B 264 -39.52 -15.41 -46.24
CA LEU B 264 -38.81 -16.37 -47.07
C LEU B 264 -39.75 -17.06 -48.04
N GLY B 265 -41.02 -17.21 -47.65
CA GLY B 265 -42.01 -17.84 -48.50
C GLY B 265 -42.18 -17.04 -49.78
N LEU B 266 -42.47 -15.74 -49.62
CA LEU B 266 -42.63 -14.82 -50.74
C LEU B 266 -41.40 -14.85 -51.64
N ALA B 267 -40.21 -14.95 -51.03
CA ALA B 267 -38.97 -15.00 -51.78
C ALA B 267 -38.87 -16.27 -52.61
N MET B 268 -39.41 -17.38 -52.11
CA MET B 268 -39.37 -18.66 -52.82
C MET B 268 -40.63 -18.90 -53.65
N GLY B 269 -41.15 -17.83 -54.25
CA GLY B 269 -42.33 -17.89 -55.10
C GLY B 269 -43.60 -18.50 -54.52
N MET B 270 -43.94 -18.16 -53.28
CA MET B 270 -45.16 -18.72 -52.68
C MET B 270 -46.36 -17.85 -52.98
N ASP B 271 -47.55 -18.46 -52.92
CA ASP B 271 -48.81 -17.77 -53.17
C ASP B 271 -49.20 -16.98 -51.91
N PRO B 272 -49.46 -15.66 -52.04
CA PRO B 272 -49.84 -14.88 -50.84
C PRO B 272 -51.10 -15.37 -50.14
N LYS B 273 -51.95 -16.14 -50.83
CA LYS B 273 -53.17 -16.69 -50.25
C LYS B 273 -52.81 -17.78 -49.24
N ASP B 274 -51.75 -18.55 -49.54
CA ASP B 274 -51.30 -19.62 -48.65
C ASP B 274 -50.51 -19.10 -47.45
N LEU B 275 -50.04 -17.84 -47.50
CA LEU B 275 -49.29 -17.23 -46.40
C LEU B 275 -50.23 -16.55 -45.37
N ALA B 276 -51.55 -16.66 -45.56
CA ALA B 276 -52.57 -16.09 -44.67
C ALA B 276 -52.28 -14.65 -44.25
N LEU B 277 -52.10 -13.77 -45.22
CA LEU B 277 -51.81 -12.38 -44.93
C LEU B 277 -53.12 -11.61 -44.70
N SER B 278 -54.25 -12.21 -45.08
CA SER B 278 -55.55 -11.56 -44.92
C SER B 278 -56.00 -11.55 -43.44
N VAL B 279 -55.67 -12.60 -42.68
CA VAL B 279 -56.05 -12.65 -41.26
C VAL B 279 -55.25 -11.66 -40.42
N HIS B 280 -54.20 -11.04 -40.99
CA HIS B 280 -53.40 -10.06 -40.24
C HIS B 280 -54.26 -8.86 -39.87
N GLN B 281 -54.02 -8.32 -38.69
CA GLN B 281 -54.76 -7.15 -38.19
C GLN B 281 -54.38 -5.93 -39.02
N ILE B 282 -53.14 -5.86 -39.50
CA ILE B 282 -52.68 -4.76 -40.34
C ILE B 282 -52.52 -5.29 -41.75
N SER B 283 -53.06 -4.59 -42.74
CA SER B 283 -52.99 -5.03 -44.13
C SER B 283 -51.55 -5.15 -44.63
N VAL B 284 -51.28 -6.23 -45.37
CA VAL B 284 -49.98 -6.50 -45.94
C VAL B 284 -49.98 -6.05 -47.41
N ASP B 285 -51.15 -5.66 -47.92
CA ASP B 285 -51.30 -5.21 -49.31
C ASP B 285 -50.35 -4.06 -49.67
N PRO B 286 -50.20 -3.02 -48.83
CA PRO B 286 -49.28 -1.93 -49.22
C PRO B 286 -47.90 -2.45 -49.61
N LEU B 287 -47.39 -3.44 -48.87
CA LEU B 287 -46.08 -4.02 -49.15
C LEU B 287 -46.14 -4.84 -50.44
N LEU B 288 -47.24 -5.58 -50.65
CA LEU B 288 -47.41 -6.40 -51.85
C LEU B 288 -47.36 -5.55 -53.11
N LYS B 289 -47.73 -4.26 -53.02
CA LYS B 289 -47.70 -3.37 -54.19
C LYS B 289 -46.24 -3.05 -54.55
N LYS B 290 -45.34 -3.14 -53.56
CA LYS B 290 -43.92 -2.87 -53.77
C LYS B 290 -43.16 -4.14 -54.22
N ILE B 291 -43.82 -5.31 -54.15
CA ILE B 291 -43.23 -6.59 -54.56
C ILE B 291 -44.29 -7.42 -55.30
N MET C 1 -39.78 6.28 6.86
CA MET C 1 -39.26 5.62 8.05
C MET C 1 -39.41 4.12 7.91
N ILE C 2 -38.31 3.39 7.90
CA ILE C 2 -38.33 1.96 7.78
C ILE C 2 -37.67 1.40 9.00
N TYR C 3 -38.45 0.69 9.80
CA TYR C 3 -37.97 0.08 11.05
C TYR C 3 -37.72 -1.40 10.82
N SER C 4 -37.00 -2.02 11.77
CA SER C 4 -36.68 -3.44 11.70
C SER C 4 -37.95 -4.27 11.63
N SER C 5 -38.96 -3.93 12.45
CA SER C 5 -40.23 -4.64 12.49
C SER C 5 -40.93 -4.74 11.13
N ASP C 6 -40.62 -3.83 10.20
CA ASP C 6 -41.26 -3.86 8.89
C ASP C 6 -40.51 -4.77 7.92
N LEU C 7 -39.24 -5.07 8.22
CA LEU C 7 -38.41 -5.90 7.35
C LEU C 7 -38.45 -7.41 7.66
N ASN C 8 -38.17 -8.21 6.63
CA ASN C 8 -38.12 -9.68 6.70
C ASN C 8 -36.71 -10.09 6.37
N LYS C 9 -35.94 -10.38 7.41
CA LYS C 9 -34.54 -10.78 7.29
C LYS C 9 -34.33 -11.98 6.39
N ASN C 10 -35.32 -12.87 6.31
CA ASN C 10 -35.19 -14.08 5.52
C ASN C 10 -35.66 -13.94 4.09
N LEU C 11 -36.22 -12.79 3.71
CA LEU C 11 -36.72 -12.58 2.34
C LEU C 11 -35.72 -13.09 1.28
N ALA C 12 -34.45 -12.68 1.38
CA ALA C 12 -33.43 -13.10 0.43
C ALA C 12 -33.35 -14.64 0.39
N SER C 13 -33.23 -15.27 1.56
CA SER C 13 -33.17 -16.75 1.64
C SER C 13 -34.44 -17.37 1.10
N GLN C 14 -35.57 -16.73 1.35
CA GLN C 14 -36.84 -17.24 0.86
C GLN C 14 -36.85 -17.24 -0.67
N ILE C 15 -36.21 -16.23 -1.28
CA ILE C 15 -36.15 -16.15 -2.74
C ILE C 15 -35.25 -17.27 -3.24
N ILE C 16 -34.10 -17.44 -2.59
CA ILE C 16 -33.17 -18.50 -2.97
C ILE C 16 -33.86 -19.88 -2.86
N GLU C 17 -34.53 -20.15 -1.73
CA GLU C 17 -35.22 -21.44 -1.57
C GLU C 17 -36.24 -21.64 -2.68
N ALA C 18 -37.00 -20.61 -3.00
CA ALA C 18 -38.01 -20.71 -4.06
C ALA C 18 -37.37 -21.05 -5.39
N GLY C 19 -36.13 -20.62 -5.58
CA GLY C 19 -35.40 -20.87 -6.81
C GLY C 19 -34.60 -22.15 -6.80
N THR C 20 -34.77 -22.99 -5.76
CA THR C 20 -34.06 -24.26 -5.66
C THR C 20 -35.07 -25.39 -5.70
N PRO C 21 -34.83 -26.44 -6.52
CA PRO C 21 -33.69 -26.67 -7.43
C PRO C 21 -33.85 -26.06 -8.82
N ILE C 22 -35.00 -25.43 -9.09
CA ILE C 22 -35.26 -24.81 -10.39
C ILE C 22 -35.40 -23.29 -10.14
N PRO C 23 -34.55 -22.45 -10.74
CA PRO C 23 -33.47 -22.76 -11.69
C PRO C 23 -32.18 -23.25 -11.07
N GLY C 24 -32.11 -23.27 -9.75
CA GLY C 24 -30.92 -23.72 -9.05
C GLY C 24 -30.43 -22.78 -7.97
N ASP C 25 -29.77 -23.34 -6.95
CA ASP C 25 -29.24 -22.58 -5.83
C ASP C 25 -28.22 -21.56 -6.30
N ASP C 26 -27.24 -22.01 -7.08
CA ASP C 26 -26.16 -21.13 -7.57
C ASP C 26 -26.70 -19.99 -8.44
N VAL C 27 -27.77 -20.22 -9.17
CA VAL C 27 -28.33 -19.20 -10.04
C VAL C 27 -28.99 -18.09 -9.24
N VAL C 28 -29.93 -18.44 -8.38
CA VAL C 28 -30.65 -17.45 -7.61
C VAL C 28 -29.81 -16.82 -6.54
N SER C 29 -28.92 -17.59 -5.90
CA SER C 29 -28.07 -17.00 -4.85
C SER C 29 -27.19 -15.86 -5.40
N SER C 30 -27.15 -15.70 -6.72
CA SER C 30 -26.35 -14.66 -7.32
C SER C 30 -26.85 -13.27 -6.90
N LEU C 31 -28.11 -13.15 -6.42
CA LEU C 31 -28.59 -11.84 -5.99
C LEU C 31 -27.74 -11.32 -4.85
N LYS C 32 -27.21 -12.23 -4.03
CA LYS C 32 -26.37 -11.83 -2.90
C LYS C 32 -25.10 -11.10 -3.33
N ALA C 33 -24.68 -11.24 -4.60
CA ALA C 33 -23.46 -10.58 -5.13
C ALA C 33 -23.72 -9.19 -5.74
N CYS C 34 -24.97 -8.75 -5.80
CA CYS C 34 -25.28 -7.44 -6.37
C CYS C 34 -24.69 -6.32 -5.52
N TYR C 35 -23.97 -5.37 -6.15
CA TYR C 35 -23.38 -4.25 -5.41
C TYR C 35 -24.03 -2.93 -5.77
N GLN C 36 -25.32 -3.01 -6.10
CA GLN C 36 -26.11 -1.82 -6.41
C GLN C 36 -25.40 -0.80 -7.31
N CYS C 37 -24.91 -1.24 -8.46
CA CYS C 37 -24.21 -0.33 -9.37
C CYS C 37 -25.16 0.43 -10.28
N GLY C 38 -26.33 -0.14 -10.54
CA GLY C 38 -27.33 0.50 -11.38
C GLY C 38 -27.22 0.19 -12.85
N THR C 39 -26.29 -0.69 -13.25
CA THR C 39 -26.16 -1.02 -14.66
C THR C 39 -27.46 -1.66 -15.14
N CYS C 40 -28.14 -2.42 -14.27
CA CYS C 40 -29.40 -3.06 -14.67
C CYS C 40 -30.50 -2.02 -14.95
N THR C 41 -30.62 -0.99 -14.11
CA THR C 41 -31.65 0.03 -14.28
C THR C 41 -31.44 0.87 -15.55
N GLY C 42 -30.20 1.21 -15.85
CA GLY C 42 -29.87 1.98 -17.04
C GLY C 42 -30.13 1.19 -18.31
N SER C 43 -30.00 -0.13 -18.21
CA SER C 43 -30.22 -1.04 -19.34
C SER C 43 -31.70 -1.34 -19.59
N CYS C 44 -32.49 -1.33 -18.52
CA CYS C 44 -33.90 -1.65 -18.55
C CYS C 44 -34.74 -0.80 -19.49
N PRO C 45 -35.46 -1.41 -20.45
CA PRO C 45 -36.30 -0.63 -21.36
C PRO C 45 -37.60 -0.20 -20.71
N SER C 46 -38.08 -0.97 -19.72
CA SER C 46 -39.33 -0.62 -19.05
C SER C 46 -39.09 0.60 -18.14
N GLY C 47 -37.92 0.65 -17.50
CA GLY C 47 -37.56 1.74 -16.60
C GLY C 47 -37.51 3.09 -17.25
N ARG C 48 -37.41 3.13 -18.58
CA ARG C 48 -37.37 4.41 -19.29
C ARG C 48 -38.76 5.03 -19.35
N ARG C 49 -39.83 4.24 -19.15
CA ARG C 49 -41.21 4.74 -19.21
C ARG C 49 -42.01 4.50 -17.95
N THR C 50 -41.35 4.11 -16.84
CA THR C 50 -42.08 3.86 -15.61
C THR C 50 -41.21 4.10 -14.40
N SER C 51 -41.82 3.96 -13.21
CA SER C 51 -41.12 4.14 -11.93
C SER C 51 -40.28 2.89 -11.59
N TYR C 52 -40.39 1.80 -12.39
CA TYR C 52 -39.66 0.55 -12.19
C TYR C 52 -38.15 0.71 -12.27
N ARG C 53 -37.47 0.33 -11.20
CA ARG C 53 -36.01 0.42 -11.12
C ARG C 53 -35.49 -0.94 -10.73
N THR C 54 -34.98 -1.66 -11.71
CA THR C 54 -34.44 -3.01 -11.53
C THR C 54 -33.53 -3.14 -10.32
N ARG C 55 -32.68 -2.14 -10.06
CA ARG C 55 -31.75 -2.20 -8.94
C ARG C 55 -32.43 -2.18 -7.59
N LYS C 56 -33.58 -1.49 -7.48
CA LYS C 56 -34.27 -1.39 -6.20
C LYS C 56 -34.97 -2.70 -5.82
N VAL C 57 -35.30 -3.52 -6.81
CA VAL C 57 -35.97 -4.79 -6.54
C VAL C 57 -34.96 -5.64 -5.78
N ILE C 58 -33.75 -5.71 -6.32
CA ILE C 58 -32.70 -6.46 -5.68
C ILE C 58 -32.43 -5.86 -4.30
N ARG C 59 -32.44 -4.52 -4.20
CA ARG C 59 -32.19 -3.86 -2.93
C ARG C 59 -33.22 -4.27 -1.91
N LYS C 60 -34.50 -4.09 -2.23
CA LYS C 60 -35.61 -4.44 -1.35
C LYS C 60 -35.51 -5.91 -0.92
N ALA C 61 -35.09 -6.79 -1.83
CA ALA C 61 -34.94 -8.20 -1.52
C ALA C 61 -33.87 -8.40 -0.47
N LEU C 62 -32.71 -7.74 -0.65
CA LEU C 62 -31.60 -7.88 0.29
C LEU C 62 -31.91 -7.22 1.63
N LEU C 63 -32.68 -6.13 1.59
CA LEU C 63 -33.03 -5.40 2.81
C LEU C 63 -34.14 -6.11 3.59
N GLY C 64 -35.07 -6.74 2.89
CA GLY C 64 -36.18 -7.44 3.54
C GLY C 64 -37.54 -6.80 3.32
N MET C 65 -37.67 -5.97 2.31
CA MET C 65 -38.94 -5.32 2.04
C MET C 65 -39.88 -6.26 1.30
N ASP C 66 -40.76 -6.92 2.05
CA ASP C 66 -41.75 -7.84 1.52
C ASP C 66 -42.63 -7.18 0.47
N ASP C 67 -42.98 -5.89 0.68
CA ASP C 67 -43.84 -5.16 -0.25
C ASP C 67 -43.43 -5.38 -1.70
N VAL C 68 -42.15 -5.69 -1.94
CA VAL C 68 -41.68 -5.93 -3.30
C VAL C 68 -42.51 -7.05 -3.99
N LEU C 69 -42.99 -8.02 -3.21
CA LEU C 69 -43.78 -9.13 -3.74
C LEU C 69 -45.17 -8.66 -4.14
N ASP C 70 -45.63 -7.58 -3.51
CA ASP C 70 -46.96 -7.04 -3.80
C ASP C 70 -46.88 -5.96 -4.87
N SER C 71 -45.67 -5.57 -5.26
CA SER C 71 -45.48 -4.51 -6.25
C SER C 71 -45.82 -4.89 -7.66
N ASP C 72 -46.41 -3.94 -8.42
CA ASP C 72 -46.77 -4.14 -9.82
C ASP C 72 -45.49 -3.99 -10.64
N ASP C 73 -44.49 -3.31 -10.06
CA ASP C 73 -43.20 -3.04 -10.70
C ASP C 73 -42.51 -4.32 -11.18
N ILE C 74 -42.51 -5.40 -10.38
CA ILE C 74 -41.85 -6.64 -10.80
C ILE C 74 -42.50 -7.26 -12.03
N TRP C 75 -43.81 -7.03 -12.22
CA TRP C 75 -44.54 -7.56 -13.36
C TRP C 75 -44.35 -6.69 -14.60
N LYS C 76 -43.55 -5.63 -14.53
CA LYS C 76 -43.32 -4.76 -15.67
C LYS C 76 -42.07 -5.23 -16.42
N CYS C 77 -41.31 -6.12 -15.83
CA CYS C 77 -40.11 -6.67 -16.44
C CYS C 77 -40.52 -7.54 -17.64
N THR C 78 -39.95 -7.29 -18.84
CA THR C 78 -40.32 -8.08 -20.03
C THR C 78 -39.48 -9.33 -20.20
N THR C 79 -38.45 -9.50 -19.36
CA THR C 79 -37.53 -10.63 -19.41
C THR C 79 -36.71 -10.56 -20.69
N CYS C 80 -36.18 -9.37 -21.01
CA CYS C 80 -35.37 -9.19 -22.20
C CYS C 80 -33.94 -9.70 -21.94
N TYR C 81 -33.58 -9.99 -20.68
CA TYR C 81 -32.25 -10.47 -20.30
C TYR C 81 -31.11 -9.44 -20.57
N THR C 82 -31.45 -8.17 -20.78
CA THR C 82 -30.38 -7.19 -21.04
C THR C 82 -29.59 -6.91 -19.77
N CYS C 83 -30.27 -6.86 -18.63
CA CYS C 83 -29.60 -6.61 -17.37
C CYS C 83 -28.70 -7.78 -17.01
N TYR C 84 -29.22 -8.98 -17.26
CA TYR C 84 -28.56 -10.24 -17.01
C TYR C 84 -27.24 -10.27 -17.77
N GLU C 85 -27.27 -9.79 -19.01
CA GLU C 85 -26.10 -9.78 -19.89
C GLU C 85 -25.03 -8.79 -19.49
N ARG C 86 -25.43 -7.62 -18.98
CA ARG C 86 -24.47 -6.58 -18.61
C ARG C 86 -24.00 -6.55 -17.15
N CYS C 87 -24.74 -7.16 -16.19
CA CYS C 87 -24.27 -7.08 -14.81
C CYS C 87 -22.83 -7.51 -14.62
N PRO C 88 -22.01 -6.64 -14.02
CA PRO C 88 -20.59 -7.00 -13.82
C PRO C 88 -20.36 -7.97 -12.65
N ARG C 89 -21.39 -8.23 -11.83
CA ARG C 89 -21.26 -9.13 -10.68
C ARG C 89 -21.90 -10.53 -10.93
N ASP C 90 -22.24 -10.85 -12.19
CA ASP C 90 -22.84 -12.12 -12.58
C ASP C 90 -24.18 -12.40 -11.90
N VAL C 91 -24.93 -11.37 -11.58
CA VAL C 91 -26.22 -11.53 -10.95
C VAL C 91 -27.17 -12.03 -12.03
N LYS C 92 -27.84 -13.16 -11.79
CA LYS C 92 -28.79 -13.72 -12.74
C LYS C 92 -30.09 -12.96 -12.52
N VAL C 93 -30.03 -11.65 -12.78
CA VAL C 93 -31.13 -10.70 -12.57
C VAL C 93 -32.47 -11.15 -13.12
N THR C 94 -32.51 -11.54 -14.39
CA THR C 94 -33.79 -11.93 -14.99
C THR C 94 -34.37 -13.14 -14.29
N GLU C 95 -33.51 -14.09 -13.97
CA GLU C 95 -33.94 -15.31 -13.31
C GLU C 95 -34.42 -15.01 -11.90
N ILE C 96 -33.78 -14.05 -11.22
CA ILE C 96 -34.17 -13.70 -9.86
C ILE C 96 -35.57 -13.08 -9.88
N ILE C 97 -35.83 -12.19 -10.83
CA ILE C 97 -37.14 -11.55 -10.94
C ILE C 97 -38.25 -12.59 -11.12
N LYS C 98 -38.00 -13.58 -11.98
CA LYS C 98 -39.00 -14.64 -12.22
C LYS C 98 -39.27 -15.39 -10.92
N THR C 99 -38.21 -15.70 -10.18
CA THR C 99 -38.37 -16.40 -8.91
C THR C 99 -39.12 -15.51 -7.95
N ILE C 100 -38.79 -14.22 -7.92
CA ILE C 100 -39.50 -13.30 -7.04
C ILE C 100 -40.99 -13.38 -7.39
N ARG C 101 -41.32 -13.37 -8.70
CA ARG C 101 -42.71 -13.45 -9.16
C ARG C 101 -43.35 -14.75 -8.70
N ASN C 102 -42.56 -15.82 -8.58
CA ASN C 102 -43.09 -17.10 -8.13
C ASN C 102 -43.60 -16.93 -6.70
N LEU C 103 -42.85 -16.21 -5.87
CA LEU C 103 -43.27 -15.98 -4.49
C LEU C 103 -44.48 -15.06 -4.47
N ALA C 104 -44.51 -14.08 -5.40
CA ALA C 104 -45.65 -13.15 -5.47
C ALA C 104 -46.91 -13.92 -5.80
N ALA C 105 -46.80 -14.88 -6.73
CA ALA C 105 -47.91 -15.71 -7.14
C ALA C 105 -48.44 -16.51 -5.95
N GLN C 106 -47.52 -17.05 -5.14
CA GLN C 106 -47.87 -17.82 -3.95
C GLN C 106 -48.59 -16.95 -2.93
N LYS C 107 -48.30 -15.65 -2.90
CA LYS C 107 -48.94 -14.74 -1.97
C LYS C 107 -50.33 -14.34 -2.50
N GLY C 108 -50.63 -14.73 -3.73
CA GLY C 108 -51.91 -14.43 -4.36
C GLY C 108 -51.89 -13.16 -5.20
N ASN C 109 -50.69 -12.73 -5.62
CA ASN C 109 -50.57 -11.53 -6.45
C ASN C 109 -50.42 -11.92 -7.92
N MET C 110 -51.52 -12.37 -8.53
CA MET C 110 -51.51 -12.78 -9.93
C MET C 110 -52.65 -12.10 -10.65
N ALA C 111 -52.41 -11.67 -11.90
CA ALA C 111 -53.45 -11.02 -12.68
C ALA C 111 -54.43 -12.06 -13.18
N LYS C 112 -55.66 -11.63 -13.46
CA LYS C 112 -56.68 -12.55 -13.95
C LYS C 112 -56.29 -13.07 -15.32
N ALA C 113 -55.91 -12.19 -16.25
CA ALA C 113 -55.54 -12.63 -17.60
C ALA C 113 -54.47 -13.72 -17.52
N HIS C 114 -53.53 -13.56 -16.59
CA HIS C 114 -52.46 -14.54 -16.42
C HIS C 114 -53.03 -15.86 -15.93
N LYS C 115 -53.89 -15.79 -14.89
CA LYS C 115 -54.56 -16.97 -14.32
C LYS C 115 -55.40 -17.64 -15.39
N MET C 116 -55.99 -16.84 -16.28
CA MET C 116 -56.82 -17.36 -17.37
C MET C 116 -55.94 -18.12 -18.36
N THR C 117 -54.80 -17.53 -18.73
CA THR C 117 -53.89 -18.19 -19.66
C THR C 117 -53.45 -19.53 -19.06
N ALA C 118 -53.12 -19.54 -17.76
CA ALA C 118 -52.70 -20.76 -17.08
C ALA C 118 -53.83 -21.81 -17.08
N MET C 119 -55.09 -21.35 -17.01
CA MET C 119 -56.25 -22.24 -17.01
C MET C 119 -56.45 -22.88 -18.38
N TYR C 120 -56.17 -22.14 -19.46
CA TYR C 120 -56.35 -22.70 -20.80
C TYR C 120 -55.35 -23.81 -21.08
N VAL C 121 -54.17 -23.78 -20.48
CA VAL C 121 -53.18 -24.84 -20.70
C VAL C 121 -53.56 -26.03 -19.83
N LEU C 122 -54.22 -25.76 -18.71
CA LEU C 122 -54.67 -26.79 -17.81
C LEU C 122 -55.87 -27.51 -18.45
N LYS C 123 -56.82 -26.73 -18.99
CA LYS C 123 -58.03 -27.27 -19.62
C LYS C 123 -57.81 -27.79 -21.03
N TYR C 124 -57.30 -26.95 -21.93
CA TYR C 124 -57.10 -27.32 -23.33
C TYR C 124 -55.64 -27.58 -23.72
N GLY C 125 -54.75 -27.61 -22.74
CA GLY C 125 -53.33 -27.85 -22.98
C GLY C 125 -52.61 -26.77 -23.77
N HIS C 126 -53.28 -25.66 -24.08
CA HIS C 126 -52.63 -24.60 -24.86
C HIS C 126 -52.99 -23.20 -24.37
N ALA C 127 -52.05 -22.25 -24.54
CA ALA C 127 -52.22 -20.86 -24.13
C ALA C 127 -53.24 -20.16 -25.01
N VAL C 128 -53.21 -20.48 -26.31
CA VAL C 128 -54.12 -19.93 -27.30
C VAL C 128 -54.80 -21.13 -27.96
N PRO C 129 -55.90 -21.66 -27.38
CA PRO C 129 -56.54 -22.83 -27.99
C PRO C 129 -57.28 -22.52 -29.29
N ALA C 130 -57.45 -23.56 -30.12
CA ALA C 130 -58.13 -23.43 -31.40
C ALA C 130 -59.63 -23.19 -31.23
N ASN C 131 -60.17 -22.27 -32.04
CA ASN C 131 -61.59 -21.93 -32.03
C ASN C 131 -62.23 -22.40 -33.34
N LYS C 132 -63.55 -22.19 -33.49
CA LYS C 132 -64.26 -22.59 -34.71
C LYS C 132 -63.59 -22.00 -35.96
N ASN C 133 -63.08 -20.75 -35.88
CA ASN C 133 -62.43 -20.10 -37.03
C ASN C 133 -61.08 -20.75 -37.38
N THR C 134 -60.40 -21.35 -36.39
CA THR C 134 -59.12 -22.00 -36.61
C THR C 134 -59.30 -23.16 -37.60
N ALA C 135 -60.28 -24.02 -37.32
CA ALA C 135 -60.59 -25.17 -38.16
C ALA C 135 -60.85 -24.75 -39.60
N GLU C 136 -61.58 -23.65 -39.80
CA GLU C 136 -61.89 -23.16 -41.15
C GLU C 136 -60.65 -22.54 -41.78
N LEU C 137 -59.88 -21.78 -41.00
CA LEU C 137 -58.67 -21.13 -41.50
C LEU C 137 -57.60 -22.14 -41.89
N ARG C 138 -57.30 -23.10 -41.01
CA ARG C 138 -56.29 -24.13 -41.29
C ARG C 138 -56.64 -24.91 -42.56
N LYS C 139 -57.93 -25.16 -42.76
CA LYS C 139 -58.42 -25.90 -43.92
C LYS C 139 -58.18 -25.10 -45.20
N SER C 140 -58.63 -23.85 -45.22
CA SER C 140 -58.50 -22.97 -46.38
C SER C 140 -57.06 -22.73 -46.83
N ILE C 141 -56.08 -22.92 -45.95
CA ILE C 141 -54.67 -22.71 -46.27
C ILE C 141 -54.05 -23.93 -46.92
N GLY C 142 -54.32 -25.09 -46.35
CA GLY C 142 -53.79 -26.36 -46.83
C GLY C 142 -53.05 -27.08 -45.72
N LEU C 143 -53.68 -27.15 -44.54
CA LEU C 143 -53.12 -27.81 -43.37
C LEU C 143 -54.21 -28.64 -42.74
N SER C 144 -53.85 -29.54 -41.84
CA SER C 144 -54.82 -30.39 -41.16
C SER C 144 -55.80 -29.56 -40.35
N GLU C 145 -57.11 -29.79 -40.53
CA GLU C 145 -58.17 -29.07 -39.80
C GLU C 145 -57.79 -28.89 -38.33
N LYS C 146 -57.33 -29.96 -37.69
CA LYS C 146 -56.91 -29.96 -36.29
C LYS C 146 -55.42 -30.27 -36.27
N ALA C 147 -54.60 -29.43 -35.61
CA ALA C 147 -53.16 -29.64 -35.56
C ALA C 147 -52.78 -30.83 -34.66
N PRO C 148 -51.64 -31.49 -34.91
CA PRO C 148 -51.25 -32.63 -34.06
C PRO C 148 -50.67 -32.14 -32.73
N ILE C 149 -51.56 -31.62 -31.87
CA ILE C 149 -51.17 -31.09 -30.56
C ILE C 149 -51.97 -31.74 -29.44
N ALA C 150 -51.58 -31.48 -28.19
CA ALA C 150 -52.25 -32.03 -27.01
C ALA C 150 -53.72 -31.63 -26.87
N GLN C 151 -54.16 -30.57 -27.56
CA GLN C 151 -55.55 -30.13 -27.46
C GLN C 151 -56.53 -31.20 -27.95
N PHE C 152 -56.20 -31.89 -29.05
CA PHE C 152 -57.06 -32.92 -29.60
C PHE C 152 -56.55 -34.33 -29.28
N SER C 153 -55.86 -34.48 -28.14
CA SER C 153 -55.31 -35.76 -27.70
C SER C 153 -55.52 -35.85 -26.19
N GLU C 154 -56.57 -36.56 -25.76
CA GLU C 154 -56.89 -36.69 -24.35
C GLU C 154 -55.72 -37.24 -23.56
N LYS C 155 -55.06 -38.29 -24.08
CA LYS C 155 -53.92 -38.92 -23.40
C LYS C 155 -52.97 -37.85 -22.88
N ASP C 156 -52.48 -36.99 -23.78
CA ASP C 156 -51.55 -35.91 -23.43
C ASP C 156 -52.19 -34.91 -22.47
N LEU C 157 -53.47 -34.58 -22.68
CA LEU C 157 -54.18 -33.65 -21.81
C LEU C 157 -54.24 -34.19 -20.38
N ASN C 158 -54.53 -35.50 -20.23
CA ASN C 158 -54.63 -36.14 -18.92
C ASN C 158 -53.27 -36.21 -18.25
N GLU C 159 -52.21 -36.40 -19.05
CA GLU C 159 -50.85 -36.46 -18.49
C GLU C 159 -50.55 -35.13 -17.78
N MET C 160 -50.92 -34.02 -18.42
CA MET C 160 -50.71 -32.69 -17.83
C MET C 160 -51.47 -32.55 -16.52
N ASN C 161 -52.73 -33.01 -16.50
CA ASN C 161 -53.54 -32.90 -15.30
C ASN C 161 -52.91 -33.66 -14.14
N THR C 162 -52.27 -34.78 -14.44
CA THR C 162 -51.61 -35.61 -13.42
C THR C 162 -50.44 -34.83 -12.84
N LEU C 163 -49.61 -34.27 -13.73
CA LEU C 163 -48.43 -33.51 -13.34
C LEU C 163 -48.85 -32.27 -12.54
N ILE C 164 -49.82 -31.52 -13.07
CA ILE C 164 -50.32 -30.31 -12.43
C ILE C 164 -50.75 -30.58 -11.00
N LYS C 165 -51.58 -31.61 -10.81
CA LYS C 165 -52.06 -31.97 -9.48
C LYS C 165 -50.89 -32.24 -8.56
N GLU C 166 -49.92 -33.03 -9.03
CA GLU C 166 -48.75 -33.37 -8.23
C GLU C 166 -47.94 -32.13 -7.90
N LEU C 167 -47.79 -31.22 -8.89
CA LEU C 167 -47.04 -29.99 -8.71
C LEU C 167 -47.76 -29.00 -7.78
N GLY C 168 -49.09 -29.07 -7.76
CA GLY C 168 -49.89 -28.18 -6.93
C GLY C 168 -50.19 -26.88 -7.65
N PHE C 169 -49.98 -26.87 -8.96
CA PHE C 169 -50.21 -25.70 -9.79
C PHE C 169 -51.68 -25.33 -9.75
N ASP C 170 -52.56 -26.33 -9.70
CA ASP C 170 -54.00 -26.09 -9.63
C ASP C 170 -54.34 -25.34 -8.34
N GLU C 171 -53.73 -25.74 -7.22
CA GLU C 171 -53.96 -25.09 -5.93
C GLU C 171 -53.44 -23.66 -5.96
N LEU C 172 -52.29 -23.48 -6.62
CA LEU C 172 -51.65 -22.17 -6.73
C LEU C 172 -52.56 -21.19 -7.44
N ILE C 173 -53.06 -21.58 -8.62
CA ILE C 173 -53.95 -20.71 -9.38
C ILE C 173 -55.35 -20.67 -8.78
N GLY C 174 -55.61 -21.54 -7.81
CA GLY C 174 -56.92 -21.60 -7.14
C GLY C 174 -57.98 -22.16 -8.07
N PHE C 175 -57.69 -23.27 -8.72
CA PHE C 175 -58.61 -23.90 -9.66
C PHE C 175 -59.44 -25.02 -9.00
N ASP C 176 -60.77 -24.97 -9.18
CA ASP C 176 -61.69 -25.98 -8.65
C ASP C 176 -61.98 -26.97 -9.78
N TRP C 177 -61.51 -28.21 -9.63
CA TRP C 177 -61.69 -29.23 -10.66
C TRP C 177 -63.14 -29.56 -11.02
N GLU C 178 -64.04 -29.63 -10.03
CA GLU C 178 -65.44 -29.97 -10.32
C GLU C 178 -66.16 -28.85 -11.09
N LYS C 179 -65.98 -27.59 -10.67
CA LYS C 179 -66.64 -26.47 -11.34
C LYS C 179 -65.93 -26.07 -12.64
N GLY C 180 -64.65 -26.38 -12.73
CA GLY C 180 -63.86 -26.07 -13.92
C GLY C 180 -63.54 -24.59 -14.04
N ALA C 181 -63.63 -23.85 -12.92
CA ALA C 181 -63.35 -22.42 -12.89
C ALA C 181 -62.40 -22.07 -11.76
N LEU C 182 -61.97 -20.81 -11.69
CA LEU C 182 -61.06 -20.37 -10.63
C LEU C 182 -61.80 -19.80 -9.43
N LYS C 183 -61.09 -19.65 -8.30
CA LYS C 183 -61.64 -19.13 -7.06
C LYS C 183 -61.01 -17.76 -6.74
N GLU C 184 -61.85 -16.75 -6.46
CA GLU C 184 -61.42 -15.38 -6.13
C GLU C 184 -60.60 -14.71 -7.24
N TRP D 4 -1.39 50.38 -6.23
CA TRP D 4 -0.32 49.99 -5.32
C TRP D 4 -0.55 48.61 -4.73
N GLU D 5 0.49 47.79 -4.71
CA GLU D 5 0.43 46.43 -4.17
C GLU D 5 1.56 46.31 -3.15
N PRO D 6 1.27 45.88 -1.90
CA PRO D 6 2.34 45.80 -0.91
C PRO D 6 3.55 44.96 -1.29
N LYS D 7 4.70 45.33 -0.72
CA LYS D 7 5.95 44.61 -0.91
C LYS D 7 6.23 43.94 0.43
N ILE D 8 5.92 42.65 0.55
CA ILE D 8 6.13 41.93 1.81
C ILE D 8 7.28 40.94 1.68
N ILE D 9 8.09 40.86 2.70
CA ILE D 9 9.22 39.97 2.70
C ILE D 9 9.03 39.00 3.83
N GLY D 10 9.39 37.76 3.58
CA GLY D 10 9.29 36.70 4.56
C GLY D 10 10.61 35.98 4.76
N PHE D 11 10.88 35.56 5.98
CA PHE D 11 12.09 34.83 6.33
C PHE D 11 11.56 33.51 6.93
N CYS D 12 11.76 32.35 6.26
CA CYS D 12 11.26 31.08 6.77
C CYS D 12 12.33 30.06 7.12
N CYS D 13 12.09 29.26 8.21
CA CYS D 13 13.01 28.20 8.60
C CYS D 13 12.78 27.04 7.61
N ASN D 14 13.86 26.40 7.14
CA ASN D 14 13.81 25.31 6.17
C ASN D 14 12.96 24.10 6.60
N TRP D 15 13.12 23.65 7.84
CA TRP D 15 12.43 22.49 8.37
C TRP D 15 10.94 22.68 8.70
N CYS D 16 10.43 23.90 8.82
CA CYS D 16 9.02 24.01 9.15
C CYS D 16 8.23 25.01 8.34
N THR D 17 8.46 26.32 8.49
CA THR D 17 7.62 27.23 7.72
C THR D 17 7.91 27.16 6.25
N TYR D 18 9.16 26.99 5.85
CA TYR D 18 9.44 26.86 4.42
C TYR D 18 8.67 25.64 3.88
N GLY D 19 8.62 24.56 4.66
CA GLY D 19 7.91 23.33 4.33
C GLY D 19 6.39 23.52 4.31
N GLY D 20 5.90 24.44 5.15
CA GLY D 20 4.49 24.76 5.23
C GLY D 20 4.13 25.58 4.01
N ALA D 21 5.06 26.44 3.57
CA ALA D 21 4.81 27.25 2.38
C ALA D 21 4.79 26.32 1.15
N ASP D 22 5.58 25.22 1.19
CA ASP D 22 5.62 24.25 0.08
C ASP D 22 4.34 23.41 0.05
N THR D 23 3.90 22.91 1.22
CA THR D 23 2.68 22.12 1.37
C THR D 23 1.48 22.88 0.82
N ALA D 24 1.45 24.22 0.95
CA ALA D 24 0.35 25.02 0.43
C ALA D 24 0.49 25.08 -1.07
N GLY D 25 1.71 24.94 -1.56
CA GLY D 25 1.93 24.97 -3.00
C GLY D 25 1.47 23.67 -3.59
N VAL D 26 1.82 22.60 -2.90
CA VAL D 26 1.42 21.29 -3.37
C VAL D 26 -0.12 21.18 -3.35
N GLY D 27 -0.71 21.67 -2.26
CA GLY D 27 -2.15 21.64 -2.06
C GLY D 27 -2.90 22.64 -2.92
N ARG D 28 -2.17 23.53 -3.64
CA ARG D 28 -2.75 24.56 -4.49
C ARG D 28 -3.55 25.56 -3.66
N MET D 29 -3.06 25.81 -2.46
CA MET D 29 -3.69 26.75 -1.54
C MET D 29 -3.30 28.15 -1.99
N GLN D 30 -4.19 28.81 -2.73
CA GLN D 30 -3.95 30.15 -3.28
C GLN D 30 -3.89 31.24 -2.21
N TYR D 31 -2.98 32.24 -2.40
CA TYR D 31 -2.83 33.38 -1.49
C TYR D 31 -2.23 34.59 -2.20
N PRO D 32 -2.20 35.79 -1.59
CA PRO D 32 -1.72 36.97 -2.33
C PRO D 32 -0.25 36.96 -2.75
N PRO D 33 0.03 37.50 -3.96
CA PRO D 33 1.42 37.51 -4.45
C PRO D 33 2.32 38.66 -3.98
N SER D 34 2.27 39.05 -2.69
CA SER D 34 3.11 40.15 -2.23
C SER D 34 4.37 39.61 -1.57
N ILE D 35 4.23 38.56 -0.75
CA ILE D 35 5.39 38.01 -0.08
C ILE D 35 6.42 37.39 -0.99
N ARG D 36 7.69 37.41 -0.53
CA ARG D 36 8.85 36.81 -1.19
C ARG D 36 9.64 36.17 -0.07
N ILE D 37 9.64 34.86 0.01
CA ILE D 37 10.31 34.14 1.08
C ILE D 37 11.80 33.94 0.91
N ILE D 38 12.53 34.10 2.02
CA ILE D 38 13.97 33.89 2.05
C ILE D 38 14.17 32.70 2.93
N ARG D 39 14.90 31.69 2.44
CA ARG D 39 15.15 30.47 3.21
C ARG D 39 16.29 30.71 4.22
N VAL D 40 16.19 30.04 5.37
CA VAL D 40 17.19 30.04 6.45
C VAL D 40 17.05 28.67 7.06
N MET D 41 18.12 28.14 7.67
CA MET D 41 18.04 26.82 8.28
C MET D 41 17.15 26.87 9.53
N CYS D 42 17.27 27.96 10.30
CA CYS D 42 16.54 28.13 11.56
C CYS D 42 16.06 29.58 11.73
N SER D 43 14.94 29.77 12.42
CA SER D 43 14.44 31.11 12.67
C SER D 43 15.46 31.79 13.59
N GLY D 44 16.29 30.99 14.24
CA GLY D 44 17.35 31.44 15.14
C GLY D 44 18.36 32.26 14.35
N ARG D 45 18.30 32.13 13.03
CA ARG D 45 19.16 32.88 12.15
C ARG D 45 18.64 34.31 12.09
N ILE D 46 17.32 34.47 12.10
CA ILE D 46 16.75 35.81 12.04
C ILE D 46 17.20 36.65 13.23
N GLU D 47 17.38 37.95 12.98
CA GLU D 47 17.79 38.92 13.98
C GLU D 47 17.32 40.32 13.60
N PRO D 48 17.28 41.28 14.53
CA PRO D 48 16.81 42.63 14.17
C PRO D 48 17.50 43.27 12.97
N SER D 49 18.79 43.00 12.74
CA SER D 49 19.46 43.62 11.59
C SER D 49 18.74 43.30 10.28
N LEU D 50 18.33 42.03 10.09
CA LEU D 50 17.68 41.62 8.87
C LEU D 50 16.34 42.30 8.70
N ILE D 51 15.53 42.34 9.75
CA ILE D 51 14.22 42.98 9.63
C ILE D 51 14.35 44.48 9.41
N LEU D 52 15.25 45.12 10.16
CA LEU D 52 15.47 46.56 10.01
C LEU D 52 16.00 46.85 8.60
N LYS D 53 16.93 46.00 8.08
CA LYS D 53 17.51 46.13 6.73
C LYS D 53 16.40 46.09 5.69
N ALA D 54 15.47 45.16 5.86
CA ALA D 54 14.35 45.03 4.93
C ALA D 54 13.47 46.28 4.90
N PHE D 55 13.23 46.91 6.07
CA PHE D 55 12.38 48.10 6.12
C PHE D 55 13.11 49.26 5.43
N LYS D 56 14.42 49.38 5.62
CA LYS D 56 15.20 50.41 4.95
C LYS D 56 15.03 50.23 3.44
N GLU D 57 15.09 48.98 2.97
CA GLU D 57 15.00 48.67 1.55
C GLU D 57 13.65 49.01 0.93
N GLY D 58 12.60 49.07 1.73
CA GLY D 58 11.27 49.42 1.25
C GLY D 58 10.16 48.45 1.63
N ALA D 59 10.41 47.55 2.60
CA ALA D 59 9.37 46.58 2.96
C ALA D 59 8.17 47.22 3.63
N ASP D 60 6.95 46.99 3.09
CA ASP D 60 5.75 47.53 3.74
C ASP D 60 5.33 46.59 4.87
N GLY D 61 5.81 45.36 4.81
CA GLY D 61 5.56 44.35 5.82
C GLY D 61 6.66 43.31 5.83
N VAL D 62 6.91 42.71 7.00
CA VAL D 62 7.93 41.67 7.19
C VAL D 62 7.32 40.49 7.98
N PHE D 63 7.43 39.26 7.43
CA PHE D 63 6.90 38.04 8.01
C PHE D 63 8.00 37.09 8.33
N VAL D 64 7.97 36.50 9.52
CA VAL D 64 8.98 35.53 9.96
C VAL D 64 8.28 34.28 10.44
N GLY D 65 8.60 33.15 9.80
CA GLY D 65 8.04 31.85 10.13
C GLY D 65 9.06 30.87 10.67
N GLY D 66 8.71 30.21 11.76
CA GLY D 66 9.58 29.25 12.39
C GLY D 66 8.80 28.07 12.90
N CYS D 67 9.51 27.14 13.53
CA CYS D 67 8.91 25.93 14.07
C CYS D 67 8.10 26.29 15.32
N HIS D 68 7.14 25.46 15.69
CA HIS D 68 6.35 25.71 16.90
C HIS D 68 7.30 25.69 18.10
N LEU D 69 6.95 26.40 19.16
CA LEU D 69 7.83 26.39 20.32
C LEU D 69 7.91 24.96 20.89
N GLY D 70 9.12 24.37 20.94
CA GLY D 70 9.40 23.02 21.42
C GLY D 70 9.65 22.01 20.30
N ASP D 71 9.46 22.42 19.05
CA ASP D 71 9.65 21.60 17.86
C ASP D 71 10.81 22.09 16.92
N CYS D 72 11.67 23.03 17.37
CA CYS D 72 12.80 23.51 16.54
C CYS D 72 13.66 22.31 16.12
N HIS D 73 13.93 22.19 14.82
CA HIS D 73 14.75 21.09 14.32
C HIS D 73 16.14 21.24 15.00
N TYR D 74 16.51 22.46 15.38
CA TYR D 74 17.79 22.69 16.07
C TYR D 74 17.57 22.93 17.58
N ASP D 75 16.50 22.36 18.13
CA ASP D 75 16.11 22.40 19.54
C ASP D 75 15.61 23.73 20.11
N SER D 76 16.43 24.79 20.13
CA SER D 76 15.99 26.03 20.76
C SER D 76 16.29 27.31 20.05
N GLY D 77 16.45 27.30 18.73
CA GLY D 77 16.72 28.53 18.00
C GLY D 77 15.52 29.46 18.01
N ASN D 78 14.31 28.89 18.03
CA ASN D 78 13.10 29.71 18.02
C ASN D 78 12.91 30.47 19.31
N TYR D 79 13.51 30.00 20.42
CA TYR D 79 13.36 30.71 21.68
C TYR D 79 14.19 31.99 21.65
N LYS D 80 15.35 31.94 21.00
CA LYS D 80 16.19 33.11 20.89
C LYS D 80 15.47 34.10 19.97
N TRP D 81 15.00 33.62 18.82
CA TRP D 81 14.30 34.49 17.89
C TRP D 81 13.12 35.13 18.61
N GLN D 82 12.34 34.31 19.35
CA GLN D 82 11.16 34.82 20.05
C GLN D 82 11.54 35.97 20.96
N ARG D 83 12.66 35.87 21.65
CA ARG D 83 13.07 36.96 22.53
C ARG D 83 13.46 38.17 21.73
N ARG D 84 14.01 37.97 20.53
CA ARG D 84 14.43 39.06 19.68
C ARG D 84 13.22 39.81 19.10
N VAL D 85 12.30 39.07 18.51
CA VAL D 85 11.12 39.69 17.91
C VAL D 85 10.26 40.52 18.88
N MET D 86 10.27 40.21 20.19
CA MET D 86 9.44 41.00 21.12
C MET D 86 10.03 42.41 21.32
N MET D 87 11.36 42.50 21.42
CA MET D 87 12.02 43.79 21.57
C MET D 87 11.80 44.55 20.29
N LEU D 88 12.04 43.89 19.18
CA LEU D 88 11.91 44.46 17.85
C LEU D 88 10.56 45.12 17.59
N TYR D 89 9.46 44.52 18.07
CA TYR D 89 8.12 45.08 17.86
C TYR D 89 8.05 46.49 18.47
N GLU D 90 8.61 46.64 19.67
CA GLU D 90 8.61 47.91 20.40
C GLU D 90 9.62 48.90 19.82
N LEU D 91 10.73 48.40 19.29
CA LEU D 91 11.77 49.22 18.67
C LEU D 91 11.15 49.89 17.47
N LEU D 92 10.34 49.15 16.71
CA LEU D 92 9.67 49.68 15.54
C LEU D 92 8.71 50.78 15.92
N GLU D 93 8.00 50.63 17.05
CA GLU D 93 7.07 51.66 17.47
C GLU D 93 7.85 52.95 17.74
N GLU D 94 8.98 52.85 18.47
CA GLU D 94 9.81 54.02 18.77
C GLU D 94 10.33 54.66 17.49
N LEU D 95 10.54 53.85 16.44
CA LEU D 95 11.04 54.36 15.17
C LEU D 95 9.90 54.83 14.25
N GLY D 96 8.69 54.91 14.80
CA GLY D 96 7.52 55.34 14.03
C GLY D 96 6.94 54.30 13.07
N ILE D 97 7.39 53.04 13.19
CA ILE D 97 6.92 51.93 12.34
C ILE D 97 5.89 51.12 13.16
N GLU D 98 4.68 50.93 12.61
CA GLU D 98 3.58 50.21 13.27
C GLU D 98 3.95 48.77 13.61
N LYS D 99 3.64 48.34 14.84
CA LYS D 99 3.94 46.98 15.29
C LYS D 99 3.48 45.97 14.23
N GLU D 100 2.25 46.16 13.76
CA GLU D 100 1.58 45.35 12.78
C GLU D 100 2.39 45.10 11.50
N ARG D 101 3.25 46.04 11.10
CA ARG D 101 4.04 45.85 9.88
C ARG D 101 4.95 44.62 9.95
N LEU D 102 5.20 44.15 11.15
CA LEU D 102 6.05 42.98 11.41
C LEU D 102 5.16 41.87 11.97
N ASN D 103 5.32 40.66 11.46
CA ASN D 103 4.51 39.54 11.93
C ASN D 103 5.31 38.25 11.96
N HIS D 104 5.25 37.56 13.08
CA HIS D 104 5.97 36.32 13.24
C HIS D 104 5.00 35.26 13.68
N GLU D 105 5.09 34.07 13.08
CA GLU D 105 4.20 32.98 13.41
C GLU D 105 4.95 31.68 13.47
N TRP D 106 4.36 30.67 14.15
CA TRP D 106 4.94 29.33 14.28
C TRP D 106 4.14 28.43 13.37
N ILE D 107 4.72 28.03 12.24
CA ILE D 107 4.02 27.19 11.27
C ILE D 107 4.85 25.97 10.96
N SER D 108 4.27 24.78 11.13
CA SER D 108 4.94 23.50 10.88
C SER D 108 4.92 23.11 9.39
N ALA D 109 5.81 22.16 9.00
CA ALA D 109 5.91 21.68 7.62
C ALA D 109 4.57 21.21 7.05
N SER D 110 3.63 20.79 7.91
CA SER D 110 2.34 20.35 7.41
C SER D 110 1.31 21.44 7.43
N GLU D 111 1.50 22.52 8.21
CA GLU D 111 0.50 23.59 8.33
C GLU D 111 0.38 24.52 7.11
N GLY D 112 0.12 23.96 5.93
CA GLY D 112 -0.04 24.78 4.75
C GLY D 112 -1.29 25.62 4.78
N GLU D 113 -2.36 25.10 5.39
CA GLU D 113 -3.64 25.81 5.50
C GLU D 113 -3.46 26.99 6.43
N LYS D 114 -2.61 26.84 7.44
CA LYS D 114 -2.39 27.95 8.36
C LYS D 114 -1.58 28.97 7.58
N PHE D 115 -0.47 28.53 6.97
CA PHE D 115 0.38 29.44 6.19
C PHE D 115 -0.50 30.19 5.21
N GLN D 116 -1.37 29.48 4.50
CA GLN D 116 -2.27 30.13 3.53
C GLN D 116 -3.04 31.27 4.19
N ASN D 117 -3.67 30.99 5.32
CA ASN D 117 -4.46 32.00 6.02
C ASN D 117 -3.56 33.10 6.54
N THR D 118 -2.45 32.74 7.20
CA THR D 118 -1.57 33.79 7.71
C THR D 118 -1.24 34.76 6.60
N MET D 119 -0.96 34.27 5.38
CA MET D 119 -0.61 35.10 4.23
C MET D 119 -1.76 36.01 3.82
N LYS D 120 -2.99 35.48 3.81
CA LYS D 120 -4.16 36.28 3.46
C LYS D 120 -4.34 37.39 4.48
N ASP D 121 -4.39 37.02 5.75
CA ASP D 121 -4.56 37.96 6.84
C ASP D 121 -3.42 39.00 6.87
N PHE D 122 -2.15 38.60 6.62
CA PHE D 122 -1.04 39.56 6.67
C PHE D 122 -1.13 40.56 5.56
N TYR D 123 -1.40 40.09 4.34
CA TYR D 123 -1.53 40.98 3.18
C TYR D 123 -2.58 42.06 3.46
N ASN D 124 -3.70 41.65 4.03
CA ASN D 124 -4.80 42.54 4.31
C ASN D 124 -4.46 43.60 5.32
N LYS D 125 -3.72 43.21 6.33
CA LYS D 125 -3.33 44.14 7.38
C LYS D 125 -2.47 45.22 6.75
N ILE D 126 -1.45 44.79 5.97
CA ILE D 126 -0.51 45.67 5.28
C ILE D 126 -1.24 46.51 4.23
N GLU D 127 -2.20 45.92 3.55
CA GLU D 127 -2.94 46.65 2.54
C GLU D 127 -3.71 47.79 3.21
N ALA D 128 -4.30 47.54 4.37
CA ALA D 128 -5.10 48.52 5.10
C ALA D 128 -4.24 49.64 5.62
N LEU D 129 -3.07 49.30 6.19
CA LEU D 129 -2.14 50.29 6.74
C LEU D 129 -1.55 51.18 5.65
N GLY D 130 -1.52 50.70 4.41
CA GLY D 130 -0.97 51.45 3.29
C GLY D 130 0.52 51.25 3.16
N PRO D 131 1.16 51.89 2.17
CA PRO D 131 2.61 51.70 2.02
C PRO D 131 3.43 52.28 3.16
N CYS D 132 4.55 51.64 3.45
CA CYS D 132 5.42 52.16 4.49
C CYS D 132 6.20 53.25 3.81
N LYS D 133 6.11 54.49 4.30
CA LYS D 133 6.80 55.64 3.71
C LYS D 133 8.22 55.91 4.24
N LEU D 134 9.02 54.89 4.54
CA LEU D 134 10.38 55.15 5.04
C LEU D 134 11.36 55.48 3.91
N LYS D 135 11.47 54.57 2.94
CA LYS D 135 12.40 54.73 1.82
C LYS D 135 12.25 56.11 1.16
N GLU D 136 11.02 56.61 1.01
CA GLU D 136 10.80 57.91 0.39
C GLU D 136 11.42 59.01 1.25
N GLU D 137 11.15 58.97 2.55
CA GLU D 137 11.68 59.97 3.47
C GLU D 137 13.21 59.98 3.56
N LEU D 138 13.87 58.86 3.25
CA LEU D 138 15.33 58.80 3.31
C LEU D 138 15.93 59.30 2.01
N ASP D 139 15.27 59.03 0.88
CA ASP D 139 15.78 59.48 -0.42
C ASP D 139 15.68 61.01 -0.54
N LYS D 140 14.95 61.66 0.39
CA LYS D 140 14.81 63.12 0.39
C LYS D 140 16.10 63.80 0.82
N VAL E 2 54.26 67.46 4.57
CA VAL E 2 52.92 66.93 4.32
C VAL E 2 51.86 67.91 4.84
N LYS E 3 51.17 68.60 3.92
CA LYS E 3 50.13 69.56 4.26
C LYS E 3 48.89 68.88 4.84
N ILE E 4 48.69 69.02 6.15
CA ILE E 4 47.53 68.45 6.83
C ILE E 4 46.60 69.60 7.21
N ALA E 5 45.28 69.39 7.12
CA ALA E 5 44.28 70.41 7.43
C ALA E 5 43.18 69.80 8.24
N THR E 6 42.48 70.60 9.05
CA THR E 6 41.37 70.06 9.84
C THR E 6 40.17 70.98 9.81
N THR E 7 38.99 70.46 10.13
CA THR E 7 37.78 71.27 10.16
C THR E 7 36.73 70.62 11.05
N TRP E 8 35.67 71.34 11.37
CA TRP E 8 34.63 70.77 12.20
C TRP E 8 33.27 71.08 11.62
N LEU E 9 32.33 70.18 11.88
CA LEU E 9 30.96 70.30 11.37
C LEU E 9 29.95 70.24 12.53
N GLY E 10 29.05 69.28 12.52
CA GLY E 10 28.04 69.17 13.57
C GLY E 10 28.48 68.49 14.85
N GLY E 11 29.77 68.53 15.15
CA GLY E 11 30.29 67.91 16.36
C GLY E 11 30.27 68.80 17.60
N CYS E 12 31.15 68.49 18.56
CA CYS E 12 31.23 69.24 19.82
C CYS E 12 32.64 69.82 20.08
N SER E 13 33.64 69.49 19.22
CA SER E 13 35.05 69.92 19.31
C SER E 13 35.88 68.94 20.12
N GLY E 14 35.23 67.94 20.70
CA GLY E 14 35.92 66.95 21.51
C GLY E 14 37.06 66.27 20.78
N CYS E 15 36.86 65.90 19.50
CA CYS E 15 37.92 65.22 18.74
C CYS E 15 39.16 66.12 18.65
N HIS E 16 38.97 67.42 18.37
CA HIS E 16 40.11 68.35 18.30
C HIS E 16 40.79 68.44 19.68
N ILE E 17 39.98 68.53 20.76
CA ILE E 17 40.54 68.60 22.11
C ILE E 17 41.35 67.32 22.34
N SER E 18 40.87 66.18 21.84
CA SER E 18 41.61 64.93 22.02
C SER E 18 42.90 64.97 21.21
N LEU E 19 42.89 65.70 20.07
CA LEU E 19 44.11 65.81 19.28
C LEU E 19 45.08 66.58 20.17
N LEU E 20 44.59 67.65 20.83
CA LEU E 20 45.41 68.45 21.74
C LEU E 20 45.82 67.58 22.95
N ASP E 21 45.04 66.57 23.30
CA ASP E 21 45.40 65.72 24.43
C ASP E 21 46.70 64.93 24.18
N LEU E 22 47.39 65.16 23.05
CA LEU E 22 48.65 64.45 22.83
C LEU E 22 49.71 65.11 23.73
N HIS E 23 49.47 66.37 24.07
CA HIS E 23 50.33 67.17 24.93
C HIS E 23 51.71 67.41 24.29
N GLU E 24 52.77 66.89 24.90
CA GLU E 24 54.12 67.06 24.39
C GLU E 24 54.26 66.54 22.95
N GLU E 25 53.61 65.42 22.64
CA GLU E 25 53.72 64.82 21.30
C GLU E 25 53.05 65.68 20.22
N LEU E 26 52.16 66.60 20.59
CA LEU E 26 51.53 67.45 19.59
C LEU E 26 52.59 68.31 18.90
N LEU E 27 53.51 68.88 19.69
CA LEU E 27 54.57 69.71 19.14
C LEU E 27 55.41 68.87 18.20
N ASN E 28 55.78 67.67 18.65
CA ASN E 28 56.58 66.76 17.83
C ASN E 28 55.85 66.46 16.52
N LEU E 29 54.52 66.28 16.60
CA LEU E 29 53.72 65.98 15.42
C LEU E 29 53.68 67.20 14.50
N LEU E 30 53.49 68.39 15.07
CA LEU E 30 53.42 69.60 14.27
C LEU E 30 54.73 69.95 13.57
N GLU E 31 55.86 69.38 14.02
CA GLU E 31 57.14 69.64 13.37
C GLU E 31 57.30 68.69 12.18
N ASN E 32 56.50 67.61 12.15
CA ASN E 32 56.53 66.63 11.08
C ASN E 32 55.46 66.94 10.02
N VAL E 33 54.36 67.60 10.41
CA VAL E 33 53.30 67.94 9.47
C VAL E 33 53.32 69.44 9.23
N GLU E 34 52.56 69.90 8.23
CA GLU E 34 52.46 71.31 7.90
C GLU E 34 51.00 71.70 8.05
N LEU E 35 50.62 72.16 9.26
CA LEU E 35 49.23 72.54 9.48
C LEU E 35 48.87 73.79 8.67
N VAL E 36 48.07 73.61 7.61
CA VAL E 36 47.67 74.68 6.72
C VAL E 36 46.32 75.30 7.07
N HIS E 37 45.42 74.56 7.72
CA HIS E 37 44.12 75.13 8.05
C HIS E 37 43.53 74.44 9.27
N CYS E 38 43.15 75.22 10.26
CA CYS E 38 42.56 74.70 11.49
C CYS E 38 41.88 75.84 12.24
N PRO E 39 40.55 75.92 12.14
CA PRO E 39 39.83 77.02 12.80
C PRO E 39 40.08 77.22 14.28
N VAL E 40 40.30 76.15 15.03
CA VAL E 40 40.49 76.31 16.47
C VAL E 40 41.88 76.80 16.83
N LEU E 41 42.91 76.55 15.99
CA LEU E 41 44.27 76.98 16.32
C LEU E 41 44.78 78.14 15.48
N MET E 42 44.40 78.24 14.20
CA MET E 42 44.92 79.32 13.36
C MET E 42 43.84 80.15 12.69
N ASP E 43 44.26 81.30 12.14
CA ASP E 43 43.37 82.25 11.47
C ASP E 43 43.28 82.08 9.95
N VAL E 44 43.66 80.92 9.42
CA VAL E 44 43.53 80.69 7.98
C VAL E 44 42.03 80.42 7.75
N LYS E 45 41.31 81.40 7.21
CA LYS E 45 39.87 81.33 6.98
C LYS E 45 39.44 80.38 5.86
N GLU E 46 40.08 80.45 4.72
CA GLU E 46 39.70 79.60 3.59
C GLU E 46 40.46 78.29 3.56
N ILE E 47 39.82 77.24 3.07
CA ILE E 47 40.49 75.96 2.97
C ILE E 47 41.44 76.07 1.77
N PRO E 48 42.76 75.95 1.98
CA PRO E 48 43.69 76.11 0.84
C PRO E 48 43.69 74.95 -0.12
N ASP E 49 44.22 75.18 -1.32
CA ASP E 49 44.29 74.13 -2.32
C ASP E 49 45.48 73.22 -1.97
N GLU E 50 45.50 72.00 -2.50
CA GLU E 50 46.58 71.05 -2.24
C GLU E 50 46.72 70.72 -0.76
N VAL E 51 45.85 69.83 -0.28
CA VAL E 51 45.87 69.36 1.10
C VAL E 51 46.06 67.85 1.00
N GLU E 52 47.10 67.31 1.62
CA GLU E 52 47.36 65.87 1.52
C GLU E 52 46.36 65.08 2.36
N VAL E 53 46.25 65.44 3.64
CA VAL E 53 45.37 64.77 4.59
C VAL E 53 44.39 65.76 5.23
N ALA E 54 43.15 65.33 5.44
CA ALA E 54 42.16 66.17 6.08
C ALA E 54 41.51 65.41 7.23
N LEU E 55 41.31 66.06 8.37
CA LEU E 55 40.68 65.46 9.52
C LEU E 55 39.36 66.24 9.67
N ILE E 56 38.26 65.65 9.22
CA ILE E 56 36.97 66.31 9.31
C ILE E 56 36.22 65.80 10.51
N GLU E 57 35.92 66.69 11.47
CA GLU E 57 35.19 66.32 12.68
C GLU E 57 33.71 66.60 12.49
N GLY E 58 32.85 65.80 13.12
CA GLY E 58 31.39 65.98 13.07
C GLY E 58 30.66 65.46 11.85
N GLY E 59 29.36 65.20 12.02
CA GLY E 59 28.50 64.74 10.96
C GLY E 59 27.88 65.91 10.23
N ILE E 60 26.96 65.64 9.28
CA ILE E 60 26.30 66.70 8.53
C ILE E 60 24.97 67.11 9.18
N ARG E 61 25.00 68.20 9.94
CA ARG E 61 23.82 68.72 10.63
C ARG E 61 23.15 69.86 9.85
N ASN E 62 23.93 70.76 9.20
CA ASN E 62 23.34 71.88 8.45
C ASN E 62 23.92 72.04 7.04
N GLU E 63 23.36 72.98 6.26
CA GLU E 63 23.79 73.22 4.88
C GLU E 63 25.24 73.67 4.75
N GLU E 64 25.75 74.48 5.67
CA GLU E 64 27.14 74.92 5.55
C GLU E 64 28.07 73.72 5.71
N ASN E 65 27.72 72.75 6.58
CA ASN E 65 28.53 71.55 6.80
C ASN E 65 28.67 70.79 5.49
N LEU E 66 27.57 70.67 4.76
CA LEU E 66 27.56 69.97 3.49
C LEU E 66 28.50 70.67 2.50
N GLU E 67 28.42 72.01 2.40
CA GLU E 67 29.29 72.75 1.50
C GLU E 67 30.75 72.49 1.85
N ILE E 68 31.12 72.69 3.12
CA ILE E 68 32.49 72.46 3.61
C ILE E 68 32.96 71.04 3.29
N ALA E 69 32.10 70.05 3.49
CA ALA E 69 32.49 68.68 3.21
C ALA E 69 32.87 68.55 1.74
N LYS E 70 32.03 69.11 0.88
CA LYS E 70 32.27 69.06 -0.56
C LYS E 70 33.53 69.87 -0.91
N GLU E 71 33.75 71.00 -0.23
CA GLU E 71 34.91 71.83 -0.49
C GLU E 71 36.19 71.12 -0.07
N MET E 72 36.23 70.62 1.16
CA MET E 72 37.42 69.94 1.67
C MET E 72 37.70 68.70 0.83
N ARG E 73 36.66 67.97 0.40
CA ARG E 73 36.84 66.77 -0.41
C ARG E 73 37.58 67.08 -1.71
N GLU E 74 37.30 68.25 -2.29
CA GLU E 74 37.92 68.67 -3.55
C GLU E 74 39.37 69.12 -3.37
N ARG E 75 39.67 69.72 -2.22
CA ARG E 75 41.01 70.22 -1.94
C ARG E 75 41.90 69.17 -1.29
N ALA E 76 41.32 68.12 -0.69
CA ALA E 76 42.12 67.10 -0.02
C ALA E 76 42.24 65.79 -0.78
N LYS E 77 43.46 65.24 -0.78
CA LYS E 77 43.76 63.98 -1.43
C LYS E 77 43.16 62.87 -0.56
N ILE E 78 43.38 62.94 0.76
CA ILE E 78 42.87 61.95 1.69
C ILE E 78 41.95 62.63 2.69
N VAL E 79 40.73 62.10 2.85
CA VAL E 79 39.77 62.65 3.80
C VAL E 79 39.58 61.66 4.94
N ILE E 80 39.57 62.15 6.18
CA ILE E 80 39.40 61.27 7.33
C ILE E 80 38.22 61.69 8.18
N ALA E 81 37.23 60.82 8.31
CA ALA E 81 36.09 61.12 9.13
C ALA E 81 36.66 61.02 10.54
N PHE E 82 36.94 62.16 11.15
CA PHE E 82 37.54 62.22 12.48
C PHE E 82 36.51 62.10 13.56
N GLY E 83 36.53 61.00 14.30
CA GLY E 83 35.60 60.74 15.40
C GLY E 83 34.28 60.09 15.03
N THR E 84 33.54 59.69 16.07
CA THR E 84 32.24 59.02 15.96
C THR E 84 31.15 59.88 15.32
N CYS E 85 31.15 61.19 15.55
CA CYS E 85 30.11 62.00 14.95
C CYS E 85 30.28 61.99 13.41
N ALA E 86 31.52 62.13 12.94
CA ALA E 86 31.81 62.16 11.50
C ALA E 86 31.67 60.79 10.86
N ALA E 87 32.06 59.74 11.59
CA ALA E 87 31.99 58.38 11.07
C ALA E 87 30.60 57.76 11.12
N PHE E 88 29.87 57.92 12.23
CA PHE E 88 28.56 57.30 12.37
C PHE E 88 27.40 58.24 12.64
N GLY E 89 27.68 59.50 12.96
CA GLY E 89 26.63 60.48 13.22
C GLY E 89 26.67 61.08 14.60
N GLY E 90 27.06 60.26 15.57
CA GLY E 90 27.18 60.67 16.96
C GLY E 90 25.87 60.97 17.67
N VAL E 91 26.00 61.52 18.90
CA VAL E 91 24.89 61.89 19.78
C VAL E 91 23.90 62.82 19.07
N PRO E 92 24.35 63.88 18.38
CA PRO E 92 23.39 64.76 17.69
C PRO E 92 22.42 63.96 16.84
N GLY E 93 22.87 62.81 16.35
CA GLY E 93 22.03 61.95 15.54
C GLY E 93 20.67 61.67 16.16
N LEU E 94 20.58 61.66 17.49
CA LEU E 94 19.32 61.42 18.20
C LEU E 94 18.20 62.37 17.77
N GLY E 95 18.57 63.55 17.30
CA GLY E 95 17.62 64.54 16.83
C GLY E 95 16.84 64.05 15.65
N ASN E 96 17.27 62.90 15.09
CA ASN E 96 16.59 62.31 13.95
C ASN E 96 15.29 61.69 14.40
N LEU E 97 15.08 61.57 15.73
CA LEU E 97 13.86 61.04 16.29
C LEU E 97 12.76 62.12 16.27
N TYR E 98 13.16 63.36 15.96
CA TYR E 98 12.26 64.53 15.90
C TYR E 98 12.47 65.31 14.60
N SER E 99 11.44 66.02 14.16
CA SER E 99 11.56 66.84 12.95
C SER E 99 12.38 68.06 13.28
N ASN E 100 12.99 68.69 12.26
CA ASN E 100 13.81 69.88 12.50
C ASN E 100 12.93 70.98 13.08
N ASP E 101 11.68 71.07 12.62
CA ASP E 101 10.79 72.09 13.14
C ASP E 101 10.62 71.89 14.64
N GLU E 102 10.47 70.65 15.10
CA GLU E 102 10.34 70.41 16.53
C GLU E 102 11.63 70.84 17.24
N LEU E 103 12.78 70.41 16.71
CA LEU E 103 14.08 70.74 17.30
C LEU E 103 14.22 72.23 17.52
N LEU E 104 13.89 73.02 16.50
CA LEU E 104 14.02 74.47 16.53
C LEU E 104 12.96 75.17 17.41
N ASP E 105 11.71 74.72 17.35
CA ASP E 105 10.67 75.36 18.16
C ASP E 105 10.97 75.20 19.65
N LYS E 106 11.53 74.06 20.05
CA LYS E 106 11.87 73.87 21.45
C LYS E 106 12.92 74.89 21.89
N ALA E 107 14.06 74.89 21.23
CA ALA E 107 15.18 75.77 21.54
C ALA E 107 14.90 77.25 21.41
N TYR E 108 13.99 77.66 20.53
CA TYR E 108 13.73 79.07 20.33
C TYR E 108 12.31 79.51 20.67
N LYS E 109 11.48 78.64 21.27
CA LYS E 109 10.11 79.07 21.58
C LYS E 109 9.57 78.52 22.92
N THR E 110 9.36 77.21 22.97
CA THR E 110 8.77 76.56 24.14
C THR E 110 9.63 76.51 25.40
N THR E 111 10.95 76.66 25.30
CA THR E 111 11.79 76.60 26.50
C THR E 111 11.24 77.54 27.57
N ILE E 112 11.19 77.07 28.82
CA ILE E 112 10.62 77.85 29.92
C ILE E 112 11.17 79.28 30.04
N THR E 113 12.49 79.48 29.85
CA THR E 113 13.13 80.79 29.96
C THR E 113 13.13 81.57 28.66
N THR E 114 12.56 81.02 27.59
CA THR E 114 12.55 81.74 26.33
C THR E 114 11.39 82.69 26.23
N LYS E 115 11.65 83.91 25.77
CA LYS E 115 10.59 84.88 25.61
C LYS E 115 10.67 85.33 24.17
N ASN E 116 9.89 84.68 23.31
CA ASN E 116 9.86 84.94 21.89
C ASN E 116 8.39 85.01 21.49
N ASP E 117 7.78 86.16 21.78
CA ASP E 117 6.37 86.44 21.50
C ASP E 117 6.13 86.43 19.99
N ASP E 118 7.12 86.87 19.20
CA ASP E 118 7.02 86.90 17.75
C ASP E 118 6.90 85.47 17.19
N GLY E 119 7.57 84.53 17.84
CA GLY E 119 7.55 83.14 17.39
C GLY E 119 8.38 82.99 16.14
N ILE E 120 9.58 83.58 16.14
CA ILE E 120 10.47 83.51 14.98
C ILE E 120 11.63 82.57 15.22
N ILE E 121 12.15 81.99 14.13
CA ILE E 121 13.29 81.08 14.19
C ILE E 121 14.39 81.72 13.36
N PRO E 122 15.62 81.80 13.89
CA PRO E 122 16.69 82.43 13.12
C PRO E 122 16.81 81.87 11.71
N ASN E 123 16.73 82.78 10.72
CA ASN E 123 16.81 82.43 9.30
C ASN E 123 17.76 83.35 8.52
N GLU E 124 18.14 84.48 9.10
CA GLU E 124 19.03 85.44 8.43
C GLU E 124 20.50 85.10 8.70
N GLU E 125 21.32 85.02 7.63
CA GLU E 125 22.75 84.71 7.71
C GLU E 125 23.10 83.34 8.31
N VAL E 126 22.09 82.53 8.71
CA VAL E 126 22.37 81.20 9.29
C VAL E 126 21.91 80.13 8.28
N PRO E 127 22.61 79.00 8.21
CA PRO E 127 22.21 77.95 7.26
C PRO E 127 21.03 77.11 7.73
N GLU E 128 20.32 76.51 6.78
CA GLU E 128 19.19 75.67 7.13
C GLU E 128 19.74 74.33 7.65
N LEU E 129 18.99 73.65 8.51
CA LEU E 129 19.46 72.36 8.98
C LEU E 129 19.07 71.36 7.90
N VAL E 130 19.87 70.30 7.68
CA VAL E 130 19.54 69.28 6.68
C VAL E 130 18.50 68.32 7.28
N SER E 131 17.68 67.66 6.42
CA SER E 131 16.63 66.74 6.85
C SER E 131 16.99 65.89 8.07
N ARG E 132 18.20 65.35 8.09
CA ARG E 132 18.61 64.55 9.22
C ARG E 132 20.10 64.57 9.38
N VAL E 133 20.59 64.21 10.56
CA VAL E 133 22.02 64.17 10.78
C VAL E 133 22.52 63.01 9.93
N LYS E 134 23.51 63.24 9.08
CA LYS E 134 24.04 62.18 8.23
C LYS E 134 25.54 62.01 8.44
N PRO E 135 26.05 60.78 8.47
CA PRO E 135 27.51 60.60 8.62
C PRO E 135 28.22 61.18 7.39
N LEU E 136 29.49 61.49 7.55
CA LEU E 136 30.27 62.09 6.48
C LEU E 136 30.27 61.24 5.21
N SER E 137 30.46 59.93 5.34
CA SER E 137 30.47 59.02 4.18
C SER E 137 29.18 59.07 3.35
N GLU E 138 28.08 59.62 3.89
CA GLU E 138 26.82 59.70 3.16
C GLU E 138 26.80 60.87 2.18
N VAL E 139 27.74 61.83 2.31
CA VAL E 139 27.75 62.95 1.40
C VAL E 139 29.03 63.02 0.56
N ILE E 140 30.16 62.57 1.13
CA ILE E 140 31.42 62.59 0.39
C ILE E 140 32.17 61.29 0.51
N GLU E 141 33.11 61.07 -0.41
CA GLU E 141 33.93 59.88 -0.37
C GLU E 141 34.87 60.03 0.82
N VAL E 142 34.89 59.03 1.71
CA VAL E 142 35.76 59.05 2.90
C VAL E 142 36.80 57.97 2.67
N ASP E 143 38.07 58.28 2.88
CA ASP E 143 39.14 57.31 2.66
C ASP E 143 39.41 56.47 3.89
N TYR E 144 39.47 57.10 5.05
CA TYR E 144 39.70 56.39 6.29
C TYR E 144 38.90 57.05 7.40
N PHE E 145 38.81 56.41 8.56
CA PHE E 145 38.08 56.99 9.68
C PHE E 145 38.65 56.53 11.01
N ILE E 146 38.58 57.41 12.02
CA ILE E 146 39.08 57.12 13.36
C ILE E 146 37.89 57.14 14.30
N PRO E 147 37.38 55.97 14.69
CA PRO E 147 36.21 55.95 15.58
C PRO E 147 36.53 56.31 17.03
N GLY E 148 35.53 56.83 17.73
CA GLY E 148 35.70 57.21 19.12
C GLY E 148 35.05 58.55 19.39
N CYS E 149 34.43 58.68 20.56
CA CYS E 149 33.77 59.90 20.95
C CYS E 149 34.40 60.45 22.23
N PRO E 150 35.61 61.01 22.15
CA PRO E 150 36.47 61.16 20.96
C PRO E 150 37.47 60.03 20.89
N PRO E 151 38.20 59.87 19.77
CA PRO E 151 39.21 58.80 19.69
C PRO E 151 40.30 59.10 20.70
N ASN E 152 40.96 58.10 21.26
CA ASN E 152 42.01 58.41 22.22
C ASN E 152 43.19 59.03 21.48
N PRO E 153 43.91 59.94 22.14
CA PRO E 153 45.04 60.63 21.48
C PRO E 153 46.00 59.74 20.71
N GLU E 154 46.54 58.71 21.37
CA GLU E 154 47.51 57.80 20.77
C GLU E 154 46.98 57.18 19.48
N MET E 155 45.68 56.89 19.41
CA MET E 155 45.11 56.31 18.19
C MET E 155 45.14 57.33 17.08
N ILE E 156 44.93 58.61 17.42
CA ILE E 156 44.94 59.67 16.41
C ILE E 156 46.34 59.85 15.87
N ALA E 157 47.33 59.68 16.72
CA ALA E 157 48.72 59.82 16.28
C ALA E 157 49.06 58.67 15.35
N GLU E 158 48.76 57.45 15.77
CA GLU E 158 49.04 56.25 14.97
C GLU E 158 48.51 56.37 13.55
N VAL E 159 47.25 56.81 13.39
CA VAL E 159 46.65 56.95 12.07
C VAL E 159 47.37 58.00 11.24
N VAL E 160 47.62 59.17 11.81
CA VAL E 160 48.30 60.25 11.11
C VAL E 160 49.71 59.81 10.76
N LYS E 161 50.40 59.22 11.72
CA LYS E 161 51.77 58.72 11.57
C LYS E 161 51.90 57.74 10.43
N ALA E 162 50.92 56.84 10.28
CA ALA E 162 50.93 55.85 9.23
C ALA E 162 50.87 56.51 7.86
N LEU E 163 49.98 57.50 7.71
CA LEU E 163 49.83 58.21 6.44
C LEU E 163 51.09 58.98 6.07
N LEU E 164 51.75 59.59 7.04
CA LEU E 164 52.97 60.33 6.80
C LEU E 164 54.06 59.41 6.30
N GLU E 165 54.12 58.19 6.87
CA GLU E 165 55.11 57.20 6.51
C GLU E 165 54.84 56.61 5.13
N GLY E 166 53.58 56.65 4.72
CA GLY E 166 53.18 56.11 3.43
C GLY E 166 52.43 54.79 3.59
N LYS E 167 52.33 54.33 4.83
CA LYS E 167 51.64 53.08 5.14
C LYS E 167 50.14 53.30 5.23
N GLU E 168 49.39 52.20 5.27
CA GLU E 168 47.94 52.24 5.37
C GLU E 168 47.54 52.09 6.84
N PRO E 169 46.69 52.98 7.37
CA PRO E 169 46.31 52.85 8.78
C PRO E 169 45.37 51.67 9.04
N GLU E 170 45.63 50.92 10.10
CA GLU E 170 44.83 49.76 10.46
C GLU E 170 44.22 49.93 11.85
N LEU E 171 42.88 49.88 11.93
CA LEU E 171 42.16 50.03 13.18
C LEU E 171 42.01 48.70 13.90
N PRO E 172 41.89 48.71 15.23
CA PRO E 172 41.66 47.43 15.93
C PRO E 172 40.32 46.83 15.48
N LYS E 173 40.27 45.49 15.38
CA LYS E 173 39.08 44.78 14.92
C LYS E 173 38.22 44.09 15.98
N LYS E 174 38.81 43.73 17.14
CA LYS E 174 38.05 43.05 18.18
C LYS E 174 37.02 43.94 18.86
N ASN E 175 36.14 43.32 19.67
CA ASN E 175 35.14 44.05 20.41
C ASN E 175 35.76 44.32 21.79
N LEU E 176 35.20 45.31 22.50
CA LEU E 176 35.71 45.80 23.79
C LEU E 176 36.05 44.81 24.90
N CYS E 177 35.29 43.72 25.07
CA CYS E 177 35.58 42.79 26.15
C CYS E 177 37.06 42.40 26.24
N GLU E 178 37.75 42.32 25.10
CA GLU E 178 39.16 41.95 25.10
C GLU E 178 39.99 42.86 26.01
N GLU E 179 39.93 44.17 25.79
CA GLU E 179 40.66 45.15 26.61
C GLU E 179 40.07 45.20 28.00
N CYS E 180 38.75 44.99 28.10
CA CYS E 180 38.09 45.01 29.39
C CYS E 180 38.70 44.01 30.38
N ALA E 181 39.00 44.48 31.60
CA ALA E 181 39.59 43.68 32.66
C ALA E 181 38.56 42.92 33.49
N ARG E 182 37.26 43.23 33.35
CA ARG E 182 36.26 42.55 34.15
C ARG E 182 36.23 41.05 33.90
N LYS E 183 36.09 40.26 35.00
CA LYS E 183 36.06 38.80 34.95
C LYS E 183 34.81 38.24 34.25
N LYS E 184 35.01 37.35 33.27
CA LYS E 184 33.94 36.71 32.50
C LYS E 184 33.74 35.29 32.99
N SER E 185 32.48 34.82 32.97
CA SER E 185 32.19 33.44 33.39
C SER E 185 32.68 32.51 32.28
N GLU E 186 33.41 31.45 32.63
CA GLU E 186 33.95 30.50 31.66
C GLU E 186 32.84 29.81 30.87
N GLU E 187 31.70 29.53 31.54
CA GLU E 187 30.53 28.87 30.95
C GLU E 187 29.80 29.74 29.90
N GLY E 188 30.06 31.03 29.90
CA GLY E 188 29.45 31.94 28.96
C GLY E 188 28.59 32.96 29.67
N VAL E 189 28.03 33.90 28.91
CA VAL E 189 27.20 34.94 29.51
C VAL E 189 25.75 34.49 29.69
N ALA E 190 25.16 34.90 30.81
CA ALA E 190 23.77 34.60 31.16
C ALA E 190 23.19 35.82 31.88
N ILE E 191 22.07 36.35 31.39
CA ILE E 191 21.45 37.52 32.02
C ILE E 191 20.13 37.13 32.65
N GLU E 192 19.89 37.56 33.90
CA GLU E 192 18.66 37.24 34.61
C GLU E 192 17.66 38.38 34.55
N THR E 193 18.05 39.56 35.02
CA THR E 193 17.16 40.73 35.02
C THR E 193 17.89 41.97 34.54
N ILE E 194 17.21 42.84 33.79
CA ILE E 194 17.81 44.07 33.29
C ILE E 194 17.59 45.19 34.29
N LYS E 195 18.69 45.77 34.77
CA LYS E 195 18.65 46.84 35.77
C LYS E 195 19.07 48.16 35.14
N ARG E 196 18.53 49.30 35.63
CA ARG E 196 18.92 50.61 35.10
C ARG E 196 20.20 51.03 35.82
N ASN E 197 21.00 51.90 35.21
CA ASN E 197 22.27 52.34 35.79
C ASN E 197 22.19 52.81 37.26
N TYR E 198 21.00 53.21 37.74
CA TYR E 198 20.86 53.67 39.12
C TYR E 198 20.40 52.53 40.02
N GLU E 199 19.77 51.51 39.45
CA GLU E 199 19.31 50.37 40.24
C GLU E 199 20.51 49.55 40.70
N GLY E 200 20.83 49.67 41.98
CA GLY E 200 21.93 48.93 42.59
C GLY E 200 23.30 49.59 42.70
N ASN E 201 24.24 48.79 43.19
CA ASN E 201 25.65 49.09 43.41
C ASN E 201 26.41 47.89 42.77
N PRO E 202 26.94 48.08 41.57
CA PRO E 202 27.59 46.95 40.89
C PRO E 202 28.84 46.38 41.54
N ASP E 203 29.14 45.11 41.24
CA ASP E 203 30.33 44.44 41.75
C ASP E 203 31.46 44.91 40.86
N PRO E 204 32.59 45.36 41.43
CA PRO E 204 33.68 45.86 40.56
C PRO E 204 34.43 44.81 39.75
N GLU E 205 34.33 43.53 40.10
CA GLU E 205 35.06 42.47 39.40
C GLU E 205 34.28 41.77 38.29
N LYS E 206 33.01 41.43 38.52
CA LYS E 206 32.21 40.71 37.54
C LYS E 206 31.82 41.56 36.33
N CYS E 207 31.62 40.90 35.17
CA CYS E 207 31.21 41.57 33.94
C CYS E 207 29.88 42.27 34.18
N LEU E 208 29.78 43.52 33.74
CA LEU E 208 28.57 44.31 33.93
C LEU E 208 27.36 43.78 33.16
N LEU E 209 27.59 43.12 32.02
CA LEU E 209 26.46 42.58 31.25
C LEU E 209 25.84 41.44 32.01
N GLU E 210 26.68 40.54 32.56
CA GLU E 210 26.21 39.40 33.34
C GLU E 210 25.45 39.87 34.60
N GLN E 211 25.77 41.08 35.10
CA GLN E 211 25.10 41.65 36.28
C GLN E 211 23.74 42.28 35.93
N GLY E 212 23.40 42.33 34.65
CA GLY E 212 22.11 42.87 34.22
C GLY E 212 22.13 44.30 33.75
N TYR E 213 23.30 44.84 33.42
CA TYR E 213 23.37 46.21 32.93
C TYR E 213 23.62 46.18 31.44
N ILE E 214 22.94 47.03 30.67
CA ILE E 214 23.17 47.06 29.23
C ILE E 214 24.53 47.67 28.94
N CYS E 215 25.55 46.83 28.74
CA CYS E 215 26.92 47.24 28.43
C CYS E 215 27.13 47.04 26.95
N LEU E 216 27.49 48.09 26.23
CA LEU E 216 27.68 47.96 24.80
C LEU E 216 29.04 47.48 24.39
N GLY E 217 29.91 47.17 25.34
CA GLY E 217 31.24 46.72 24.99
C GLY E 217 31.24 45.57 24.02
N ILE E 218 30.23 44.70 24.14
CA ILE E 218 30.07 43.50 23.31
C ILE E 218 29.81 43.86 21.86
N ALA E 219 29.11 44.97 21.62
CA ALA E 219 28.81 45.41 20.26
C ALA E 219 29.67 46.63 19.90
N THR E 220 30.78 46.85 20.61
CA THR E 220 31.61 48.01 20.33
C THR E 220 33.05 47.65 20.06
N ARG E 221 33.66 48.35 19.09
CA ARG E 221 35.03 48.16 18.69
C ARG E 221 35.98 48.56 19.81
N GLU E 222 37.02 47.77 20.04
CA GLU E 222 38.00 48.06 21.10
C GLU E 222 38.89 49.24 20.66
N GLY E 223 39.83 49.62 21.51
CA GLY E 223 40.78 50.70 21.24
C GLY E 223 40.90 51.69 22.37
N CYS E 224 39.78 52.04 22.99
CA CYS E 224 39.73 53.01 24.08
C CYS E 224 40.33 52.55 25.40
N GLY E 225 40.47 51.25 25.59
CA GLY E 225 41.00 50.74 26.84
C GLY E 225 39.89 50.45 27.84
N ALA E 226 38.62 50.48 27.37
CA ALA E 226 37.44 50.21 28.20
C ALA E 226 37.48 50.99 29.52
N PRO E 227 37.50 52.32 29.46
CA PRO E 227 37.53 53.11 30.69
C PRO E 227 36.23 53.10 31.47
N CYS E 228 35.09 52.97 30.79
CA CYS E 228 33.79 53.00 31.45
C CYS E 228 33.57 51.84 32.42
N PRO E 229 33.70 50.57 31.99
CA PRO E 229 33.54 49.47 32.94
C PRO E 229 34.63 49.49 34.00
N SER E 230 35.82 49.96 33.64
CA SER E 230 36.92 50.01 34.61
C SER E 230 36.59 51.04 35.69
N SER E 231 35.78 52.05 35.34
CA SER E 231 35.38 53.10 36.27
C SER E 231 34.05 52.80 37.00
N GLY E 232 33.37 51.71 36.66
CA GLY E 232 32.13 51.33 37.32
C GLY E 232 30.84 51.58 36.57
N VAL E 233 30.89 51.82 35.27
CA VAL E 233 29.67 52.06 34.51
C VAL E 233 29.69 51.27 33.23
N PRO E 234 28.52 50.97 32.65
CA PRO E 234 28.55 50.20 31.42
C PRO E 234 29.09 51.04 30.27
N CYS E 235 29.56 50.36 29.24
CA CYS E 235 30.07 51.00 28.04
C CYS E 235 28.82 51.45 27.32
N SER E 236 28.86 52.61 26.71
CA SER E 236 27.70 53.13 26.02
C SER E 236 27.87 53.01 24.50
N GLY E 237 28.93 52.33 24.09
CA GLY E 237 29.25 52.09 22.68
C GLY E 237 29.68 53.30 21.91
N CYS E 238 30.47 54.20 22.55
CA CYS E 238 30.93 55.45 21.94
C CYS E 238 31.84 55.22 20.73
N SER E 239 32.57 54.09 20.69
CA SER E 239 33.47 53.81 19.58
C SER E 239 32.73 53.26 18.34
N GLY E 240 31.47 52.86 18.47
CA GLY E 240 30.73 52.29 17.34
C GLY E 240 31.05 50.83 17.11
N PRO E 241 30.48 50.23 16.06
CA PRO E 241 30.71 48.80 15.83
C PRO E 241 32.02 48.45 15.15
N THR E 242 32.23 47.13 14.99
CA THR E 242 33.40 46.56 14.35
C THR E 242 33.23 46.59 12.84
N ASP E 243 34.29 46.27 12.11
CA ASP E 243 34.26 46.29 10.65
C ASP E 243 33.24 45.33 10.06
N ALA E 244 32.88 44.28 10.82
CA ALA E 244 31.92 43.28 10.36
C ALA E 244 30.48 43.58 10.81
N VAL E 245 30.21 44.74 11.40
CA VAL E 245 28.84 45.05 11.84
C VAL E 245 28.45 46.42 11.31
N VAL E 246 27.38 46.45 10.53
CA VAL E 246 26.85 47.68 9.91
C VAL E 246 26.03 48.50 10.91
N ASP E 247 25.08 47.86 11.61
CA ASP E 247 24.18 48.48 12.59
C ASP E 247 24.45 47.97 14.02
N GLN E 248 25.04 48.81 14.84
CA GLN E 248 25.42 48.50 16.23
C GLN E 248 24.24 48.19 17.14
N GLY E 249 23.19 48.96 17.03
CA GLY E 249 22.04 48.76 17.90
C GLY E 249 21.34 47.45 17.66
N ALA E 250 21.14 47.12 16.40
CA ALA E 250 20.47 45.90 16.02
C ALA E 250 21.20 44.70 16.59
N LYS E 251 22.52 44.70 16.41
CA LYS E 251 23.32 43.61 16.93
C LYS E 251 23.32 43.58 18.45
N MET E 252 23.41 44.77 19.07
CA MET E 252 23.44 44.81 20.53
C MET E 252 22.19 44.19 21.07
N ILE E 253 21.06 44.47 20.42
CA ILE E 253 19.80 43.89 20.86
C ILE E 253 19.85 42.37 20.70
N SER E 254 20.11 41.91 19.46
CA SER E 254 20.20 40.47 19.16
C SER E 254 20.92 39.75 20.29
N ALA E 255 22.11 40.28 20.68
CA ALA E 255 22.92 39.69 21.73
C ALA E 255 22.20 39.73 23.07
N LEU E 256 21.68 40.89 23.44
CA LEU E 256 20.98 41.05 24.70
C LEU E 256 19.80 40.09 24.84
N CYS E 257 19.00 39.94 23.79
CA CYS E 257 17.83 39.04 23.79
C CYS E 257 18.24 37.59 23.89
N SER E 258 19.24 37.19 23.12
CA SER E 258 19.73 35.83 23.10
C SER E 258 20.09 35.29 24.48
N ASP E 259 20.87 36.04 25.27
CA ASP E 259 21.32 35.60 26.58
C ASP E 259 20.36 35.91 27.72
N PHE E 260 19.33 36.74 27.49
CA PHE E 260 18.39 37.04 28.55
C PHE E 260 17.56 35.81 28.89
N GLY E 261 17.72 35.32 30.12
CA GLY E 261 17.00 34.14 30.59
C GLY E 261 17.44 32.86 29.92
N ILE E 262 18.71 32.78 29.53
CA ILE E 262 19.22 31.60 28.86
C ILE E 262 19.21 30.38 29.78
N ASP E 263 19.44 30.57 31.08
CA ASP E 263 19.43 29.44 32.02
C ASP E 263 18.00 28.89 32.22
N ASN E 264 17.01 29.57 31.62
CA ASN E 264 15.60 29.18 31.64
C ASN E 264 15.08 29.45 30.23
N ASP E 265 15.96 29.24 29.24
CA ASP E 265 15.73 29.46 27.82
C ASP E 265 14.36 29.09 27.28
N ARG E 266 13.88 27.90 27.57
CA ARG E 266 12.58 27.48 27.05
C ARG E 266 11.39 28.05 27.77
N ASP E 267 11.52 28.40 29.04
CA ASP E 267 10.38 28.89 29.82
C ASP E 267 10.47 30.33 30.30
N VAL E 268 11.52 31.07 29.92
CA VAL E 268 11.61 32.46 30.36
C VAL E 268 10.60 33.26 29.56
N ASP E 269 10.00 34.28 30.20
CA ASP E 269 9.01 35.11 29.52
C ASP E 269 9.71 36.07 28.58
N PRO E 270 9.35 36.07 27.27
CA PRO E 270 10.01 36.98 26.34
C PRO E 270 9.54 38.44 26.44
N MET E 271 8.48 38.69 27.20
CA MET E 271 7.94 40.04 27.37
C MET E 271 8.59 40.79 28.52
N ILE E 272 9.47 40.13 29.31
CA ILE E 272 10.13 40.82 30.42
C ILE E 272 11.08 41.90 29.90
N LEU E 273 11.87 41.57 28.87
CA LEU E 273 12.85 42.49 28.31
C LEU E 273 12.25 43.77 27.70
N PRO E 274 11.28 43.70 26.77
CA PRO E 274 10.74 44.94 26.22
C PRO E 274 10.02 45.81 27.26
N LYS E 275 9.39 45.20 28.24
CA LYS E 275 8.69 45.96 29.26
C LYS E 275 9.68 46.63 30.19
N SER E 276 10.83 45.97 30.41
CA SER E 276 11.88 46.51 31.28
C SER E 276 12.53 47.76 30.70
N ILE E 277 12.90 47.71 29.41
CA ILE E 277 13.56 48.83 28.74
C ILE E 277 12.53 49.83 28.22
N LYS E 278 12.40 50.98 28.88
CA LYS E 278 11.45 52.01 28.47
C LYS E 278 11.94 52.79 27.25
N ASP E 279 13.25 53.07 27.16
CA ASP E 279 13.79 53.80 26.03
C ASP E 279 14.80 52.96 25.26
N LYS E 280 14.33 52.20 24.27
CA LYS E 280 15.20 51.33 23.47
C LYS E 280 16.19 52.05 22.56
N ILE E 281 15.74 53.06 21.81
CA ILE E 281 16.64 53.75 20.90
C ILE E 281 17.80 54.38 21.63
N GLY E 282 17.51 55.11 22.69
CA GLY E 282 18.54 55.76 23.49
C GLY E 282 19.42 54.80 24.27
N SER E 283 19.07 53.49 24.29
CA SER E 283 19.88 52.53 25.02
C SER E 283 20.87 51.85 24.08
N PHE E 284 20.51 51.70 22.79
CA PHE E 284 21.36 51.03 21.79
C PHE E 284 21.85 51.88 20.61
N TYR E 285 21.24 53.03 20.34
CA TYR E 285 21.67 53.88 19.23
C TYR E 285 22.09 55.26 19.72
N LYS E 286 22.79 55.32 20.87
CA LYS E 286 23.22 56.60 21.43
C LYS E 286 24.16 57.38 20.50
N PHE E 287 25.16 56.72 19.91
CA PHE E 287 26.15 57.35 19.06
C PHE E 287 26.08 56.92 17.62
N THR E 288 25.10 56.07 17.22
CA THR E 288 25.09 55.58 15.85
C THR E 288 23.74 55.58 15.14
N LEU E 289 22.73 56.29 15.67
CA LEU E 289 21.44 56.30 15.01
C LEU E 289 21.53 56.69 13.53
N PRO E 290 22.27 57.73 13.15
CA PRO E 290 22.33 58.12 11.74
C PRO E 290 22.95 57.12 10.79
N SER E 291 23.75 56.19 11.32
CA SER E 291 24.38 55.18 10.48
C SER E 291 23.54 53.89 10.41
N ALA E 292 22.49 53.80 11.25
CA ALA E 292 21.58 52.64 11.31
C ALA E 292 20.79 52.45 10.05
N PHE E 293 20.20 51.25 9.88
CA PHE E 293 19.40 50.96 8.71
C PHE E 293 18.19 51.91 8.74
N VAL E 294 17.57 52.07 9.92
CA VAL E 294 16.41 52.96 10.12
C VAL E 294 16.96 54.09 10.98
N PRO E 295 17.47 55.16 10.37
CA PRO E 295 18.10 56.21 11.15
C PRO E 295 17.20 57.38 11.54
N ILE E 296 15.87 57.25 11.43
CA ILE E 296 14.98 58.34 11.79
C ILE E 296 13.69 57.81 12.38
N ARG E 297 12.86 58.68 12.96
CA ARG E 297 11.58 58.28 13.46
C ARG E 297 10.62 58.91 12.45
N LEU E 298 9.70 58.14 11.92
CA LEU E 298 8.77 58.68 10.94
C LEU E 298 7.62 59.48 11.58
N VAL F 2 31.69 97.55 0.67
CA VAL F 2 30.26 97.62 0.94
C VAL F 2 29.85 96.56 1.98
N LYS F 3 30.07 95.26 1.74
CA LYS F 3 29.71 94.23 2.70
C LYS F 3 30.85 93.25 2.90
N LEU F 4 31.41 93.24 4.10
CA LEU F 4 32.52 92.37 4.45
C LEU F 4 32.06 91.34 5.44
N SER F 5 32.74 90.20 5.48
CA SER F 5 32.38 89.15 6.42
C SER F 5 33.63 88.47 6.93
N VAL F 6 33.66 88.27 8.25
CA VAL F 6 34.77 87.59 8.92
C VAL F 6 34.24 86.18 9.19
N GLU F 7 34.40 85.27 8.22
CA GLU F 7 33.93 83.90 8.42
C GLU F 7 34.98 82.90 7.99
N PRO F 8 35.33 82.00 8.90
CA PRO F 8 34.80 81.89 10.27
C PRO F 8 35.62 82.68 11.26
N VAL F 9 35.10 82.86 12.46
CA VAL F 9 35.83 83.52 13.53
C VAL F 9 36.73 82.43 14.04
N THR F 10 38.05 82.60 13.98
CA THR F 10 38.97 81.56 14.43
C THR F 10 39.41 81.73 15.87
N ARG F 11 39.94 80.63 16.45
CA ARG F 11 40.45 80.58 17.82
C ARG F 11 39.34 80.81 18.83
N VAL F 12 38.23 80.13 18.58
CA VAL F 12 37.02 80.12 19.42
C VAL F 12 36.40 78.73 19.23
N GLU F 13 35.74 78.21 20.23
CA GLU F 13 35.10 76.90 20.06
C GLU F 13 33.77 77.12 19.36
N GLY F 14 33.52 76.39 18.30
CA GLY F 14 32.26 76.50 17.56
C GLY F 14 32.33 77.42 16.35
N HIS F 15 31.21 77.48 15.61
CA HIS F 15 31.10 78.29 14.39
C HIS F 15 30.48 79.65 14.64
N GLY F 16 31.16 80.68 14.19
CA GLY F 16 30.67 82.05 14.33
C GLY F 16 31.22 82.96 13.25
N LYS F 17 30.52 84.05 12.97
CA LYS F 17 30.99 84.98 11.97
C LYS F 17 30.60 86.40 12.34
N ILE F 18 31.34 87.37 11.81
CA ILE F 18 31.06 88.78 12.08
C ILE F 18 30.86 89.47 10.75
N SER F 19 29.72 90.15 10.58
CA SER F 19 29.40 90.85 9.33
C SER F 19 29.54 92.35 9.54
N VAL F 20 30.20 93.02 8.58
CA VAL F 20 30.41 94.47 8.66
C VAL F 20 29.90 95.07 7.37
N SER F 21 28.77 95.77 7.42
CA SER F 21 28.20 96.37 6.22
C SER F 21 28.38 97.87 6.21
N PHE F 22 28.38 98.46 5.01
CA PHE F 22 28.53 99.90 4.82
C PHE F 22 27.46 100.39 3.85
N ASP F 23 27.04 101.65 4.01
CA ASP F 23 26.02 102.23 3.12
C ASP F 23 26.70 102.75 1.85
N ASP F 24 25.92 103.31 0.93
CA ASP F 24 26.45 103.82 -0.33
C ASP F 24 27.44 104.95 -0.12
N SER F 25 27.27 105.75 0.94
CA SER F 25 28.14 106.89 1.23
C SER F 25 29.49 106.47 1.83
N GLY F 26 29.66 105.18 2.11
CA GLY F 26 30.89 104.66 2.68
C GLY F 26 30.91 104.68 4.19
N ASN F 27 29.78 105.00 4.83
CA ASN F 27 29.72 105.05 6.29
C ASN F 27 29.38 103.68 6.88
N LEU F 28 29.87 103.42 8.10
CA LEU F 28 29.62 102.17 8.82
C LEU F 28 28.12 102.04 9.06
N ASP F 29 27.51 100.98 8.52
CA ASP F 29 26.07 100.77 8.61
C ASP F 29 25.65 99.77 9.70
N LYS F 30 26.05 98.50 9.57
CA LYS F 30 25.67 97.46 10.54
C LYS F 30 26.79 96.50 10.85
N VAL F 31 26.95 96.19 12.15
CA VAL F 31 27.97 95.24 12.60
C VAL F 31 27.29 94.23 13.51
N ARG F 32 27.23 92.98 13.06
CA ARG F 32 26.58 91.92 13.85
C ARG F 32 27.49 90.71 14.08
N PHE F 33 27.17 89.95 15.13
CA PHE F 33 27.88 88.73 15.48
C PHE F 33 26.91 87.57 15.27
N HIS F 34 27.23 86.64 14.37
CA HIS F 34 26.35 85.52 14.06
C HIS F 34 26.93 84.18 14.45
N VAL F 35 26.08 83.31 15.00
CA VAL F 35 26.45 81.95 15.38
C VAL F 35 25.68 81.11 14.39
N VAL F 36 26.39 80.28 13.58
CA VAL F 36 25.73 79.47 12.53
C VAL F 36 25.47 78.03 12.84
N GLU F 37 25.47 77.63 14.11
CA GLU F 37 25.21 76.22 14.44
C GLU F 37 24.15 76.02 15.55
N VAL F 38 23.52 74.83 15.56
CA VAL F 38 22.53 74.45 16.57
C VAL F 38 22.21 72.96 16.37
N ARG F 39 22.30 72.15 17.44
CA ARG F 39 22.04 70.72 17.39
C ARG F 39 20.70 70.31 18.07
N GLY F 40 20.12 71.21 18.85
CA GLY F 40 18.83 70.99 19.52
C GLY F 40 18.78 69.86 20.53
N PHE F 41 19.66 69.89 21.53
CA PHE F 41 19.68 68.86 22.56
C PHE F 41 18.42 68.94 23.41
N GLU F 42 18.00 70.15 23.75
CA GLU F 42 16.83 70.35 24.60
C GLU F 42 15.62 69.55 24.14
N LYS F 43 15.52 69.25 22.85
CA LYS F 43 14.37 68.50 22.35
C LYS F 43 14.67 67.03 22.28
N PHE F 44 15.81 66.62 21.72
CA PHE F 44 16.08 65.18 21.61
C PHE F 44 16.29 64.51 22.96
N LEU F 45 16.60 65.27 24.01
CA LEU F 45 16.76 64.66 25.33
C LEU F 45 15.39 64.08 25.75
N GLU F 46 14.29 64.64 25.22
CA GLU F 46 12.94 64.15 25.56
C GLU F 46 12.81 62.70 25.17
N GLY F 47 12.23 61.89 26.07
CA GLY F 47 12.05 60.46 25.83
C GLY F 47 13.20 59.61 26.31
N ARG F 48 14.34 60.23 26.57
CA ARG F 48 15.50 59.48 27.04
C ARG F 48 15.35 59.21 28.53
N TYR F 49 16.21 58.35 29.07
CA TYR F 49 16.23 58.04 30.50
C TYR F 49 16.87 59.25 31.19
N VAL F 50 16.31 59.69 32.32
CA VAL F 50 16.89 60.85 33.01
C VAL F 50 18.32 60.55 33.51
N GLU F 51 18.56 59.32 34.00
CA GLU F 51 19.89 58.94 34.51
C GLU F 51 20.95 58.91 33.39
N ASP F 52 20.52 59.00 32.12
CA ASP F 52 21.45 59.01 30.99
C ASP F 52 21.81 60.44 30.57
N ALA F 53 21.16 61.45 31.18
CA ALA F 53 21.47 62.84 30.83
C ALA F 53 22.98 63.15 31.00
N PRO F 54 23.63 62.70 32.09
CA PRO F 54 25.06 62.99 32.25
C PRO F 54 25.95 62.27 31.22
N ILE F 55 25.33 61.48 30.32
CA ILE F 55 26.07 60.77 29.27
C ILE F 55 25.94 61.58 27.98
N TYR F 56 24.73 62.14 27.72
CA TYR F 56 24.46 62.95 26.52
C TYR F 56 24.90 64.42 26.61
N THR F 57 24.62 65.11 27.73
CA THR F 57 24.97 66.53 27.84
C THR F 57 26.47 66.80 27.65
N PRO F 58 27.39 65.98 28.19
CA PRO F 58 28.81 66.26 27.97
C PRO F 58 29.10 66.43 26.48
N ARG F 59 28.35 65.74 25.63
CA ARG F 59 28.55 65.81 24.19
C ARG F 59 28.12 67.14 23.57
N ILE F 60 27.78 68.11 24.42
CA ILE F 60 27.40 69.44 23.95
C ILE F 60 28.68 70.19 23.54
N CYS F 61 29.78 69.97 24.30
CA CYS F 61 31.06 70.62 24.02
C CYS F 61 32.20 69.77 24.54
N GLY F 62 33.28 69.70 23.77
CA GLY F 62 34.47 68.92 24.11
C GLY F 62 35.44 69.57 25.07
N ILE F 63 35.24 70.84 25.39
CA ILE F 63 36.14 71.57 26.29
C ILE F 63 35.60 71.56 27.71
N CYS F 64 34.30 71.78 27.87
CA CYS F 64 33.68 71.86 29.18
C CYS F 64 32.74 70.67 29.48
N GLN F 65 33.03 69.50 28.91
CA GLN F 65 32.18 68.32 29.08
C GLN F 65 32.01 67.92 30.55
N VAL F 66 33.01 68.24 31.42
CA VAL F 66 32.92 67.95 32.85
C VAL F 66 31.78 68.76 33.47
N ALA F 67 31.72 70.04 33.14
CA ALA F 67 30.69 70.93 33.66
C ALA F 67 29.28 70.44 33.37
N HIS F 68 29.04 69.89 32.18
CA HIS F 68 27.70 69.36 31.82
C HIS F 68 27.42 68.05 32.55
N HIS F 69 28.47 67.23 32.77
CA HIS F 69 28.33 65.93 33.44
C HIS F 69 27.84 66.14 34.84
N LEU F 70 28.47 67.03 35.55
CA LEU F 70 28.12 67.35 36.92
C LEU F 70 26.80 68.09 36.97
N ALA F 71 26.61 69.07 36.08
CA ALA F 71 25.37 69.84 36.05
C ALA F 71 24.19 68.89 35.91
N SER F 72 24.29 67.91 35.01
CA SER F 72 23.20 66.95 34.84
C SER F 72 23.10 66.08 36.05
N ALA F 73 24.24 65.61 36.54
CA ALA F 73 24.25 64.76 37.73
C ALA F 73 23.46 65.43 38.84
N LYS F 74 23.76 66.72 39.11
CA LYS F 74 23.04 67.48 40.16
C LYS F 74 21.53 67.51 39.85
N ALA F 75 21.17 67.70 38.57
CA ALA F 75 19.77 67.75 38.17
C ALA F 75 19.11 66.39 38.42
N VAL F 76 19.78 65.33 38.00
CA VAL F 76 19.27 63.97 38.19
C VAL F 76 19.12 63.73 39.71
N ASP F 77 20.08 64.20 40.52
CA ASP F 77 20.00 64.05 41.98
C ASP F 77 18.82 64.81 42.57
N ASN F 78 18.26 65.77 41.84
CA ASN F 78 17.11 66.53 42.31
C ASN F 78 15.83 65.93 41.75
N VAL F 79 15.93 65.13 40.66
CA VAL F 79 14.75 64.47 40.07
C VAL F 79 14.35 63.43 41.11
N PHE F 80 15.30 62.60 41.52
CA PHE F 80 15.06 61.62 42.56
C PHE F 80 15.38 62.47 43.80
N GLY F 81 14.57 62.45 44.83
CA GLY F 81 14.86 63.25 46.02
C GLY F 81 16.03 62.68 46.81
N VAL F 82 17.26 62.73 46.24
CA VAL F 82 18.45 62.16 46.91
C VAL F 82 19.60 63.15 47.08
N LYS F 83 20.11 63.24 48.32
CA LYS F 83 21.22 64.10 48.72
C LYS F 83 22.45 63.20 48.69
N ILE F 84 23.44 63.55 47.85
CA ILE F 84 24.63 62.71 47.72
C ILE F 84 25.58 62.83 48.91
N PRO F 85 26.35 61.76 49.22
CA PRO F 85 27.27 61.83 50.36
C PRO F 85 28.37 62.87 50.18
N GLU F 86 28.95 63.32 51.31
CA GLU F 86 30.00 64.33 51.29
C GLU F 86 31.20 63.93 50.43
N THR F 87 31.61 62.65 50.45
CA THR F 87 32.76 62.20 49.66
C THR F 87 32.49 62.43 48.16
N ALA F 88 31.25 62.19 47.72
CA ALA F 88 30.87 62.36 46.33
C ALA F 88 30.83 63.83 45.95
N GLU F 89 30.57 64.72 46.91
CA GLU F 89 30.52 66.15 46.64
C GLU F 89 31.96 66.62 46.39
N LEU F 90 32.88 66.23 47.28
CA LEU F 90 34.29 66.62 47.16
C LEU F 90 34.91 66.04 45.88
N LEU F 91 34.55 64.80 45.52
CA LEU F 91 35.10 64.17 44.32
C LEU F 91 34.62 64.93 43.08
N ARG F 92 33.31 65.11 42.97
CA ARG F 92 32.72 65.82 41.84
C ARG F 92 33.34 67.19 41.69
N ASN F 93 33.59 67.87 42.82
CA ASN F 93 34.18 69.19 42.83
C ASN F 93 35.61 69.11 42.35
N LEU F 94 36.37 68.16 42.87
CA LEU F 94 37.76 67.98 42.48
C LEU F 94 37.81 67.81 40.96
N MET F 95 36.82 67.12 40.40
CA MET F 95 36.74 66.90 38.96
C MET F 95 36.50 68.26 38.28
N HIS F 96 35.54 69.02 38.79
CA HIS F 96 35.18 70.32 38.25
C HIS F 96 36.36 71.30 38.25
N GLN F 97 37.15 71.30 39.32
CA GLN F 97 38.28 72.21 39.45
C GLN F 97 39.38 71.87 38.45
N GLY F 98 39.64 70.59 38.25
CA GLY F 98 40.67 70.17 37.30
C GLY F 98 40.28 70.57 35.89
N ALA F 99 38.99 70.44 35.57
CA ALA F 99 38.49 70.79 34.24
C ALA F 99 38.67 72.30 34.00
N THR F 100 38.48 73.12 35.06
CA THR F 100 38.65 74.57 34.94
C THR F 100 40.09 74.90 34.62
N VAL F 101 41.00 74.27 35.31
CA VAL F 101 42.43 74.47 35.05
C VAL F 101 42.71 74.14 33.58
N HIS F 102 42.23 72.98 33.11
CA HIS F 102 42.45 72.58 31.73
C HIS F 102 41.81 73.54 30.73
N SER F 103 40.63 74.05 31.07
CA SER F 103 39.91 74.98 30.21
C SER F 103 40.59 76.33 30.15
N HIS F 104 40.77 76.99 31.30
CA HIS F 104 41.38 78.31 31.35
C HIS F 104 42.77 78.30 30.71
N ALA F 105 43.57 77.26 30.99
CA ALA F 105 44.92 77.16 30.42
C ALA F 105 44.81 77.15 28.90
N LEU F 106 43.88 76.32 28.41
CA LEU F 106 43.64 76.17 26.99
C LEU F 106 43.31 77.51 26.33
N HIS F 107 42.20 78.14 26.73
CA HIS F 107 41.81 79.41 26.15
C HIS F 107 42.92 80.48 26.17
N PHE F 108 43.46 80.77 27.36
CA PHE F 108 44.49 81.79 27.48
C PHE F 108 45.71 81.57 26.59
N TYR F 109 46.31 80.40 26.66
CA TYR F 109 47.51 80.14 25.90
C TYR F 109 47.35 79.79 24.43
N MET F 110 46.36 78.99 24.09
CA MET F 110 46.20 78.59 22.70
C MET F 110 45.21 79.44 21.91
N LEU F 111 44.28 80.10 22.59
CA LEU F 111 43.33 80.91 21.85
C LEU F 111 43.53 82.43 22.05
N ALA F 112 43.77 82.90 23.28
CA ALA F 112 43.94 84.36 23.53
C ALA F 112 45.36 84.92 23.29
N ALA F 113 46.38 84.31 23.91
CA ALA F 113 47.78 84.73 23.81
C ALA F 113 48.27 85.13 22.42
N PRO F 114 47.95 84.43 21.32
CA PRO F 114 48.47 84.88 20.01
C PRO F 114 48.18 86.33 19.70
N ASP F 115 47.01 86.84 20.11
CA ASP F 115 46.67 88.25 19.86
C ASP F 115 47.32 89.13 20.93
N LEU F 116 47.33 88.67 22.18
CA LEU F 116 47.91 89.46 23.28
C LEU F 116 49.43 89.59 23.09
N MET F 117 50.04 88.66 22.37
CA MET F 117 51.48 88.70 22.13
C MET F 117 51.76 89.45 20.83
N PHE F 118 50.96 89.19 19.79
CA PHE F 118 51.13 89.83 18.49
C PHE F 118 49.86 90.59 18.12
N PRO F 119 49.61 91.75 18.76
CA PRO F 119 48.38 92.48 18.43
C PRO F 119 48.40 93.21 17.09
N THR F 120 49.57 93.66 16.64
CA THR F 120 49.70 94.39 15.38
C THR F 120 50.47 93.61 14.31
N THR F 121 50.21 92.32 14.16
CA THR F 121 50.96 91.54 13.17
C THR F 121 50.26 91.35 11.83
N ASP F 122 51.05 91.50 10.77
CA ASP F 122 50.59 91.33 9.40
C ASP F 122 50.44 89.85 9.06
N ASP F 123 51.39 89.00 9.54
CA ASP F 123 51.40 87.56 9.26
C ASP F 123 50.41 86.73 10.08
N VAL F 124 49.57 85.99 9.37
CA VAL F 124 48.57 85.12 9.97
C VAL F 124 49.21 83.86 10.53
N LEU F 125 50.22 83.33 9.83
CA LEU F 125 50.91 82.11 10.23
C LEU F 125 51.71 82.27 11.52
N LYS F 126 51.83 83.52 12.03
CA LYS F 126 52.55 83.80 13.27
C LYS F 126 51.58 83.94 14.44
N ARG F 127 50.35 84.40 14.17
CA ARG F 127 49.34 84.60 15.20
C ARG F 127 48.65 83.28 15.64
N ASN F 128 49.42 82.37 16.22
CA ASN F 128 48.93 81.08 16.71
C ASN F 128 49.94 80.49 17.70
N LEU F 129 49.64 79.32 18.30
CA LEU F 129 50.55 78.72 19.28
C LEU F 129 51.86 78.26 18.67
N MET F 130 51.89 77.96 17.36
CA MET F 130 53.12 77.53 16.70
C MET F 130 54.06 78.73 16.59
N GLY F 131 53.49 79.92 16.39
CA GLY F 131 54.26 81.15 16.31
C GLY F 131 54.80 81.55 17.65
N ILE F 132 54.02 81.33 18.71
CA ILE F 132 54.44 81.67 20.07
C ILE F 132 55.56 80.72 20.47
N ALA F 133 55.35 79.41 20.22
CA ALA F 133 56.33 78.38 20.57
C ALA F 133 57.69 78.60 19.91
N LYS F 134 57.73 79.26 18.74
CA LYS F 134 59.01 79.48 18.06
C LYS F 134 59.86 80.52 18.81
N GLU F 135 59.24 81.59 19.29
CA GLU F 135 59.97 82.64 20.01
C GLU F 135 59.88 82.45 21.51
N HIS F 136 58.93 81.64 21.99
CA HIS F 136 58.76 81.39 23.42
C HIS F 136 58.30 79.96 23.63
N PRO F 137 59.20 78.98 23.59
CA PRO F 137 58.77 77.59 23.79
C PRO F 137 58.33 77.31 25.22
N GLU F 138 58.95 77.99 26.18
CA GLU F 138 58.67 77.86 27.61
C GLU F 138 57.20 78.12 27.92
N ILE F 139 56.63 79.15 27.29
CA ILE F 139 55.24 79.56 27.49
C ILE F 139 54.25 78.46 27.08
N ILE F 140 54.51 77.79 25.96
CA ILE F 140 53.62 76.74 25.46
C ILE F 140 53.84 75.42 26.22
N LYS F 141 55.08 75.12 26.60
CA LYS F 141 55.37 73.91 27.35
C LYS F 141 54.67 73.97 28.71
N ASP F 142 54.74 75.14 29.37
CA ASP F 142 54.10 75.36 30.66
C ASP F 142 52.59 75.25 30.51
N ALA F 143 52.05 75.74 29.40
CA ALA F 143 50.61 75.69 29.14
C ALA F 143 50.17 74.26 28.97
N ILE F 144 50.98 73.48 28.26
CA ILE F 144 50.71 72.06 28.02
C ILE F 144 50.71 71.31 29.35
N GLU F 145 51.67 71.64 30.23
CA GLU F 145 51.79 71.00 31.53
C GLU F 145 50.59 71.31 32.40
N LEU F 146 50.03 72.52 32.29
CA LEU F 146 48.85 72.88 33.08
C LEU F 146 47.70 72.03 32.63
N ARG F 147 47.52 71.88 31.32
CA ARG F 147 46.42 71.07 30.78
C ARG F 147 46.64 69.60 31.16
N LYS F 148 47.86 69.09 30.92
CA LYS F 148 48.19 67.70 31.25
C LYS F 148 47.78 67.41 32.69
N ALA F 149 48.10 68.34 33.61
CA ALA F 149 47.77 68.18 35.02
C ALA F 149 46.25 68.24 35.24
N GLY F 150 45.60 69.22 34.63
CA GLY F 150 44.17 69.38 34.76
C GLY F 150 43.39 68.18 34.26
N GLN F 151 43.67 67.75 33.01
CA GLN F 151 42.99 66.61 32.40
C GLN F 151 43.29 65.33 33.19
N ASN F 152 44.50 65.23 33.79
CA ASN F 152 44.88 64.06 34.58
C ASN F 152 43.90 63.93 35.74
N VAL F 153 43.66 65.03 36.46
CA VAL F 153 42.71 65.03 37.58
C VAL F 153 41.35 64.49 37.10
N VAL F 154 40.85 65.01 35.97
CA VAL F 154 39.57 64.59 35.42
C VAL F 154 39.60 63.11 35.04
N ARG F 155 40.65 62.68 34.36
CA ARG F 155 40.76 61.29 33.93
C ARG F 155 40.68 60.34 35.13
N VAL F 156 41.36 60.70 36.22
CA VAL F 156 41.38 59.87 37.42
C VAL F 156 40.01 59.84 38.12
N VAL F 157 39.48 61.00 38.46
CA VAL F 157 38.22 61.12 39.17
C VAL F 157 37.04 60.80 38.28
N GLY F 158 36.96 61.48 37.14
CA GLY F 158 35.88 61.32 36.18
C GLY F 158 35.87 60.01 35.41
N GLY F 159 37.04 59.38 35.28
CA GLY F 159 37.16 58.14 34.53
C GLY F 159 37.72 58.39 33.14
N ARG F 160 37.30 59.50 32.50
CA ARG F 160 37.75 59.91 31.16
C ARG F 160 38.06 61.40 31.14
N ALA F 161 39.22 61.78 30.54
CA ALA F 161 39.63 63.18 30.42
C ALA F 161 38.58 64.01 29.67
N ILE F 162 38.02 63.43 28.61
CA ILE F 162 37.00 64.09 27.81
C ILE F 162 35.73 63.23 27.95
N HIS F 163 34.63 63.83 28.42
CA HIS F 163 33.34 63.15 28.63
C HIS F 163 33.47 62.15 29.78
N PRO F 164 33.54 62.64 31.03
CA PRO F 164 33.68 61.71 32.18
C PRO F 164 32.42 60.91 32.37
N VAL F 165 32.49 59.84 33.17
CA VAL F 165 31.33 58.97 33.36
C VAL F 165 31.06 58.54 34.81
N THR F 166 31.78 59.09 35.80
CA THR F 166 31.59 58.66 37.18
C THR F 166 30.44 59.33 37.93
N ALA F 167 30.04 60.53 37.55
CA ALA F 167 28.93 61.16 38.25
C ALA F 167 27.65 60.42 37.92
N VAL F 168 27.19 59.56 38.85
CA VAL F 168 25.97 58.75 38.67
C VAL F 168 24.89 59.17 39.66
N VAL F 169 23.75 58.46 39.64
CA VAL F 169 22.63 58.74 40.54
C VAL F 169 23.02 58.34 41.97
N GLY F 170 23.07 59.32 42.87
CA GLY F 170 23.44 59.06 44.26
C GLY F 170 24.88 59.39 44.59
N GLY F 171 25.66 59.79 43.58
CA GLY F 171 27.06 60.14 43.80
C GLY F 171 28.00 59.70 42.71
N GLN F 172 29.06 58.97 43.08
CA GLN F 172 30.06 58.50 42.13
C GLN F 172 30.05 56.99 42.00
N SER F 173 30.49 56.49 40.83
CA SER F 173 30.56 55.06 40.56
C SER F 173 31.84 54.45 41.14
N LYS F 174 32.89 55.26 41.32
CA LYS F 174 34.14 54.74 41.87
C LYS F 174 34.80 55.71 42.84
N SER F 175 35.43 55.18 43.88
CA SER F 175 36.09 55.97 44.91
C SER F 175 37.56 56.21 44.57
N LEU F 176 38.11 57.32 45.04
CA LEU F 176 39.51 57.64 44.78
C LEU F 176 40.39 56.81 45.71
N LYS F 177 41.34 56.04 45.14
CA LYS F 177 42.24 55.22 45.96
C LYS F 177 43.29 56.11 46.61
N GLU F 178 43.88 55.68 47.73
CA GLU F 178 44.89 56.50 48.40
C GLU F 178 46.16 56.67 47.56
N GLU F 179 46.50 55.64 46.77
CA GLU F 179 47.69 55.69 45.91
C GLU F 179 47.48 56.77 44.85
N GLU F 180 46.25 56.90 44.33
CA GLU F 180 45.90 57.88 43.31
C GLU F 180 45.94 59.28 43.93
N ARG F 181 45.35 59.45 45.12
CA ARG F 181 45.32 60.75 45.82
C ARG F 181 46.75 61.24 46.11
N ASP F 182 47.63 60.37 46.60
CA ASP F 182 49.02 60.76 46.90
C ASP F 182 49.70 61.31 45.64
N GLU F 183 49.61 60.58 44.53
CA GLU F 183 50.24 60.99 43.28
C GLU F 183 49.65 62.33 42.81
N LEU F 184 48.34 62.49 42.92
CA LEU F 184 47.67 63.71 42.52
C LEU F 184 48.05 64.88 43.41
N LEU F 185 48.20 64.62 44.70
CA LEU F 185 48.55 65.65 45.67
C LEU F 185 49.99 66.18 45.43
N LYS F 186 50.92 65.28 45.08
CA LYS F 186 52.30 65.65 44.81
C LYS F 186 52.36 66.56 43.58
N LEU F 187 51.61 66.19 42.55
CA LEU F 187 51.56 66.95 41.29
C LEU F 187 50.83 68.30 41.41
N SER F 188 49.84 68.40 42.33
CA SER F 188 49.04 69.62 42.52
C SER F 188 49.86 70.87 42.82
N GLU F 189 50.96 70.73 43.55
CA GLU F 189 51.83 71.86 43.89
C GLU F 189 52.44 72.46 42.62
N ARG F 190 52.87 71.61 41.69
CA ARG F 190 53.45 72.03 40.43
C ARG F 190 52.41 72.75 39.55
N THR F 191 51.12 72.40 39.71
CA THR F 191 50.04 73.03 38.94
C THR F 191 49.80 74.45 39.45
N ILE F 192 49.98 74.66 40.75
CA ILE F 192 49.80 75.96 41.38
C ILE F 192 50.96 76.86 40.95
N GLU F 193 52.17 76.30 40.89
CA GLU F 193 53.36 77.06 40.49
C GLU F 193 53.12 77.65 39.12
N LEU F 194 52.76 76.80 38.16
CA LEU F 194 52.52 77.20 36.78
C LEU F 194 51.40 78.23 36.67
N SER F 195 50.35 78.12 37.50
CA SER F 195 49.23 79.07 37.48
C SER F 195 49.67 80.43 37.98
N GLU F 196 50.62 80.46 38.92
CA GLU F 196 51.12 81.73 39.44
C GLU F 196 51.94 82.39 38.32
N LYS F 197 52.71 81.56 37.60
CA LYS F 197 53.56 82.01 36.50
C LYS F 197 52.68 82.49 35.35
N SER F 198 51.53 81.88 35.18
CA SER F 198 50.62 82.27 34.12
C SER F 198 50.10 83.69 34.32
N ILE F 199 49.80 84.08 35.56
CA ILE F 199 49.29 85.42 35.85
C ILE F 199 50.37 86.44 35.49
N GLU F 200 51.61 86.13 35.84
CA GLU F 200 52.71 87.03 35.54
C GLU F 200 52.82 87.19 34.02
N VAL F 201 52.65 86.10 33.26
CA VAL F 201 52.71 86.17 31.80
C VAL F 201 51.56 87.03 31.30
N GLY F 202 50.40 86.87 31.91
CA GLY F 202 49.23 87.65 31.55
C GLY F 202 49.47 89.12 31.80
N LYS F 203 50.12 89.45 32.93
CA LYS F 203 50.42 90.84 33.26
C LYS F 203 51.26 91.43 32.12
N LYS F 204 52.33 90.73 31.74
CA LYS F 204 53.21 91.17 30.66
C LYS F 204 52.43 91.44 29.39
N LEU F 205 51.66 90.45 28.94
CA LEU F 205 50.91 90.57 27.71
C LEU F 205 49.84 91.66 27.73
N LEU F 206 49.13 91.84 28.85
CA LEU F 206 48.10 92.87 28.92
C LEU F 206 48.69 94.28 28.97
N GLU F 207 50.00 94.38 29.30
CA GLU F 207 50.68 95.68 29.35
C GLU F 207 50.91 96.05 27.89
N ASN F 208 51.31 95.07 27.08
CA ASN F 208 51.57 95.23 25.64
C ASN F 208 50.27 95.62 24.93
N ILE F 209 49.13 95.18 25.48
CA ILE F 209 47.82 95.48 24.93
C ILE F 209 47.50 96.93 25.25
N LYS F 210 47.80 97.38 26.48
CA LYS F 210 47.54 98.76 26.86
C LYS F 210 48.46 99.68 26.06
N ASP F 211 49.70 99.24 25.82
CA ASP F 211 50.67 100.03 25.06
C ASP F 211 50.19 100.33 23.63
N GLU F 212 49.27 99.52 23.11
CA GLU F 212 48.73 99.72 21.75
C GLU F 212 47.29 100.25 21.85
N ASP F 213 46.86 100.64 23.06
CA ASP F 213 45.51 101.15 23.34
C ASP F 213 44.43 100.19 22.86
N LEU F 214 44.45 98.97 23.38
CA LEU F 214 43.47 97.93 23.02
C LEU F 214 42.76 97.37 24.25
N LEU F 215 43.09 97.87 25.45
CA LEU F 215 42.48 97.38 26.69
C LEU F 215 41.02 97.79 26.81
N ASP F 216 40.60 98.82 26.06
CA ASP F 216 39.23 99.33 26.09
C ASP F 216 38.37 98.88 24.91
N ILE F 217 38.82 97.89 24.11
CA ILE F 217 38.03 97.46 22.96
C ILE F 217 36.73 96.78 23.42
N GLY F 218 35.63 97.16 22.79
CA GLY F 218 34.31 96.63 23.11
C GLY F 218 33.77 97.00 24.49
N TYR F 219 34.36 98.03 25.13
CA TYR F 219 33.90 98.44 26.47
C TYR F 219 32.41 98.84 26.50
N PHE F 220 31.76 98.54 27.64
CA PHE F 220 30.36 98.87 27.92
C PHE F 220 30.08 98.39 29.33
N GLU F 221 29.22 99.11 30.05
CA GLU F 221 28.88 98.78 31.43
C GLU F 221 27.67 97.89 31.45
N SER F 222 27.63 96.91 32.35
CA SER F 222 26.52 95.98 32.41
C SER F 222 26.43 95.29 33.76
N ALA F 223 25.38 94.50 33.98
CA ALA F 223 25.24 93.76 35.22
C ALA F 223 26.21 92.57 35.15
N HIS F 224 26.34 91.82 36.25
CA HIS F 224 27.25 90.68 36.27
C HIS F 224 26.68 89.57 37.14
N MET F 225 26.82 88.32 36.68
CA MET F 225 26.30 87.19 37.42
C MET F 225 27.34 86.13 37.74
N GLY F 226 27.24 85.56 38.95
CA GLY F 226 28.14 84.52 39.41
C GLY F 226 27.57 83.82 40.64
N MET F 227 28.08 82.62 40.92
CA MET F 227 27.66 81.83 42.07
C MET F 227 28.54 82.13 43.27
N VAL F 228 27.93 82.25 44.45
CA VAL F 228 28.70 82.50 45.67
C VAL F 228 28.16 81.67 46.83
N ASN F 229 29.07 81.24 47.72
CA ASN F 229 28.74 80.45 48.91
C ASN F 229 29.10 81.32 50.11
N ASN F 230 28.11 81.99 50.70
CA ASN F 230 28.30 82.90 51.84
C ASN F 230 29.15 84.09 51.38
N GLY F 231 28.94 84.48 50.13
CA GLY F 231 29.64 85.60 49.51
C GLY F 231 30.97 85.21 48.88
N VAL F 232 31.52 84.07 49.27
CA VAL F 232 32.80 83.60 48.76
C VAL F 232 32.63 83.01 47.38
N HIS F 233 33.64 83.23 46.54
CA HIS F 233 33.68 82.72 45.18
C HIS F 233 33.62 81.19 45.20
N ASP F 234 32.65 80.60 44.50
CA ASP F 234 32.52 79.15 44.45
C ASP F 234 31.97 78.72 43.11
N LEU F 235 32.67 77.80 42.43
CA LEU F 235 32.25 77.32 41.12
C LEU F 235 31.37 76.08 41.18
N TYR F 236 31.37 75.35 42.31
CA TYR F 236 30.60 74.13 42.47
C TYR F 236 29.23 74.31 43.14
N ASP F 237 29.18 74.88 44.36
CA ASP F 237 27.92 75.07 45.07
C ASP F 237 27.74 76.50 45.57
N GLY F 238 26.49 76.90 45.77
CA GLY F 238 26.16 78.23 46.26
C GLY F 238 24.86 78.77 45.70
N LYS F 239 24.72 80.10 45.77
CA LYS F 239 23.54 80.81 45.27
C LYS F 239 24.02 81.77 44.17
N LEU F 240 23.14 82.09 43.21
CA LEU F 240 23.54 82.98 42.13
C LEU F 240 23.30 84.43 42.48
N ARG F 241 24.39 85.19 42.61
CA ARG F 241 24.35 86.61 42.94
C ARG F 241 24.44 87.45 41.67
N VAL F 242 23.74 88.59 41.64
CA VAL F 242 23.74 89.49 40.49
C VAL F 242 23.99 90.90 40.97
N VAL F 243 24.99 91.61 40.41
CA VAL F 243 25.27 92.99 40.79
C VAL F 243 25.09 93.90 39.57
N ASN F 244 24.68 95.15 39.79
CA ASN F 244 24.46 96.09 38.69
C ASN F 244 25.78 96.75 38.27
N SER F 245 25.73 97.68 37.30
CA SER F 245 26.93 98.36 36.83
C SER F 245 27.62 99.19 37.91
N GLU F 246 26.90 99.54 38.99
CA GLU F 246 27.47 100.31 40.11
C GLU F 246 28.05 99.38 41.19
N GLY F 247 27.71 98.10 41.14
CA GLY F 247 28.21 97.13 42.10
C GLY F 247 27.24 96.70 43.18
N LYS F 248 26.05 97.33 43.23
CA LYS F 248 25.05 96.96 44.24
C LYS F 248 24.40 95.63 43.88
N VAL F 249 24.20 94.76 44.88
CA VAL F 249 23.60 93.44 44.66
C VAL F 249 22.13 93.58 44.30
N GLU F 250 21.80 93.29 43.04
CA GLU F 250 20.43 93.36 42.55
C GLU F 250 19.66 92.10 42.96
N TYR F 251 20.28 90.92 42.81
CA TYR F 251 19.62 89.67 43.14
C TYR F 251 20.56 88.66 43.80
N GLU F 252 19.95 87.63 44.40
CA GLU F 252 20.63 86.53 45.06
C GLU F 252 19.58 85.41 45.19
N PHE F 253 19.76 84.30 44.47
CA PHE F 253 18.75 83.25 44.52
C PHE F 253 19.31 81.86 44.27
N ASP F 254 18.54 80.85 44.66
CA ASP F 254 18.89 79.45 44.47
C ASP F 254 18.69 79.14 43.00
N PRO F 255 19.64 78.46 42.36
CA PRO F 255 19.48 78.17 40.93
C PRO F 255 18.10 77.63 40.53
N SER F 256 17.41 76.91 41.44
CA SER F 256 16.08 76.39 41.11
C SER F 256 15.07 77.47 40.67
N GLU F 257 15.25 78.72 41.14
CA GLU F 257 14.34 79.82 40.81
C GLU F 257 14.78 80.67 39.58
N TYR F 258 15.84 80.25 38.88
CA TYR F 258 16.38 80.96 37.72
C TYR F 258 15.35 81.40 36.65
N MET F 259 14.25 80.67 36.46
CA MET F 259 13.28 81.07 35.44
C MET F 259 12.55 82.36 35.79
N ASN F 260 12.67 82.81 37.05
CA ASN F 260 12.00 84.04 37.50
C ASN F 260 12.96 85.24 37.39
N TYR F 261 14.24 84.98 37.16
CA TYR F 261 15.26 86.00 37.04
C TYR F 261 15.86 86.10 35.64
N ILE F 262 15.95 84.98 34.92
CA ILE F 262 16.53 84.98 33.57
C ILE F 262 15.50 84.77 32.49
N ALA F 263 15.69 85.46 31.35
CA ALA F 263 14.82 85.38 30.19
C ALA F 263 15.76 85.33 28.99
N GLU F 264 15.34 84.68 27.89
CA GLU F 264 16.18 84.55 26.69
C GLU F 264 15.46 85.05 25.43
N GLY F 265 15.99 86.12 24.85
CA GLY F 265 15.43 86.70 23.64
C GLY F 265 15.95 86.02 22.40
N VAL F 266 15.27 86.23 21.27
CA VAL F 266 15.66 85.63 19.99
C VAL F 266 15.68 86.71 18.88
N LYS F 267 16.77 86.74 18.09
CA LYS F 267 16.93 87.66 16.96
C LYS F 267 17.06 86.81 15.68
N PRO F 268 16.60 87.28 14.52
CA PRO F 268 16.68 86.43 13.31
C PRO F 268 18.05 86.23 12.67
N TYR F 269 19.06 86.97 13.10
CA TYR F 269 20.39 86.84 12.48
C TYR F 269 21.36 85.88 13.16
N SER F 270 20.95 85.22 14.28
CA SER F 270 21.86 84.27 14.95
C SER F 270 21.16 83.08 15.67
N TYR F 271 21.77 81.88 15.61
CA TYR F 271 21.23 80.71 16.28
C TYR F 271 21.45 80.82 17.79
N LEU F 272 22.27 81.79 18.24
CA LEU F 272 22.52 81.99 19.66
C LEU F 272 21.50 83.01 20.20
N LYS F 273 20.87 82.70 21.33
CA LYS F 273 19.86 83.58 21.93
C LYS F 273 20.49 84.75 22.65
N PHE F 274 19.65 85.74 23.00
CA PHE F 274 20.08 86.97 23.69
C PHE F 274 19.40 87.06 25.06
N PRO F 275 20.04 86.55 26.13
CA PRO F 275 19.40 86.59 27.45
C PRO F 275 19.49 87.95 28.13
N TYR F 276 18.77 88.08 29.25
CA TYR F 276 18.74 89.31 30.03
C TYR F 276 17.98 89.10 31.32
N LEU F 277 18.03 90.08 32.22
CA LEU F 277 17.34 90.00 33.49
C LEU F 277 15.84 90.27 33.27
N LYS F 278 15.04 89.20 33.36
CA LYS F 278 13.58 89.21 33.17
C LYS F 278 12.88 90.50 33.61
N ASP F 279 13.15 90.96 34.83
CA ASP F 279 12.52 92.17 35.35
C ASP F 279 12.99 93.43 34.64
N LYS F 280 14.31 93.62 34.54
CA LYS F 280 14.89 94.81 33.91
C LYS F 280 14.58 94.94 32.40
N GLY F 281 14.57 93.83 31.68
CA GLY F 281 14.29 93.87 30.24
C GLY F 281 15.49 93.76 29.32
N GLU F 282 15.20 93.61 28.00
CA GLU F 282 16.20 93.46 26.94
C GLU F 282 17.32 94.49 26.93
N GLU F 283 17.05 95.74 27.32
CA GLU F 283 18.08 96.78 27.32
C GLU F 283 18.66 97.03 28.70
N ASP F 284 17.79 97.18 29.71
CA ASP F 284 18.23 97.44 31.08
C ASP F 284 18.82 96.20 31.76
N GLY F 285 18.33 95.03 31.41
CA GLY F 285 18.77 93.77 32.00
C GLY F 285 19.92 93.02 31.37
N ILE F 286 20.79 93.69 30.60
CA ILE F 286 21.92 92.97 30.00
C ILE F 286 22.94 92.62 31.09
N TYR F 287 23.39 91.35 31.14
CA TYR F 287 24.37 90.94 32.15
C TYR F 287 25.47 90.06 31.55
N ARG F 288 26.59 89.90 32.28
CA ARG F 288 27.71 89.08 31.81
C ARG F 288 28.05 87.96 32.78
N VAL F 289 28.69 86.93 32.27
CA VAL F 289 29.08 85.79 33.10
C VAL F 289 30.54 85.40 32.88
N ASN F 290 31.05 84.62 33.84
CA ASN F 290 32.40 84.06 33.88
C ASN F 290 33.54 85.02 34.12
N THR F 291 34.58 84.52 34.80
CA THR F 291 35.80 85.24 35.15
C THR F 291 35.49 86.53 35.89
N LEU F 292 35.64 87.68 35.21
CA LEU F 292 35.42 88.99 35.79
C LEU F 292 34.06 89.09 36.44
N SER F 293 33.01 88.64 35.75
CA SER F 293 31.66 88.69 36.33
C SER F 293 31.65 87.97 37.68
N ARG F 294 32.27 86.81 37.76
CA ARG F 294 32.33 86.06 39.01
C ARG F 294 33.15 86.83 40.04
N LEU F 295 34.28 87.44 39.63
CA LEU F 295 35.11 88.22 40.56
C LEU F 295 34.33 89.43 41.05
N ASN F 296 33.59 90.08 40.14
CA ASN F 296 32.80 91.25 40.47
C ASN F 296 31.78 90.95 41.56
N VAL F 297 30.98 89.89 41.40
CA VAL F 297 29.97 89.55 42.42
C VAL F 297 30.58 89.01 43.72
N SER F 298 31.78 88.40 43.66
CA SER F 298 32.40 87.83 44.85
C SER F 298 33.03 88.84 45.81
N ASP F 299 32.86 88.59 47.12
CA ASP F 299 33.43 89.44 48.16
C ASP F 299 34.91 89.08 48.24
N LYS F 300 35.20 87.77 48.21
CA LYS F 300 36.57 87.26 48.28
C LYS F 300 36.71 85.89 47.59
N MET F 301 37.96 85.49 47.30
CA MET F 301 38.27 84.21 46.68
C MET F 301 38.35 83.16 47.79
N ALA F 302 38.02 81.91 47.47
CA ALA F 302 38.05 80.81 48.45
C ALA F 302 39.47 80.37 48.83
N THR F 303 40.48 80.72 48.01
CA THR F 303 41.86 80.33 48.28
C THR F 303 42.74 81.56 48.55
N PRO F 304 43.80 81.40 49.35
CA PRO F 304 44.64 82.55 49.71
C PRO F 304 45.54 83.15 48.63
N LEU F 305 46.23 82.35 47.81
CA LEU F 305 47.11 82.92 46.78
C LEU F 305 46.29 83.71 45.76
N ALA F 306 45.13 83.20 45.39
CA ALA F 306 44.29 83.87 44.40
C ALA F 306 43.76 85.19 44.94
N GLN F 307 43.42 85.23 46.23
CA GLN F 307 42.88 86.43 46.86
C GLN F 307 43.88 87.57 46.78
N LYS F 308 45.16 87.27 46.99
CA LYS F 308 46.20 88.30 46.93
C LYS F 308 46.17 89.01 45.59
N TYR F 309 46.20 88.24 44.49
CA TYR F 309 46.18 88.81 43.15
C TYR F 309 44.91 89.60 42.92
N TYR F 310 43.79 89.06 43.42
CA TYR F 310 42.46 89.68 43.29
C TYR F 310 42.42 91.01 44.02
N ASP F 311 42.98 91.06 45.23
CA ASP F 311 43.01 92.29 46.00
C ASP F 311 43.81 93.34 45.26
N GLU F 312 44.97 92.94 44.73
CA GLU F 312 45.84 93.87 43.98
C GLU F 312 45.08 94.36 42.76
N PHE F 313 44.30 93.48 42.14
CA PHE F 313 43.52 93.81 40.95
C PHE F 313 42.39 94.80 41.28
N VAL F 314 41.73 94.63 42.42
CA VAL F 314 40.63 95.51 42.82
C VAL F 314 41.17 96.92 43.09
N LYS F 315 42.37 97.04 43.66
CA LYS F 315 42.95 98.34 43.94
C LYS F 315 43.32 99.06 42.63
N GLU F 316 43.74 98.31 41.62
CA GLU F 316 44.16 98.88 40.35
C GLU F 316 43.01 99.20 39.38
N PHE F 317 41.92 98.41 39.39
CA PHE F 317 40.78 98.65 38.48
C PHE F 317 39.43 98.87 39.17
N GLY F 318 39.25 98.34 40.37
CA GLY F 318 38.02 98.54 41.12
C GLY F 318 36.90 97.56 40.85
N LYS F 319 35.82 97.70 41.63
CA LYS F 319 34.64 96.85 41.53
C LYS F 319 33.40 97.68 41.28
N PRO F 320 32.58 97.33 40.27
CA PRO F 320 32.77 96.21 39.33
C PRO F 320 33.56 96.65 38.11
N CYS F 321 34.48 95.81 37.63
CA CYS F 321 35.23 96.15 36.44
C CYS F 321 34.38 95.68 35.25
N HIS F 322 34.34 96.47 34.17
CA HIS F 322 33.54 96.16 32.99
C HIS F 322 34.38 95.98 31.72
N HIS F 323 35.71 96.02 31.83
CA HIS F 323 36.57 95.88 30.67
C HIS F 323 36.57 94.44 30.11
N PRO F 324 36.06 94.24 28.89
CA PRO F 324 36.07 92.89 28.31
C PRO F 324 37.47 92.25 28.32
N MET F 325 38.50 93.00 27.86
CA MET F 325 39.87 92.47 27.81
C MET F 325 40.41 92.04 29.17
N LEU F 326 39.85 92.60 30.27
CA LEU F 326 40.32 92.21 31.58
C LEU F 326 39.72 90.89 32.07
N PHE F 327 38.97 90.21 31.19
CA PHE F 327 38.38 88.89 31.46
C PHE F 327 39.51 87.88 31.35
N HIS F 328 40.51 88.18 30.51
CA HIS F 328 41.67 87.30 30.35
C HIS F 328 42.39 87.24 31.68
N TYR F 329 42.60 88.43 32.30
CA TYR F 329 43.29 88.49 33.58
C TYR F 329 42.49 87.71 34.60
N ALA F 330 41.21 88.05 34.73
CA ALA F 330 40.33 87.38 35.68
C ALA F 330 40.42 85.86 35.48
N ARG F 331 40.46 85.40 34.23
CA ARG F 331 40.56 83.98 33.91
C ARG F 331 41.79 83.35 34.56
N LEU F 332 42.92 84.08 34.57
CA LEU F 332 44.15 83.57 35.16
C LEU F 332 44.06 83.52 36.69
N ILE F 333 43.25 84.38 37.29
CA ILE F 333 43.08 84.38 38.74
C ILE F 333 42.30 83.12 39.07
N GLU F 334 41.27 82.84 38.28
CA GLU F 334 40.44 81.65 38.48
C GLU F 334 41.27 80.40 38.21
N LEU F 335 42.23 80.48 37.27
CA LEU F 335 43.09 79.35 36.93
C LEU F 335 43.89 78.97 38.18
N LEU F 336 44.38 79.98 38.92
CA LEU F 336 45.16 79.72 40.14
C LEU F 336 44.23 79.21 41.23
N SER F 337 43.10 79.90 41.45
CA SER F 337 42.17 79.48 42.48
C SER F 337 41.76 78.01 42.30
N SER F 338 41.45 77.60 41.07
CA SER F 338 41.05 76.21 40.80
C SER F 338 42.21 75.27 41.07
N ALA F 339 43.44 75.62 40.65
CA ALA F 339 44.61 74.79 40.88
C ALA F 339 44.84 74.64 42.39
N GLU F 340 44.56 75.70 43.16
CA GLU F 340 44.70 75.69 44.61
C GLU F 340 43.61 74.84 45.23
N MET F 341 42.40 74.91 44.67
CA MET F 341 41.29 74.14 45.20
C MET F 341 41.51 72.63 45.00
N VAL F 342 42.24 72.26 43.94
CA VAL F 342 42.54 70.84 43.67
C VAL F 342 43.38 70.32 44.83
N LYS F 343 44.39 71.10 45.24
CA LYS F 343 45.26 70.71 46.37
C LYS F 343 44.45 70.67 47.66
N GLU F 344 43.62 71.70 47.88
CA GLU F 344 42.79 71.78 49.09
C GLU F 344 41.88 70.58 49.27
N LEU F 345 41.21 70.17 48.18
CA LEU F 345 40.30 69.04 48.20
C LEU F 345 41.03 67.71 48.37
N LEU F 346 42.22 67.57 47.76
CA LEU F 346 42.96 66.32 47.88
C LEU F 346 43.43 66.11 49.32
N GLU F 347 43.78 67.20 50.02
CA GLU F 347 44.23 67.12 51.40
C GLU F 347 43.13 66.62 52.34
N ASN F 348 41.86 66.84 51.97
CA ASN F 348 40.74 66.39 52.78
C ASN F 348 40.70 64.85 52.74
N ASP F 349 40.81 64.19 53.90
CA ASP F 349 40.80 62.73 54.00
C ASP F 349 39.50 62.09 53.53
N LYS F 350 38.40 62.85 53.45
CA LYS F 350 37.11 62.30 53.01
C LYS F 350 37.13 61.93 51.54
N ILE F 351 37.98 62.59 50.75
CA ILE F 351 38.07 62.33 49.31
C ILE F 351 38.28 60.84 48.99
N VAL F 352 39.05 60.11 49.83
CA VAL F 352 39.32 58.69 49.62
C VAL F 352 38.34 57.76 50.38
N GLY F 353 37.22 58.30 50.84
CA GLY F 353 36.22 57.51 51.54
C GLY F 353 35.50 56.53 50.63
N GLU F 354 34.85 55.52 51.24
CA GLU F 354 34.12 54.51 50.49
C GLU F 354 32.61 54.78 50.40
N ASP F 355 32.09 55.67 51.26
CA ASP F 355 30.66 56.00 51.22
C ASP F 355 30.46 57.01 50.08
N ILE F 356 30.52 56.53 48.84
CA ILE F 356 30.39 57.36 47.65
C ILE F 356 29.00 57.38 47.04
N ARG F 357 28.16 56.38 47.29
CA ARG F 357 26.84 56.39 46.71
C ARG F 357 25.73 56.30 47.73
N ALA F 358 24.53 56.76 47.34
CA ALA F 358 23.33 56.75 48.18
C ALA F 358 22.17 56.23 47.35
N GLU F 359 21.39 55.27 47.88
CA GLU F 359 20.25 54.73 47.13
C GLU F 359 19.23 55.84 46.81
N PRO F 360 18.82 55.94 45.54
CA PRO F 360 17.85 56.99 45.16
C PRO F 360 16.47 56.78 45.75
N GLU F 361 15.72 57.88 45.96
CA GLU F 361 14.37 57.83 46.52
C GLU F 361 13.33 57.85 45.39
N GLU F 362 12.06 58.07 45.71
CA GLU F 362 10.99 58.12 44.69
C GLU F 362 11.23 59.25 43.68
N VAL F 363 10.74 59.08 42.45
CA VAL F 363 10.91 60.05 41.38
C VAL F 363 10.05 61.30 41.55
N VAL F 364 10.70 62.47 41.57
CA VAL F 364 10.03 63.77 41.68
C VAL F 364 10.15 64.39 40.29
N GLY F 365 9.02 64.83 39.74
CA GLY F 365 8.96 65.41 38.39
C GLY F 365 10.02 66.42 38.01
N ASP F 366 10.33 67.37 38.90
CA ASP F 366 11.29 68.44 38.60
C ASP F 366 12.71 68.16 39.12
N GLY F 367 13.70 68.69 38.43
CA GLY F 367 15.10 68.54 38.82
C GLY F 367 16.02 69.58 38.20
N VAL F 368 16.51 70.52 39.00
CA VAL F 368 17.40 71.57 38.52
C VAL F 368 18.81 71.32 39.04
N GLY F 369 19.80 71.36 38.15
CA GLY F 369 21.20 71.18 38.50
C GLY F 369 21.99 72.35 37.95
N CYS F 370 22.79 72.99 38.78
CA CYS F 370 23.56 74.13 38.33
C CYS F 370 24.97 74.15 38.91
N VAL F 371 25.92 74.59 38.08
CA VAL F 371 27.33 74.74 38.42
C VAL F 371 27.85 75.92 37.60
N GLU F 372 28.99 76.46 37.97
CA GLU F 372 29.58 77.55 37.23
C GLU F 372 30.56 76.90 36.25
N ALA F 373 30.22 76.80 34.96
CA ALA F 373 31.17 76.23 34.01
C ALA F 373 32.28 77.26 33.79
N PRO F 374 33.46 76.89 33.31
CA PRO F 374 34.51 77.90 33.13
C PRO F 374 34.07 79.16 32.38
N ARG F 375 33.15 79.04 31.46
CA ARG F 375 32.67 80.16 30.66
C ARG F 375 31.40 80.79 31.19
N GLY F 376 30.97 80.42 32.38
CA GLY F 376 29.79 81.04 32.96
C GLY F 376 28.81 80.09 33.62
N THR F 377 27.81 80.69 34.26
CA THR F 377 26.75 79.94 34.95
C THR F 377 26.12 78.96 33.98
N LEU F 378 26.02 77.69 34.39
CA LEU F 378 25.43 76.64 33.57
C LEU F 378 24.29 76.02 34.34
N ILE F 379 23.11 76.00 33.75
CA ILE F 379 21.94 75.42 34.39
C ILE F 379 21.38 74.31 33.52
N HIS F 380 21.11 73.15 34.14
CA HIS F 380 20.53 72.01 33.49
C HIS F 380 19.21 71.81 34.23
N HIS F 381 18.07 71.92 33.54
CA HIS F 381 16.76 71.75 34.17
C HIS F 381 16.03 70.60 33.46
N PHE F 382 15.62 69.55 34.20
CA PHE F 382 14.93 68.41 33.60
C PHE F 382 13.57 68.12 34.24
N LYS F 383 12.56 67.83 33.41
CA LYS F 383 11.21 67.48 33.90
C LYS F 383 10.92 66.08 33.41
N THR F 384 10.52 65.17 34.31
CA THR F 384 10.26 63.77 33.92
C THR F 384 8.93 63.25 34.42
N ASP F 385 8.59 62.02 34.00
CA ASP F 385 7.38 61.32 34.41
C ASP F 385 7.74 60.40 35.59
N ASP F 386 6.73 59.77 36.19
CA ASP F 386 6.91 58.87 37.34
C ASP F 386 7.98 57.80 37.11
N ASP F 387 8.18 57.33 35.88
CA ASP F 387 9.19 56.32 35.60
C ASP F 387 10.61 56.92 35.54
N GLY F 388 10.70 58.21 35.28
CA GLY F 388 11.98 58.90 35.19
C GLY F 388 12.42 59.16 33.76
N ILE F 389 11.44 59.27 32.84
CA ILE F 389 11.71 59.52 31.42
C ILE F 389 11.55 61.02 31.21
N ILE F 390 12.54 61.65 30.56
CA ILE F 390 12.52 63.10 30.31
C ILE F 390 11.34 63.54 29.44
N THR F 391 10.55 64.48 29.94
CA THR F 391 9.40 65.00 29.21
C THR F 391 9.69 66.39 28.62
N ASP F 392 10.51 67.20 29.32
CA ASP F 392 10.87 68.55 28.87
C ASP F 392 12.20 68.98 29.48
N THR F 393 13.05 69.66 28.71
CA THR F 393 14.33 70.12 29.25
C THR F 393 14.63 71.54 28.85
N ASN F 394 15.46 72.21 29.65
CA ASN F 394 15.86 73.57 29.38
C ASN F 394 17.31 73.72 29.78
N LEU F 395 18.12 74.30 28.90
CA LEU F 395 19.53 74.51 29.17
C LEU F 395 19.85 75.98 28.97
N VAL F 396 20.48 76.60 29.98
CA VAL F 396 20.92 77.99 29.95
C VAL F 396 22.42 77.87 30.11
N VAL F 397 23.09 77.61 28.99
CA VAL F 397 24.53 77.37 28.92
C VAL F 397 25.41 78.57 28.80
N ALA F 398 26.17 78.82 29.86
CA ALA F 398 27.19 79.87 29.99
C ALA F 398 27.31 80.94 28.90
N THR F 399 28.15 80.69 27.86
CA THR F 399 28.38 81.67 26.80
C THR F 399 27.08 82.31 26.20
N VAL F 400 25.91 81.67 26.24
CA VAL F 400 24.74 82.36 25.68
C VAL F 400 24.55 83.68 26.43
N GLN F 401 24.80 83.67 27.75
CA GLN F 401 24.66 84.83 28.62
C GLN F 401 25.62 85.98 28.29
N ASN F 402 26.61 85.70 27.43
CA ASN F 402 27.59 86.71 27.01
C ASN F 402 27.39 87.05 25.54
N ASN F 403 26.27 86.61 24.93
CA ASN F 403 26.06 86.91 23.51
C ASN F 403 25.76 88.38 23.32
N PRO F 404 24.83 88.99 24.06
CA PRO F 404 24.59 90.42 23.86
C PRO F 404 25.90 91.18 24.01
N ALA F 405 26.66 90.88 25.06
CA ALA F 405 27.95 91.52 25.29
C ALA F 405 28.87 91.37 24.09
N MET F 406 28.84 90.21 23.42
CA MET F 406 29.68 89.98 22.25
C MET F 406 29.13 90.74 21.03
N ASP F 407 27.79 90.82 20.91
CA ASP F 407 27.19 91.51 19.77
C ASP F 407 27.41 93.01 19.91
N ILE F 408 27.37 93.51 21.14
CA ILE F 408 27.59 94.93 21.42
C ILE F 408 29.08 95.25 21.28
N GLY F 409 29.91 94.42 21.89
CA GLY F 409 31.37 94.59 21.86
C GLY F 409 31.92 94.73 20.46
N VAL F 410 31.61 93.78 19.62
CA VAL F 410 32.07 93.81 18.24
C VAL F 410 31.65 95.13 17.54
N ARG F 411 30.43 95.60 17.82
CA ARG F 411 29.89 96.83 17.24
C ARG F 411 30.73 98.04 17.70
N LYS F 412 31.13 98.07 18.98
CA LYS F 412 31.93 99.17 19.55
C LYS F 412 33.37 99.14 19.01
N VAL F 413 33.86 98.01 18.57
CA VAL F 413 35.22 97.93 18.03
C VAL F 413 35.22 98.62 16.67
N ALA F 414 34.24 98.30 15.84
CA ALA F 414 34.11 98.88 14.50
C ALA F 414 33.87 100.38 14.60
N GLU F 415 33.10 100.80 15.62
CA GLU F 415 32.81 102.21 15.82
C GLU F 415 34.09 102.95 16.16
N LYS F 416 35.01 102.29 16.88
CA LYS F 416 36.27 102.91 17.29
C LYS F 416 37.35 102.91 16.21
N TYR F 417 37.43 101.87 15.39
CA TYR F 417 38.47 101.79 14.36
C TYR F 417 37.98 101.92 12.92
N ILE F 418 36.70 101.73 12.66
CA ILE F 418 36.22 101.82 11.28
C ILE F 418 35.31 103.01 11.03
N LYS F 419 35.62 103.76 9.97
CA LYS F 419 34.86 104.92 9.52
C LYS F 419 34.56 104.76 8.03
N ALA F 420 35.41 103.99 7.32
CA ALA F 420 35.25 103.73 5.89
C ALA F 420 35.70 102.29 5.59
N PRO F 421 35.32 101.71 4.44
CA PRO F 421 35.72 100.32 4.16
C PRO F 421 37.23 100.09 4.16
N GLU F 422 38.00 101.13 3.81
CA GLU F 422 39.45 101.03 3.75
C GLU F 422 40.06 100.91 5.15
N ASP F 423 39.36 101.40 6.19
CA ASP F 423 39.85 101.30 7.57
C ASP F 423 39.78 99.85 8.07
N ALA F 424 38.87 99.04 7.52
CA ALA F 424 38.74 97.65 7.93
C ALA F 424 39.89 96.82 7.35
N THR F 425 41.07 96.94 7.96
CA THR F 425 42.27 96.23 7.52
C THR F 425 42.36 94.89 8.27
N PRO F 426 43.27 93.99 7.85
CA PRO F 426 43.40 92.72 8.55
C PRO F 426 43.61 92.86 10.06
N GLN F 427 44.44 93.81 10.49
CA GLN F 427 44.69 94.00 11.92
C GLN F 427 43.43 94.49 12.63
N VAL F 428 42.72 95.43 12.01
CA VAL F 428 41.51 96.00 12.57
C VAL F 428 40.45 94.93 12.71
N LEU F 429 40.24 94.14 11.65
CA LEU F 429 39.24 93.08 11.70
C LEU F 429 39.58 92.09 12.81
N ASN F 430 40.88 91.83 13.03
CA ASN F 430 41.30 90.91 14.08
C ASN F 430 40.92 91.48 15.44
N TYR F 431 40.93 92.82 15.61
CA TYR F 431 40.56 93.44 16.89
C TYR F 431 39.14 93.04 17.26
N MET F 432 38.27 92.92 16.27
CA MET F 432 36.88 92.55 16.55
C MET F 432 36.84 91.12 17.09
N GLU F 433 37.66 90.22 16.53
CA GLU F 433 37.69 88.83 17.01
C GLU F 433 38.32 88.79 18.40
N MET F 434 39.22 89.74 18.68
CA MET F 434 39.88 89.81 19.98
C MET F 434 38.86 90.10 21.05
N LEU F 435 37.84 90.89 20.73
CA LEU F 435 36.80 91.22 21.69
C LEU F 435 36.04 89.95 21.97
N ILE F 436 35.66 89.25 20.89
CA ILE F 436 34.92 87.99 20.98
C ILE F 436 35.70 87.04 21.87
N ARG F 437 36.97 86.82 21.50
CA ARG F 437 37.88 85.92 22.21
C ARG F 437 38.01 86.24 23.68
N ALA F 438 38.02 87.50 24.05
CA ALA F 438 38.16 87.88 25.45
C ALA F 438 37.15 87.19 26.35
N TYR F 439 35.93 86.99 25.86
CA TYR F 439 34.88 86.34 26.64
C TYR F 439 35.01 84.82 26.66
N ASP F 440 35.97 84.25 25.91
CA ASP F 440 36.17 82.80 25.87
C ASP F 440 34.85 82.14 25.43
N PRO F 441 34.43 82.41 24.18
CA PRO F 441 33.17 81.83 23.71
C PRO F 441 33.24 80.38 23.24
N CYS F 442 32.26 79.55 23.70
CA CYS F 442 32.10 78.14 23.34
C CYS F 442 30.77 78.19 22.59
N LEU F 443 30.84 78.37 21.27
CA LEU F 443 29.65 78.54 20.45
C LEU F 443 28.78 77.30 20.34
N SER F 444 29.40 76.12 20.31
CA SER F 444 28.65 74.86 20.22
C SER F 444 27.87 74.68 21.51
N CYS F 445 28.56 75.00 22.62
CA CYS F 445 28.06 74.94 23.98
C CYS F 445 26.81 75.82 24.11
N ALA F 446 26.99 77.10 23.74
CA ALA F 446 25.98 78.15 23.80
C ALA F 446 24.68 77.92 23.01
N THR F 447 24.74 77.18 21.90
CA THR F 447 23.53 76.94 21.10
C THR F 447 22.89 75.62 21.47
N HIS F 448 23.71 74.59 21.74
CA HIS F 448 23.23 73.27 22.12
C HIS F 448 21.98 72.87 21.32
N GLU G 2 18.58 -48.02 13.36
CA GLU G 2 18.13 -47.34 14.59
C GLU G 2 16.61 -47.30 14.60
N GLU G 3 15.99 -47.77 15.70
CA GLU G 3 14.54 -47.79 15.82
C GLU G 3 14.03 -46.37 15.97
N PRO G 4 13.01 -45.98 15.22
CA PRO G 4 12.52 -44.60 15.34
C PRO G 4 11.86 -44.28 16.67
N ARG G 5 11.94 -43.02 17.06
CA ARG G 5 11.35 -42.48 18.27
C ARG G 5 10.66 -41.21 17.79
N ILE G 6 9.36 -41.28 17.57
CA ILE G 6 8.61 -40.15 17.04
C ILE G 6 7.90 -39.30 18.07
N GLY G 7 7.89 -38.01 17.79
CA GLY G 7 7.22 -37.01 18.59
C GLY G 7 6.19 -36.36 17.70
N VAL G 8 4.90 -36.56 17.99
CA VAL G 8 3.86 -35.98 17.16
C VAL G 8 3.28 -34.75 17.84
N TYR G 9 2.93 -33.73 17.06
CA TYR G 9 2.37 -32.51 17.62
C TYR G 9 1.21 -32.03 16.83
N VAL G 10 0.03 -31.99 17.47
CA VAL G 10 -1.19 -31.53 16.81
C VAL G 10 -1.47 -30.07 17.21
N CYS G 11 -1.82 -29.23 16.24
CA CYS G 11 -2.09 -27.84 16.55
C CYS G 11 -3.54 -27.44 16.42
N HIS G 12 -3.94 -26.43 17.19
CA HIS G 12 -5.31 -25.91 17.13
C HIS G 12 -5.34 -24.64 16.30
N CYS G 13 -4.19 -23.93 16.19
CA CYS G 13 -4.14 -22.67 15.45
C CYS G 13 -5.23 -21.75 16.03
N GLY G 14 -5.45 -21.85 17.33
CA GLY G 14 -6.50 -21.12 18.02
C GLY G 14 -7.75 -21.97 17.89
N VAL G 15 -8.58 -21.65 16.88
CA VAL G 15 -9.80 -22.41 16.60
C VAL G 15 -9.85 -22.79 15.11
N ASN G 16 -8.92 -22.25 14.29
CA ASN G 16 -8.86 -22.54 12.86
C ASN G 16 -8.84 -24.05 12.59
N ILE G 17 -8.14 -24.81 13.44
CA ILE G 17 -8.06 -26.27 13.31
C ILE G 17 -8.94 -26.89 14.43
N GLY G 18 -8.72 -26.46 15.67
CA GLY G 18 -9.44 -26.96 16.83
C GLY G 18 -10.96 -26.85 16.75
N GLY G 19 -11.43 -25.81 16.09
CA GLY G 19 -12.87 -25.59 15.93
C GLY G 19 -13.55 -26.64 15.07
N THR G 20 -12.86 -27.14 14.05
CA THR G 20 -13.37 -28.16 13.12
C THR G 20 -12.87 -29.57 13.50
N VAL G 21 -11.57 -29.71 13.71
CA VAL G 21 -10.94 -30.99 14.07
C VAL G 21 -10.86 -31.17 15.58
N ASP G 22 -11.17 -32.37 16.09
CA ASP G 22 -11.07 -32.63 17.53
C ASP G 22 -9.62 -32.96 17.82
N CYS G 23 -8.80 -31.91 17.99
CA CYS G 23 -7.37 -32.06 18.23
C CYS G 23 -7.01 -33.00 19.39
N PRO G 24 -7.58 -32.85 20.60
CA PRO G 24 -7.19 -33.78 21.68
C PRO G 24 -7.45 -35.25 21.35
N ASP G 25 -8.40 -35.53 20.46
CA ASP G 25 -8.72 -36.90 20.05
C ASP G 25 -7.68 -37.40 19.05
N VAL G 26 -7.22 -36.51 18.15
CA VAL G 26 -6.20 -36.85 17.15
C VAL G 26 -4.88 -37.12 17.88
N THR G 27 -4.64 -36.41 18.99
CA THR G 27 -3.44 -36.58 19.79
C THR G 27 -3.53 -37.93 20.49
N GLU G 28 -4.73 -38.31 20.94
CA GLU G 28 -4.93 -39.60 21.61
C GLU G 28 -4.70 -40.71 20.62
N PHE G 29 -5.12 -40.49 19.37
CA PHE G 29 -4.95 -41.49 18.32
C PHE G 29 -3.47 -41.67 18.04
N ALA G 30 -2.75 -40.56 17.81
CA ALA G 30 -1.32 -40.59 17.52
C ALA G 30 -0.54 -41.48 18.49
N LYS G 31 -0.88 -41.48 19.79
CA LYS G 31 -0.17 -42.29 20.77
C LYS G 31 -0.26 -43.78 20.49
N THR G 32 -1.40 -44.22 19.94
CA THR G 32 -1.60 -45.63 19.63
C THR G 32 -0.69 -46.14 18.50
N LEU G 33 -0.16 -45.23 17.67
CA LEU G 33 0.72 -45.61 16.56
C LEU G 33 2.07 -46.10 17.07
N LYS G 34 2.69 -47.03 16.33
CA LYS G 34 3.98 -47.62 16.69
C LYS G 34 5.11 -46.59 16.59
N ASN G 35 6.08 -46.65 17.53
CA ASN G 35 7.24 -45.76 17.59
C ASN G 35 6.95 -44.34 18.08
N VAL G 36 5.67 -43.98 18.31
CA VAL G 36 5.36 -42.63 18.79
C VAL G 36 5.64 -42.61 20.29
N VAL G 37 6.71 -41.92 20.69
CA VAL G 37 7.12 -41.82 22.07
C VAL G 37 6.30 -40.75 22.77
N VAL G 38 6.05 -39.61 22.11
CA VAL G 38 5.24 -38.56 22.72
C VAL G 38 4.32 -37.98 21.67
N ALA G 39 3.14 -37.55 22.11
CA ALA G 39 2.14 -36.93 21.25
C ALA G 39 1.45 -35.84 22.07
N ARG G 40 1.48 -34.59 21.60
CA ARG G 40 0.88 -33.49 22.34
C ARG G 40 -0.02 -32.63 21.46
N ASP G 41 -0.71 -31.67 22.08
CA ASP G 41 -1.59 -30.74 21.37
C ASP G 41 -1.48 -29.35 22.00
N TYR G 42 -1.24 -28.31 21.18
CA TYR G 42 -1.11 -26.94 21.66
C TYR G 42 -1.81 -25.95 20.73
N LYS G 43 -2.28 -24.81 21.28
CA LYS G 43 -2.98 -23.80 20.50
C LYS G 43 -2.15 -23.24 19.34
N TYR G 44 -0.88 -22.94 19.57
CA TYR G 44 0.01 -22.43 18.52
C TYR G 44 1.36 -23.13 18.67
N MET G 45 1.64 -24.10 17.78
CA MET G 45 2.88 -24.86 17.81
C MET G 45 4.09 -24.05 17.35
N CYS G 46 3.91 -23.17 16.36
CA CYS G 46 5.06 -22.39 15.88
C CYS G 46 5.43 -21.26 16.85
N ALA G 47 4.57 -20.93 17.83
CA ALA G 47 4.88 -19.89 18.81
C ALA G 47 6.01 -20.31 19.76
N ASP G 48 6.43 -19.43 20.67
CA ASP G 48 7.51 -19.75 21.60
C ASP G 48 7.23 -20.97 22.51
N PRO G 49 6.11 -21.02 23.23
CA PRO G 49 5.87 -22.20 24.08
C PRO G 49 5.73 -23.48 23.27
N GLY G 50 5.22 -23.34 22.05
CA GLY G 50 5.05 -24.48 21.16
C GLY G 50 6.37 -25.03 20.69
N GLN G 51 7.28 -24.14 20.30
CA GLN G 51 8.60 -24.55 19.82
C GLN G 51 9.44 -25.11 20.95
N GLU G 52 9.40 -24.47 22.11
CA GLU G 52 10.21 -24.94 23.25
C GLU G 52 9.77 -26.33 23.67
N MET G 53 8.48 -26.63 23.60
CA MET G 53 7.96 -27.94 23.97
C MET G 53 8.56 -29.02 23.06
N ILE G 54 8.63 -28.75 21.75
CA ILE G 54 9.20 -29.70 20.79
C ILE G 54 10.64 -29.96 21.16
N LYS G 55 11.42 -28.87 21.29
CA LYS G 55 12.84 -28.97 21.64
C LYS G 55 13.03 -29.76 22.93
N LYS G 56 12.31 -29.36 23.99
CA LYS G 56 12.41 -30.04 25.30
C LYS G 56 12.30 -31.56 25.17
N ASP G 57 11.34 -32.04 24.39
CA ASP G 57 11.11 -33.48 24.22
C ASP G 57 12.15 -34.20 23.37
N ILE G 58 12.69 -33.56 22.33
CA ILE G 58 13.72 -34.19 21.50
C ILE G 58 14.88 -34.64 22.40
N LYS G 59 15.21 -33.81 23.41
CA LYS G 59 16.30 -34.13 24.33
C LYS G 59 15.82 -35.07 25.43
N GLU G 60 14.77 -34.69 26.17
CA GLU G 60 14.23 -35.50 27.26
C GLU G 60 13.86 -36.91 26.84
N HIS G 61 13.19 -37.05 25.69
CA HIS G 61 12.76 -38.37 25.24
C HIS G 61 13.61 -38.94 24.08
N ASN G 62 14.80 -38.37 23.86
CA ASN G 62 15.72 -38.82 22.81
C ASN G 62 14.96 -39.24 21.55
N LEU G 63 14.27 -38.27 20.93
CA LEU G 63 13.50 -38.53 19.71
C LEU G 63 14.39 -38.40 18.48
N ASN G 64 14.18 -39.25 17.47
CA ASN G 64 14.95 -39.15 16.23
C ASN G 64 14.02 -38.77 15.07
N ARG G 65 12.73 -38.52 15.36
CA ARG G 65 11.75 -38.12 14.35
C ARG G 65 10.74 -37.16 14.97
N VAL G 66 10.21 -36.21 14.18
CA VAL G 66 9.20 -35.25 14.67
C VAL G 66 8.11 -35.02 13.62
N VAL G 67 6.84 -35.01 14.05
CA VAL G 67 5.73 -34.80 13.14
C VAL G 67 4.87 -33.65 13.64
N VAL G 68 4.60 -32.67 12.79
CA VAL G 68 3.76 -31.55 13.18
C VAL G 68 2.48 -31.54 12.37
N ALA G 69 1.35 -31.78 13.04
CA ALA G 69 0.03 -31.75 12.40
C ALA G 69 -0.39 -30.30 12.49
N ALA G 70 -0.21 -29.54 11.40
CA ALA G 70 -0.53 -28.12 11.43
C ALA G 70 -0.78 -27.55 10.02
N CYS G 71 -0.46 -26.26 9.82
CA CYS G 71 -0.61 -25.55 8.55
C CYS G 71 0.23 -26.17 7.41
N SER G 72 0.19 -25.57 6.23
CA SER G 72 0.93 -26.07 5.09
C SER G 72 2.44 -25.97 5.28
N PRO G 73 3.21 -27.00 4.90
CA PRO G 73 4.67 -26.89 5.04
C PRO G 73 5.22 -25.74 4.19
N ARG G 74 4.54 -25.40 3.07
CA ARG G 74 4.97 -24.33 2.19
C ARG G 74 5.05 -23.02 2.96
N LEU G 75 4.42 -22.98 4.15
CA LEU G 75 4.39 -21.80 5.01
C LEU G 75 5.34 -21.89 6.21
N HIS G 76 5.30 -22.99 6.99
CA HIS G 76 6.16 -23.09 8.16
C HIS G 76 7.12 -24.29 8.21
N GLU G 77 7.41 -24.96 7.09
CA GLU G 77 8.35 -26.10 7.14
C GLU G 77 9.74 -25.60 7.55
N PRO G 78 10.20 -24.45 7.03
CA PRO G 78 11.52 -23.94 7.42
C PRO G 78 11.60 -23.58 8.90
N THR G 79 10.49 -23.13 9.50
CA THR G 79 10.52 -22.73 10.92
C THR G 79 10.68 -23.95 11.83
N PHE G 80 9.87 -24.99 11.60
CA PHE G 80 9.94 -26.21 12.42
C PHE G 80 11.21 -26.99 12.15
N ARG G 81 11.86 -26.73 11.03
CA ARG G 81 13.12 -27.39 10.71
C ARG G 81 14.19 -26.68 11.53
N ARG G 82 14.15 -25.33 11.55
CA ARG G 82 15.11 -24.55 12.35
C ARG G 82 14.93 -24.94 13.82
N CYS G 83 13.67 -25.09 14.25
CA CYS G 83 13.33 -25.45 15.63
C CYS G 83 14.00 -26.74 16.09
N VAL G 84 13.76 -27.84 15.36
CA VAL G 84 14.34 -29.12 15.74
C VAL G 84 15.85 -29.11 15.62
N ALA G 85 16.40 -28.36 14.65
CA ALA G 85 17.86 -28.31 14.48
C ALA G 85 18.51 -27.76 15.75
N GLU G 86 17.85 -26.78 16.40
CA GLU G 86 18.37 -26.19 17.63
C GLU G 86 18.38 -27.19 18.77
N ALA G 87 17.54 -28.24 18.71
CA ALA G 87 17.51 -29.26 19.75
C ALA G 87 18.43 -30.42 19.38
N GLY G 88 19.17 -30.29 18.28
CA GLY G 88 20.12 -31.29 17.82
C GLY G 88 19.61 -32.23 16.74
N LEU G 89 18.28 -32.34 16.57
CA LEU G 89 17.72 -33.25 15.57
C LEU G 89 17.95 -32.74 14.16
N ASN G 90 18.18 -33.67 13.22
CA ASN G 90 18.40 -33.31 11.82
C ASN G 90 17.08 -32.78 11.27
N PRO G 91 17.09 -31.64 10.55
CA PRO G 91 15.85 -31.07 10.04
C PRO G 91 15.13 -31.84 8.94
N PHE G 92 15.67 -32.99 8.49
CA PHE G 92 15.00 -33.74 7.44
C PHE G 92 14.32 -34.99 7.96
N LEU G 93 14.31 -35.16 9.29
CA LEU G 93 13.66 -36.29 9.96
C LEU G 93 12.39 -35.71 10.56
N PHE G 94 12.03 -34.51 10.10
CA PHE G 94 10.84 -33.80 10.55
C PHE G 94 9.83 -33.86 9.42
N GLU G 95 8.58 -34.20 9.73
CA GLU G 95 7.54 -34.29 8.69
C GLU G 95 6.36 -33.38 9.02
N PHE G 96 5.69 -32.87 7.97
CA PHE G 96 4.56 -31.99 8.15
C PHE G 96 3.25 -32.62 7.67
N ALA G 97 2.19 -32.45 8.47
CA ALA G 97 0.85 -32.97 8.16
C ALA G 97 -0.08 -31.76 8.06
N ASN G 98 -0.54 -31.46 6.84
CA ASN G 98 -1.42 -30.33 6.58
C ASN G 98 -2.86 -30.66 7.02
N ILE G 99 -3.22 -30.30 8.27
CA ILE G 99 -4.56 -30.57 8.77
C ILE G 99 -5.39 -29.29 8.84
N ARG G 100 -4.90 -28.20 8.21
CA ARG G 100 -5.61 -26.91 8.23
C ARG G 100 -6.14 -26.58 6.84
N GLU G 101 -5.28 -26.10 5.90
CA GLU G 101 -5.72 -25.77 4.54
C GLU G 101 -6.29 -26.99 3.84
N HIS G 102 -5.68 -28.16 4.09
CA HIS G 102 -6.09 -29.41 3.48
C HIS G 102 -7.15 -30.16 4.27
N CYS G 103 -7.65 -29.60 5.40
CA CYS G 103 -8.69 -30.28 6.17
C CYS G 103 -9.64 -29.31 6.88
N SER G 104 -9.34 -28.93 8.14
CA SER G 104 -10.18 -28.02 8.95
C SER G 104 -10.84 -26.85 8.21
N TRP G 105 -10.09 -26.16 7.33
CA TRP G 105 -10.66 -25.02 6.58
C TRP G 105 -11.54 -25.43 5.40
N VAL G 106 -11.47 -26.69 4.96
CA VAL G 106 -12.27 -27.12 3.82
C VAL G 106 -13.35 -28.14 4.19
N HIS G 107 -13.44 -28.52 5.46
CA HIS G 107 -14.45 -29.47 5.90
C HIS G 107 -15.05 -28.96 7.22
N MET G 108 -15.43 -27.69 7.25
CA MET G 108 -15.99 -27.08 8.45
C MET G 108 -17.33 -27.65 8.86
N HIS G 109 -18.17 -28.03 7.90
CA HIS G 109 -19.49 -28.58 8.24
C HIS G 109 -19.51 -30.11 8.37
N GLU G 110 -18.34 -30.78 8.34
CA GLU G 110 -18.22 -32.24 8.45
C GLU G 110 -17.11 -32.55 9.47
N LYS G 111 -17.31 -32.07 10.69
CA LYS G 111 -16.37 -32.17 11.79
C LYS G 111 -15.93 -33.59 12.11
N GLU G 112 -16.88 -34.54 12.17
CA GLU G 112 -16.54 -35.92 12.48
C GLU G 112 -15.60 -36.50 11.42
N LYS G 113 -15.92 -36.26 10.14
CA LYS G 113 -15.10 -36.76 9.04
C LYS G 113 -13.75 -36.03 9.02
N ALA G 114 -13.72 -34.74 9.43
CA ALA G 114 -12.49 -33.96 9.47
C ALA G 114 -11.54 -34.53 10.53
N THR G 115 -12.09 -35.02 11.64
CA THR G 115 -11.30 -35.61 12.71
C THR G 115 -10.71 -36.92 12.17
N GLU G 116 -11.54 -37.75 11.52
CA GLU G 116 -11.06 -39.00 10.94
C GLU G 116 -9.93 -38.72 9.96
N LYS G 117 -10.11 -37.73 9.07
CA LYS G 117 -9.08 -37.37 8.08
C LYS G 117 -7.79 -36.91 8.73
N ALA G 118 -7.88 -36.05 9.73
CA ALA G 118 -6.67 -35.58 10.39
C ALA G 118 -5.90 -36.79 10.91
N LYS G 119 -6.60 -37.70 11.60
CA LYS G 119 -5.96 -38.90 12.13
C LYS G 119 -5.20 -39.57 10.98
N ASP G 120 -5.89 -39.81 9.86
CA ASP G 120 -5.27 -40.46 8.71
C ASP G 120 -4.05 -39.68 8.23
N LEU G 121 -4.15 -38.34 8.15
CA LEU G 121 -3.04 -37.49 7.69
C LEU G 121 -1.87 -37.55 8.67
N VAL G 122 -2.16 -37.77 9.94
CA VAL G 122 -1.11 -37.88 10.96
C VAL G 122 -0.44 -39.23 10.78
N ARG G 123 -1.23 -40.30 10.67
CA ARG G 123 -0.68 -41.63 10.49
C ARG G 123 0.17 -41.64 9.22
N MET G 124 -0.32 -40.98 8.15
CA MET G 124 0.39 -40.90 6.88
C MET G 124 1.76 -40.24 7.07
N ALA G 125 1.79 -39.13 7.81
CA ALA G 125 3.04 -38.41 8.07
C ALA G 125 3.96 -39.26 8.94
N VAL G 126 3.38 -39.94 9.93
CA VAL G 126 4.14 -40.81 10.82
C VAL G 126 4.80 -41.88 10.00
N ALA G 127 4.01 -42.50 9.13
CA ALA G 127 4.49 -43.58 8.26
C ALA G 127 5.68 -43.15 7.43
N LYS G 128 5.66 -41.93 6.91
CA LYS G 128 6.77 -41.44 6.10
C LYS G 128 7.93 -41.08 7.03
N ALA G 129 7.61 -40.48 8.17
CA ALA G 129 8.62 -40.08 9.13
C ALA G 129 9.47 -41.27 9.53
N ARG G 130 8.84 -42.41 9.83
CA ARG G 130 9.61 -43.60 10.23
C ARG G 130 10.78 -43.81 9.30
N LEU G 131 10.54 -43.79 8.00
CA LEU G 131 11.62 -44.03 7.04
C LEU G 131 12.42 -42.80 6.60
N LEU G 132 12.12 -41.59 7.10
CA LEU G 132 12.91 -40.43 6.69
C LEU G 132 14.37 -40.63 7.06
N GLU G 133 15.27 -39.97 6.33
CA GLU G 133 16.71 -40.06 6.57
C GLU G 133 17.30 -38.68 6.84
N PRO G 134 18.43 -38.59 7.56
CA PRO G 134 19.01 -37.28 7.81
C PRO G 134 19.75 -36.79 6.57
N LEU G 135 19.63 -35.49 6.27
CA LEU G 135 20.27 -34.87 5.11
C LEU G 135 21.00 -33.60 5.50
N GLU G 136 21.79 -33.06 4.58
CA GLU G 136 22.54 -31.84 4.83
C GLU G 136 22.19 -30.82 3.75
N PHE G 137 21.83 -29.61 4.16
CA PHE G 137 21.49 -28.55 3.22
C PHE G 137 22.67 -28.27 2.31
N ILE G 138 22.43 -28.12 1.00
CA ILE G 138 23.55 -27.86 0.09
C ILE G 138 23.93 -26.39 0.16
N LYS G 139 25.19 -26.11 0.49
CA LYS G 139 25.70 -24.75 0.60
C LYS G 139 26.29 -24.31 -0.73
N VAL G 140 25.63 -23.37 -1.41
CA VAL G 140 26.11 -22.87 -2.70
C VAL G 140 26.47 -21.38 -2.62
N GLY G 141 27.47 -20.98 -3.39
CA GLY G 141 27.92 -19.60 -3.42
C GLY G 141 26.95 -18.70 -4.15
N VAL G 142 26.96 -17.42 -3.82
CA VAL G 142 26.06 -16.45 -4.44
C VAL G 142 26.90 -15.52 -5.30
N THR G 143 26.59 -15.47 -6.61
CA THR G 143 27.33 -14.59 -7.53
C THR G 143 26.92 -13.16 -7.18
N GLN G 144 27.91 -12.31 -6.79
CA GLN G 144 27.66 -10.91 -6.40
C GLN G 144 27.19 -10.03 -7.57
N ARG G 145 26.01 -10.30 -8.11
CA ARG G 145 25.46 -9.54 -9.24
C ARG G 145 23.94 -9.70 -9.28
N ALA G 146 23.22 -8.62 -9.57
CA ALA G 146 21.76 -8.66 -9.60
C ALA G 146 21.21 -8.31 -10.99
N LEU G 147 20.10 -8.93 -11.36
CA LEU G 147 19.47 -8.64 -12.64
C LEU G 147 18.07 -8.06 -12.40
N VAL G 148 17.78 -6.92 -12.99
CA VAL G 148 16.48 -6.28 -12.87
C VAL G 148 15.86 -6.28 -14.26
N ILE G 149 14.65 -6.81 -14.39
CA ILE G 149 13.98 -6.87 -15.69
C ILE G 149 12.82 -5.91 -15.69
N GLY G 150 12.96 -4.85 -16.47
CA GLY G 150 11.97 -3.78 -16.60
C GLY G 150 12.55 -2.48 -16.10
N GLY G 151 12.54 -1.44 -16.94
CA GLY G 151 13.09 -0.13 -16.61
C GLY G 151 12.08 0.89 -16.13
N GLY G 152 11.05 0.45 -15.41
CA GLY G 152 10.03 1.34 -14.89
C GLY G 152 10.48 1.94 -13.58
N VAL G 153 9.63 2.74 -12.94
CA VAL G 153 10.02 3.34 -11.67
C VAL G 153 10.40 2.23 -10.66
N ALA G 154 9.66 1.12 -10.65
CA ALA G 154 9.90 -0.02 -9.75
C ALA G 154 11.27 -0.63 -9.97
N GLY G 155 11.60 -0.90 -11.22
CA GLY G 155 12.88 -1.51 -11.60
C GLY G 155 14.04 -0.56 -11.45
N ILE G 156 13.82 0.70 -11.77
CA ILE G 156 14.89 1.70 -11.64
C ILE G 156 15.21 1.87 -10.15
N GLN G 157 14.19 1.94 -9.30
CA GLN G 157 14.39 2.10 -7.89
C GLN G 157 15.25 0.95 -7.36
N THR G 158 14.88 -0.28 -7.72
CA THR G 158 15.59 -1.48 -7.28
C THR G 158 17.04 -1.42 -7.72
N ALA G 159 17.26 -1.10 -8.98
CA ALA G 159 18.61 -1.02 -9.54
C ALA G 159 19.43 0.03 -8.82
N LEU G 160 18.81 1.18 -8.51
CA LEU G 160 19.52 2.26 -7.82
C LEU G 160 19.85 1.91 -6.38
N ASP G 161 18.94 1.27 -5.65
CA ASP G 161 19.23 0.93 -4.26
C ASP G 161 20.34 -0.11 -4.18
N LEU G 162 20.31 -1.12 -5.05
CA LEU G 162 21.35 -2.15 -5.03
C LEU G 162 22.66 -1.52 -5.44
N GLY G 163 22.61 -0.68 -6.45
CA GLY G 163 23.81 0.01 -6.93
C GLY G 163 24.42 0.84 -5.83
N ASP G 164 23.57 1.61 -5.13
CA ASP G 164 24.01 2.47 -4.03
C ASP G 164 24.57 1.63 -2.89
N MET G 165 24.07 0.41 -2.73
CA MET G 165 24.54 -0.48 -1.68
C MET G 165 25.92 -1.04 -2.05
N GLY G 166 26.32 -0.90 -3.30
CA GLY G 166 27.63 -1.37 -3.75
C GLY G 166 27.61 -2.70 -4.48
N PHE G 167 26.44 -3.12 -5.01
CA PHE G 167 26.34 -4.39 -5.73
C PHE G 167 26.27 -4.18 -7.24
N GLU G 168 27.01 -4.99 -8.03
CA GLU G 168 26.94 -4.88 -9.50
C GLU G 168 25.51 -5.23 -9.89
N THR G 169 24.86 -4.42 -10.71
CA THR G 169 23.49 -4.71 -11.11
C THR G 169 23.31 -4.53 -12.61
N ILE G 170 22.38 -5.30 -13.19
CA ILE G 170 22.07 -5.24 -14.61
C ILE G 170 20.62 -4.88 -14.80
N LEU G 171 20.33 -3.82 -15.55
CA LEU G 171 18.94 -3.41 -15.78
C LEU G 171 18.62 -3.63 -17.26
N VAL G 172 17.65 -4.51 -17.53
CA VAL G 172 17.24 -4.83 -18.90
C VAL G 172 15.89 -4.15 -19.19
N GLU G 173 15.85 -3.35 -20.27
CA GLU G 173 14.64 -2.63 -20.70
C GLU G 173 14.31 -2.97 -22.15
N LYS G 174 13.07 -3.38 -22.40
CA LYS G 174 12.61 -3.80 -23.73
C LYS G 174 12.56 -2.64 -24.74
N THR G 175 11.97 -1.49 -24.36
CA THR G 175 11.87 -0.32 -25.27
C THR G 175 13.21 0.42 -25.31
N PRO G 176 13.39 1.38 -26.25
CA PRO G 176 14.67 2.10 -26.31
C PRO G 176 14.85 3.11 -25.20
N SER G 177 13.86 3.22 -24.29
CA SER G 177 13.96 4.15 -23.17
C SER G 177 13.35 3.66 -21.89
N VAL G 178 14.08 3.87 -20.78
CA VAL G 178 13.58 3.48 -19.47
C VAL G 178 12.54 4.54 -19.03
N GLY G 179 11.76 4.24 -18.00
CA GLY G 179 10.75 5.19 -17.52
C GLY G 179 9.35 4.63 -17.49
N GLY G 180 9.14 3.51 -18.16
CA GLY G 180 7.84 2.84 -18.17
C GLY G 180 6.67 3.72 -18.52
N ARG G 181 5.56 3.46 -17.84
CA ARG G 181 4.32 4.17 -18.09
C ARG G 181 4.29 5.53 -17.45
N MET G 182 5.18 5.72 -16.48
CA MET G 182 5.25 6.98 -15.78
C MET G 182 5.54 8.07 -16.80
N ALA G 183 6.55 7.82 -17.65
CA ALA G 183 6.94 8.75 -18.70
C ALA G 183 5.73 9.17 -19.54
N GLN G 184 4.79 8.26 -19.76
CA GLN G 184 3.59 8.57 -20.53
C GLN G 184 2.64 9.50 -19.78
N LEU G 185 2.72 9.53 -18.44
CA LEU G 185 1.84 10.39 -17.63
C LEU G 185 2.30 11.85 -17.65
N ASP G 186 1.38 12.79 -17.47
CA ASP G 186 1.72 14.23 -17.43
C ASP G 186 2.02 14.59 -15.99
N LYS G 187 1.02 14.50 -15.12
CA LYS G 187 1.21 14.78 -13.71
C LYS G 187 0.86 13.52 -12.95
N THR G 188 1.28 13.45 -11.69
CA THR G 188 1.02 12.28 -10.86
C THR G 188 0.42 12.67 -9.53
N PHE G 189 -0.71 12.05 -9.18
CA PHE G 189 -1.38 12.33 -7.93
C PHE G 189 -0.59 11.72 -6.81
N PRO G 190 -0.82 12.15 -5.56
CA PRO G 190 -1.75 13.19 -5.11
C PRO G 190 -1.11 14.59 -5.07
N THR G 191 0.21 14.68 -5.28
CA THR G 191 0.89 15.98 -5.24
C THR G 191 0.70 16.83 -6.50
N ASN G 192 0.40 16.19 -7.61
CA ASN G 192 0.21 16.82 -8.91
C ASN G 192 1.56 17.32 -9.47
N ASP G 193 2.65 16.72 -8.99
CA ASP G 193 3.97 17.07 -9.49
C ASP G 193 3.95 16.63 -10.93
N CYS G 194 4.99 16.92 -11.68
CA CYS G 194 5.07 16.43 -13.07
C CYS G 194 5.55 14.97 -12.92
N SER G 195 5.30 14.11 -13.91
CA SER G 195 5.80 12.74 -13.80
C SER G 195 7.35 12.82 -13.91
N ILE G 196 7.82 13.65 -14.86
CA ILE G 196 9.24 13.87 -15.12
C ILE G 196 9.96 14.31 -13.85
N CYS G 197 9.30 15.13 -13.01
CA CYS G 197 9.90 15.62 -11.77
C CYS G 197 10.52 14.49 -10.95
N ILE G 198 9.76 13.42 -10.74
CA ILE G 198 10.21 12.30 -9.92
C ILE G 198 10.95 11.30 -10.75
N LEU G 199 10.48 11.07 -11.98
CA LEU G 199 11.07 10.07 -12.83
C LEU G 199 12.40 10.38 -13.45
N ALA G 200 12.47 11.49 -14.22
CA ALA G 200 13.67 11.90 -14.95
C ALA G 200 14.98 11.89 -14.16
N PRO G 201 15.06 12.36 -12.93
CA PRO G 201 16.35 12.31 -12.22
C PRO G 201 16.79 10.87 -11.98
N LYS G 202 15.83 9.99 -11.65
CA LYS G 202 16.09 8.56 -11.41
C LYS G 202 16.56 7.91 -12.72
N MET G 203 16.05 8.39 -13.88
CA MET G 203 16.41 7.88 -15.19
C MET G 203 17.85 8.29 -15.49
N VAL G 204 18.12 9.58 -15.27
CA VAL G 204 19.43 10.20 -15.48
C VAL G 204 20.47 9.51 -14.64
N ASP G 205 20.16 9.27 -13.36
CA ASP G 205 21.08 8.64 -12.42
C ASP G 205 21.43 7.19 -12.80
N VAL G 206 20.42 6.38 -13.06
CA VAL G 206 20.61 4.97 -13.41
C VAL G 206 21.39 4.80 -14.72
N ALA G 207 21.33 5.77 -15.62
CA ALA G 207 22.06 5.66 -16.87
C ALA G 207 23.57 5.90 -16.70
N LYS G 208 23.98 6.67 -15.66
CA LYS G 208 25.40 6.95 -15.44
C LYS G 208 25.87 6.41 -14.08
N HIS G 209 25.23 5.32 -13.62
CA HIS G 209 25.62 4.74 -12.33
C HIS G 209 26.84 3.83 -12.49
N PRO G 210 27.85 3.98 -11.63
CA PRO G 210 29.05 3.13 -11.76
C PRO G 210 28.78 1.64 -11.53
N ASN G 211 27.83 1.31 -10.65
CA ASN G 211 27.52 -0.09 -10.34
C ASN G 211 26.36 -0.65 -11.16
N VAL G 212 25.72 0.17 -12.00
CA VAL G 212 24.61 -0.33 -12.81
C VAL G 212 24.94 -0.35 -14.30
N LYS G 213 24.82 -1.52 -14.91
CA LYS G 213 25.04 -1.68 -16.34
C LYS G 213 23.63 -1.67 -16.93
N LEU G 214 23.36 -0.81 -17.91
CA LEU G 214 22.01 -0.72 -18.48
C LEU G 214 21.94 -1.26 -19.91
N TYR G 215 20.99 -2.17 -20.14
CA TYR G 215 20.81 -2.72 -21.47
C TYR G 215 19.41 -2.36 -21.93
N ALA G 216 19.29 -1.20 -22.58
CA ALA G 216 18.00 -0.72 -23.08
C ALA G 216 17.73 -1.38 -24.42
N TYR G 217 16.49 -1.35 -24.90
CA TYR G 217 16.16 -1.97 -26.17
C TYR G 217 16.76 -3.39 -26.17
N SER G 218 16.58 -4.14 -25.07
CA SER G 218 17.14 -5.49 -24.93
C SER G 218 16.15 -6.37 -24.19
N GLU G 219 16.33 -7.69 -24.28
CA GLU G 219 15.43 -8.64 -23.62
C GLU G 219 16.17 -9.84 -23.04
N VAL G 220 15.69 -10.36 -21.90
CA VAL G 220 16.28 -11.55 -21.30
C VAL G 220 15.60 -12.68 -22.05
N VAL G 221 16.36 -13.44 -22.84
CA VAL G 221 15.79 -14.52 -23.64
C VAL G 221 15.91 -15.88 -23.00
N ASP G 222 16.90 -16.07 -22.12
CA ASP G 222 17.03 -17.36 -21.47
C ASP G 222 17.69 -17.23 -20.11
N VAL G 223 17.13 -17.93 -19.12
CA VAL G 223 17.64 -17.93 -17.76
C VAL G 223 17.78 -19.38 -17.34
N GLN G 224 18.90 -19.71 -16.74
CA GLN G 224 19.14 -21.08 -16.29
C GLN G 224 19.86 -21.02 -14.98
N GLY G 225 19.65 -22.01 -14.14
CA GLY G 225 20.31 -22.05 -12.85
C GLY G 225 19.36 -22.00 -11.67
N TYR G 226 19.93 -21.70 -10.51
CA TYR G 226 19.20 -21.65 -9.26
C TYR G 226 19.70 -20.46 -8.46
N VAL G 227 19.05 -20.16 -7.33
CA VAL G 227 19.44 -19.02 -6.48
C VAL G 227 20.95 -18.94 -6.31
N GLY G 228 21.49 -17.76 -6.54
CA GLY G 228 22.92 -17.52 -6.42
C GLY G 228 23.72 -17.95 -7.64
N ASN G 229 23.22 -18.95 -8.38
CA ASN G 229 23.92 -19.43 -9.54
C ASN G 229 23.01 -19.37 -10.77
N PHE G 230 22.61 -18.16 -11.17
CA PHE G 230 21.79 -17.98 -12.36
C PHE G 230 22.68 -17.59 -13.55
N LYS G 231 22.52 -18.23 -14.70
CA LYS G 231 23.30 -17.92 -15.89
C LYS G 231 22.30 -17.39 -16.90
N VAL G 232 22.26 -16.06 -17.07
CA VAL G 232 21.31 -15.40 -17.97
C VAL G 232 21.90 -15.00 -19.31
N LYS G 233 21.03 -14.90 -20.32
CA LYS G 233 21.41 -14.51 -21.67
C LYS G 233 20.49 -13.36 -22.11
N ILE G 234 21.08 -12.18 -22.35
CA ILE G 234 20.35 -10.98 -22.76
C ILE G 234 20.59 -10.70 -24.23
N MET G 235 19.53 -10.35 -24.97
CA MET G 235 19.66 -10.05 -26.40
C MET G 235 19.62 -8.54 -26.59
N LYS G 236 20.75 -7.95 -26.98
CA LYS G 236 20.81 -6.52 -27.23
C LYS G 236 20.27 -6.32 -28.66
N LYS G 237 19.04 -5.81 -28.79
CA LYS G 237 18.45 -5.59 -30.11
C LYS G 237 19.22 -4.56 -30.95
N ALA G 238 19.16 -4.72 -32.27
CA ALA G 238 19.87 -3.82 -33.19
C ALA G 238 19.08 -2.54 -33.42
N ARG G 239 19.68 -1.40 -33.06
CA ARG G 239 19.08 -0.08 -33.24
C ARG G 239 19.45 0.41 -34.64
N TYR G 240 20.51 -0.16 -35.22
CA TYR G 240 21.06 0.18 -36.54
C TYR G 240 21.71 1.57 -36.47
N ILE G 241 22.09 1.98 -35.25
CA ILE G 241 22.74 3.26 -34.93
C ILE G 241 23.81 2.98 -33.86
N ASP G 242 25.05 3.45 -34.07
CA ASP G 242 26.13 3.23 -33.10
C ASP G 242 25.86 4.10 -31.87
N GLU G 243 25.69 3.45 -30.71
CA GLU G 243 25.41 4.10 -29.43
C GLU G 243 26.47 5.11 -29.02
N THR G 244 27.74 4.74 -29.13
CA THR G 244 28.87 5.61 -28.75
C THR G 244 29.00 6.82 -29.67
N LYS G 245 28.65 6.67 -30.95
CA LYS G 245 28.76 7.75 -31.92
C LYS G 245 27.54 8.69 -31.93
N CYS G 246 26.32 8.17 -31.63
CA CYS G 246 25.12 9.02 -31.64
C CYS G 246 25.15 10.11 -30.58
N THR G 247 24.82 11.33 -30.99
CA THR G 247 24.80 12.52 -30.14
C THR G 247 23.40 12.75 -29.55
N GLY G 248 22.37 12.37 -30.30
CA GLY G 248 21.00 12.52 -29.87
C GLY G 248 20.43 13.88 -30.24
N CYS G 249 20.76 14.37 -31.45
CA CYS G 249 20.29 15.67 -31.94
C CYS G 249 18.94 15.54 -32.61
N GLY G 250 18.82 14.56 -33.50
CA GLY G 250 17.58 14.32 -34.21
C GLY G 250 17.38 15.08 -35.50
N GLN G 251 18.43 15.28 -36.28
CA GLN G 251 18.26 15.99 -37.55
C GLN G 251 17.69 14.98 -38.54
N CYS G 252 18.11 13.72 -38.38
CA CYS G 252 17.70 12.59 -39.21
C CYS G 252 16.18 12.41 -39.29
N SER G 253 15.47 12.68 -38.20
CA SER G 253 14.02 12.52 -38.13
C SER G 253 13.19 13.37 -39.10
N GLU G 254 13.55 14.64 -39.31
CA GLU G 254 12.77 15.50 -40.20
C GLU G 254 12.96 15.17 -41.68
N VAL G 255 14.08 14.55 -42.04
CA VAL G 255 14.37 14.22 -43.44
C VAL G 255 13.77 12.85 -43.81
N CYS G 256 13.62 11.95 -42.83
CA CYS G 256 13.06 10.62 -43.07
C CYS G 256 11.68 10.70 -43.74
N PRO G 257 11.41 9.93 -44.80
CA PRO G 257 10.10 10.03 -45.46
C PRO G 257 8.95 9.19 -44.88
N ILE G 258 9.22 8.00 -44.33
CA ILE G 258 8.13 7.18 -43.80
C ILE G 258 7.64 7.64 -42.42
N ASP G 259 6.32 7.77 -42.27
CA ASP G 259 5.66 8.19 -41.03
C ASP G 259 5.01 6.96 -40.39
N VAL G 260 5.54 6.51 -39.24
CA VAL G 260 5.02 5.34 -38.52
C VAL G 260 4.29 5.79 -37.26
N PRO G 261 3.18 5.16 -36.88
CA PRO G 261 2.50 5.60 -35.65
C PRO G 261 3.35 5.34 -34.39
N ASN G 262 3.37 6.32 -33.47
CA ASN G 262 4.16 6.20 -32.25
C ASN G 262 3.45 5.30 -31.24
N GLU G 263 4.17 4.28 -30.73
CA GLU G 263 3.60 3.37 -29.76
C GLU G 263 3.44 4.09 -28.43
N PHE G 264 4.43 4.91 -28.08
CA PHE G 264 4.44 5.67 -26.84
C PHE G 264 3.20 6.56 -26.70
N ASP G 265 2.78 7.19 -27.82
CA ASP G 265 1.60 8.06 -27.82
C ASP G 265 0.28 7.26 -27.87
N MET G 266 0.35 5.92 -27.88
CA MET G 266 -0.85 5.09 -27.94
C MET G 266 -1.70 5.35 -29.19
N GLY G 267 -1.04 5.56 -30.31
CA GLY G 267 -1.72 5.80 -31.59
C GLY G 267 -2.34 7.16 -31.82
N ILE G 268 -2.03 8.14 -30.98
CA ILE G 268 -2.58 9.48 -31.14
C ILE G 268 -1.60 10.32 -31.99
N GLY G 269 -0.32 10.06 -31.81
CA GLY G 269 0.72 10.78 -32.53
C GLY G 269 1.50 9.88 -33.46
N MET G 270 2.25 10.48 -34.38
CA MET G 270 3.06 9.76 -35.34
C MET G 270 4.54 10.04 -35.15
N ARG G 271 5.37 9.05 -35.45
CA ARG G 271 6.82 9.18 -35.35
C ARG G 271 7.42 8.86 -36.71
N LYS G 272 8.74 8.63 -36.77
CA LYS G 272 9.41 8.30 -38.03
C LYS G 272 10.19 6.99 -37.84
N ALA G 273 10.74 6.42 -38.93
CA ALA G 273 11.50 5.17 -38.86
C ALA G 273 12.67 5.30 -37.91
N ILE G 274 13.30 6.47 -37.91
CA ILE G 274 14.43 6.76 -37.03
C ILE G 274 13.81 7.58 -35.89
N TYR G 275 14.02 7.19 -34.63
CA TYR G 275 13.36 7.94 -33.56
C TYR G 275 13.88 7.78 -32.12
N LYS G 276 13.26 8.56 -31.22
CA LYS G 276 13.50 8.60 -29.79
C LYS G 276 12.08 8.54 -29.19
N PRO G 277 11.79 7.66 -28.21
CA PRO G 277 10.42 7.57 -27.69
C PRO G 277 9.75 8.87 -27.21
N PHE G 278 10.53 9.74 -26.55
CA PHE G 278 10.06 11.03 -26.04
C PHE G 278 11.26 11.94 -25.88
N PRO G 279 11.05 13.26 -25.77
CA PRO G 279 12.19 14.17 -25.68
C PRO G 279 13.12 13.96 -24.48
N GLN G 280 12.60 13.49 -23.34
CA GLN G 280 13.43 13.28 -22.17
C GLN G 280 13.87 11.83 -22.06
N ALA G 281 13.75 11.07 -23.15
CA ALA G 281 14.17 9.67 -23.15
C ALA G 281 15.64 9.48 -22.78
N VAL G 282 15.93 8.33 -22.17
CA VAL G 282 17.26 7.92 -21.73
C VAL G 282 17.37 6.43 -22.03
N PRO G 283 18.43 5.97 -22.70
CA PRO G 283 19.56 6.75 -23.20
C PRO G 283 19.10 7.69 -24.30
N ALA G 284 19.70 8.89 -24.36
CA ALA G 284 19.36 9.88 -25.37
C ALA G 284 20.00 9.48 -26.70
N LYS G 285 19.52 8.38 -27.28
CA LYS G 285 20.02 7.83 -28.54
C LYS G 285 18.83 7.56 -29.45
N TYR G 286 19.07 7.37 -30.75
CA TYR G 286 18.00 7.12 -31.70
C TYR G 286 17.95 5.66 -32.12
N THR G 287 16.83 5.23 -32.71
CA THR G 287 16.63 3.84 -33.13
C THR G 287 15.90 3.78 -34.47
N ILE G 288 16.27 2.82 -35.34
CA ILE G 288 15.63 2.65 -36.64
C ILE G 288 14.79 1.38 -36.67
N ASP G 289 13.56 1.46 -37.20
CA ASP G 289 12.69 0.29 -37.30
C ASP G 289 12.77 -0.22 -38.73
N LYS G 290 13.49 -1.33 -38.94
CA LYS G 290 13.66 -1.90 -40.29
C LYS G 290 12.38 -2.49 -40.89
N GLU G 291 11.34 -2.74 -40.08
CA GLU G 291 10.11 -3.29 -40.62
C GLU G 291 9.38 -2.21 -41.42
N HIS G 292 9.65 -0.93 -41.09
CA HIS G 292 9.04 0.19 -41.79
C HIS G 292 10.06 0.96 -42.63
N CYS G 293 11.35 0.87 -42.28
CA CYS G 293 12.40 1.56 -43.02
C CYS G 293 12.53 0.94 -44.41
N ILE G 294 12.60 1.78 -45.45
CA ILE G 294 12.73 1.32 -46.83
C ILE G 294 14.19 1.29 -47.28
N GLU G 295 15.11 1.70 -46.39
CA GLU G 295 16.54 1.70 -46.67
C GLU G 295 16.88 2.58 -47.88
N CYS G 296 16.37 3.82 -47.91
CA CYS G 296 16.63 4.75 -49.00
C CYS G 296 17.99 5.42 -48.82
N GLY G 297 18.39 5.64 -47.58
CA GLY G 297 19.66 6.25 -47.25
C GLY G 297 19.68 7.77 -47.20
N LEU G 298 18.51 8.40 -47.01
CA LEU G 298 18.46 9.86 -46.95
C LEU G 298 19.01 10.42 -45.64
N CYS G 299 18.66 9.82 -44.51
CA CYS G 299 19.14 10.31 -43.22
C CYS G 299 20.64 10.04 -43.02
N ALA G 300 21.22 9.13 -43.81
CA ALA G 300 22.64 8.81 -43.69
C ALA G 300 23.51 9.99 -44.07
N LYS G 301 23.02 10.90 -44.92
CA LYS G 301 23.80 12.07 -45.32
C LYS G 301 23.74 13.16 -44.27
N VAL G 302 22.61 13.29 -43.57
CA VAL G 302 22.48 14.33 -42.55
C VAL G 302 23.10 13.90 -41.21
N CYS G 303 23.45 12.61 -41.07
CA CYS G 303 24.06 12.12 -39.84
C CYS G 303 25.51 12.55 -39.81
N GLY G 304 25.88 13.36 -38.83
CA GLY G 304 27.24 13.84 -38.71
C GLY G 304 28.25 12.74 -38.41
N PRO G 305 28.15 12.13 -37.22
CA PRO G 305 29.13 11.09 -36.84
C PRO G 305 29.06 9.72 -37.50
N ASN G 306 28.37 9.53 -38.64
CA ASN G 306 28.31 8.21 -39.30
C ASN G 306 27.81 7.13 -38.33
N ALA G 307 26.77 7.45 -37.56
CA ALA G 307 26.20 6.51 -36.60
C ALA G 307 25.42 5.40 -37.29
N ILE G 308 24.68 5.74 -38.36
CA ILE G 308 23.88 4.77 -39.09
C ILE G 308 24.71 3.62 -39.64
N ASP G 309 24.39 2.41 -39.17
CA ASP G 309 25.04 1.15 -39.55
C ASP G 309 23.93 0.15 -39.81
N PHE G 310 23.56 -0.04 -41.09
CA PHE G 310 22.48 -0.97 -41.45
C PHE G 310 22.84 -2.43 -41.21
N ASP G 311 24.13 -2.78 -41.25
CA ASP G 311 24.55 -4.17 -41.05
C ASP G 311 24.88 -4.38 -39.59
N GLN G 312 23.92 -4.14 -38.69
CA GLN G 312 24.10 -4.30 -37.26
C GLN G 312 23.45 -5.62 -36.80
N GLU G 313 24.25 -6.48 -36.15
CA GLU G 313 23.80 -7.79 -35.66
C GLU G 313 23.35 -7.64 -34.20
N PRO G 314 22.17 -8.14 -33.81
CA PRO G 314 21.78 -8.00 -32.39
C PRO G 314 22.60 -8.96 -31.53
N GLU G 315 23.53 -8.41 -30.75
CA GLU G 315 24.42 -9.20 -29.91
C GLU G 315 23.74 -9.86 -28.71
N ILE G 316 24.20 -11.07 -28.35
CA ILE G 316 23.72 -11.85 -27.22
C ILE G 316 24.79 -11.73 -26.14
N ILE G 317 24.42 -11.33 -24.92
CA ILE G 317 25.41 -11.19 -23.85
C ILE G 317 25.18 -12.23 -22.77
N GLU G 318 26.22 -12.97 -22.38
CA GLU G 318 26.12 -13.97 -21.33
C GLU G 318 26.47 -13.33 -20.02
N ALA G 319 25.70 -13.57 -18.96
CA ALA G 319 25.99 -12.98 -17.66
C ALA G 319 25.60 -13.91 -16.52
N GLU G 320 26.37 -13.89 -15.43
CA GLU G 320 26.13 -14.71 -14.25
C GLU G 320 25.58 -13.85 -13.12
N VAL G 321 24.36 -14.11 -12.64
CA VAL G 321 23.81 -13.32 -11.54
C VAL G 321 23.42 -14.19 -10.39
N GLY G 322 23.19 -13.56 -9.24
CA GLY G 322 22.80 -14.24 -8.02
C GLY G 322 21.31 -14.15 -7.75
N THR G 323 20.70 -12.98 -7.97
CA THR G 323 19.28 -12.77 -7.74
C THR G 323 18.67 -12.05 -8.93
N ILE G 324 17.36 -12.26 -9.17
CA ILE G 324 16.66 -11.61 -10.27
C ILE G 324 15.43 -10.92 -9.75
N ILE G 325 15.20 -9.68 -10.17
CA ILE G 325 14.02 -8.94 -9.74
C ILE G 325 13.16 -8.64 -10.95
N CYS G 326 11.91 -9.09 -10.91
CA CYS G 326 10.97 -8.88 -12.01
C CYS G 326 10.14 -7.62 -11.79
N ALA G 327 10.18 -6.69 -12.76
CA ALA G 327 9.44 -5.44 -12.69
C ALA G 327 9.01 -5.05 -14.09
N ILE G 328 8.38 -6.00 -14.79
CA ILE G 328 7.94 -5.77 -16.16
C ILE G 328 6.67 -4.92 -16.26
N GLY G 329 6.20 -4.48 -15.11
CA GLY G 329 5.03 -3.60 -15.03
C GLY G 329 3.69 -4.12 -15.48
N TYR G 330 2.94 -3.24 -16.16
CA TYR G 330 1.59 -3.57 -16.60
C TYR G 330 1.25 -2.95 -17.94
N ASP G 331 0.06 -3.30 -18.41
CA ASP G 331 -0.53 -2.82 -19.66
C ASP G 331 -1.94 -2.33 -19.32
N ALA G 332 -2.55 -1.57 -20.22
CA ALA G 332 -3.90 -1.07 -19.97
C ALA G 332 -4.91 -2.02 -20.56
N PHE G 333 -6.07 -2.05 -19.95
CA PHE G 333 -7.15 -2.89 -20.41
C PHE G 333 -7.65 -2.40 -21.76
N ASP G 334 -7.79 -3.31 -22.74
CA ASP G 334 -8.33 -2.95 -24.06
C ASP G 334 -9.84 -2.98 -23.85
N PRO G 335 -10.54 -1.85 -23.91
CA PRO G 335 -11.98 -1.87 -23.66
C PRO G 335 -12.88 -2.25 -24.83
N THR G 336 -12.30 -2.54 -26.01
CA THR G 336 -13.10 -2.93 -27.20
C THR G 336 -14.15 -3.99 -26.85
N VAL G 337 -13.86 -4.86 -25.87
CA VAL G 337 -14.80 -5.92 -25.49
C VAL G 337 -16.11 -5.32 -24.93
N ARG G 338 -16.03 -4.29 -24.08
CA ARG G 338 -17.25 -3.69 -23.52
C ARG G 338 -17.86 -2.87 -24.65
N GLU G 339 -18.53 -3.56 -25.56
CA GLU G 339 -19.16 -3.00 -26.76
C GLU G 339 -20.07 -1.80 -26.49
N GLU G 340 -20.92 -1.89 -25.46
CA GLU G 340 -21.85 -0.82 -25.09
C GLU G 340 -21.17 0.54 -24.91
N TYR G 341 -19.90 0.53 -24.50
CA TYR G 341 -19.18 1.80 -24.34
C TYR G 341 -18.69 2.38 -25.69
N GLY G 342 -18.66 1.56 -26.73
CA GLY G 342 -18.27 1.96 -28.07
C GLY G 342 -16.81 2.29 -28.32
N TYR G 343 -15.88 1.71 -27.54
CA TYR G 343 -14.48 2.02 -27.78
C TYR G 343 -14.06 1.29 -29.04
N GLY G 344 -13.53 2.01 -30.02
CA GLY G 344 -13.12 1.41 -31.28
C GLY G 344 -14.07 1.80 -32.39
N VAL G 345 -15.35 2.03 -32.04
CA VAL G 345 -16.38 2.42 -32.99
C VAL G 345 -16.58 3.94 -32.97
N TYR G 346 -16.79 4.50 -31.77
CA TYR G 346 -16.99 5.94 -31.64
C TYR G 346 -15.66 6.66 -31.52
N ASP G 347 -15.49 7.71 -32.31
CA ASP G 347 -14.25 8.50 -32.37
C ASP G 347 -13.90 9.22 -31.07
N ASN G 348 -14.90 9.76 -30.36
CA ASN G 348 -14.64 10.50 -29.12
C ASN G 348 -14.73 9.66 -27.82
N VAL G 349 -14.44 8.36 -27.90
CA VAL G 349 -14.42 7.52 -26.70
C VAL G 349 -12.97 7.11 -26.59
N VAL G 350 -12.26 7.67 -25.61
CA VAL G 350 -10.84 7.39 -25.41
C VAL G 350 -10.56 6.72 -24.10
N THR G 351 -9.42 6.07 -24.00
CA THR G 351 -8.98 5.42 -22.77
C THR G 351 -8.29 6.51 -21.99
N ALA G 352 -8.21 6.36 -20.68
CA ALA G 352 -7.55 7.35 -19.84
C ALA G 352 -6.05 7.46 -20.17
N LEU G 353 -5.42 6.37 -20.63
CA LEU G 353 -4.00 6.43 -20.97
C LEU G 353 -3.80 7.32 -22.21
N GLU G 354 -4.78 7.33 -23.13
CA GLU G 354 -4.72 8.16 -24.34
C GLU G 354 -4.86 9.60 -23.88
N LEU G 355 -5.80 9.85 -22.94
CA LEU G 355 -5.99 11.19 -22.40
C LEU G 355 -4.69 11.69 -21.80
N GLU G 356 -3.92 10.82 -21.13
CA GLU G 356 -2.65 11.23 -20.53
C GLU G 356 -1.70 11.79 -21.58
N ARG G 357 -1.59 11.11 -22.72
CA ARG G 357 -0.73 11.53 -23.82
C ARG G 357 -1.25 12.83 -24.44
N MET G 358 -2.58 12.98 -24.47
CA MET G 358 -3.25 14.16 -25.01
C MET G 358 -2.96 15.35 -24.10
N ILE G 359 -3.11 15.16 -22.77
CA ILE G 359 -2.89 16.21 -21.78
C ILE G 359 -1.41 16.55 -21.59
N ASN G 360 -0.51 15.57 -21.78
CA ASN G 360 0.93 15.84 -21.60
C ASN G 360 1.43 16.93 -22.53
N ALA G 361 2.22 17.87 -21.98
CA ALA G 361 2.80 18.99 -22.72
C ALA G 361 3.66 18.48 -23.86
N SER G 362 4.46 17.43 -23.61
CA SER G 362 5.33 16.85 -24.62
C SER G 362 4.57 15.83 -25.49
N GLY G 363 3.25 15.91 -25.49
CA GLY G 363 2.43 14.99 -26.26
C GLY G 363 2.28 15.38 -27.71
N PRO G 364 1.58 14.54 -28.49
CA PRO G 364 1.37 14.85 -29.91
C PRO G 364 0.40 16.00 -30.16
N THR G 365 -0.41 16.38 -29.16
CA THR G 365 -1.36 17.49 -29.31
C THR G 365 -0.85 18.74 -28.57
N GLY G 366 0.31 18.64 -27.94
CA GLY G 366 0.88 19.75 -27.21
C GLY G 366 0.05 20.11 -25.99
N GLY G 367 -0.32 19.10 -25.22
CA GLY G 367 -1.12 19.30 -24.00
C GLY G 367 -2.57 19.65 -24.24
N LYS G 368 -3.04 19.63 -25.48
CA LYS G 368 -4.43 19.97 -25.78
C LYS G 368 -5.38 18.79 -25.81
N VAL G 369 -6.40 18.82 -24.94
CA VAL G 369 -7.41 17.76 -24.89
C VAL G 369 -8.32 18.04 -26.04
N ILE G 370 -8.24 17.25 -27.11
CA ILE G 370 -9.10 17.48 -28.28
C ILE G 370 -9.84 16.24 -28.70
N ARG G 371 -10.94 16.45 -29.41
CA ARG G 371 -11.77 15.38 -29.95
C ARG G 371 -11.05 14.81 -31.16
N LEU G 372 -11.10 13.49 -31.37
CA LEU G 372 -10.44 12.89 -32.51
C LEU G 372 -11.33 12.93 -33.74
N SER G 373 -12.58 13.36 -33.57
CA SER G 373 -13.50 13.45 -34.71
C SER G 373 -13.31 14.74 -35.49
N ASP G 374 -13.07 15.87 -34.81
CA ASP G 374 -12.90 17.16 -35.48
C ASP G 374 -11.75 18.02 -34.93
N GLY G 375 -11.03 17.53 -33.93
CA GLY G 375 -9.93 18.28 -33.34
C GLY G 375 -10.37 19.37 -32.39
N GLN G 376 -11.67 19.48 -32.14
CA GLN G 376 -12.21 20.50 -31.25
C GLN G 376 -11.96 20.21 -29.78
N LYS G 377 -12.06 21.25 -28.95
CA LYS G 377 -11.87 21.12 -27.51
C LYS G 377 -13.21 20.73 -26.89
N PRO G 378 -13.27 19.60 -26.15
CA PRO G 378 -14.55 19.21 -25.55
C PRO G 378 -14.98 20.10 -24.38
N LYS G 379 -16.23 20.58 -24.43
CA LYS G 379 -16.78 21.44 -23.38
C LYS G 379 -17.39 20.61 -22.24
N ARG G 380 -17.76 19.38 -22.53
CA ARG G 380 -18.34 18.50 -21.54
C ARG G 380 -17.61 17.16 -21.63
N ILE G 381 -17.06 16.68 -20.53
CA ILE G 381 -16.36 15.41 -20.50
C ILE G 381 -16.97 14.47 -19.48
N ALA G 382 -17.04 13.19 -19.83
CA ALA G 382 -17.56 12.16 -18.94
C ALA G 382 -16.47 11.14 -18.66
N PHE G 383 -16.26 10.80 -17.40
CA PHE G 383 -15.27 9.80 -17.00
C PHE G 383 -16.05 8.56 -16.56
N ILE G 384 -15.72 7.40 -17.14
CA ILE G 384 -16.39 6.16 -16.78
C ILE G 384 -15.39 5.33 -15.98
N GLN G 385 -15.75 4.96 -14.74
CA GLN G 385 -14.86 4.19 -13.85
C GLN G 385 -15.07 2.69 -13.92
N CYS G 386 -14.08 1.95 -13.39
CA CYS G 386 -14.08 0.50 -13.33
C CYS G 386 -14.24 -0.17 -14.70
N VAL G 387 -13.70 0.43 -15.76
CA VAL G 387 -13.79 -0.18 -17.09
C VAL G 387 -12.73 -1.28 -17.15
N GLY G 388 -13.15 -2.54 -17.19
CA GLY G 388 -12.22 -3.66 -17.25
C GLY G 388 -11.78 -4.09 -15.87
N SER G 389 -12.53 -3.62 -14.84
CA SER G 389 -12.25 -3.92 -13.44
C SER G 389 -13.55 -4.19 -12.69
N ARG G 390 -13.47 -4.93 -11.57
CA ARG G 390 -14.65 -5.22 -10.79
C ARG G 390 -15.75 -5.63 -11.75
N ASP G 391 -15.38 -6.45 -12.75
CA ASP G 391 -16.29 -6.91 -13.78
C ASP G 391 -16.04 -8.35 -14.18
N ALA G 392 -17.00 -9.21 -13.86
CA ALA G 392 -16.91 -10.64 -14.17
C ALA G 392 -17.06 -10.93 -15.65
N LYS G 393 -17.85 -10.10 -16.36
CA LYS G 393 -18.09 -10.30 -17.78
C LYS G 393 -16.82 -10.20 -18.61
N VAL G 394 -15.77 -9.56 -18.09
CA VAL G 394 -14.51 -9.45 -18.82
C VAL G 394 -13.43 -10.23 -18.10
N GLY G 395 -13.83 -11.06 -17.14
CA GLY G 395 -12.90 -11.90 -16.38
C GLY G 395 -12.04 -11.21 -15.34
N ASN G 396 -12.25 -9.91 -15.12
CA ASN G 396 -11.44 -9.17 -14.17
C ASN G 396 -12.27 -8.76 -12.96
N LYS G 397 -12.29 -9.64 -11.95
CA LYS G 397 -13.05 -9.41 -10.72
C LYS G 397 -12.20 -8.66 -9.66
N TYR G 398 -11.27 -7.83 -10.10
CA TYR G 398 -10.42 -7.08 -9.17
C TYR G 398 -10.49 -5.56 -9.40
N CYS G 399 -9.98 -4.80 -8.40
CA CYS G 399 -9.96 -3.33 -8.42
C CYS G 399 -8.61 -2.97 -8.96
N SER G 400 -8.53 -2.06 -9.96
CA SER G 400 -7.21 -1.71 -10.49
C SER G 400 -6.47 -0.68 -9.61
N ASN G 401 -7.08 -0.30 -8.45
CA ASN G 401 -6.41 0.56 -7.47
C ASN G 401 -6.22 2.05 -7.76
N VAL G 402 -5.68 2.39 -8.95
CA VAL G 402 -5.39 3.78 -9.31
C VAL G 402 -6.43 4.47 -10.20
N CYS G 403 -7.43 3.75 -10.66
CA CYS G 403 -8.44 4.32 -11.57
C CYS G 403 -9.19 5.49 -11.00
N CYS G 404 -9.67 5.39 -9.75
CA CYS G 404 -10.43 6.48 -9.15
C CYS G 404 -9.52 7.74 -9.12
N MET G 405 -8.38 7.58 -8.52
CA MET G 405 -7.41 8.65 -8.34
C MET G 405 -6.97 9.32 -9.60
N TYR G 406 -6.54 8.58 -10.63
CA TYR G 406 -6.11 9.30 -11.81
C TYR G 406 -7.28 10.03 -12.51
N ALA G 407 -8.51 9.51 -12.41
CA ALA G 407 -9.65 10.17 -13.09
C ALA G 407 -9.86 11.56 -12.54
N MET G 408 -9.91 11.65 -11.21
CA MET G 408 -10.08 12.93 -10.56
C MET G 408 -8.90 13.83 -10.90
N LYS G 409 -7.69 13.26 -10.88
CA LYS G 409 -6.48 14.01 -11.19
C LYS G 409 -6.64 14.68 -12.56
N ASN G 410 -6.77 13.88 -13.62
CA ASN G 410 -6.93 14.42 -14.96
C ASN G 410 -8.13 15.37 -15.06
N SER G 411 -9.15 15.22 -14.21
CA SER G 411 -10.26 16.16 -14.25
C SER G 411 -9.77 17.51 -13.70
N GLN G 412 -8.87 17.49 -12.70
CA GLN G 412 -8.35 18.73 -12.15
C GLN G 412 -7.53 19.43 -13.22
N LEU G 413 -6.77 18.67 -14.01
CA LEU G 413 -5.94 19.23 -15.08
C LEU G 413 -6.75 19.89 -16.18
N ILE G 414 -7.84 19.24 -16.56
CA ILE G 414 -8.65 19.82 -17.61
C ILE G 414 -9.20 21.13 -17.08
N LYS G 415 -9.64 21.14 -15.81
CA LYS G 415 -10.17 22.35 -15.18
C LYS G 415 -9.10 23.46 -15.12
N GLU G 416 -7.86 23.12 -14.74
CA GLU G 416 -6.82 24.15 -14.67
C GLU G 416 -6.64 24.77 -16.05
N LYS G 417 -6.57 23.93 -17.08
CA LYS G 417 -6.38 24.39 -18.44
C LYS G 417 -7.65 25.07 -18.97
N SER G 418 -8.82 24.51 -18.69
CA SER G 418 -10.07 25.08 -19.17
C SER G 418 -11.13 25.02 -18.07
N PRO G 419 -11.18 26.06 -17.22
CA PRO G 419 -12.17 26.07 -16.12
C PRO G 419 -13.64 25.91 -16.49
N ASP G 420 -14.02 26.35 -17.69
CA ASP G 420 -15.41 26.29 -18.15
C ASP G 420 -15.94 24.88 -18.35
N THR G 421 -15.04 23.94 -18.65
CA THR G 421 -15.39 22.54 -18.91
C THR G 421 -16.22 21.86 -17.82
N GLU G 422 -17.22 21.08 -18.25
CA GLU G 422 -18.10 20.31 -17.36
C GLU G 422 -17.52 18.89 -17.28
N ILE G 423 -17.06 18.45 -16.11
CA ILE G 423 -16.51 17.11 -16.00
C ILE G 423 -17.31 16.30 -15.04
N ASP G 424 -17.87 15.18 -15.50
CA ASP G 424 -18.67 14.30 -14.65
C ASP G 424 -17.95 12.97 -14.54
N ILE G 425 -17.87 12.44 -13.33
CA ILE G 425 -17.23 11.14 -13.10
C ILE G 425 -18.30 10.15 -12.65
N TYR G 426 -18.56 9.12 -13.47
CA TYR G 426 -19.52 8.07 -13.16
C TYR G 426 -18.76 6.99 -12.41
N TYR G 427 -19.09 6.78 -11.14
CA TYR G 427 -18.35 5.83 -10.31
C TYR G 427 -19.26 4.86 -9.50
N MET G 428 -18.62 3.95 -8.71
CA MET G 428 -19.30 2.98 -7.84
C MET G 428 -18.82 3.21 -6.41
N ASP G 429 -17.50 3.30 -6.25
CA ASP G 429 -16.87 3.59 -4.98
C ASP G 429 -15.65 4.48 -5.30
N ILE G 430 -15.56 5.65 -4.66
CA ILE G 430 -14.39 6.48 -4.82
C ILE G 430 -13.37 5.78 -3.94
N ARG G 431 -12.26 5.29 -4.53
CA ARG G 431 -11.24 4.59 -3.76
C ARG G 431 -9.94 5.41 -3.65
N ALA G 432 -9.98 6.40 -2.73
CA ALA G 432 -8.93 7.35 -2.35
C ALA G 432 -8.59 6.92 -0.93
N PHE G 433 -7.76 5.89 -0.80
CA PHE G 433 -7.39 5.26 0.46
C PHE G 433 -6.06 5.59 1.11
N SER G 434 -5.05 6.09 0.39
CA SER G 434 -3.76 6.33 1.05
C SER G 434 -3.60 7.76 1.61
N LYS G 435 -2.36 8.21 1.88
CA LYS G 435 -2.10 9.52 2.50
C LYS G 435 -2.32 10.71 1.58
N GLY G 436 -3.30 11.54 1.91
CA GLY G 436 -3.62 12.72 1.13
C GLY G 436 -4.60 12.39 0.04
N TYR G 437 -4.92 11.09 -0.12
CA TYR G 437 -5.84 10.68 -1.19
C TYR G 437 -7.26 11.25 -1.03
N GLU G 438 -7.91 11.04 0.13
CA GLU G 438 -9.27 11.53 0.41
C GLU G 438 -9.32 13.06 0.28
N GLU G 439 -8.27 13.72 0.77
CA GLU G 439 -8.16 15.17 0.73
C GLU G 439 -8.21 15.62 -0.73
N PHE G 440 -7.52 14.91 -1.61
CA PHE G 440 -7.52 15.16 -3.05
C PHE G 440 -8.97 14.99 -3.55
N TYR G 441 -9.62 13.94 -3.12
CA TYR G 441 -11.02 13.70 -3.54
C TYR G 441 -11.91 14.90 -3.12
N GLU G 442 -11.80 15.35 -1.85
CA GLU G 442 -12.54 16.50 -1.31
C GLU G 442 -12.24 17.74 -2.14
N ARG G 443 -10.95 17.96 -2.39
CA ARG G 443 -10.48 19.10 -3.14
C ARG G 443 -10.99 19.13 -4.58
N SER G 444 -11.09 17.96 -5.20
CA SER G 444 -11.57 17.82 -6.58
C SER G 444 -12.97 18.37 -6.74
N ALA G 445 -13.83 18.11 -5.76
CA ALA G 445 -15.22 18.56 -5.79
C ALA G 445 -15.37 19.98 -5.28
N LYS G 446 -14.74 20.27 -4.13
CA LYS G 446 -14.83 21.59 -3.50
C LYS G 446 -14.14 22.68 -4.30
N GLN G 447 -12.84 22.52 -4.56
CA GLN G 447 -12.07 23.53 -5.28
C GLN G 447 -12.26 23.53 -6.80
N TYR G 448 -12.16 22.37 -7.47
CA TYR G 448 -12.27 22.32 -8.93
C TYR G 448 -13.67 22.10 -9.50
N GLY G 449 -14.66 21.88 -8.64
CA GLY G 449 -16.03 21.72 -9.12
C GLY G 449 -16.23 20.53 -10.04
N ILE G 450 -15.56 19.40 -9.73
CA ILE G 450 -15.72 18.17 -10.50
C ILE G 450 -16.96 17.48 -9.97
N LYS G 451 -17.86 17.06 -10.84
CA LYS G 451 -19.10 16.42 -10.42
C LYS G 451 -18.95 14.91 -10.42
N PHE G 452 -19.61 14.23 -9.48
CA PHE G 452 -19.54 12.77 -9.36
C PHE G 452 -20.93 12.13 -9.40
N MET G 453 -21.13 11.11 -10.25
CA MET G 453 -22.40 10.44 -10.34
C MET G 453 -22.22 9.03 -9.84
N ARG G 454 -22.96 8.61 -8.82
CA ARG G 454 -22.76 7.24 -8.38
C ARG G 454 -23.66 6.38 -9.26
N GLY G 455 -23.06 5.73 -10.22
CA GLY G 455 -23.78 4.89 -11.15
C GLY G 455 -22.88 4.35 -12.22
N ARG G 456 -22.91 3.04 -12.45
CA ARG G 456 -22.08 2.43 -13.47
C ARG G 456 -22.84 2.55 -14.79
N PRO G 457 -22.31 3.28 -15.78
CA PRO G 457 -23.07 3.45 -17.03
C PRO G 457 -23.49 2.16 -17.71
N SER G 458 -24.72 2.15 -18.24
CA SER G 458 -25.24 0.97 -18.94
C SER G 458 -24.70 0.94 -20.37
N GLN G 459 -24.55 2.11 -21.00
CA GLN G 459 -24.02 2.18 -22.37
C GLN G 459 -23.73 3.60 -22.82
N VAL G 460 -23.02 3.72 -23.94
CA VAL G 460 -22.66 5.01 -24.55
C VAL G 460 -23.22 5.00 -25.98
N ILE G 461 -23.91 6.08 -26.38
CA ILE G 461 -24.48 6.13 -27.72
C ILE G 461 -24.07 7.43 -28.37
N GLU G 462 -23.34 7.33 -29.48
CA GLU G 462 -22.86 8.51 -30.21
C GLU G 462 -23.92 9.09 -31.10
N ASP G 463 -23.91 10.41 -31.26
CA ASP G 463 -24.82 11.11 -32.16
C ASP G 463 -24.02 11.13 -33.45
N PRO G 464 -24.42 10.38 -34.48
CA PRO G 464 -23.62 10.36 -35.72
C PRO G 464 -23.59 11.68 -36.45
N GLU G 465 -24.40 12.63 -36.00
CA GLU G 465 -24.49 13.94 -36.62
C GLU G 465 -23.42 14.90 -36.12
N THR G 466 -23.28 15.01 -34.79
CA THR G 466 -22.30 15.92 -34.19
C THR G 466 -21.03 15.22 -33.70
N GLY G 467 -21.13 13.94 -33.40
CA GLY G 467 -19.98 13.19 -32.89
C GLY G 467 -19.98 13.17 -31.37
N ASN G 468 -20.97 13.84 -30.77
CA ASN G 468 -21.12 13.91 -29.31
C ASN G 468 -21.61 12.56 -28.80
N LEU G 469 -21.40 12.29 -27.52
CA LEU G 469 -21.82 11.02 -26.94
C LEU G 469 -22.79 11.19 -25.80
N VAL G 470 -23.80 10.32 -25.75
CA VAL G 470 -24.81 10.32 -24.70
C VAL G 470 -24.48 9.18 -23.73
N VAL G 471 -24.47 9.46 -22.43
CA VAL G 471 -24.16 8.44 -21.45
C VAL G 471 -25.41 8.03 -20.70
N ARG G 472 -25.79 6.75 -20.84
CA ARG G 472 -26.96 6.21 -20.15
C ARG G 472 -26.52 5.56 -18.85
N ALA G 473 -27.09 5.99 -17.73
CA ALA G 473 -26.76 5.43 -16.42
C ALA G 473 -27.85 5.76 -15.41
N GLU G 474 -27.78 5.18 -14.22
CA GLU G 474 -28.78 5.51 -13.20
C GLU G 474 -28.14 6.29 -12.07
N ASP G 475 -28.76 7.38 -11.65
CA ASP G 475 -28.19 8.13 -10.52
C ASP G 475 -28.79 7.40 -9.33
N THR G 476 -28.02 6.44 -8.79
CA THR G 476 -28.44 5.61 -7.67
C THR G 476 -28.75 6.43 -6.42
N LEU G 477 -28.11 7.60 -6.27
CA LEU G 477 -28.35 8.45 -5.11
C LEU G 477 -29.67 9.23 -5.27
N LEU G 478 -30.29 9.15 -6.46
CA LEU G 478 -31.58 9.80 -6.74
C LEU G 478 -32.61 8.77 -7.14
N GLY G 479 -32.18 7.60 -7.57
CA GLY G 479 -33.11 6.56 -8.01
C GLY G 479 -33.80 6.93 -9.31
N GLU G 480 -33.09 7.70 -10.16
CA GLU G 480 -33.61 8.17 -11.44
C GLU G 480 -32.57 7.88 -12.51
N ILE G 481 -33.01 7.68 -13.75
CA ILE G 481 -32.12 7.37 -14.86
C ILE G 481 -31.65 8.62 -15.57
N LEU G 482 -30.35 8.74 -15.77
CA LEU G 482 -29.75 9.89 -16.43
C LEU G 482 -29.40 9.56 -17.87
N GLU G 483 -29.47 10.58 -18.74
CA GLU G 483 -29.11 10.45 -20.15
C GLU G 483 -28.42 11.76 -20.57
N LYS G 484 -27.23 12.00 -20.01
CA LYS G 484 -26.48 13.24 -20.29
C LYS G 484 -25.63 13.17 -21.55
N GLU G 485 -25.45 14.32 -22.20
CA GLU G 485 -24.66 14.43 -23.43
C GLU G 485 -23.27 14.95 -23.13
N TYR G 486 -22.28 14.39 -23.82
CA TYR G 486 -20.90 14.84 -23.61
C TYR G 486 -20.19 14.99 -24.95
N ASP G 487 -19.12 15.76 -24.92
CA ASP G 487 -18.30 16.01 -26.10
C ASP G 487 -17.16 15.00 -26.15
N LEU G 488 -16.78 14.43 -24.98
CA LEU G 488 -15.72 13.42 -24.88
C LEU G 488 -16.03 12.40 -23.76
N VAL G 489 -15.80 11.11 -24.02
CA VAL G 489 -16.04 10.06 -23.01
C VAL G 489 -14.71 9.40 -22.73
N VAL G 490 -14.27 9.47 -21.47
CA VAL G 490 -13.00 8.88 -21.07
C VAL G 490 -13.26 7.62 -20.31
N LEU G 491 -12.74 6.51 -20.80
CA LEU G 491 -12.91 5.25 -20.10
C LEU G 491 -11.73 5.11 -19.15
N SER G 492 -12.02 4.96 -17.86
CA SER G 492 -10.94 4.79 -16.88
C SER G 492 -10.58 3.32 -16.87
N VAL G 493 -9.84 2.93 -17.91
CA VAL G 493 -9.39 1.56 -18.14
C VAL G 493 -8.53 1.04 -17.00
N GLY G 494 -8.72 -0.22 -16.65
CA GLY G 494 -7.96 -0.85 -15.58
C GLY G 494 -6.58 -1.35 -15.99
N MET G 495 -5.95 -2.12 -15.08
CA MET G 495 -4.64 -2.69 -15.27
C MET G 495 -4.73 -4.17 -15.57
N VAL G 496 -3.91 -4.62 -16.50
CA VAL G 496 -3.84 -6.02 -16.85
C VAL G 496 -2.38 -6.28 -17.03
N PRO G 497 -1.92 -7.53 -16.87
CA PRO G 497 -0.49 -7.80 -17.06
C PRO G 497 0.01 -7.46 -18.45
N THR G 498 1.29 -7.11 -18.58
CA THR G 498 1.86 -6.76 -19.87
C THR G 498 1.91 -7.99 -20.79
N LYS G 499 1.86 -7.75 -22.11
CA LYS G 499 1.84 -8.81 -23.13
C LYS G 499 2.91 -9.89 -22.92
N SER G 500 4.16 -9.47 -22.66
CA SER G 500 5.29 -10.37 -22.48
C SER G 500 5.33 -11.13 -21.14
N ALA G 501 4.35 -10.90 -20.26
CA ALA G 501 4.35 -11.59 -18.96
C ALA G 501 4.41 -13.11 -19.08
N ASP G 502 3.74 -13.68 -20.09
CA ASP G 502 3.76 -15.13 -20.27
C ASP G 502 5.19 -15.59 -20.61
N GLU G 503 5.92 -14.81 -21.41
CA GLU G 503 7.27 -15.21 -21.77
C GLU G 503 8.16 -15.17 -20.53
N VAL G 504 8.06 -14.08 -19.77
CA VAL G 504 8.84 -13.89 -18.54
C VAL G 504 8.48 -14.97 -17.50
N GLN G 505 7.17 -15.28 -17.39
CA GLN G 505 6.71 -16.31 -16.47
C GLN G 505 7.51 -17.60 -16.69
N LYS G 506 7.58 -18.05 -17.95
CA LYS G 506 8.28 -19.27 -18.37
C LYS G 506 9.78 -19.20 -18.15
N ILE G 507 10.38 -18.05 -18.50
CA ILE G 507 11.82 -17.89 -18.36
C ILE G 507 12.23 -17.94 -16.89
N LEU G 508 11.53 -17.20 -16.02
CA LEU G 508 11.86 -17.15 -14.60
C LEU G 508 11.30 -18.32 -13.83
N GLY G 509 10.17 -18.83 -14.26
CA GLY G 509 9.55 -19.96 -13.58
C GLY G 509 8.86 -19.50 -12.32
N ILE G 510 7.90 -18.60 -12.48
CA ILE G 510 7.15 -18.05 -11.36
C ILE G 510 5.67 -18.21 -11.65
N SER G 511 4.82 -18.14 -10.62
CA SER G 511 3.38 -18.33 -10.78
C SER G 511 2.59 -17.05 -10.92
N ARG G 512 1.28 -17.17 -11.19
CA ARG G 512 0.38 -16.05 -11.36
C ARG G 512 -0.79 -16.14 -10.39
N THR G 513 -1.32 -15.00 -9.96
CA THR G 513 -2.47 -14.99 -9.05
C THR G 513 -3.75 -15.08 -9.86
N PRO G 514 -4.92 -15.25 -9.22
CA PRO G 514 -6.16 -15.31 -10.00
C PRO G 514 -6.39 -14.11 -10.90
N ASP G 515 -5.81 -12.95 -10.56
CA ASP G 515 -5.95 -11.74 -11.34
C ASP G 515 -4.97 -11.73 -12.51
N GLN G 516 -4.14 -12.78 -12.65
CA GLN G 516 -3.16 -12.95 -13.73
C GLN G 516 -1.86 -12.21 -13.51
N PHE G 517 -1.72 -11.50 -12.39
CA PHE G 517 -0.47 -10.80 -12.13
C PHE G 517 0.48 -11.78 -11.45
N PHE G 518 1.74 -11.44 -11.27
CA PHE G 518 2.67 -12.36 -10.64
C PHE G 518 2.35 -12.57 -9.18
N MET G 519 2.48 -13.83 -8.76
CA MET G 519 2.18 -14.28 -7.40
C MET G 519 3.34 -14.12 -6.45
N GLU G 520 3.08 -13.44 -5.34
CA GLU G 520 4.11 -13.23 -4.31
C GLU G 520 4.17 -14.49 -3.46
N ALA G 521 5.23 -14.65 -2.66
CA ALA G 521 5.41 -15.81 -1.80
C ALA G 521 4.29 -15.90 -0.79
N HIS G 522 4.07 -14.84 -0.01
CA HIS G 522 2.99 -14.79 0.98
C HIS G 522 2.37 -13.41 0.93
N PRO G 523 1.03 -13.35 0.99
CA PRO G 523 0.37 -12.06 0.88
C PRO G 523 0.53 -11.10 2.05
N LYS G 524 1.20 -11.51 3.15
CA LYS G 524 1.36 -10.63 4.30
C LYS G 524 2.77 -10.51 4.87
N LEU G 525 3.64 -11.52 4.72
CA LEU G 525 4.99 -11.47 5.30
C LEU G 525 6.14 -11.46 4.27
N ARG G 526 5.96 -12.01 3.04
CA ARG G 526 7.02 -11.94 2.03
C ARG G 526 6.34 -11.34 0.79
N PRO G 527 6.00 -10.02 0.83
CA PRO G 527 5.28 -9.44 -0.32
C PRO G 527 6.05 -9.20 -1.61
N VAL G 528 7.37 -9.29 -1.60
CA VAL G 528 8.13 -9.05 -2.83
C VAL G 528 8.95 -10.26 -3.19
N ASP G 529 8.78 -11.34 -2.44
CA ASP G 529 9.49 -12.58 -2.73
C ASP G 529 8.58 -13.49 -3.50
N THR G 530 9.15 -14.53 -4.13
CA THR G 530 8.37 -15.53 -4.87
C THR G 530 8.68 -16.88 -4.27
N ALA G 531 7.83 -17.88 -4.54
CA ALA G 531 8.07 -19.23 -4.02
C ALA G 531 9.42 -19.75 -4.56
N THR G 532 9.83 -19.24 -5.75
CA THR G 532 11.09 -19.59 -6.40
C THR G 532 12.20 -18.78 -5.77
N ASP G 533 13.04 -19.40 -4.94
CA ASP G 533 14.15 -18.71 -4.27
C ASP G 533 15.02 -17.93 -5.29
N GLY G 534 15.47 -16.75 -4.89
CA GLY G 534 16.31 -15.92 -5.74
C GLY G 534 15.56 -15.01 -6.71
N VAL G 535 14.29 -15.30 -6.98
CA VAL G 535 13.51 -14.49 -7.91
C VAL G 535 12.58 -13.61 -7.08
N TYR G 536 12.59 -12.28 -7.36
CA TYR G 536 11.79 -11.30 -6.65
C TYR G 536 10.90 -10.48 -7.57
N LEU G 537 9.91 -9.84 -7.00
CA LEU G 537 9.01 -9.00 -7.78
C LEU G 537 9.04 -7.54 -7.31
N ALA G 538 8.62 -6.62 -8.18
CA ALA G 538 8.58 -5.20 -7.83
C ALA G 538 7.78 -4.42 -8.84
N GLY G 539 6.81 -3.68 -8.35
CA GLY G 539 5.96 -2.85 -9.19
C GLY G 539 4.61 -3.44 -9.50
N ALA G 540 3.96 -2.89 -10.51
CA ALA G 540 2.63 -3.28 -10.95
C ALA G 540 2.53 -4.71 -11.53
N CYS G 541 3.67 -5.35 -11.90
CA CYS G 541 3.60 -6.73 -12.42
C CYS G 541 3.11 -7.67 -11.32
N GLN G 542 3.29 -7.25 -10.06
CA GLN G 542 2.86 -8.00 -8.89
C GLN G 542 1.38 -7.75 -8.61
N GLY G 543 0.86 -6.64 -9.11
CA GLY G 543 -0.55 -6.30 -8.89
C GLY G 543 -0.83 -4.81 -9.11
N PRO G 544 -2.05 -4.45 -9.44
CA PRO G 544 -2.36 -3.03 -9.67
C PRO G 544 -2.06 -2.10 -8.50
N LYS G 545 -1.10 -1.17 -8.67
CA LYS G 545 -0.74 -0.23 -7.61
C LYS G 545 -0.25 1.13 -8.14
N ASP G 546 -0.12 2.10 -7.23
CA ASP G 546 0.32 3.45 -7.62
C ASP G 546 1.89 3.58 -7.58
N ILE G 547 2.40 4.77 -7.94
CA ILE G 547 3.85 5.02 -7.98
C ILE G 547 4.48 4.96 -6.59
N PRO G 548 3.86 5.54 -5.55
CA PRO G 548 4.47 5.42 -4.21
C PRO G 548 4.69 3.98 -3.86
N ALA G 549 3.66 3.14 -4.10
CA ALA G 549 3.69 1.72 -3.79
C ALA G 549 4.72 0.98 -4.63
N SER G 550 4.81 1.32 -5.91
CA SER G 550 5.76 0.70 -6.84
C SER G 550 7.21 1.04 -6.47
N VAL G 551 7.43 2.26 -5.95
CA VAL G 551 8.77 2.73 -5.55
C VAL G 551 9.21 2.03 -4.28
N ALA G 552 8.25 1.85 -3.33
CA ALA G 552 8.52 1.17 -2.06
C ALA G 552 8.85 -0.28 -2.33
N GLN G 553 8.10 -0.92 -3.24
CA GLN G 553 8.34 -2.32 -3.60
C GLN G 553 9.73 -2.45 -4.21
N GLY G 554 10.12 -1.50 -5.04
CA GLY G 554 11.44 -1.58 -5.66
C GLY G 554 12.54 -1.57 -4.62
N SER G 555 12.35 -0.77 -3.57
CA SER G 555 13.31 -0.67 -2.49
C SER G 555 13.20 -1.93 -1.66
N ALA G 556 11.97 -2.32 -1.35
CA ALA G 556 11.73 -3.51 -0.56
C ALA G 556 12.39 -4.73 -1.23
N ALA G 557 12.16 -4.92 -2.54
CA ALA G 557 12.71 -6.03 -3.32
C ALA G 557 14.22 -6.01 -3.32
N ALA G 558 14.81 -4.84 -3.35
CA ALA G 558 16.27 -4.68 -3.36
C ALA G 558 16.82 -5.14 -2.00
N SER G 559 16.09 -4.83 -0.91
CA SER G 559 16.49 -5.24 0.43
C SER G 559 16.52 -6.75 0.48
N ARG G 560 15.40 -7.34 0.07
CA ARG G 560 15.23 -8.78 0.04
C ARG G 560 16.25 -9.44 -0.87
N ALA G 561 16.44 -8.90 -2.09
CA ALA G 561 17.44 -9.44 -3.02
C ALA G 561 18.86 -9.18 -2.51
N ALA G 562 19.06 -8.20 -1.64
CA ALA G 562 20.40 -7.91 -1.12
C ALA G 562 20.82 -8.92 -0.06
N ILE G 563 19.86 -9.65 0.52
CA ILE G 563 20.18 -10.61 1.56
C ILE G 563 21.09 -11.73 1.06
N PRO G 564 20.71 -12.53 0.06
CA PRO G 564 21.62 -13.59 -0.39
C PRO G 564 22.97 -13.04 -0.83
N LEU G 565 22.95 -11.94 -1.60
CA LEU G 565 24.16 -11.29 -2.11
C LEU G 565 25.06 -10.84 -0.97
N ALA G 566 24.47 -10.36 0.13
CA ALA G 566 25.26 -9.91 1.27
C ALA G 566 25.90 -11.10 2.00
N LYS G 567 25.15 -12.19 2.13
CA LYS G 567 25.63 -13.39 2.81
C LYS G 567 26.75 -14.07 2.01
N GLY G 568 26.58 -14.14 0.70
CA GLY G 568 27.54 -14.78 -0.18
C GLY G 568 27.34 -16.27 -0.30
N GLU G 569 26.56 -16.87 0.62
CA GLU G 569 26.28 -18.32 0.63
C GLU G 569 24.82 -18.56 0.98
N VAL G 570 24.15 -19.47 0.26
CA VAL G 570 22.74 -19.75 0.51
C VAL G 570 22.51 -21.27 0.53
N GLU G 571 21.57 -21.76 1.37
CA GLU G 571 21.23 -23.18 1.52
C GLU G 571 20.13 -23.60 0.56
N VAL G 572 20.34 -24.66 -0.23
CA VAL G 572 19.30 -25.14 -1.13
C VAL G 572 18.91 -26.54 -0.65
N GLU G 573 17.62 -26.91 -0.78
CA GLU G 573 17.10 -28.20 -0.31
C GLU G 573 17.79 -29.43 -0.92
N PRO G 574 18.11 -30.44 -0.09
CA PRO G 574 18.78 -31.64 -0.61
C PRO G 574 17.79 -32.73 -1.05
N ILE G 575 16.63 -32.32 -1.57
CA ILE G 575 15.62 -33.23 -2.05
C ILE G 575 16.00 -33.52 -3.49
N ILE G 576 17.25 -33.95 -3.68
CA ILE G 576 17.79 -34.23 -5.01
C ILE G 576 17.85 -35.72 -5.26
N ALA G 577 17.97 -36.08 -6.55
CA ALA G 577 18.02 -37.47 -6.96
C ALA G 577 19.44 -37.98 -7.05
N SER G 578 19.62 -39.26 -6.70
CA SER G 578 20.92 -39.92 -6.73
C SER G 578 20.72 -41.30 -7.32
N VAL G 579 21.77 -41.85 -7.93
CA VAL G 579 21.70 -43.17 -8.55
C VAL G 579 22.50 -44.18 -7.76
N ASP G 580 21.90 -45.34 -7.48
CA ASP G 580 22.57 -46.43 -6.76
C ASP G 580 23.38 -47.20 -7.82
N ALA G 581 24.69 -46.99 -7.86
CA ALA G 581 25.55 -47.65 -8.85
C ALA G 581 25.46 -49.18 -8.87
N GLU G 582 25.09 -49.81 -7.74
CA GLU G 582 24.99 -51.27 -7.66
C GLU G 582 23.73 -51.81 -8.34
N ILE G 583 22.69 -50.98 -8.47
CA ILE G 583 21.43 -51.41 -9.07
C ILE G 583 21.25 -50.93 -10.50
N CYS G 584 21.87 -49.82 -10.87
CA CYS G 584 21.74 -49.26 -12.21
C CYS G 584 22.57 -50.05 -13.22
N GLY G 585 21.95 -50.39 -14.34
CA GLY G 585 22.62 -51.12 -15.42
C GLY G 585 22.73 -50.30 -16.69
N GLY G 586 22.40 -49.02 -16.60
CA GLY G 586 22.46 -48.10 -17.73
C GLY G 586 21.41 -48.35 -18.80
N CYS G 587 20.13 -48.30 -18.41
CA CYS G 587 19.07 -48.51 -19.39
C CYS G 587 18.90 -47.27 -20.27
N GLY G 588 19.19 -46.09 -19.71
CA GLY G 588 19.08 -44.83 -20.44
C GLY G 588 17.68 -44.24 -20.48
N VAL G 589 16.79 -44.69 -19.60
CA VAL G 589 15.41 -44.18 -19.56
C VAL G 589 15.39 -42.78 -18.95
N CYS G 590 16.14 -42.59 -17.88
CA CYS G 590 16.23 -41.35 -17.14
C CYS G 590 16.75 -40.13 -17.92
N VAL G 591 17.80 -40.31 -18.71
CA VAL G 591 18.48 -39.22 -19.45
C VAL G 591 17.62 -38.17 -20.10
N LYS G 592 16.61 -38.56 -20.87
CA LYS G 592 15.78 -37.61 -21.56
C LYS G 592 14.61 -37.05 -20.75
N GLN G 593 14.32 -37.61 -19.57
CA GLN G 593 13.19 -37.13 -18.75
C GLN G 593 13.47 -35.76 -18.12
N CYS G 594 14.72 -35.49 -17.75
CA CYS G 594 15.14 -34.25 -17.10
C CYS G 594 15.08 -33.02 -18.02
N PRO G 595 14.31 -31.99 -17.65
CA PRO G 595 14.27 -30.80 -18.50
C PRO G 595 15.58 -30.02 -18.45
N TYR G 596 16.35 -30.19 -17.36
CA TYR G 596 17.63 -29.50 -17.19
C TYR G 596 18.81 -30.38 -17.57
N GLY G 597 18.56 -31.63 -17.93
CA GLY G 597 19.60 -32.57 -18.31
C GLY G 597 20.55 -32.94 -17.18
N ALA G 598 20.01 -33.12 -15.97
CA ALA G 598 20.82 -33.47 -14.79
C ALA G 598 21.28 -34.93 -14.79
N PRO G 599 20.38 -35.93 -15.00
CA PRO G 599 20.85 -37.32 -15.02
C PRO G 599 21.49 -37.61 -16.36
N ARG G 600 22.78 -37.93 -16.36
CA ARG G 600 23.48 -38.19 -17.62
C ARG G 600 24.27 -39.49 -17.53
N LEU G 601 24.32 -40.24 -18.63
CA LEU G 601 25.03 -41.51 -18.68
C LEU G 601 26.52 -41.31 -18.72
N VAL G 602 27.26 -42.06 -17.89
CA VAL G 602 28.70 -41.96 -17.84
C VAL G 602 29.34 -43.35 -17.72
N GLU G 603 30.60 -43.44 -18.09
CA GLU G 603 31.33 -44.70 -18.03
C GLU G 603 32.05 -44.79 -16.70
N LYS G 604 31.89 -45.91 -15.97
CA LYS G 604 32.55 -46.08 -14.68
C LYS G 604 33.07 -47.49 -14.54
N ASP G 605 34.36 -47.63 -14.21
CA ASP G 605 35.04 -48.92 -14.05
C ASP G 605 34.68 -49.95 -15.13
N GLY G 606 34.69 -49.50 -16.39
CA GLY G 606 34.40 -50.35 -17.55
C GLY G 606 32.95 -50.52 -17.96
N LYS G 607 31.99 -50.02 -17.18
CA LYS G 607 30.58 -50.18 -17.54
C LYS G 607 29.81 -48.87 -17.51
N VAL G 608 28.66 -48.84 -18.21
CA VAL G 608 27.80 -47.66 -18.27
C VAL G 608 26.89 -47.65 -17.05
N VAL G 609 26.82 -46.50 -16.38
CA VAL G 609 25.98 -46.31 -15.21
C VAL G 609 25.51 -44.85 -15.22
N ALA G 610 24.28 -44.60 -14.76
CA ALA G 610 23.74 -43.24 -14.75
C ALA G 610 24.31 -42.48 -13.56
N GLU G 611 24.42 -41.15 -13.69
CA GLU G 611 24.92 -40.30 -12.61
C GLU G 611 24.25 -38.94 -12.68
N VAL G 612 23.84 -38.41 -11.53
CA VAL G 612 23.19 -37.11 -11.48
C VAL G 612 24.15 -36.04 -10.96
N ILE G 613 24.20 -34.88 -11.63
CA ILE G 613 25.05 -33.78 -11.17
C ILE G 613 24.21 -33.12 -10.08
N SER G 614 24.63 -33.21 -8.82
CA SER G 614 23.89 -32.66 -7.69
C SER G 614 23.41 -31.21 -7.89
N ALA G 615 24.21 -30.37 -8.55
CA ALA G 615 23.82 -28.98 -8.79
C ALA G 615 22.71 -28.86 -9.84
N LEU G 616 22.87 -29.51 -11.00
CA LEU G 616 21.88 -29.45 -12.08
C LEU G 616 20.52 -29.97 -11.65
N CYS G 617 20.49 -31.01 -10.83
CA CYS G 617 19.22 -31.56 -10.39
C CYS G 617 18.48 -30.61 -9.49
N LYS G 618 17.38 -30.05 -9.99
CA LYS G 618 16.55 -29.16 -9.20
C LYS G 618 15.74 -30.02 -8.23
N GLY G 619 15.73 -31.32 -8.46
CA GLY G 619 15.03 -32.26 -7.60
C GLY G 619 13.55 -32.37 -7.90
N CYS G 620 13.21 -32.64 -9.15
CA CYS G 620 11.79 -32.76 -9.48
C CYS G 620 11.28 -34.14 -9.08
N GLY G 621 12.04 -35.17 -9.44
CA GLY G 621 11.69 -36.55 -9.11
C GLY G 621 11.09 -37.33 -10.26
N THR G 622 11.26 -36.85 -11.49
CA THR G 622 10.72 -37.52 -12.65
C THR G 622 11.54 -38.72 -13.07
N CYS G 623 12.89 -38.59 -13.17
CA CYS G 623 13.70 -39.74 -13.59
C CYS G 623 13.65 -40.90 -12.59
N PRO G 624 13.63 -40.66 -11.27
CA PRO G 624 13.53 -41.81 -10.35
C PRO G 624 12.16 -42.47 -10.48
N ALA G 625 11.10 -41.66 -10.66
CA ALA G 625 9.76 -42.20 -10.83
C ALA G 625 9.75 -43.02 -12.10
N GLY G 626 10.45 -42.53 -13.12
CA GLY G 626 10.54 -43.20 -14.40
C GLY G 626 11.47 -44.41 -14.40
N CYS G 627 12.51 -44.38 -13.56
CA CYS G 627 13.50 -45.46 -13.45
C CYS G 627 12.88 -46.84 -13.17
N PRO G 628 13.05 -47.81 -14.09
CA PRO G 628 12.47 -49.15 -13.87
C PRO G 628 13.32 -50.10 -13.02
N SER G 629 14.54 -49.71 -12.65
CA SER G 629 15.40 -50.57 -11.84
C SER G 629 15.36 -50.16 -10.37
N GLY G 630 14.77 -49.02 -10.06
CA GLY G 630 14.69 -48.53 -8.69
C GLY G 630 16.01 -47.99 -8.17
N ALA G 631 17.03 -47.92 -9.05
CA ALA G 631 18.37 -47.42 -8.69
C ALA G 631 18.31 -45.91 -8.43
N LEU G 632 17.48 -45.18 -9.19
CA LEU G 632 17.32 -43.74 -9.03
C LEU G 632 16.28 -43.44 -7.96
N GLU G 633 16.66 -42.68 -6.94
CA GLU G 633 15.73 -42.32 -5.87
C GLU G 633 15.92 -40.86 -5.48
N GLN G 634 14.82 -40.21 -5.09
CA GLN G 634 14.83 -38.81 -4.69
C GLN G 634 14.86 -38.76 -3.16
N ASP G 635 15.90 -38.15 -2.58
CA ASP G 635 15.97 -38.07 -1.13
C ASP G 635 14.72 -37.37 -0.60
N HIS G 636 14.22 -37.78 0.57
CA HIS G 636 13.03 -37.21 1.20
C HIS G 636 11.73 -37.56 0.46
N PHE G 637 11.81 -38.17 -0.74
CA PHE G 637 10.61 -38.55 -1.50
C PHE G 637 10.87 -39.91 -2.19
N LYS G 638 11.49 -40.84 -1.45
CA LYS G 638 11.78 -42.17 -1.97
C LYS G 638 10.47 -42.97 -2.14
N THR G 639 10.44 -43.93 -3.07
CA THR G 639 9.23 -44.72 -3.30
C THR G 639 8.76 -45.46 -2.05
N ILE G 640 9.69 -45.96 -1.26
CA ILE G 640 9.29 -46.67 -0.05
C ILE G 640 8.63 -45.71 0.94
N GLN G 641 9.12 -44.47 1.00
CA GLN G 641 8.56 -43.45 1.89
C GLN G 641 7.14 -43.08 1.47
N LEU G 642 6.92 -42.92 0.18
CA LEU G 642 5.59 -42.59 -0.32
C LEU G 642 4.66 -43.78 -0.19
N PHE G 643 5.22 -45.00 -0.29
CA PHE G 643 4.45 -46.24 -0.16
C PHE G 643 3.94 -46.33 1.27
N LYS G 644 4.79 -46.06 2.24
CA LYS G 644 4.38 -46.13 3.63
C LYS G 644 3.28 -45.11 3.86
N GLN G 645 3.36 -43.96 3.17
CA GLN G 645 2.37 -42.89 3.30
C GLN G 645 1.02 -43.36 2.81
N ILE G 646 0.99 -44.11 1.71
CA ILE G 646 -0.26 -44.63 1.18
C ILE G 646 -0.80 -45.70 2.13
N GLU G 647 0.09 -46.54 2.67
CA GLU G 647 -0.32 -47.58 3.60
C GLU G 647 -0.88 -46.91 4.86
N GLY G 648 -0.15 -45.93 5.35
CA GLY G 648 -0.48 -45.16 6.55
C GLY G 648 -1.94 -44.76 6.69
N MET G 649 -2.52 -44.30 5.60
CA MET G 649 -3.92 -43.88 5.63
C MET G 649 -4.87 -45.01 6.04
N PHE G 650 -4.57 -46.25 5.65
CA PHE G 650 -5.43 -47.38 5.97
C PHE G 650 -5.07 -48.16 7.24
N ARG G 651 -3.77 -48.29 7.54
CA ARG G 651 -3.33 -49.04 8.71
C ARG G 651 -1.99 -48.53 9.20
N ASP G 652 -1.55 -49.00 10.36
CA ASP G 652 -0.27 -48.60 10.95
C ASP G 652 0.90 -49.41 10.36
N THR G 653 2.08 -48.78 10.35
CA THR G 653 3.34 -49.34 9.83
C THR G 653 3.26 -49.38 8.32
N MET H 1 -23.65 44.45 36.24
CA MET H 1 -24.05 43.93 34.94
C MET H 1 -25.15 44.79 34.32
N LYS H 2 -24.84 45.45 33.21
CA LYS H 2 -25.79 46.32 32.52
C LYS H 2 -25.94 45.76 31.12
N TYR H 3 -27.17 45.51 30.68
CA TYR H 3 -27.40 44.95 29.34
C TYR H 3 -28.67 45.53 28.72
N ALA H 4 -28.65 45.77 27.41
CA ALA H 4 -29.83 46.29 26.72
C ALA H 4 -30.75 45.11 26.47
N PHE H 5 -31.98 45.17 27.00
CA PHE H 5 -32.93 44.08 26.87
C PHE H 5 -33.73 44.07 25.57
N PHE H 6 -33.44 43.11 24.68
CA PHE H 6 -34.16 43.00 23.42
C PHE H 6 -35.44 42.21 23.69
N LEU H 7 -36.59 42.83 23.49
CA LEU H 7 -37.87 42.17 23.75
C LEU H 7 -38.26 41.20 22.64
N GLY H 8 -38.31 41.69 21.40
CA GLY H 8 -38.66 40.85 20.27
C GLY H 8 -40.07 41.07 19.75
N CYS H 9 -40.92 40.04 19.81
CA CYS H 9 -42.29 40.18 19.32
C CYS H 9 -43.29 39.42 20.18
N ILE H 10 -43.13 38.10 20.22
CA ILE H 10 -44.04 37.22 20.95
C ILE H 10 -44.10 37.52 22.44
N MET H 11 -42.96 37.73 23.09
CA MET H 11 -42.97 38.00 24.52
C MET H 11 -43.65 39.31 24.88
N PRO H 12 -43.21 40.45 24.36
CA PRO H 12 -43.87 41.71 24.72
C PRO H 12 -45.34 41.83 24.29
N ASN H 13 -45.67 41.44 23.06
CA ASN H 13 -47.04 41.58 22.56
C ASN H 13 -48.02 40.43 22.86
N ARG H 14 -47.55 39.21 23.10
CA ARG H 14 -48.47 38.12 23.39
C ARG H 14 -48.28 37.55 24.80
N TYR H 15 -47.17 36.86 25.06
CA TYR H 15 -46.92 36.30 26.38
C TYR H 15 -46.13 37.32 27.22
N ALA H 16 -46.79 38.44 27.52
CA ALA H 16 -46.20 39.53 28.29
C ALA H 16 -45.65 39.11 29.66
N GLY H 17 -46.30 38.16 30.32
CA GLY H 17 -45.86 37.67 31.62
C GLY H 17 -44.42 37.23 31.65
N VAL H 18 -43.93 36.71 30.53
CA VAL H 18 -42.56 36.23 30.43
C VAL H 18 -41.62 37.43 30.63
N GLU H 19 -42.02 38.60 30.14
CA GLU H 19 -41.24 39.83 30.29
C GLU H 19 -41.21 40.25 31.75
N ALA H 20 -42.39 40.29 32.38
CA ALA H 20 -42.52 40.67 33.79
C ALA H 20 -41.75 39.69 34.67
N ALA H 21 -41.70 38.41 34.29
CA ALA H 21 -40.98 37.41 35.06
C ALA H 21 -39.48 37.67 34.95
N THR H 22 -39.01 37.92 33.72
CA THR H 22 -37.59 38.17 33.45
C THR H 22 -37.12 39.44 34.16
N ARG H 23 -37.83 40.54 33.98
CA ARG H 23 -37.46 41.81 34.59
C ARG H 23 -37.23 41.69 36.09
N THR H 24 -38.14 41.05 36.79
CA THR H 24 -38.02 40.89 38.23
C THR H 24 -36.96 39.86 38.61
N VAL H 25 -36.78 38.82 37.78
CA VAL H 25 -35.78 37.77 38.05
C VAL H 25 -34.37 38.32 37.82
N MET H 26 -34.18 39.05 36.72
CA MET H 26 -32.88 39.63 36.40
C MET H 26 -32.54 40.72 37.41
N GLU H 27 -33.56 41.39 37.94
CA GLU H 27 -33.37 42.45 38.93
C GLU H 27 -32.83 41.86 40.23
N LYS H 28 -33.33 40.68 40.61
CA LYS H 28 -32.90 40.00 41.82
C LYS H 28 -31.49 39.43 41.69
N LEU H 29 -31.05 39.16 40.45
CA LEU H 29 -29.72 38.62 40.21
C LEU H 29 -28.66 39.72 40.07
N GLY H 30 -29.10 40.98 40.02
CA GLY H 30 -28.22 42.13 39.90
C GLY H 30 -27.88 42.53 38.48
N VAL H 31 -28.86 42.49 37.58
CA VAL H 31 -28.64 42.86 36.17
C VAL H 31 -29.53 44.04 35.79
N GLU H 32 -28.93 45.14 35.28
CA GLU H 32 -29.71 46.32 34.89
C GLU H 32 -30.16 46.22 33.44
N LEU H 33 -31.46 45.94 33.23
CA LEU H 33 -32.04 45.82 31.90
C LEU H 33 -32.45 47.19 31.35
N VAL H 34 -31.53 47.92 30.71
CA VAL H 34 -31.86 49.25 30.16
C VAL H 34 -32.75 49.15 28.92
N ASP H 35 -33.65 50.12 28.78
CA ASP H 35 -34.57 50.15 27.63
C ASP H 35 -33.87 50.33 26.30
N MET H 36 -34.12 49.40 25.38
CA MET H 36 -33.57 49.39 24.03
C MET H 36 -34.67 49.97 23.13
N THR H 37 -34.93 51.27 23.28
CA THR H 37 -35.97 51.98 22.55
C THR H 37 -35.87 51.83 21.02
N GLY H 38 -37.04 51.78 20.38
CA GLY H 38 -37.16 51.67 18.94
C GLY H 38 -36.70 50.35 18.35
N ALA H 39 -36.54 49.32 19.18
CA ALA H 39 -36.07 48.02 18.69
C ALA H 39 -37.22 47.28 17.98
N SER H 40 -36.98 46.84 16.75
CA SER H 40 -37.99 46.14 15.94
C SER H 40 -37.87 44.61 16.07
N CYS H 41 -38.21 43.90 15.00
CA CYS H 41 -38.14 42.44 14.90
C CYS H 41 -36.64 42.10 14.84
N CYS H 42 -36.23 40.93 15.32
CA CYS H 42 -34.79 40.61 15.29
C CYS H 42 -34.05 40.94 13.96
N PRO H 43 -34.54 40.64 12.74
CA PRO H 43 -35.82 39.99 12.38
C PRO H 43 -35.76 38.47 12.45
N ALA H 44 -36.93 37.82 12.43
CA ALA H 44 -37.05 36.36 12.48
C ALA H 44 -36.28 35.68 11.33
N PRO H 45 -35.20 34.94 11.62
CA PRO H 45 -34.44 34.30 10.54
C PRO H 45 -35.26 33.33 9.70
N GLY H 46 -36.24 32.70 10.32
CA GLY H 46 -37.09 31.75 9.62
C GLY H 46 -37.71 32.35 8.37
N VAL H 47 -38.23 33.55 8.48
CA VAL H 47 -38.86 34.16 7.32
C VAL H 47 -37.91 35.05 6.52
N PHE H 48 -37.28 35.99 7.21
CA PHE H 48 -36.40 36.95 6.58
C PHE H 48 -35.11 36.33 6.00
N GLY H 49 -34.43 35.50 6.77
CA GLY H 49 -33.23 34.83 6.28
C GLY H 49 -33.53 34.00 5.04
N SER H 50 -34.74 33.38 5.00
CA SER H 50 -35.17 32.58 3.86
C SER H 50 -35.64 33.44 2.70
N PHE H 51 -36.23 34.61 3.00
CA PHE H 51 -36.70 35.52 1.96
C PHE H 51 -35.52 36.27 1.37
N ASP H 52 -34.68 36.93 2.23
CA ASP H 52 -33.51 37.69 1.79
C ASP H 52 -32.48 37.81 2.91
N GLN H 53 -31.33 37.17 2.71
CA GLN H 53 -30.28 37.21 3.73
C GLN H 53 -29.83 38.65 3.94
N LYS H 54 -29.72 39.41 2.84
CA LYS H 54 -29.30 40.81 2.89
C LYS H 54 -30.24 41.58 3.78
N THR H 55 -31.55 41.37 3.61
CA THR H 55 -32.54 42.07 4.43
C THR H 55 -32.48 41.62 5.87
N TRP H 56 -32.22 40.34 6.10
CA TRP H 56 -32.14 39.85 7.49
C TRP H 56 -31.01 40.54 8.24
N LEU H 57 -29.80 40.55 7.66
CA LEU H 57 -28.63 41.14 8.29
C LEU H 57 -28.74 42.65 8.38
N THR H 58 -29.17 43.30 7.30
CA THR H 58 -29.30 44.76 7.32
C THR H 58 -30.21 45.17 8.46
N LEU H 59 -31.37 44.53 8.59
CA LEU H 59 -32.31 44.86 9.65
C LEU H 59 -31.74 44.48 11.02
N ALA H 60 -31.07 43.32 11.11
CA ALA H 60 -30.50 42.88 12.38
C ALA H 60 -29.40 43.84 12.83
N ALA H 61 -28.63 44.37 11.87
CA ALA H 61 -27.57 45.31 12.17
C ALA H 61 -28.16 46.60 12.68
N ARG H 62 -29.29 46.98 12.12
CA ARG H 62 -29.97 48.21 12.54
C ARG H 62 -30.29 48.10 14.03
N ASN H 63 -30.83 46.95 14.47
CA ASN H 63 -31.16 46.74 15.88
C ASN H 63 -29.90 46.66 16.73
N LEU H 64 -28.79 46.20 16.14
CA LEU H 64 -27.52 46.09 16.87
C LEU H 64 -27.01 47.49 17.14
N CYS H 65 -27.18 48.41 16.16
CA CYS H 65 -26.73 49.80 16.28
C CYS H 65 -27.37 50.48 17.47
N ILE H 66 -28.64 50.19 17.73
CA ILE H 66 -29.37 50.80 18.85
C ILE H 66 -28.59 50.61 20.16
N ALA H 67 -28.13 49.39 20.44
CA ALA H 67 -27.36 49.10 21.64
C ALA H 67 -25.96 49.71 21.55
N GLU H 68 -25.40 49.80 20.33
CA GLU H 68 -24.07 50.36 20.14
C GLU H 68 -24.10 51.83 20.47
N GLU H 69 -25.12 52.54 20.02
CA GLU H 69 -25.24 53.98 20.29
C GLU H 69 -25.38 54.21 21.80
N MET H 70 -25.86 53.20 22.53
CA MET H 70 -26.01 53.30 23.97
C MET H 70 -24.72 52.91 24.69
N GLY H 71 -23.88 52.12 24.02
CA GLY H 71 -22.62 51.68 24.58
C GLY H 71 -22.76 50.50 25.53
N VAL H 72 -23.63 49.54 25.19
CA VAL H 72 -23.84 48.36 26.02
C VAL H 72 -24.05 47.11 25.16
N ASP H 73 -24.01 45.93 25.79
CA ASP H 73 -24.21 44.65 25.09
C ASP H 73 -25.68 44.24 25.20
N ILE H 74 -26.15 43.37 24.29
CA ILE H 74 -27.55 42.93 24.29
C ILE H 74 -27.77 41.61 25.03
N VAL H 75 -28.93 41.50 25.70
CA VAL H 75 -29.34 40.28 26.40
C VAL H 75 -30.75 39.96 25.94
N THR H 76 -31.10 38.67 25.84
CA THR H 76 -32.44 38.30 25.40
C THR H 76 -32.90 37.00 26.04
N VAL H 77 -34.21 36.73 25.98
CA VAL H 77 -34.77 35.51 26.54
C VAL H 77 -35.33 34.65 25.41
N CYS H 78 -34.96 34.95 24.16
CA CYS H 78 -35.44 34.16 23.03
C CYS H 78 -34.32 33.58 22.21
N ASN H 79 -34.45 32.31 21.82
CA ASN H 79 -33.45 31.64 21.00
C ASN H 79 -33.46 32.25 19.60
N GLY H 80 -34.66 32.49 19.09
CA GLY H 80 -34.82 33.06 17.77
C GLY H 80 -34.10 34.38 17.61
N CYS H 81 -34.36 35.29 18.56
CA CYS H 81 -33.74 36.60 18.54
C CYS H 81 -32.24 36.47 18.84
N TYR H 82 -31.87 35.57 19.77
CA TYR H 82 -30.48 35.34 20.11
C TYR H 82 -29.70 34.89 18.87
N GLY H 83 -30.23 33.88 18.19
CA GLY H 83 -29.60 33.37 16.98
C GLY H 83 -29.43 34.44 15.93
N SER H 84 -30.51 35.17 15.68
CA SER H 84 -30.51 36.22 14.67
C SER H 84 -29.50 37.32 14.96
N LEU H 85 -29.55 37.91 16.17
CA LEU H 85 -28.64 38.97 16.54
C LEU H 85 -27.21 38.47 16.76
N PHE H 86 -27.05 37.24 17.25
CA PHE H 86 -25.72 36.70 17.47
C PHE H 86 -25.06 36.44 16.13
N GLU H 87 -25.78 35.77 15.23
CA GLU H 87 -25.23 35.48 13.91
C GLU H 87 -24.91 36.77 13.19
N ALA H 88 -25.80 37.75 13.29
CA ALA H 88 -25.58 39.03 12.65
C ALA H 88 -24.29 39.65 13.16
N ALA H 89 -24.09 39.60 14.49
CA ALA H 89 -22.90 40.15 15.13
C ALA H 89 -21.64 39.46 14.67
N HIS H 90 -21.63 38.12 14.67
CA HIS H 90 -20.46 37.34 14.26
C HIS H 90 -20.07 37.65 12.82
N LEU H 91 -21.05 37.61 11.92
CA LEU H 91 -20.87 37.85 10.49
C LEU H 91 -20.34 39.26 10.21
N LEU H 92 -20.90 40.28 10.86
CA LEU H 92 -20.42 41.65 10.63
C LEU H 92 -18.98 41.82 11.10
N HIS H 93 -18.59 41.09 12.14
CA HIS H 93 -17.25 41.16 12.69
C HIS H 93 -16.24 40.37 11.85
N ASP H 94 -16.66 39.23 11.30
CA ASP H 94 -15.78 38.38 10.51
C ASP H 94 -15.73 38.79 9.03
N ASN H 95 -16.89 38.83 8.38
CA ASN H 95 -16.99 39.18 6.95
C ASN H 95 -17.02 40.70 6.77
N LYS H 96 -16.00 41.26 6.09
CA LYS H 96 -15.94 42.69 5.84
C LYS H 96 -16.85 43.09 4.67
N GLU H 97 -17.01 42.21 3.66
CA GLU H 97 -17.87 42.52 2.52
C GLU H 97 -19.33 42.69 2.98
N ALA H 98 -19.74 41.91 3.99
CA ALA H 98 -21.09 41.98 4.53
C ALA H 98 -21.23 43.25 5.36
N LEU H 99 -20.16 43.62 6.07
CA LEU H 99 -20.15 44.82 6.90
C LEU H 99 -20.22 46.06 6.01
N ASN H 100 -19.52 46.05 4.87
CA ASN H 100 -19.55 47.18 3.96
C ASN H 100 -20.95 47.39 3.39
N PHE H 101 -21.50 46.35 2.76
CA PHE H 101 -22.84 46.40 2.19
C PHE H 101 -23.86 46.90 3.20
N VAL H 102 -23.84 46.33 4.41
CA VAL H 102 -24.77 46.70 5.47
C VAL H 102 -24.61 48.15 5.87
N ASN H 103 -23.36 48.61 6.04
CA ASN H 103 -23.13 50.00 6.43
C ASN H 103 -23.51 50.95 5.29
N GLU H 104 -23.29 50.52 4.04
CA GLU H 104 -23.68 51.36 2.90
C GLU H 104 -25.20 51.60 2.99
N LYS H 105 -25.94 50.55 3.34
CA LYS H 105 -27.40 50.67 3.48
C LYS H 105 -27.72 51.50 4.73
N LEU H 106 -27.08 51.20 5.86
CA LEU H 106 -27.35 51.93 7.10
C LEU H 106 -27.03 53.41 7.01
N ASP H 107 -26.13 53.80 6.10
CA ASP H 107 -25.78 55.22 5.94
C ASP H 107 -27.02 56.05 5.60
N LYS H 108 -27.91 55.49 4.77
CA LYS H 108 -29.14 56.16 4.34
C LYS H 108 -30.04 56.55 5.51
N VAL H 109 -29.93 55.86 6.66
CA VAL H 109 -30.75 56.18 7.83
C VAL H 109 -29.91 56.84 8.95
N GLY H 110 -28.67 57.17 8.63
CA GLY H 110 -27.76 57.80 9.58
C GLY H 110 -27.21 56.85 10.62
N LYS H 111 -26.94 55.60 10.23
CA LYS H 111 -26.41 54.61 11.16
C LYS H 111 -25.15 53.96 10.62
N GLU H 112 -24.34 53.41 11.52
CA GLU H 112 -23.10 52.74 11.15
C GLU H 112 -22.70 51.77 12.25
N TYR H 113 -22.54 50.49 11.89
CA TYR H 113 -22.16 49.47 12.85
C TYR H 113 -20.64 49.42 12.95
N LYS H 114 -20.11 49.31 14.17
CA LYS H 114 -18.67 49.29 14.43
C LYS H 114 -18.12 47.94 14.93
N GLY H 115 -19.00 46.99 15.21
CA GLY H 115 -18.60 45.66 15.68
C GLY H 115 -18.22 45.59 17.15
N ASN H 116 -18.91 46.34 18.00
CA ASN H 116 -18.62 46.35 19.43
C ASN H 116 -19.69 45.67 20.28
N VAL H 117 -20.85 45.37 19.70
CA VAL H 117 -21.93 44.74 20.47
C VAL H 117 -21.74 43.24 20.61
N LYS H 118 -22.07 42.73 21.80
CA LYS H 118 -21.99 41.31 22.11
C LYS H 118 -23.41 40.86 22.43
N VAL H 119 -23.85 39.76 21.83
CA VAL H 119 -25.20 39.25 22.06
C VAL H 119 -25.15 38.10 23.06
N ARG H 120 -25.93 38.19 24.14
CA ARG H 120 -25.95 37.16 25.17
C ARG H 120 -27.35 36.59 25.38
N HIS H 121 -27.43 35.30 25.72
CA HIS H 121 -28.69 34.61 25.99
C HIS H 121 -28.79 34.59 27.51
N PHE H 122 -29.90 35.05 28.08
CA PHE H 122 -30.04 35.11 29.53
C PHE H 122 -29.69 33.82 30.27
N ALA H 123 -29.90 32.66 29.64
CA ALA H 123 -29.59 31.38 30.27
C ALA H 123 -28.08 31.19 30.39
N GLU H 124 -27.35 31.38 29.29
CA GLU H 124 -25.90 31.22 29.33
C GLU H 124 -25.28 32.35 30.16
N LEU H 125 -25.94 33.51 30.20
CA LEU H 125 -25.44 34.63 30.99
C LEU H 125 -25.48 34.20 32.46
N ILE H 126 -26.63 33.64 32.87
CA ILE H 126 -26.85 33.17 34.23
C ILE H 126 -25.86 32.06 34.61
N TYR H 127 -25.58 31.14 33.67
CA TYR H 127 -24.67 30.03 33.93
C TYR H 127 -23.19 30.41 33.99
N ASN H 128 -22.71 31.23 33.04
CA ASN H 128 -21.30 31.61 33.00
C ASN H 128 -20.91 32.81 33.87
N ASP H 129 -21.70 33.90 33.86
CA ASP H 129 -21.36 35.09 34.63
C ASP H 129 -21.89 35.13 36.06
N ILE H 130 -23.20 35.06 36.23
CA ILE H 130 -23.81 35.15 37.56
C ILE H 130 -23.50 33.91 38.40
N GLY H 131 -23.91 32.75 37.92
CA GLY H 131 -23.67 31.50 38.63
C GLY H 131 -24.97 30.84 39.07
N VAL H 132 -24.98 29.51 39.08
CA VAL H 132 -26.16 28.74 39.48
C VAL H 132 -26.38 28.90 40.99
N ASP H 133 -25.30 29.09 41.75
CA ASP H 133 -25.39 29.26 43.20
C ASP H 133 -26.27 30.44 43.58
N LYS H 134 -26.24 31.51 42.77
CA LYS H 134 -27.03 32.71 43.05
C LYS H 134 -28.52 32.46 42.82
N ILE H 135 -28.86 31.53 41.91
CA ILE H 135 -30.27 31.22 41.63
C ILE H 135 -30.87 30.59 42.89
N ALA H 136 -30.19 29.57 43.42
CA ALA H 136 -30.63 28.85 44.62
C ALA H 136 -30.79 29.78 45.83
N GLU H 137 -29.91 30.78 45.96
CA GLU H 137 -29.96 31.73 47.08
C GLU H 137 -31.24 32.55 47.09
N LYS H 138 -31.85 32.78 45.92
CA LYS H 138 -33.06 33.58 45.82
C LYS H 138 -34.34 32.73 45.75
N VAL H 139 -34.24 31.41 45.95
CA VAL H 139 -35.43 30.56 45.90
C VAL H 139 -36.28 30.73 47.16
N GLU H 140 -37.38 31.47 47.04
CA GLU H 140 -38.30 31.71 48.17
C GLU H 140 -39.33 30.58 48.24
N ARG H 141 -39.80 30.11 47.07
CA ARG H 141 -40.78 29.03 46.97
C ARG H 141 -40.12 27.86 46.22
N PRO H 142 -39.51 26.89 46.91
CA PRO H 142 -38.87 25.78 46.19
C PRO H 142 -39.87 24.92 45.42
N LEU H 143 -39.79 24.99 44.08
CA LEU H 143 -40.68 24.25 43.18
C LEU H 143 -40.24 22.79 43.08
N ASN H 144 -40.97 21.87 43.73
CA ASN H 144 -40.63 20.46 43.70
C ASN H 144 -41.55 19.69 42.75
N ILE H 145 -41.24 19.76 41.46
CA ILE H 145 -42.01 19.10 40.40
C ILE H 145 -41.06 18.67 39.29
N ASN H 146 -41.46 17.67 38.52
CA ASN H 146 -40.65 17.18 37.40
C ASN H 146 -40.81 18.12 36.20
N VAL H 147 -39.71 18.37 35.47
CA VAL H 147 -39.76 19.28 34.32
C VAL H 147 -39.23 18.67 33.04
N GLY H 148 -39.93 18.93 31.94
CA GLY H 148 -39.54 18.46 30.62
C GLY H 148 -38.78 19.56 29.91
N VAL H 149 -37.47 19.62 30.15
CA VAL H 149 -36.60 20.66 29.59
C VAL H 149 -36.57 20.67 28.08
N HIS H 150 -36.73 21.86 27.48
CA HIS H 150 -36.67 22.02 26.02
C HIS H 150 -35.66 23.12 25.70
N TYR H 151 -34.43 22.71 25.39
CA TYR H 151 -33.33 23.61 25.05
C TYR H 151 -33.54 24.45 23.79
N GLY H 152 -34.27 23.91 22.83
CA GLY H 152 -34.49 24.60 21.57
C GLY H 152 -33.33 24.30 20.63
N CYS H 153 -33.31 24.92 19.45
CA CYS H 153 -32.22 24.64 18.52
C CYS H 153 -31.26 25.80 18.36
N HIS H 154 -31.81 27.01 18.27
CA HIS H 154 -31.02 28.22 18.05
C HIS H 154 -30.24 28.74 19.27
N PHE H 155 -30.36 28.09 20.41
CA PHE H 155 -29.64 28.51 21.61
C PHE H 155 -28.17 28.10 21.55
N LEU H 156 -27.90 26.79 21.42
CA LEU H 156 -26.52 26.30 21.38
C LEU H 156 -25.98 26.18 19.96
N LYS H 157 -26.87 25.92 19.00
CA LYS H 157 -26.46 25.73 17.61
C LYS H 157 -26.63 27.01 16.77
N PRO H 158 -25.67 27.31 15.88
CA PRO H 158 -24.43 26.55 15.61
C PRO H 158 -23.42 26.65 16.74
N THR H 159 -22.80 25.52 17.11
CA THR H 159 -21.82 25.50 18.19
C THR H 159 -20.50 26.16 17.77
N ASP H 160 -20.14 26.07 16.48
CA ASP H 160 -18.88 26.64 15.99
C ASP H 160 -18.83 28.16 16.15
N VAL H 161 -19.99 28.84 16.16
CA VAL H 161 -20.01 30.30 16.34
C VAL H 161 -20.46 30.71 17.75
N LYS H 162 -21.28 29.87 18.42
CA LYS H 162 -21.79 30.18 19.76
C LYS H 162 -20.78 29.87 20.86
N HIS H 163 -20.09 28.72 20.78
CA HIS H 163 -19.10 28.31 21.78
C HIS H 163 -19.69 28.16 23.18
N LEU H 164 -20.84 27.47 23.27
CA LEU H 164 -21.53 27.22 24.54
C LEU H 164 -21.52 25.72 24.86
N GLY H 165 -20.39 25.06 24.64
CA GLY H 165 -20.26 23.63 24.90
C GLY H 165 -21.00 22.74 23.94
N SER H 166 -21.20 21.47 24.32
CA SER H 166 -21.87 20.48 23.49
C SER H 166 -23.35 20.73 23.30
N ALA H 167 -23.86 20.37 22.12
CA ALA H 167 -25.26 20.53 21.76
C ALA H 167 -25.98 19.19 21.88
N GLU H 168 -25.22 18.08 21.80
CA GLU H 168 -25.75 16.73 21.89
C GLU H 168 -26.10 16.35 23.34
N ARG H 169 -25.25 16.73 24.29
CA ARG H 169 -25.47 16.42 25.72
C ARG H 169 -25.23 17.66 26.58
N PRO H 170 -26.14 18.63 26.54
CA PRO H 170 -25.94 19.84 27.36
C PRO H 170 -26.46 19.68 28.79
N VAL H 171 -25.88 20.47 29.72
CA VAL H 171 -26.28 20.45 31.14
C VAL H 171 -26.43 21.88 31.64
N MET H 172 -26.53 22.87 30.74
CA MET H 172 -26.65 24.28 31.11
C MET H 172 -27.99 24.58 31.78
N LEU H 173 -29.11 24.24 31.13
CA LEU H 173 -30.43 24.49 31.69
C LEU H 173 -30.76 23.51 32.79
N ASP H 174 -30.34 22.25 32.63
CA ASP H 174 -30.62 21.21 33.62
C ASP H 174 -30.20 21.67 35.01
N GLU H 175 -28.98 22.21 35.13
CA GLU H 175 -28.49 22.67 36.42
C GLU H 175 -29.25 23.90 36.90
N ILE H 176 -29.73 24.74 35.98
CA ILE H 176 -30.47 25.95 36.36
C ILE H 176 -31.85 25.60 36.92
N VAL H 177 -32.58 24.72 36.24
CA VAL H 177 -33.92 24.35 36.73
C VAL H 177 -33.84 23.55 38.03
N GLU H 178 -32.82 22.70 38.19
CA GLU H 178 -32.68 21.88 39.39
C GLU H 178 -32.29 22.72 40.62
N ALA H 179 -31.83 23.96 40.42
CA ALA H 179 -31.47 24.83 41.54
C ALA H 179 -32.72 25.32 42.27
N THR H 180 -33.90 25.21 41.64
CA THR H 180 -35.15 25.64 42.24
C THR H 180 -35.83 24.48 43.00
N GLY H 181 -35.25 23.30 42.92
CA GLY H 181 -35.80 22.11 43.58
C GLY H 181 -36.48 21.16 42.62
N ALA H 182 -36.65 21.57 41.36
CA ALA H 182 -37.30 20.75 40.34
C ALA H 182 -36.40 19.60 39.89
N LYS H 183 -36.91 18.74 39.00
CA LYS H 183 -36.14 17.59 38.50
C LYS H 183 -36.19 17.53 36.97
N SER H 184 -35.02 17.65 36.33
CA SER H 184 -34.94 17.61 34.87
C SER H 184 -35.00 16.16 34.40
N VAL H 185 -36.21 15.65 34.12
CA VAL H 185 -36.35 14.26 33.68
C VAL H 185 -35.82 14.06 32.27
N PRO H 186 -34.96 13.06 32.06
CA PRO H 186 -34.42 12.83 30.72
C PRO H 186 -35.42 12.06 29.87
N TYR H 187 -35.79 12.61 28.71
CA TYR H 187 -36.74 11.96 27.82
C TYR H 187 -36.15 11.68 26.45
N ALA H 188 -36.78 10.77 25.70
CA ALA H 188 -36.31 10.38 24.37
C ALA H 188 -36.22 11.56 23.42
N ASP H 189 -35.08 11.65 22.69
CA ASP H 189 -34.85 12.72 21.74
C ASP H 189 -35.05 14.07 22.42
N LYS H 190 -34.31 14.30 23.51
CA LYS H 190 -34.39 15.53 24.30
C LYS H 190 -34.01 16.75 23.50
N MET H 191 -33.07 16.61 22.57
CA MET H 191 -32.59 17.74 21.77
C MET H 191 -33.31 17.92 20.44
N MET H 192 -34.40 17.19 20.18
CA MET H 192 -35.07 17.37 18.90
C MET H 192 -35.82 18.71 18.85
N CYS H 193 -36.05 19.20 17.63
CA CYS H 193 -36.72 20.46 17.35
C CYS H 193 -38.21 20.40 17.73
N CYS H 194 -38.80 21.55 18.13
CA CYS H 194 -40.22 21.58 18.48
C CYS H 194 -41.06 21.50 17.20
N GLY H 195 -40.45 21.92 16.08
CA GLY H 195 -41.08 21.89 14.77
C GLY H 195 -41.50 23.24 14.23
N ALA H 196 -41.61 24.24 15.10
CA ALA H 196 -42.05 25.58 14.69
C ALA H 196 -41.05 26.37 13.83
N GLY H 197 -39.77 26.22 14.13
CA GLY H 197 -38.70 26.94 13.47
C GLY H 197 -38.62 26.95 11.96
N GLY H 198 -37.83 27.87 11.42
CA GLY H 198 -37.62 28.03 9.99
C GLY H 198 -38.84 28.41 9.19
N GLY H 199 -39.86 28.93 9.87
CA GLY H 199 -41.11 29.35 9.23
C GLY H 199 -42.06 28.20 8.98
N VAL H 200 -41.72 27.02 9.50
CA VAL H 200 -42.50 25.82 9.30
C VAL H 200 -43.87 25.90 9.98
N ARG H 201 -43.93 26.47 11.19
CA ARG H 201 -45.22 26.60 11.88
C ARG H 201 -46.25 27.30 10.97
N ALA H 202 -45.82 28.32 10.21
CA ALA H 202 -46.71 29.08 9.33
C ALA H 202 -47.03 28.37 8.03
N ARG H 203 -46.01 28.05 7.24
CA ARG H 203 -46.17 27.39 5.93
C ARG H 203 -46.64 25.92 6.05
N GLU H 204 -46.01 25.12 6.91
CA GLU H 204 -46.38 23.71 7.10
C GLU H 204 -46.79 23.47 8.56
N LEU H 205 -48.00 23.88 8.93
CA LEU H 205 -48.48 23.71 10.30
C LEU H 205 -48.56 22.24 10.75
N GLU H 206 -49.37 21.43 10.07
CA GLU H 206 -49.50 20.01 10.41
C GLU H 206 -48.14 19.36 10.69
N LEU H 207 -47.14 19.62 9.84
CA LEU H 207 -45.81 19.04 10.04
C LEU H 207 -45.23 19.44 11.39
N SER H 208 -45.29 20.74 11.73
CA SER H 208 -44.75 21.24 13.00
C SER H 208 -45.45 20.60 14.20
N LEU H 209 -46.77 20.47 14.13
CA LEU H 209 -47.54 19.88 15.23
C LEU H 209 -47.14 18.42 15.45
N ASP H 210 -46.83 17.69 14.37
CA ASP H 210 -46.40 16.29 14.45
C ASP H 210 -45.11 16.22 15.28
N MET H 211 -44.19 17.15 15.09
CA MET H 211 -42.93 17.15 15.82
C MET H 211 -43.15 17.45 17.30
N THR H 212 -44.09 18.35 17.59
CA THR H 212 -44.39 18.75 18.96
C THR H 212 -45.10 17.60 19.70
N ASN H 213 -46.00 16.92 19.00
CA ASN H 213 -46.73 15.81 19.59
C ASN H 213 -45.73 14.78 20.11
N GLU H 214 -44.66 14.53 19.35
CA GLU H 214 -43.65 13.55 19.75
C GLU H 214 -42.94 14.00 21.02
N LYS H 215 -42.52 15.26 21.05
CA LYS H 215 -41.82 15.81 22.22
C LYS H 215 -42.70 15.69 23.46
N ILE H 216 -43.95 16.09 23.36
CA ILE H 216 -44.89 16.03 24.49
C ILE H 216 -45.02 14.60 24.99
N GLU H 217 -45.28 13.67 24.06
CA GLU H 217 -45.42 12.25 24.39
C GLU H 217 -44.21 11.72 25.18
N ASN H 218 -43.00 12.05 24.73
CA ASN H 218 -41.77 11.61 25.39
C ASN H 218 -41.64 12.20 26.79
N MET H 219 -42.01 13.48 26.95
CA MET H 219 -41.91 14.16 28.25
C MET H 219 -42.86 13.55 29.26
N ILE H 220 -44.11 13.31 28.85
CA ILE H 220 -45.10 12.74 29.76
C ILE H 220 -44.72 11.31 30.14
N LYS H 221 -44.13 10.55 29.21
CA LYS H 221 -43.71 9.19 29.51
C LYS H 221 -42.51 9.19 30.46
N ALA H 222 -41.71 10.27 30.47
CA ALA H 222 -40.55 10.37 31.35
C ALA H 222 -40.95 10.77 32.76
N GLY H 223 -42.21 11.17 32.93
CA GLY H 223 -42.74 11.56 34.23
C GLY H 223 -42.74 13.06 34.48
N ALA H 224 -42.84 13.86 33.41
CA ALA H 224 -42.82 15.31 33.53
C ALA H 224 -44.17 15.88 33.92
N ASP H 225 -44.16 16.94 34.75
CA ASP H 225 -45.37 17.63 35.18
C ASP H 225 -45.63 18.85 34.29
N CYS H 226 -44.59 19.36 33.62
CA CYS H 226 -44.70 20.52 32.74
C CYS H 226 -43.50 20.56 31.79
N THR H 227 -43.48 21.57 30.89
CA THR H 227 -42.37 21.73 29.96
C THR H 227 -41.82 23.13 30.08
N VAL H 228 -40.50 23.26 30.29
CA VAL H 228 -39.87 24.55 30.42
C VAL H 228 -39.03 24.82 29.18
N ASN H 229 -39.21 26.00 28.57
CA ASN H 229 -38.47 26.40 27.37
C ASN H 229 -37.79 27.74 27.58
N VAL H 230 -36.97 28.14 26.61
CA VAL H 230 -36.24 29.42 26.67
C VAL H 230 -36.51 30.14 25.36
N CYS H 231 -37.68 29.96 24.80
CA CYS H 231 -38.00 30.61 23.53
C CYS H 231 -39.49 30.82 23.40
N PRO H 232 -39.95 32.07 23.24
CA PRO H 232 -41.39 32.28 23.09
C PRO H 232 -41.97 31.55 21.89
N PHE H 233 -41.16 31.32 20.84
CA PHE H 233 -41.65 30.59 19.67
C PHE H 233 -41.98 29.17 20.12
N CYS H 234 -41.05 28.53 20.87
CA CYS H 234 -41.24 27.17 21.39
C CYS H 234 -42.46 27.17 22.32
N HIS H 235 -42.53 28.20 23.17
CA HIS H 235 -43.62 28.40 24.14
C HIS H 235 -44.96 28.36 23.39
N LEU H 236 -45.09 29.17 22.33
CA LEU H 236 -46.30 29.23 21.53
C LEU H 236 -46.60 27.86 20.92
N GLN H 237 -45.60 27.23 20.33
CA GLN H 237 -45.74 25.91 19.72
C GLN H 237 -46.22 24.90 20.73
N PHE H 238 -45.62 24.87 21.92
CA PHE H 238 -46.01 23.91 22.96
C PHE H 238 -47.36 24.26 23.60
N ASP H 239 -47.69 25.55 23.70
CA ASP H 239 -48.95 25.97 24.32
C ASP H 239 -50.09 26.04 23.32
N ARG H 240 -50.03 26.97 22.36
CA ARG H 240 -51.08 27.14 21.36
C ARG H 240 -51.24 25.89 20.51
N GLY H 241 -50.14 25.20 20.25
CA GLY H 241 -50.15 23.99 19.43
C GLY H 241 -50.97 22.84 20.00
N GLN H 242 -51.03 22.73 21.33
CA GLN H 242 -51.81 21.67 21.96
C GLN H 242 -53.28 21.80 21.58
N ILE H 243 -53.75 23.04 21.45
CA ILE H 243 -55.13 23.31 21.08
C ILE H 243 -55.31 22.85 19.64
N GLU H 244 -54.34 23.16 18.78
CA GLU H 244 -54.39 22.77 17.38
C GLU H 244 -54.34 21.25 17.25
N ILE H 245 -53.54 20.59 18.11
CA ILE H 245 -53.44 19.13 18.09
C ILE H 245 -54.76 18.51 18.55
N LYS H 246 -55.40 19.09 19.58
CA LYS H 246 -56.68 18.58 20.08
C LYS H 246 -57.77 18.77 19.02
N GLU H 247 -57.84 19.97 18.42
CA GLU H 247 -58.85 20.24 17.41
C GLU H 247 -58.56 19.46 16.13
N LYS H 248 -57.28 19.17 15.84
CA LYS H 248 -56.92 18.42 14.63
C LYS H 248 -56.64 16.94 14.93
N PHE H 249 -55.47 16.61 15.46
CA PHE H 249 -55.15 15.20 15.72
C PHE H 249 -56.15 14.49 16.65
N GLY H 250 -56.70 15.22 17.63
CA GLY H 250 -57.65 14.65 18.58
C GLY H 250 -57.06 14.35 19.94
N LYS H 251 -55.73 14.43 20.07
CA LYS H 251 -55.04 14.14 21.33
C LYS H 251 -55.06 15.32 22.31
N GLU H 252 -55.39 15.04 23.58
CA GLU H 252 -55.45 16.08 24.62
C GLU H 252 -54.52 15.69 25.76
N TYR H 253 -53.56 16.55 26.07
CA TYR H 253 -52.60 16.27 27.15
C TYR H 253 -52.77 17.22 28.32
N ASN H 254 -53.29 18.45 28.07
CA ASN H 254 -53.46 19.46 29.12
C ASN H 254 -52.14 19.61 29.87
N PHE H 255 -51.04 19.57 29.11
CA PHE H 255 -49.68 19.67 29.63
C PHE H 255 -49.24 21.13 29.82
N PRO H 256 -49.02 21.58 31.07
CA PRO H 256 -48.61 22.97 31.29
C PRO H 256 -47.29 23.36 30.62
N VAL H 257 -47.25 24.57 30.06
CA VAL H 257 -46.09 25.11 29.36
C VAL H 257 -45.56 26.34 30.10
N LEU H 258 -44.25 26.39 30.37
CA LEU H 258 -43.65 27.53 31.06
C LEU H 258 -42.33 27.92 30.46
N HIS H 259 -41.98 29.19 30.61
CA HIS H 259 -40.71 29.73 30.13
C HIS H 259 -39.75 29.64 31.31
N LEU H 260 -38.44 29.62 31.08
CA LEU H 260 -37.48 29.52 32.18
C LEU H 260 -37.62 30.69 33.15
N SER H 261 -37.79 31.91 32.65
CA SER H 261 -37.94 33.08 33.53
C SER H 261 -39.23 32.94 34.33
N GLN H 262 -40.31 32.51 33.68
CA GLN H 262 -41.59 32.31 34.36
C GLN H 262 -41.42 31.29 35.45
N LEU H 263 -40.66 30.22 35.16
CA LEU H 263 -40.40 29.18 36.15
C LEU H 263 -39.59 29.79 37.29
N LEU H 264 -38.55 30.57 36.94
CA LEU H 264 -37.71 31.20 37.95
C LEU H 264 -38.50 32.21 38.76
N GLY H 265 -39.51 32.81 38.16
CA GLY H 265 -40.36 33.78 38.86
C GLY H 265 -41.04 33.11 40.03
N LEU H 266 -41.74 31.99 39.75
CA LEU H 266 -42.45 31.20 40.76
C LEU H 266 -41.49 30.79 41.86
N ALA H 267 -40.25 30.43 41.49
CA ALA H 267 -39.24 30.02 42.46
C ALA H 267 -38.84 31.18 43.37
N MET H 268 -38.84 32.41 42.83
CA MET H 268 -38.47 33.58 43.61
C MET H 268 -39.68 34.29 44.22
N GLY H 269 -40.66 33.50 44.65
CA GLY H 269 -41.88 33.98 45.28
C GLY H 269 -42.68 35.02 44.53
N MET H 270 -42.88 34.83 43.22
CA MET H 270 -43.67 35.79 42.45
C MET H 270 -45.15 35.44 42.48
N ASP H 271 -45.99 36.45 42.24
CA ASP H 271 -47.45 36.27 42.22
C ASP H 271 -47.86 35.66 40.88
N PRO H 272 -48.61 34.54 40.87
CA PRO H 272 -49.01 33.95 39.58
C PRO H 272 -49.84 34.88 38.69
N LYS H 273 -50.46 35.90 39.27
CA LYS H 273 -51.27 36.86 38.50
C LYS H 273 -50.34 37.72 37.65
N ASP H 274 -49.14 38.06 38.17
CA ASP H 274 -48.17 38.87 37.46
C ASP H 274 -47.42 38.08 36.38
N LEU H 275 -47.47 36.73 36.43
CA LEU H 275 -46.80 35.89 35.45
C LEU H 275 -47.70 35.59 34.24
N ALA H 276 -48.91 36.20 34.19
CA ALA H 276 -49.88 36.03 33.10
C ALA H 276 -50.06 34.58 32.65
N LEU H 277 -50.40 33.71 33.59
CA LEU H 277 -50.60 32.30 33.28
C LEU H 277 -52.02 32.07 32.78
N SER H 278 -52.92 33.04 32.99
CA SER H 278 -54.30 32.92 32.55
C SER H 278 -54.44 33.05 31.05
N VAL H 279 -53.61 33.90 30.43
CA VAL H 279 -53.65 34.11 28.98
C VAL H 279 -53.14 32.89 28.21
N HIS H 280 -52.52 31.92 28.90
CA HIS H 280 -52.02 30.70 28.26
C HIS H 280 -53.16 29.90 27.67
N GLN H 281 -52.93 29.30 26.51
CA GLN H 281 -53.93 28.49 25.83
C GLN H 281 -54.20 27.21 26.63
N ILE H 282 -53.17 26.69 27.32
CA ILE H 282 -53.31 25.49 28.15
C ILE H 282 -53.24 25.95 29.60
N SER H 283 -54.18 25.50 30.43
CA SER H 283 -54.22 25.90 31.84
C SER H 283 -52.97 25.47 32.61
N VAL H 284 -52.46 26.39 33.43
CA VAL H 284 -51.27 26.17 34.24
C VAL H 284 -51.73 25.75 35.66
N ASP H 285 -53.04 25.83 35.93
CA ASP H 285 -53.60 25.49 37.24
C ASP H 285 -53.22 24.07 37.68
N PRO H 286 -53.30 23.04 36.83
CA PRO H 286 -52.94 21.70 37.31
C PRO H 286 -51.57 21.67 37.97
N LEU H 287 -50.59 22.38 37.39
CA LEU H 287 -49.25 22.44 37.95
C LEU H 287 -49.24 23.24 39.24
N LEU H 288 -50.01 24.34 39.30
CA LEU H 288 -50.09 25.18 40.49
C LEU H 288 -50.60 24.38 41.69
N LYS H 289 -51.39 23.32 41.46
CA LYS H 289 -51.91 22.50 42.55
C LYS H 289 -50.77 21.67 43.14
N LYS H 290 -49.72 21.39 42.35
CA LYS H 290 -48.57 20.61 42.79
C LYS H 290 -47.50 21.51 43.45
N ILE H 291 -47.66 22.85 43.34
CA ILE H 291 -46.74 23.82 43.93
C ILE H 291 -47.53 24.98 44.53
N MET I 1 -36.37 9.83 -16.60
CA MET I 1 -35.40 10.20 -17.61
C MET I 1 -34.98 11.65 -17.44
N ILE I 2 -33.69 11.87 -17.16
CA ILE I 2 -33.18 13.21 -16.97
C ILE I 2 -32.11 13.43 -18.00
N TYR I 3 -32.35 14.36 -18.91
CA TYR I 3 -31.44 14.69 -19.99
C TYR I 3 -30.69 15.96 -19.65
N SER I 4 -29.60 16.23 -20.40
CA SER I 4 -28.80 17.43 -20.20
C SER I 4 -29.63 18.69 -20.37
N SER I 5 -30.49 18.72 -21.40
CA SER I 5 -31.36 19.85 -21.68
C SER I 5 -32.24 20.27 -20.50
N ASP I 6 -32.51 19.36 -19.56
CA ASP I 6 -33.34 19.69 -18.41
C ASP I 6 -32.53 20.29 -17.27
N LEU I 7 -31.21 20.07 -17.27
CA LEU I 7 -30.35 20.56 -16.20
C LEU I 7 -29.73 21.94 -16.45
N ASN I 8 -29.50 22.67 -15.34
CA ASN I 8 -28.87 23.99 -15.36
C ASN I 8 -27.46 23.90 -14.78
N LYS I 9 -26.46 23.80 -15.66
CA LYS I 9 -25.06 23.68 -15.25
C LYS I 9 -24.58 24.75 -14.25
N ASN I 10 -25.26 25.91 -14.18
CA ASN I 10 -24.86 26.99 -13.29
C ASN I 10 -25.62 27.07 -11.97
N LEU I 11 -26.63 26.21 -11.77
CA LEU I 11 -27.43 26.24 -10.53
C LEU I 11 -26.56 26.36 -9.28
N ALA I 12 -25.53 25.51 -9.15
CA ALA I 12 -24.64 25.53 -7.99
C ALA I 12 -24.01 26.92 -7.84
N SER I 13 -23.43 27.45 -8.92
CA SER I 13 -22.82 28.77 -8.91
C SER I 13 -23.85 29.85 -8.59
N GLN I 14 -25.06 29.68 -9.11
CA GLN I 14 -26.12 30.64 -8.84
C GLN I 14 -26.44 30.66 -7.34
N ILE I 15 -26.36 29.50 -6.68
CA ILE I 15 -26.64 29.44 -5.25
C ILE I 15 -25.51 30.13 -4.52
N ILE I 16 -24.26 29.85 -4.91
CA ILE I 16 -23.11 30.47 -4.29
C ILE I 16 -23.19 31.99 -4.45
N GLU I 17 -23.42 32.49 -5.67
CA GLU I 17 -23.51 33.95 -5.87
C GLU I 17 -24.63 34.55 -5.04
N ALA I 18 -25.78 33.87 -4.89
CA ALA I 18 -26.89 34.38 -4.07
C ALA I 18 -26.45 34.47 -2.60
N GLY I 19 -25.52 33.60 -2.22
CA GLY I 19 -25.01 33.56 -0.86
C GLY I 19 -23.84 34.50 -0.62
N THR I 20 -23.43 35.26 -1.66
CA THR I 20 -22.33 36.19 -1.52
C THR I 20 -22.85 37.64 -1.59
N PRO I 21 -22.41 38.54 -0.69
CA PRO I 21 -21.47 38.33 0.42
C PRO I 21 -22.14 37.85 1.70
N ILE I 22 -23.48 37.71 1.70
CA ILE I 22 -24.22 37.26 2.88
C ILE I 22 -24.85 35.91 2.53
N PRO I 23 -24.52 34.82 3.26
CA PRO I 23 -23.64 34.74 4.42
C PRO I 23 -22.16 34.69 4.09
N GLY I 24 -21.82 34.63 2.80
CA GLY I 24 -20.42 34.59 2.39
C GLY I 24 -20.10 33.51 1.39
N ASP I 25 -19.08 33.76 0.55
CA ASP I 25 -18.65 32.82 -0.49
C ASP I 25 -18.20 31.49 0.12
N ASP I 26 -17.31 31.55 1.10
CA ASP I 26 -16.78 30.35 1.75
C ASP I 26 -17.87 29.52 2.43
N VAL I 27 -18.89 30.16 2.94
CA VAL I 27 -19.96 29.46 3.64
C VAL I 27 -20.80 28.65 2.66
N VAL I 28 -21.33 29.31 1.65
CA VAL I 28 -22.20 28.64 0.70
C VAL I 28 -21.44 27.71 -0.21
N SER I 29 -20.21 28.06 -0.62
CA SER I 29 -19.47 27.18 -1.51
C SER I 29 -19.21 25.81 -0.86
N SER I 30 -19.51 25.67 0.44
CA SER I 30 -19.30 24.42 1.13
C SER I 30 -20.19 23.32 0.54
N LEU I 31 -21.26 23.68 -0.19
CA LEU I 31 -22.10 22.63 -0.78
C LEU I 31 -21.27 21.79 -1.75
N LYS I 32 -20.29 22.42 -2.40
CA LYS I 32 -19.45 21.70 -3.36
C LYS I 32 -18.67 20.54 -2.72
N ALA I 33 -18.50 20.55 -1.39
CA ALA I 33 -17.76 19.48 -0.68
C ALA I 33 -18.64 18.31 -0.20
N CYS I 34 -19.95 18.37 -0.42
CA CYS I 34 -20.87 17.30 0.01
C CYS I 34 -20.58 16.02 -0.75
N TYR I 35 -20.43 14.88 -0.04
CA TYR I 35 -20.17 13.59 -0.71
C TYR I 35 -21.37 12.64 -0.57
N GLN I 36 -22.56 13.23 -0.47
CA GLN I 36 -23.79 12.45 -0.41
C GLN I 36 -23.72 11.24 0.54
N CYS I 37 -23.34 11.48 1.79
CA CYS I 37 -23.24 10.39 2.75
C CYS I 37 -24.59 10.10 3.42
N GLY I 38 -25.47 11.10 3.48
CA GLY I 38 -26.79 10.93 4.06
C GLY I 38 -26.87 11.23 5.54
N THR I 39 -25.77 11.68 6.15
CA THR I 39 -25.82 11.99 7.57
C THR I 39 -26.84 13.08 7.81
N CYS I 40 -27.01 14.02 6.87
CA CYS I 40 -27.99 15.10 7.05
C CYS I 40 -29.43 14.56 7.05
N THR I 41 -29.75 13.64 6.14
CA THR I 41 -31.11 13.08 6.04
C THR I 41 -31.49 12.26 7.29
N GLY I 42 -30.55 11.48 7.80
CA GLY I 42 -30.78 10.66 8.98
C GLY I 42 -30.96 11.50 10.23
N SER I 43 -30.33 12.70 10.23
CA SER I 43 -30.42 13.62 11.35
C SER I 43 -31.70 14.45 11.32
N CYS I 44 -32.20 14.74 10.11
CA CYS I 44 -33.38 15.57 9.89
C CYS I 44 -34.65 15.09 10.61
N PRO I 45 -35.24 15.95 11.45
CA PRO I 45 -36.49 15.55 12.14
C PRO I 45 -37.71 15.65 11.23
N SER I 46 -37.64 16.52 10.21
CA SER I 46 -38.76 16.66 9.31
C SER I 46 -38.86 15.42 8.39
N GLY I 47 -37.69 14.91 7.98
CA GLY I 47 -37.61 13.74 7.11
C GLY I 47 -38.23 12.49 7.72
N ARG I 48 -38.35 12.48 9.06
CA ARG I 48 -38.95 11.36 9.77
C ARG I 48 -40.48 11.34 9.62
N ARG I 49 -41.08 12.41 9.05
CA ARG I 49 -42.53 12.45 8.88
C ARG I 49 -42.95 12.96 7.49
N THR I 50 -42.01 13.02 6.52
CA THR I 50 -42.31 13.52 5.17
C THR I 50 -41.37 12.92 4.14
N SER I 51 -41.61 13.27 2.86
CA SER I 51 -40.79 12.81 1.74
C SER I 51 -39.49 13.63 1.63
N TYR I 52 -39.33 14.65 2.47
CA TYR I 52 -38.16 15.53 2.45
C TYR I 52 -36.85 14.80 2.77
N ARG I 53 -35.86 14.90 1.87
CA ARG I 53 -34.55 14.28 2.05
C ARG I 53 -33.47 15.33 1.84
N THR I 54 -32.95 15.84 2.95
CA THR I 54 -31.93 16.87 2.96
C THR I 54 -30.81 16.61 1.95
N ARG I 55 -30.36 15.36 1.83
CA ARG I 55 -29.24 15.03 0.93
C ARG I 55 -29.58 15.24 -0.53
N LYS I 56 -30.84 15.04 -0.92
CA LYS I 56 -31.23 15.18 -2.32
C LYS I 56 -31.27 16.62 -2.76
N VAL I 57 -31.46 17.54 -1.81
CA VAL I 57 -31.51 18.96 -2.15
C VAL I 57 -30.12 19.35 -2.63
N ILE I 58 -29.13 18.96 -1.86
CA ILE I 58 -27.75 19.24 -2.22
C ILE I 58 -27.46 18.55 -3.55
N ARG I 59 -27.96 17.32 -3.73
CA ARG I 59 -27.71 16.57 -4.96
C ARG I 59 -28.27 17.33 -6.15
N LYS I 60 -29.57 17.65 -6.10
CA LYS I 60 -30.24 18.38 -7.18
C LYS I 60 -29.50 19.68 -7.50
N ALA I 61 -28.98 20.35 -6.46
CA ALA I 61 -28.25 21.60 -6.66
C ALA I 61 -26.98 21.36 -7.47
N LEU I 62 -26.23 20.31 -7.10
CA LEU I 62 -24.97 19.98 -7.78
C LEU I 62 -25.22 19.46 -9.18
N LEU I 63 -26.34 18.77 -9.37
CA LEU I 63 -26.67 18.19 -10.67
C LEU I 63 -27.24 19.25 -11.63
N GLY I 64 -28.00 20.20 -11.09
CA GLY I 64 -28.60 21.26 -11.90
C GLY I 64 -30.10 21.18 -12.01
N MET I 65 -30.76 20.49 -11.09
CA MET I 65 -32.21 20.38 -11.12
C MET I 65 -32.86 21.63 -10.54
N ASP I 66 -33.26 22.56 -11.41
CA ASP I 66 -33.91 23.80 -11.00
C ASP I 66 -35.19 23.54 -10.21
N ASP I 67 -35.91 22.46 -10.54
CA ASP I 67 -37.16 22.14 -9.85
C ASP I 67 -37.00 22.22 -8.34
N VAL I 68 -35.78 22.04 -7.84
CA VAL I 68 -35.54 22.11 -6.40
C VAL I 68 -36.01 23.45 -5.82
N LEU I 69 -35.93 24.53 -6.61
CA LEU I 69 -36.34 25.85 -6.18
C LEU I 69 -37.86 25.94 -6.08
N ASP I 70 -38.55 25.10 -6.85
CA ASP I 70 -40.02 25.09 -6.86
C ASP I 70 -40.57 24.07 -5.90
N SER I 71 -39.69 23.28 -5.28
CA SER I 71 -40.11 22.22 -4.36
C SER I 71 -40.57 22.73 -3.01
N ASP I 72 -41.61 22.08 -2.46
CA ASP I 72 -42.15 22.42 -1.15
C ASP I 72 -41.23 21.82 -0.10
N ASP I 73 -40.46 20.81 -0.51
CA ASP I 73 -39.53 20.09 0.36
C ASP I 73 -38.54 21.01 1.06
N ILE I 74 -37.96 21.99 0.35
CA ILE I 74 -36.98 22.91 0.96
C ILE I 74 -37.60 23.73 2.07
N TRP I 75 -38.90 24.02 1.98
CA TRP I 75 -39.61 24.80 2.99
C TRP I 75 -40.04 23.94 4.18
N LYS I 76 -39.69 22.64 4.18
CA LYS I 76 -40.06 21.76 5.30
C LYS I 76 -38.92 21.72 6.33
N CYS I 77 -37.78 22.36 6.03
CA CYS I 77 -36.64 22.41 6.94
C CYS I 77 -36.91 23.42 8.07
N THR I 78 -36.74 23.02 9.33
CA THR I 78 -37.01 23.92 10.45
C THR I 78 -35.82 24.75 10.83
N THR I 79 -34.64 24.49 10.23
CA THR I 79 -33.40 25.19 10.51
C THR I 79 -32.95 24.88 11.93
N CYS I 80 -32.98 23.61 12.30
CA CYS I 80 -32.55 23.17 13.63
C CYS I 80 -31.03 23.07 13.67
N TYR I 81 -30.34 23.18 12.51
CA TYR I 81 -28.87 23.11 12.44
C TYR I 81 -28.29 21.75 12.87
N THR I 82 -29.11 20.70 12.93
CA THR I 82 -28.58 19.40 13.36
C THR I 82 -27.70 18.81 12.26
N CYS I 83 -28.10 19.01 11.00
CA CYS I 83 -27.33 18.47 9.87
C CYS I 83 -26.00 19.22 9.78
N TYR I 84 -26.08 20.53 9.98
CA TYR I 84 -24.95 21.43 9.94
C TYR I 84 -23.89 20.98 10.95
N GLU I 85 -24.36 20.58 12.13
CA GLU I 85 -23.50 20.15 13.22
C GLU I 85 -22.83 18.80 12.98
N ARG I 86 -23.52 17.86 12.34
CA ARG I 86 -22.98 16.52 12.13
C ARG I 86 -22.27 16.29 10.79
N CYS I 87 -22.52 17.10 9.72
CA CYS I 87 -21.85 16.82 8.45
C CYS I 87 -20.34 16.64 8.58
N PRO I 88 -19.81 15.51 8.14
CA PRO I 88 -18.36 15.30 8.22
C PRO I 88 -17.54 16.06 7.18
N ARG I 89 -18.21 16.69 6.19
CA ARG I 89 -17.51 17.45 5.14
C ARG I 89 -17.60 18.99 5.32
N ASP I 90 -18.06 19.45 6.51
CA ASP I 90 -18.18 20.87 6.85
C ASP I 90 -19.15 21.63 5.93
N VAL I 91 -20.14 20.94 5.41
CA VAL I 91 -21.11 21.57 4.54
C VAL I 91 -22.00 22.43 5.44
N LYS I 92 -22.12 23.72 5.11
CA LYS I 92 -22.97 24.62 5.89
C LYS I 92 -24.38 24.40 5.38
N VAL I 93 -24.86 23.18 5.57
CA VAL I 93 -26.17 22.72 5.10
C VAL I 93 -27.32 23.66 5.40
N THR I 94 -27.48 24.06 6.66
CA THR I 94 -28.62 24.92 7.01
C THR I 94 -28.54 26.22 6.27
N GLU I 95 -27.34 26.78 6.18
CA GLU I 95 -27.14 28.05 5.51
C GLU I 95 -27.40 27.92 4.02
N ILE I 96 -27.03 26.78 3.42
CA ILE I 96 -27.24 26.57 2.00
C ILE I 96 -28.74 26.53 1.70
N ILE I 97 -29.50 25.82 2.52
CA ILE I 97 -30.94 25.71 2.33
C ILE I 97 -31.58 27.09 2.36
N LYS I 98 -31.18 27.94 3.31
CA LYS I 98 -31.74 29.30 3.41
C LYS I 98 -31.43 30.07 2.14
N THR I 99 -30.21 29.95 1.63
CA THR I 99 -29.83 30.62 0.41
C THR I 99 -30.63 30.08 -0.74
N ILE I 100 -30.82 28.75 -0.79
CA ILE I 100 -31.61 28.16 -1.85
C ILE I 100 -33.00 28.79 -1.79
N ARG I 101 -33.57 28.91 -0.58
CA ARG I 101 -34.90 29.53 -0.38
C ARG I 101 -34.90 30.97 -0.88
N ASN I 102 -33.76 31.66 -0.76
CA ASN I 102 -33.66 33.04 -1.23
C ASN I 102 -33.89 33.05 -2.73
N LEU I 103 -33.32 32.08 -3.45
CA LEU I 103 -33.52 32.02 -4.89
C LEU I 103 -34.94 31.63 -5.19
N ALA I 104 -35.51 30.74 -4.37
CA ALA I 104 -36.89 30.31 -4.56
C ALA I 104 -37.82 31.52 -4.42
N ALA I 105 -37.56 32.36 -3.42
CA ALA I 105 -38.38 33.55 -3.18
C ALA I 105 -38.31 34.48 -4.38
N GLN I 106 -37.12 34.62 -4.96
CA GLN I 106 -36.91 35.48 -6.13
C GLN I 106 -37.65 34.92 -7.34
N LYS I 107 -37.86 33.60 -7.39
CA LYS I 107 -38.60 32.98 -8.50
C LYS I 107 -40.10 33.13 -8.27
N GLY I 108 -40.48 33.61 -7.10
CA GLY I 108 -41.89 33.79 -6.76
C GLY I 108 -42.50 32.62 -6.03
N ASN I 109 -41.66 31.78 -5.40
CA ASN I 109 -42.16 30.63 -4.66
C ASN I 109 -42.17 30.96 -3.16
N MET I 110 -43.15 31.75 -2.72
CA MET I 110 -43.29 32.14 -1.33
C MET I 110 -44.72 31.93 -0.88
N ALA I 111 -44.92 31.46 0.34
CA ALA I 111 -46.26 31.26 0.87
C ALA I 111 -46.86 32.60 1.25
N LYS I 112 -48.18 32.66 1.29
CA LYS I 112 -48.88 33.87 1.65
C LYS I 112 -48.60 34.19 3.12
N ALA I 113 -48.77 33.22 4.03
CA ALA I 113 -48.53 33.48 5.46
C ALA I 113 -47.17 34.09 5.67
N HIS I 114 -46.18 33.62 4.90
CA HIS I 114 -44.82 34.14 4.99
C HIS I 114 -44.76 35.58 4.53
N LYS I 115 -45.36 35.90 3.36
CA LYS I 115 -45.39 37.25 2.82
C LYS I 115 -46.18 38.14 3.77
N MET I 116 -47.18 37.57 4.47
CA MET I 116 -47.96 38.34 5.43
C MET I 116 -47.07 38.72 6.61
N THR I 117 -46.31 37.75 7.13
CA THR I 117 -45.42 38.00 8.27
C THR I 117 -44.42 39.09 7.86
N ALA I 118 -43.87 38.98 6.65
CA ALA I 118 -42.90 39.97 6.15
C ALA I 118 -43.55 41.35 6.03
N MET I 119 -44.84 41.40 5.71
CA MET I 119 -45.59 42.66 5.57
C MET I 119 -45.80 43.31 6.94
N TYR I 120 -46.02 42.52 7.99
CA TYR I 120 -46.24 43.09 9.31
C TYR I 120 -44.98 43.77 9.85
N VAL I 121 -43.79 43.29 9.46
CA VAL I 121 -42.54 43.90 9.93
C VAL I 121 -42.31 45.16 9.10
N LEU I 122 -42.78 45.16 7.86
CA LEU I 122 -42.65 46.30 6.97
C LEU I 122 -43.61 47.40 7.44
N LYS I 123 -44.86 47.02 7.75
CA LYS I 123 -45.87 47.96 8.21
C LYS I 123 -45.75 48.36 9.67
N TYR I 124 -45.76 47.38 10.59
CA TYR I 124 -45.71 47.65 12.03
C TYR I 124 -44.36 47.34 12.67
N GLY I 125 -43.35 47.06 11.86
CA GLY I 125 -42.01 46.76 12.35
C GLY I 125 -41.88 45.49 13.17
N HIS I 126 -42.95 44.69 13.29
CA HIS I 126 -42.90 43.46 14.09
C HIS I 126 -43.65 42.31 13.45
N ALA I 127 -43.18 41.07 13.69
CA ALA I 127 -43.77 39.84 13.15
C ALA I 127 -45.12 39.57 13.80
N VAL I 128 -45.20 39.85 15.10
CA VAL I 128 -46.42 39.67 15.91
C VAL I 128 -46.70 41.04 16.53
N PRO I 129 -47.42 41.94 15.83
CA PRO I 129 -47.68 43.26 16.42
C PRO I 129 -48.68 43.24 17.58
N ALA I 130 -48.60 44.24 18.46
CA ALA I 130 -49.47 44.37 19.62
C ALA I 130 -50.92 44.66 19.23
N ASN I 131 -51.87 43.99 19.91
CA ASN I 131 -53.30 44.12 19.66
C ASN I 131 -53.95 44.84 20.83
N LYS I 132 -55.25 45.12 20.75
CA LYS I 132 -55.98 45.81 21.82
C LYS I 132 -55.79 45.09 23.17
N ASN I 133 -55.76 43.74 23.16
CA ASN I 133 -55.59 42.95 24.39
C ASN I 133 -54.19 43.10 24.98
N THR I 134 -53.19 43.38 24.13
CA THR I 134 -51.80 43.55 24.60
C THR I 134 -51.74 44.71 25.57
N ALA I 135 -52.28 45.85 25.16
CA ALA I 135 -52.32 47.07 25.97
C ALA I 135 -52.96 46.81 27.34
N GLU I 136 -54.06 46.04 27.36
CA GLU I 136 -54.76 45.73 28.61
C GLU I 136 -53.97 44.73 29.43
N LEU I 137 -53.37 43.74 28.77
CA LEU I 137 -52.58 42.70 29.46
C LEU I 137 -51.31 43.29 30.08
N ARG I 138 -50.55 44.06 29.30
CA ARG I 138 -49.31 44.66 29.80
C ARG I 138 -49.58 45.56 31.01
N LYS I 139 -50.72 46.26 30.98
CA LYS I 139 -51.12 47.15 32.06
C LYS I 139 -51.41 46.36 33.33
N SER I 140 -52.27 45.35 33.23
CA SER I 140 -52.66 44.52 34.36
C SER I 140 -51.51 43.80 35.06
N ILE I 141 -50.39 43.60 34.37
CA ILE I 141 -49.23 42.92 34.94
C ILE I 141 -48.34 43.87 35.73
N GLY I 142 -48.08 45.03 35.16
CA GLY I 142 -47.23 46.04 35.76
C GLY I 142 -46.10 46.41 34.83
N LEU I 143 -46.44 46.67 33.57
CA LEU I 143 -45.48 47.04 32.53
C LEU I 143 -46.07 48.19 31.75
N SER I 144 -45.25 48.87 30.94
CA SER I 144 -45.72 49.99 30.14
C SER I 144 -46.77 49.53 29.13
N GLU I 145 -47.93 50.22 29.08
CA GLU I 145 -49.03 49.89 28.16
C GLU I 145 -48.48 49.53 26.78
N LYS I 146 -47.56 50.35 26.26
CA LYS I 146 -46.94 50.15 24.97
C LYS I 146 -45.45 49.90 25.23
N ALA I 147 -44.89 48.81 24.68
CA ALA I 147 -43.47 48.49 24.90
C ALA I 147 -42.56 49.43 24.12
N PRO I 148 -41.31 49.64 24.59
CA PRO I 148 -40.40 50.55 23.87
C PRO I 148 -39.80 49.86 22.64
N ILE I 149 -40.65 49.66 21.63
CA ILE I 149 -40.25 48.99 20.39
C ILE I 149 -40.56 49.87 19.19
N ALA I 150 -40.06 49.48 18.02
CA ALA I 150 -40.25 50.24 16.78
C ALA I 150 -41.71 50.39 16.36
N GLN I 151 -42.63 49.59 16.91
CA GLN I 151 -44.05 49.68 16.54
C GLN I 151 -44.63 51.03 16.90
N PHE I 152 -44.29 51.56 18.08
CA PHE I 152 -44.81 52.85 18.55
C PHE I 152 -43.76 53.95 18.44
N SER I 153 -42.86 53.84 17.45
CA SER I 153 -41.82 54.83 17.22
C SER I 153 -41.70 54.99 15.72
N GLU I 154 -42.32 56.04 15.18
CA GLU I 154 -42.32 56.31 13.75
C GLU I 154 -40.90 56.41 13.21
N LYS I 155 -40.02 57.13 13.91
CA LYS I 155 -38.62 57.29 13.48
C LYS I 155 -38.04 55.95 13.04
N ASP I 156 -38.08 54.95 13.93
CA ASP I 156 -37.56 53.61 13.67
C ASP I 156 -38.33 52.92 12.55
N LEU I 157 -39.65 53.12 12.50
CA LEU I 157 -40.51 52.53 11.48
C LEU I 157 -40.11 53.05 10.10
N ASN I 158 -39.84 54.35 9.99
CA ASN I 158 -39.47 54.96 8.72
C ASN I 158 -38.08 54.52 8.30
N GLU I 159 -37.18 54.31 9.27
CA GLU I 159 -35.81 53.88 8.97
C GLU I 159 -35.89 52.55 8.24
N MET I 160 -36.75 51.64 8.72
CA MET I 160 -36.90 50.32 8.09
C MET I 160 -37.43 50.48 6.66
N ASN I 161 -38.40 51.36 6.45
CA ASN I 161 -38.96 51.57 5.12
C ASN I 161 -37.90 52.05 4.15
N THR I 162 -36.96 52.85 4.63
CA THR I 162 -35.88 53.39 3.80
C THR I 162 -34.97 52.22 3.38
N LEU I 163 -34.58 51.40 4.35
CA LEU I 163 -33.70 50.26 4.13
C LEU I 163 -34.37 49.26 3.20
N ILE I 164 -35.63 48.92 3.48
CA ILE I 164 -36.40 47.97 2.69
C ILE I 164 -36.41 48.39 1.24
N LYS I 165 -36.78 49.65 0.97
CA LYS I 165 -36.84 50.17 -0.39
C LYS I 165 -35.50 49.99 -1.08
N GLU I 166 -34.43 50.38 -0.40
CA GLU I 166 -33.08 50.27 -0.96
C GLU I 166 -32.72 48.82 -1.22
N LEU I 167 -33.09 47.91 -0.29
CA LEU I 167 -32.80 46.48 -0.43
C LEU I 167 -33.64 45.84 -1.53
N GLY I 168 -34.83 46.39 -1.79
CA GLY I 168 -35.74 45.86 -2.80
C GLY I 168 -36.61 44.75 -2.23
N PHE I 169 -36.67 44.66 -0.90
CA PHE I 169 -37.44 43.65 -0.21
C PHE I 169 -38.92 43.84 -0.54
N ASP I 170 -39.36 45.10 -0.66
CA ASP I 170 -40.74 45.40 -1.00
C ASP I 170 -41.08 44.82 -2.38
N GLU I 171 -40.17 44.98 -3.34
CA GLU I 171 -40.37 44.47 -4.70
C GLU I 171 -40.40 42.95 -4.67
N LEU I 172 -39.55 42.36 -3.84
CA LEU I 172 -39.44 40.91 -3.72
C LEU I 172 -40.77 40.32 -3.26
N ILE I 173 -41.31 40.86 -2.16
CA ILE I 173 -42.58 40.37 -1.64
C ILE I 173 -43.77 40.88 -2.46
N GLY I 174 -43.52 41.77 -3.41
CA GLY I 174 -44.56 42.32 -4.26
C GLY I 174 -45.51 43.22 -3.50
N PHE I 175 -44.95 44.16 -2.73
CA PHE I 175 -45.74 45.08 -1.94
C PHE I 175 -45.97 46.43 -2.63
N ASP I 176 -47.25 46.88 -2.70
CA ASP I 176 -47.64 48.17 -3.30
C ASP I 176 -47.74 49.19 -2.17
N TRP I 177 -46.85 50.17 -2.14
CA TRP I 177 -46.81 51.18 -1.09
C TRP I 177 -48.10 52.03 -0.96
N GLU I 178 -48.70 52.43 -2.08
CA GLU I 178 -49.90 53.26 -1.99
C GLU I 178 -51.11 52.49 -1.43
N LYS I 179 -51.34 51.26 -1.91
CA LYS I 179 -52.46 50.46 -1.44
C LYS I 179 -52.20 49.82 -0.07
N GLY I 180 -50.93 49.62 0.25
CA GLY I 180 -50.56 49.02 1.52
C GLY I 180 -50.82 47.54 1.59
N ALA I 181 -50.97 46.89 0.42
CA ALA I 181 -51.23 45.46 0.32
C ALA I 181 -50.27 44.79 -0.66
N LEU I 182 -50.32 43.47 -0.75
CA LEU I 182 -49.45 42.72 -1.66
C LEU I 182 -50.11 42.48 -3.01
N LYS I 183 -49.31 42.09 -4.00
CA LYS I 183 -49.78 41.81 -5.37
C LYS I 183 -49.65 40.32 -5.67
N GLU J 3 -23.69 -44.13 5.13
CA GLU J 3 -22.89 -45.16 5.78
C GLU J 3 -21.49 -45.24 5.17
N TRP J 4 -21.40 -45.62 3.89
CA TRP J 4 -20.11 -45.73 3.22
C TRP J 4 -19.68 -44.39 2.62
N GLU J 5 -18.41 -44.03 2.83
CA GLU J 5 -17.85 -42.78 2.30
C GLU J 5 -16.59 -43.16 1.52
N PRO J 6 -16.47 -42.73 0.25
CA PRO J 6 -15.30 -43.12 -0.55
C PRO J 6 -13.93 -42.74 0.03
N LYS J 7 -12.94 -43.55 -0.32
CA LYS J 7 -11.58 -43.35 0.13
C LYS J 7 -10.72 -42.92 -1.05
N ILE J 8 -10.46 -41.62 -1.15
CA ILE J 8 -9.69 -41.09 -2.26
C ILE J 8 -8.31 -40.64 -1.81
N ILE J 9 -7.32 -40.81 -2.68
CA ILE J 9 -5.95 -40.41 -2.36
C ILE J 9 -5.50 -39.42 -3.41
N GLY J 10 -4.79 -38.40 -2.97
CA GLY J 10 -4.30 -37.36 -3.88
C GLY J 10 -2.80 -37.27 -3.94
N PHE J 11 -2.29 -36.89 -5.10
CA PHE J 11 -0.87 -36.68 -5.35
C PHE J 11 -0.81 -35.26 -5.94
N CYS J 12 -0.12 -34.34 -5.26
CA CYS J 12 -0.07 -32.96 -5.73
C CYS J 12 1.33 -32.35 -5.77
N CYS J 13 1.68 -31.79 -6.95
CA CYS J 13 2.97 -31.13 -7.16
C CYS J 13 3.03 -29.96 -6.18
N ASN J 14 4.19 -29.77 -5.55
CA ASN J 14 4.42 -28.70 -4.58
C ASN J 14 4.20 -27.29 -5.14
N TRP J 15 4.61 -27.06 -6.39
CA TRP J 15 4.51 -25.75 -7.03
C TRP J 15 3.17 -25.34 -7.60
N CYS J 16 2.28 -26.28 -7.92
CA CYS J 16 1.01 -25.88 -8.50
C CYS J 16 -0.21 -26.47 -7.82
N THR J 17 -0.49 -27.76 -8.00
CA THR J 17 -1.70 -28.28 -7.37
C THR J 17 -1.65 -28.18 -5.84
N TYR J 18 -0.53 -28.55 -5.20
CA TYR J 18 -0.46 -28.41 -3.75
C TYR J 18 -0.73 -26.93 -3.38
N GLY J 19 -0.29 -26.01 -4.23
CA GLY J 19 -0.54 -24.58 -4.03
C GLY J 19 -2.02 -24.29 -4.21
N GLY J 20 -2.60 -24.84 -5.26
CA GLY J 20 -4.02 -24.66 -5.52
C GLY J 20 -4.84 -25.24 -4.39
N ALA J 21 -4.37 -26.36 -3.79
CA ALA J 21 -5.07 -26.97 -2.68
C ALA J 21 -5.01 -26.02 -1.46
N ASP J 22 -3.87 -25.37 -1.27
CA ASP J 22 -3.69 -24.40 -0.18
C ASP J 22 -4.57 -23.16 -0.44
N THR J 23 -4.67 -22.73 -1.71
CA THR J 23 -5.49 -21.58 -2.09
C THR J 23 -6.96 -21.82 -1.72
N ALA J 24 -7.44 -23.04 -1.97
CA ALA J 24 -8.81 -23.40 -1.66
C ALA J 24 -9.07 -23.33 -0.14
N GLY J 25 -8.08 -23.73 0.65
CA GLY J 25 -8.18 -23.72 2.10
C GLY J 25 -8.29 -22.32 2.67
N VAL J 26 -7.39 -21.46 2.24
CA VAL J 26 -7.35 -20.06 2.67
C VAL J 26 -8.68 -19.36 2.36
N GLY J 27 -9.16 -19.57 1.14
CA GLY J 27 -10.41 -18.98 0.67
C GLY J 27 -11.65 -19.63 1.23
N ARG J 28 -11.49 -20.69 2.05
CA ARG J 28 -12.60 -21.42 2.66
C ARG J 28 -13.50 -22.07 1.61
N MET J 29 -12.89 -22.54 0.51
CA MET J 29 -13.61 -23.18 -0.58
C MET J 29 -13.89 -24.64 -0.18
N GLN J 30 -15.08 -24.89 0.39
CA GLN J 30 -15.49 -26.20 0.91
C GLN J 30 -15.63 -27.31 -0.16
N TYR J 31 -15.19 -28.53 0.19
CA TYR J 31 -15.29 -29.69 -0.71
C TYR J 31 -15.34 -31.00 0.11
N PRO J 32 -15.67 -32.16 -0.49
CA PRO J 32 -15.80 -33.39 0.30
C PRO J 32 -14.55 -33.90 1.03
N PRO J 33 -14.74 -34.41 2.27
CA PRO J 33 -13.58 -34.92 3.04
C PRO J 33 -13.16 -36.35 2.74
N SER J 34 -13.08 -36.72 1.46
CA SER J 34 -12.68 -38.07 1.10
C SER J 34 -11.20 -38.15 0.77
N ILE J 35 -10.70 -37.14 0.07
CA ILE J 35 -9.30 -37.11 -0.34
C ILE J 35 -8.30 -36.88 0.79
N ARG J 36 -7.10 -37.43 0.61
CA ARG J 36 -5.98 -37.29 1.53
C ARG J 36 -4.81 -37.04 0.59
N ILE J 37 -4.33 -35.79 0.53
CA ILE J 37 -3.25 -35.41 -0.38
C ILE J 37 -1.85 -35.77 0.09
N ILE J 38 -1.04 -36.22 -0.86
CA ILE J 38 0.36 -36.58 -0.64
C ILE J 38 1.18 -35.58 -1.43
N ARG J 39 2.15 -34.92 -0.81
CA ARG J 39 2.94 -33.94 -1.55
C ARG J 39 4.12 -34.57 -2.26
N VAL J 40 4.40 -34.05 -3.46
CA VAL J 40 5.53 -34.43 -4.32
C VAL J 40 5.99 -33.08 -4.86
N MET J 41 7.21 -33.02 -5.38
CA MET J 41 7.73 -31.75 -5.92
C MET J 41 7.24 -31.52 -7.34
N CYS J 42 7.07 -32.62 -8.11
CA CYS J 42 6.64 -32.54 -9.50
C CYS J 42 5.59 -33.59 -9.79
N SER J 43 4.75 -33.37 -10.83
CA SER J 43 3.75 -34.37 -11.18
C SER J 43 4.50 -35.56 -11.80
N GLY J 44 5.70 -35.28 -12.33
CA GLY J 44 6.54 -36.30 -12.94
C GLY J 44 6.99 -37.36 -11.96
N ARG J 45 6.91 -37.07 -10.65
CA ARG J 45 7.28 -38.02 -9.60
C ARG J 45 6.23 -39.13 -9.53
N ILE J 46 5.01 -38.85 -9.99
CA ILE J 46 3.95 -39.85 -9.96
C ILE J 46 4.14 -40.85 -11.10
N GLU J 47 3.93 -42.14 -10.78
CA GLU J 47 4.08 -43.24 -11.75
C GLU J 47 3.04 -44.31 -11.46
N PRO J 48 2.89 -45.26 -12.38
CA PRO J 48 1.90 -46.34 -12.16
C PRO J 48 1.98 -47.08 -10.83
N SER J 49 3.18 -47.35 -10.35
CA SER J 49 3.31 -48.10 -9.11
C SER J 49 2.61 -47.46 -7.92
N LEU J 50 2.72 -46.15 -7.79
CA LEU J 50 2.10 -45.46 -6.68
C LEU J 50 0.58 -45.50 -6.83
N ILE J 51 0.10 -45.46 -8.07
CA ILE J 51 -1.33 -45.46 -8.35
C ILE J 51 -1.92 -46.83 -8.06
N LEU J 52 -1.27 -47.88 -8.58
CA LEU J 52 -1.75 -49.24 -8.35
C LEU J 52 -1.68 -49.58 -6.86
N LYS J 53 -0.58 -49.17 -6.20
CA LYS J 53 -0.41 -49.43 -4.78
C LYS J 53 -1.60 -48.92 -3.99
N ALA J 54 -2.04 -47.69 -4.32
CA ALA J 54 -3.18 -47.06 -3.67
C ALA J 54 -4.42 -47.92 -3.80
N PHE J 55 -4.69 -48.41 -5.01
CA PHE J 55 -5.86 -49.25 -5.24
C PHE J 55 -5.82 -50.51 -4.39
N LYS J 56 -4.67 -51.19 -4.35
CA LYS J 56 -4.49 -52.41 -3.57
C LYS J 56 -4.82 -52.15 -2.12
N GLU J 57 -4.36 -51.02 -1.60
CA GLU J 57 -4.57 -50.65 -0.20
C GLU J 57 -6.04 -50.39 0.16
N GLY J 58 -6.89 -50.12 -0.82
CA GLY J 58 -8.31 -49.94 -0.56
C GLY J 58 -8.92 -48.70 -1.15
N ALA J 59 -8.15 -47.98 -1.97
CA ALA J 59 -8.64 -46.74 -2.58
C ALA J 59 -9.81 -46.90 -3.56
N ASP J 60 -10.87 -46.09 -3.36
CA ASP J 60 -12.04 -46.08 -4.23
C ASP J 60 -11.76 -45.04 -5.34
N GLY J 61 -10.81 -44.14 -5.07
CA GLY J 61 -10.43 -43.11 -6.03
C GLY J 61 -9.00 -42.66 -5.87
N VAL J 62 -8.38 -42.26 -6.98
CA VAL J 62 -6.99 -41.80 -6.98
C VAL J 62 -6.93 -40.53 -7.81
N PHE J 63 -6.36 -39.44 -7.27
CA PHE J 63 -6.27 -38.18 -8.02
C PHE J 63 -4.84 -37.70 -8.18
N VAL J 64 -4.52 -37.16 -9.35
CA VAL J 64 -3.18 -36.64 -9.61
C VAL J 64 -3.32 -35.22 -10.12
N GLY J 65 -2.56 -34.31 -9.52
CA GLY J 65 -2.56 -32.91 -9.91
C GLY J 65 -1.17 -32.47 -10.31
N GLY J 66 -1.09 -31.49 -11.20
CA GLY J 66 0.18 -30.97 -11.66
C GLY J 66 0.06 -29.61 -12.30
N CYS J 67 1.18 -29.13 -12.85
CA CYS J 67 1.19 -27.82 -13.51
C CYS J 67 0.58 -27.99 -14.89
N HIS J 68 0.02 -26.93 -15.45
CA HIS J 68 -0.55 -26.97 -16.80
C HIS J 68 0.54 -27.31 -17.78
N LEU J 69 0.19 -27.92 -18.89
CA LEU J 69 1.21 -28.27 -19.89
C LEU J 69 1.86 -26.99 -20.41
N GLY J 70 3.14 -26.84 -20.12
CA GLY J 70 3.93 -25.69 -20.53
C GLY J 70 4.28 -24.77 -19.36
N ASP J 71 3.67 -25.01 -18.18
CA ASP J 71 3.89 -24.22 -16.97
C ASP J 71 4.58 -25.04 -15.83
N CYS J 72 5.14 -26.22 -16.15
CA CYS J 72 5.82 -27.07 -15.18
C CYS J 72 6.93 -26.29 -14.50
N HIS J 73 6.98 -26.26 -13.15
CA HIS J 73 8.05 -25.53 -12.47
C HIS J 73 9.38 -26.14 -12.92
N TYR J 74 9.34 -27.42 -13.29
CA TYR J 74 10.53 -28.10 -13.76
C TYR J 74 10.56 -28.24 -15.28
N ASP J 75 9.81 -27.38 -15.99
CA ASP J 75 9.74 -27.32 -17.45
C ASP J 75 9.01 -28.46 -18.19
N SER J 76 9.47 -29.72 -18.10
CA SER J 76 8.82 -30.80 -18.84
C SER J 76 8.53 -32.07 -18.04
N GLY J 77 8.32 -31.93 -16.74
CA GLY J 77 8.03 -33.08 -15.91
C GLY J 77 6.64 -33.64 -16.16
N ASN J 78 5.64 -32.76 -16.28
CA ASN J 78 4.25 -33.15 -16.52
C ASN J 78 3.97 -33.85 -17.87
N TYR J 79 4.87 -33.73 -18.86
CA TYR J 79 4.70 -34.39 -20.16
C TYR J 79 4.95 -35.89 -20.01
N LYS J 80 5.89 -36.25 -19.13
CA LYS J 80 6.19 -37.65 -18.89
C LYS J 80 4.99 -38.25 -18.16
N TRP J 81 4.50 -37.58 -17.12
CA TRP J 81 3.35 -38.08 -16.37
C TRP J 81 2.13 -38.17 -17.25
N GLN J 82 1.98 -37.22 -18.16
CA GLN J 82 0.84 -37.26 -19.07
C GLN J 82 0.91 -38.54 -19.90
N ARG J 83 2.08 -38.90 -20.39
CA ARG J 83 2.21 -40.11 -21.20
C ARG J 83 1.96 -41.35 -20.36
N ARG J 84 2.34 -41.31 -19.08
CA ARG J 84 2.13 -42.46 -18.18
C ARG J 84 0.65 -42.69 -17.86
N VAL J 85 -0.05 -41.63 -17.44
CA VAL J 85 -1.47 -41.71 -17.08
C VAL J 85 -2.38 -42.19 -18.22
N MET J 86 -2.02 -41.95 -19.49
CA MET J 86 -2.89 -42.41 -20.58
C MET J 86 -2.85 -43.93 -20.68
N MET J 87 -1.67 -44.53 -20.51
CA MET J 87 -1.54 -45.99 -20.57
C MET J 87 -2.28 -46.57 -19.39
N LEU J 88 -1.95 -46.04 -18.22
CA LEU J 88 -2.53 -46.45 -16.94
C LEU J 88 -4.04 -46.53 -17.01
N TYR J 89 -4.68 -45.49 -17.54
CA TYR J 89 -6.14 -45.46 -17.66
C TYR J 89 -6.69 -46.75 -18.27
N GLU J 90 -6.10 -47.16 -19.40
CA GLU J 90 -6.50 -48.36 -20.13
C GLU J 90 -6.06 -49.64 -19.39
N LEU J 91 -4.89 -49.60 -18.74
CA LEU J 91 -4.43 -50.77 -18.00
C LEU J 91 -5.42 -51.04 -16.87
N LEU J 92 -5.89 -49.99 -16.20
CA LEU J 92 -6.87 -50.11 -15.12
C LEU J 92 -8.13 -50.77 -15.64
N GLU J 93 -8.55 -50.43 -16.86
CA GLU J 93 -9.76 -51.05 -17.44
C GLU J 93 -9.54 -52.55 -17.61
N GLU J 94 -8.35 -52.94 -18.13
CA GLU J 94 -8.01 -54.35 -18.32
C GLU J 94 -8.04 -55.08 -16.99
N LEU J 95 -7.72 -54.39 -15.88
CA LEU J 95 -7.73 -55.00 -14.55
C LEU J 95 -9.11 -54.97 -13.89
N GLY J 96 -10.12 -54.58 -14.65
CA GLY J 96 -11.48 -54.50 -14.12
C GLY J 96 -11.74 -53.30 -13.24
N ILE J 97 -10.83 -52.32 -13.25
CA ILE J 97 -10.94 -51.09 -12.46
C ILE J 97 -11.42 -50.03 -13.43
N GLU J 98 -12.53 -49.37 -13.09
CA GLU J 98 -13.10 -48.34 -13.96
C GLU J 98 -12.14 -47.20 -14.19
N LYS J 99 -11.98 -46.82 -15.46
CA LYS J 99 -11.09 -45.74 -15.91
C LYS J 99 -11.42 -44.45 -15.16
N GLU J 100 -12.69 -44.29 -14.79
CA GLU J 100 -13.17 -43.11 -14.09
C GLU J 100 -12.71 -43.01 -12.62
N ARG J 101 -12.14 -44.07 -12.04
CA ARG J 101 -11.68 -44.03 -10.65
C ARG J 101 -10.34 -43.30 -10.55
N LEU J 102 -9.69 -43.08 -11.71
CA LEU J 102 -8.42 -42.35 -11.76
C LEU J 102 -8.70 -40.99 -12.43
N ASN J 103 -8.25 -39.90 -11.81
CA ASN J 103 -8.50 -38.58 -12.39
C ASN J 103 -7.26 -37.69 -12.35
N HIS J 104 -6.88 -37.12 -13.51
CA HIS J 104 -5.71 -36.24 -13.56
C HIS J 104 -6.11 -34.90 -14.17
N GLU J 105 -5.67 -33.82 -13.51
CA GLU J 105 -5.97 -32.47 -13.95
C GLU J 105 -4.71 -31.62 -13.86
N TRP J 106 -4.78 -30.42 -14.44
CA TRP J 106 -3.68 -29.47 -14.41
C TRP J 106 -4.22 -28.26 -13.66
N ILE J 107 -3.81 -28.10 -12.41
CA ILE J 107 -4.28 -26.99 -11.58
C ILE J 107 -3.08 -26.16 -11.18
N SER J 108 -3.16 -24.83 -11.34
CA SER J 108 -2.07 -23.92 -10.99
C SER J 108 -2.06 -23.59 -9.49
N ALA J 109 -1.02 -22.88 -9.06
CA ALA J 109 -0.86 -22.49 -7.66
C ALA J 109 -2.02 -21.65 -7.13
N SER J 110 -2.62 -20.80 -7.97
CA SER J 110 -3.73 -19.92 -7.56
C SER J 110 -5.12 -20.45 -7.93
N GLU J 111 -5.20 -21.60 -8.61
CA GLU J 111 -6.49 -22.15 -9.02
C GLU J 111 -7.14 -22.92 -7.89
N GLY J 112 -7.60 -22.19 -6.89
CA GLY J 112 -8.26 -22.77 -5.73
C GLY J 112 -9.70 -23.07 -6.04
N GLU J 113 -10.31 -22.26 -6.91
CA GLU J 113 -11.71 -22.45 -7.30
C GLU J 113 -11.84 -23.70 -8.17
N LYS J 114 -10.84 -23.94 -9.03
CA LYS J 114 -10.82 -25.10 -9.91
C LYS J 114 -10.64 -26.39 -9.10
N PHE J 115 -9.69 -26.38 -8.15
CA PHE J 115 -9.43 -27.55 -7.29
C PHE J 115 -10.68 -27.86 -6.48
N GLN J 116 -11.32 -26.85 -5.90
CA GLN J 116 -12.54 -27.05 -5.12
C GLN J 116 -13.57 -27.79 -5.97
N ASN J 117 -13.84 -27.29 -7.19
CA ASN J 117 -14.80 -27.90 -8.10
C ASN J 117 -14.35 -29.28 -8.62
N THR J 118 -13.03 -29.49 -8.80
CA THR J 118 -12.50 -30.79 -9.26
C THR J 118 -12.73 -31.81 -8.15
N MET J 119 -12.58 -31.39 -6.89
CA MET J 119 -12.79 -32.28 -5.75
C MET J 119 -14.27 -32.62 -5.58
N LYS J 120 -15.16 -31.68 -5.90
CA LYS J 120 -16.59 -31.93 -5.77
C LYS J 120 -17.02 -32.98 -6.80
N ASP J 121 -16.63 -32.74 -8.07
CA ASP J 121 -16.95 -33.59 -9.20
C ASP J 121 -16.44 -35.01 -9.06
N PHE J 122 -15.16 -35.15 -8.73
CA PHE J 122 -14.52 -36.46 -8.59
C PHE J 122 -15.15 -37.27 -7.46
N TYR J 123 -15.56 -36.61 -6.37
CA TYR J 123 -16.20 -37.33 -5.26
C TYR J 123 -17.56 -37.83 -5.74
N ASN J 124 -18.31 -36.98 -6.44
CA ASN J 124 -19.63 -37.35 -6.96
C ASN J 124 -19.51 -38.54 -7.92
N LYS J 125 -18.42 -38.59 -8.68
CA LYS J 125 -18.19 -39.67 -9.64
C LYS J 125 -17.89 -40.97 -8.90
N ILE J 126 -16.94 -40.94 -7.95
CA ILE J 126 -16.58 -42.14 -7.18
C ILE J 126 -17.76 -42.57 -6.30
N GLU J 127 -18.53 -41.63 -5.75
CA GLU J 127 -19.68 -41.97 -4.90
C GLU J 127 -20.69 -42.74 -5.73
N ALA J 128 -20.90 -42.31 -6.98
CA ALA J 128 -21.86 -42.96 -7.90
C ALA J 128 -21.40 -44.35 -8.25
N LEU J 129 -20.10 -44.50 -8.55
CA LEU J 129 -19.52 -45.80 -8.91
C LEU J 129 -19.61 -46.82 -7.78
N GLY J 130 -19.64 -46.33 -6.55
CA GLY J 130 -19.68 -47.20 -5.38
C GLY J 130 -18.29 -47.60 -4.96
N PRO J 131 -18.14 -48.40 -3.90
CA PRO J 131 -16.79 -48.80 -3.47
C PRO J 131 -16.07 -49.73 -4.43
N CYS J 132 -14.73 -49.69 -4.42
CA CYS J 132 -13.93 -50.58 -5.25
C CYS J 132 -13.78 -51.86 -4.45
N LYS J 133 -14.15 -53.00 -5.04
CA LYS J 133 -14.10 -54.30 -4.36
C LYS J 133 -12.76 -55.05 -4.51
N LEU J 134 -11.65 -54.36 -4.83
CA LEU J 134 -10.36 -55.04 -4.98
C LEU J 134 -9.86 -55.57 -3.63
N LYS J 135 -9.84 -54.71 -2.61
CA LYS J 135 -9.38 -55.14 -1.29
C LYS J 135 -10.32 -56.20 -0.73
N GLU J 136 -11.59 -56.14 -1.10
CA GLU J 136 -12.57 -57.11 -0.65
C GLU J 136 -12.21 -58.51 -1.17
N GLU J 137 -11.85 -58.60 -2.46
CA GLU J 137 -11.49 -59.88 -3.10
C GLU J 137 -10.09 -60.37 -2.71
N LEU J 138 -9.14 -59.47 -2.46
CA LEU J 138 -7.79 -59.90 -2.10
C LEU J 138 -7.73 -60.48 -0.69
N ASP J 139 -8.52 -59.93 0.24
CA ASP J 139 -8.54 -60.41 1.62
C ASP J 139 -9.26 -61.77 1.72
N LYS J 140 -9.97 -62.18 0.66
CA LYS J 140 -10.68 -63.45 0.67
C LYS J 140 -9.70 -64.62 0.58
N VAL K 2 23.69 -82.12 5.49
CA VAL K 2 22.63 -81.13 5.44
C VAL K 2 21.41 -81.69 4.68
N LYS K 3 20.34 -81.99 5.42
CA LYS K 3 19.11 -82.53 4.83
C LYS K 3 18.37 -81.50 3.99
N ILE K 4 18.41 -81.66 2.66
CA ILE K 4 17.73 -80.76 1.75
C ILE K 4 16.54 -81.51 1.17
N ALA K 5 15.41 -80.81 0.96
CA ALA K 5 14.20 -81.43 0.41
C ALA K 5 13.61 -80.51 -0.63
N THR K 6 12.85 -81.05 -1.58
CA THR K 6 12.23 -80.23 -2.62
C THR K 6 10.79 -80.65 -2.85
N THR K 7 10.01 -79.77 -3.45
CA THR K 7 8.62 -80.10 -3.76
C THR K 7 8.13 -79.17 -4.83
N TRP K 8 6.97 -79.46 -5.40
CA TRP K 8 6.41 -78.60 -6.44
C TRP K 8 4.93 -78.33 -6.17
N LEU K 9 4.46 -77.16 -6.61
CA LEU K 9 3.09 -76.71 -6.45
C LEU K 9 2.51 -76.38 -7.83
N GLY K 10 2.00 -75.17 -8.01
CA GLY K 10 1.39 -74.73 -9.26
C GLY K 10 2.33 -74.39 -10.40
N GLY K 11 3.51 -74.97 -10.42
CA GLY K 11 4.47 -74.70 -11.48
C GLY K 11 4.36 -75.62 -12.67
N CYS K 12 5.47 -75.76 -13.41
CA CYS K 12 5.55 -76.59 -14.60
C CYS K 12 6.65 -77.66 -14.53
N SER K 13 7.49 -77.62 -13.48
CA SER K 13 8.62 -78.54 -13.25
C SER K 13 9.92 -77.99 -13.85
N GLY K 14 9.83 -76.87 -14.55
CA GLY K 14 11.00 -76.26 -15.17
C GLY K 14 12.13 -75.99 -14.20
N CYS K 15 11.83 -75.49 -12.99
CA CYS K 15 12.86 -75.20 -12.00
C CYS K 15 13.62 -76.46 -11.64
N HIS K 16 12.91 -77.59 -11.43
CA HIS K 16 13.55 -78.86 -11.11
C HIS K 16 14.43 -79.31 -12.28
N ILE K 17 13.91 -79.18 -13.52
CA ILE K 17 14.68 -79.56 -14.71
C ILE K 17 15.94 -78.69 -14.75
N SER K 18 15.83 -77.43 -14.36
CA SER K 18 17.01 -76.57 -14.37
C SER K 18 17.98 -77.03 -13.29
N LEU K 19 17.46 -77.58 -12.18
CA LEU K 19 18.34 -78.08 -11.13
C LEU K 19 19.12 -79.23 -11.76
N LEU K 20 18.45 -80.08 -12.54
CA LEU K 20 19.10 -81.21 -13.20
C LEU K 20 20.06 -80.69 -14.26
N ASP K 21 19.80 -79.50 -14.82
CA ASP K 21 20.67 -78.92 -15.85
C ASP K 21 22.05 -78.60 -15.30
N LEU K 22 22.32 -78.97 -14.04
CA LEU K 22 23.63 -78.76 -13.45
C LEU K 22 24.53 -79.80 -14.06
N HIS K 23 23.94 -80.90 -14.54
CA HIS K 23 24.64 -82.01 -15.19
C HIS K 23 25.62 -82.71 -14.27
N GLU K 24 26.92 -82.73 -14.62
CA GLU K 24 27.96 -83.37 -13.83
C GLU K 24 27.99 -82.82 -12.39
N GLU K 25 27.76 -81.52 -12.24
CA GLU K 25 27.79 -80.88 -10.92
C GLU K 25 26.63 -81.34 -10.01
N LEU K 26 25.56 -81.90 -10.59
CA LEU K 26 24.44 -82.37 -9.77
C LEU K 26 24.93 -83.50 -8.86
N LEU K 27 25.72 -84.43 -9.41
CA LEU K 27 26.23 -85.54 -8.64
C LEU K 27 27.11 -84.99 -7.53
N ASN K 28 28.00 -84.06 -7.88
CA ASN K 28 28.89 -83.43 -6.89
C ASN K 28 28.06 -82.77 -5.79
N LEU K 29 26.96 -82.13 -6.16
CA LEU K 29 26.08 -81.46 -5.20
C LEU K 29 25.39 -82.50 -4.32
N LEU K 30 24.89 -83.57 -4.92
CA LEU K 30 24.19 -84.60 -4.16
C LEU K 30 25.10 -85.35 -3.18
N GLU K 31 26.42 -85.26 -3.35
CA GLU K 31 27.35 -85.92 -2.43
C GLU K 31 27.58 -85.00 -1.23
N ASN K 32 27.27 -83.70 -1.39
CA ASN K 32 27.43 -82.71 -0.34
C ASN K 32 26.15 -82.52 0.45
N VAL K 33 24.98 -82.78 -0.18
CA VAL K 33 23.69 -82.62 0.49
C VAL K 33 23.09 -83.99 0.74
N GLU K 34 22.02 -84.05 1.52
CA GLU K 34 21.32 -85.30 1.82
C GLU K 34 19.90 -85.14 1.33
N LEU K 35 19.62 -85.54 0.08
CA LEU K 35 18.28 -85.39 -0.48
C LEU K 35 17.31 -86.34 0.23
N VAL K 36 16.44 -85.79 1.08
CA VAL K 36 15.47 -86.57 1.85
C VAL K 36 14.10 -86.67 1.20
N HIS K 37 13.70 -85.70 0.37
CA HIS K 37 12.39 -85.78 -0.25
C HIS K 37 12.39 -85.02 -1.56
N CYS K 38 11.96 -85.69 -2.64
CA CYS K 38 11.89 -85.08 -3.97
C CYS K 38 11.01 -85.93 -4.85
N PRO K 39 9.76 -85.52 -5.05
CA PRO K 39 8.83 -86.33 -5.85
C PRO K 39 9.30 -86.72 -7.24
N VAL K 40 10.08 -85.88 -7.92
CA VAL K 40 10.48 -86.23 -9.28
C VAL K 40 11.64 -87.21 -9.32
N LEU K 41 12.47 -87.28 -8.28
CA LEU K 41 13.60 -88.24 -8.30
C LEU K 41 13.43 -89.44 -7.37
N MET K 42 12.76 -89.27 -6.21
CA MET K 42 12.63 -90.39 -5.28
C MET K 42 11.21 -90.70 -4.87
N ASP K 43 11.03 -91.88 -4.25
CA ASP K 43 9.73 -92.39 -3.80
C ASP K 43 9.41 -92.09 -2.34
N VAL K 44 10.07 -91.10 -1.72
CA VAL K 44 9.76 -90.74 -0.34
C VAL K 44 8.46 -89.92 -0.44
N LYS K 45 7.33 -90.53 -0.08
CA LYS K 45 6.00 -89.92 -0.17
C LYS K 45 5.74 -88.78 0.80
N GLU K 46 6.05 -88.97 2.08
CA GLU K 46 5.78 -87.96 3.07
C GLU K 46 6.96 -87.02 3.28
N ILE K 47 6.67 -85.76 3.61
CA ILE K 47 7.73 -84.80 3.86
C ILE K 47 8.28 -85.18 5.25
N PRO K 48 9.57 -85.56 5.36
CA PRO K 48 10.11 -85.94 6.66
C PRO K 48 10.33 -84.79 7.61
N ASP K 49 10.48 -85.10 8.89
CA ASP K 49 10.72 -84.06 9.89
C ASP K 49 12.21 -83.68 9.82
N GLU K 50 12.57 -82.51 10.35
CA GLU K 50 13.95 -82.04 10.34
C GLU K 50 14.52 -81.92 8.93
N VAL K 51 14.19 -80.81 8.26
CA VAL K 51 14.70 -80.51 6.93
C VAL K 51 15.40 -79.18 7.10
N GLU K 52 16.67 -79.11 6.72
CA GLU K 52 17.42 -77.87 6.90
C GLU K 52 17.00 -76.85 5.85
N VAL K 53 17.03 -77.25 4.58
CA VAL K 53 16.69 -76.38 3.46
C VAL K 53 15.58 -76.98 2.61
N ALA K 54 14.67 -76.14 2.13
CA ALA K 54 13.59 -76.61 1.28
C ALA K 54 13.55 -75.76 0.01
N LEU K 55 13.37 -76.40 -1.14
CA LEU K 55 13.28 -75.68 -2.41
C LEU K 55 11.85 -75.93 -2.88
N ILE K 56 10.97 -74.94 -2.68
CA ILE K 56 9.58 -75.09 -3.08
C ILE K 56 9.37 -74.45 -4.41
N GLU K 57 8.95 -75.23 -5.40
CA GLU K 57 8.69 -74.73 -6.76
C GLU K 57 7.19 -74.44 -6.91
N GLY K 58 6.85 -73.44 -7.72
CA GLY K 58 5.48 -73.07 -8.01
C GLY K 58 4.75 -72.23 -6.98
N GLY K 59 3.72 -71.53 -7.45
CA GLY K 59 2.88 -70.70 -6.60
C GLY K 59 1.71 -71.49 -6.06
N ILE K 60 0.80 -70.84 -5.33
CA ILE K 60 -0.37 -71.52 -4.76
C ILE K 60 -1.58 -71.46 -5.68
N ARG K 61 -1.81 -72.56 -6.41
CA ARG K 61 -2.93 -72.67 -7.36
C ARG K 61 -4.15 -73.41 -6.76
N ASN K 62 -3.93 -74.48 -5.95
CA ASN K 62 -5.04 -75.22 -5.35
C ASN K 62 -4.87 -75.46 -3.84
N GLU K 63 -5.90 -76.04 -3.21
CA GLU K 63 -5.90 -76.30 -1.77
C GLU K 63 -4.79 -77.22 -1.31
N GLU K 64 -4.44 -78.26 -2.08
CA GLU K 64 -3.36 -79.16 -1.65
C GLU K 64 -2.05 -78.38 -1.60
N ASN K 65 -1.83 -77.46 -2.56
CA ASN K 65 -0.61 -76.64 -2.59
C ASN K 65 -0.46 -75.89 -1.28
N LEU K 66 -1.56 -75.32 -0.79
CA LEU K 66 -1.58 -74.56 0.45
C LEU K 66 -1.19 -75.47 1.62
N GLU K 67 -1.79 -76.65 1.70
CA GLU K 67 -1.47 -77.59 2.78
C GLU K 67 0.01 -77.92 2.76
N ILE K 68 0.54 -78.34 1.60
CA ILE K 68 1.95 -78.69 1.45
C ILE K 68 2.85 -77.53 1.87
N ALA K 69 2.51 -76.31 1.48
CA ALA K 69 3.32 -75.16 1.85
C ALA K 69 3.39 -75.06 3.36
N LYS K 70 2.23 -75.20 4.01
CA LYS K 70 2.16 -75.13 5.46
C LYS K 70 2.91 -76.30 6.09
N GLU K 71 2.82 -77.47 5.48
CA GLU K 71 3.51 -78.65 6.00
C GLU K 71 5.03 -78.50 5.87
N MET K 72 5.51 -78.16 4.68
CA MET K 72 6.94 -78.00 4.46
C MET K 72 7.49 -76.89 5.34
N ARG K 73 6.74 -75.79 5.53
CA ARG K 73 7.19 -74.68 6.37
C ARG K 73 7.46 -75.12 7.80
N GLU K 74 6.65 -76.03 8.34
CA GLU K 74 6.86 -76.50 9.72
C GLU K 74 8.05 -77.44 9.80
N ARG K 75 8.24 -78.30 8.78
CA ARG K 75 9.31 -79.29 8.78
C ARG K 75 10.65 -78.69 8.34
N ALA K 76 10.65 -77.56 7.63
CA ALA K 76 11.90 -76.95 7.16
C ALA K 76 12.34 -75.72 7.94
N LYS K 77 13.64 -75.67 8.23
CA LYS K 77 14.24 -74.56 8.95
C LYS K 77 14.32 -73.38 7.99
N ILE K 78 14.78 -73.63 6.75
CA ILE K 78 14.89 -72.60 5.73
C ILE K 78 14.02 -72.97 4.54
N VAL K 79 13.16 -72.04 4.11
CA VAL K 79 12.29 -72.27 2.96
C VAL K 79 12.72 -71.38 1.80
N ILE K 80 12.81 -71.94 0.59
CA ILE K 80 13.22 -71.15 -0.55
C ILE K 80 12.20 -71.18 -1.64
N ALA K 81 11.66 -70.01 -1.98
CA ALA K 81 10.69 -69.94 -3.07
C ALA K 81 11.55 -70.17 -4.31
N PHE K 82 11.49 -71.38 -4.84
CA PHE K 82 12.28 -71.76 -6.00
C PHE K 82 11.61 -71.34 -7.30
N GLY K 83 12.26 -70.43 -8.02
CA GLY K 83 11.77 -69.94 -9.30
C GLY K 83 10.74 -68.84 -9.25
N THR K 84 10.44 -68.28 -10.44
CA THR K 84 9.51 -67.19 -10.62
C THR K 84 8.08 -67.54 -10.24
N CYS K 85 7.64 -68.75 -10.46
CA CYS K 85 6.25 -69.07 -10.10
C CYS K 85 6.07 -69.01 -8.58
N ALA K 86 7.04 -69.56 -7.84
CA ALA K 86 6.97 -69.57 -6.37
C ALA K 86 7.22 -68.19 -5.78
N ALA K 87 8.12 -67.42 -6.39
CA ALA K 87 8.47 -66.09 -5.90
C ALA K 87 7.46 -65.01 -6.27
N PHE K 88 6.99 -64.99 -7.53
CA PHE K 88 6.07 -63.95 -7.96
C PHE K 88 4.72 -64.42 -8.48
N GLY K 89 4.57 -65.72 -8.73
CA GLY K 89 3.31 -66.26 -9.23
C GLY K 89 3.43 -66.94 -10.57
N GLY K 90 4.29 -66.41 -11.42
CA GLY K 90 4.54 -66.94 -12.75
C GLY K 90 3.41 -66.81 -13.74
N VAL K 91 3.59 -67.48 -14.90
CA VAL K 91 2.62 -67.49 -16.01
C VAL K 91 1.22 -67.93 -15.57
N PRO K 92 1.09 -69.01 -14.80
CA PRO K 92 -0.26 -69.41 -14.35
C PRO K 92 -1.02 -68.26 -13.74
N GLY K 93 -0.29 -67.32 -13.15
CA GLY K 93 -0.88 -66.14 -12.54
C GLY K 93 -1.88 -65.44 -13.44
N LEU K 94 -1.67 -65.50 -14.77
CA LEU K 94 -2.55 -64.86 -15.74
C LEU K 94 -4.00 -65.30 -15.58
N GLY K 95 -4.22 -66.49 -15.04
CA GLY K 95 -5.55 -67.02 -14.81
C GLY K 95 -6.33 -66.18 -13.82
N ASN K 96 -5.63 -65.24 -13.18
CA ASN K 96 -6.26 -64.33 -12.23
C ASN K 96 -7.11 -63.32 -12.96
N LEU K 97 -6.95 -63.24 -14.28
CA LEU K 97 -7.74 -62.33 -15.10
C LEU K 97 -9.14 -62.92 -15.34
N TYR K 98 -9.32 -64.21 -14.97
CA TYR K 98 -10.56 -64.95 -15.12
C TYR K 98 -10.94 -65.66 -13.84
N SER K 99 -12.25 -65.89 -13.63
CA SER K 99 -12.72 -66.59 -12.43
C SER K 99 -12.37 -68.06 -12.56
N ASN K 100 -12.28 -68.76 -11.44
CA ASN K 100 -11.94 -70.19 -11.49
C ASN K 100 -13.02 -70.92 -12.25
N ASP K 101 -14.28 -70.50 -12.09
CA ASP K 101 -15.35 -71.17 -12.81
C ASP K 101 -15.09 -71.05 -14.31
N GLU K 102 -14.66 -69.88 -14.79
CA GLU K 102 -14.38 -69.73 -16.22
C GLU K 102 -13.23 -70.66 -16.61
N LEU K 103 -12.14 -70.64 -15.82
CA LEU K 103 -10.97 -71.50 -16.09
C LEU K 103 -11.38 -72.97 -16.25
N LEU K 104 -12.19 -73.48 -15.33
CA LEU K 104 -12.63 -74.87 -15.34
C LEU K 104 -13.65 -75.19 -16.42
N ASP K 105 -14.61 -74.30 -16.69
CA ASP K 105 -15.62 -74.55 -17.72
C ASP K 105 -14.96 -74.67 -19.09
N LYS K 106 -13.92 -73.88 -19.34
CA LYS K 106 -13.25 -73.95 -20.62
C LYS K 106 -12.61 -75.32 -20.80
N ALA K 107 -11.75 -75.71 -19.89
CA ALA K 107 -11.04 -76.97 -19.93
C ALA K 107 -11.91 -78.22 -19.88
N TYR K 108 -13.08 -78.15 -19.23
CA TYR K 108 -13.94 -79.32 -19.10
C TYR K 108 -15.32 -79.19 -19.77
N LYS K 109 -15.60 -78.13 -20.55
CA LYS K 109 -16.91 -78.02 -21.22
C LYS K 109 -16.84 -77.37 -22.60
N THR K 110 -16.48 -76.09 -22.68
CA THR K 110 -16.47 -75.39 -23.97
C THR K 110 -15.38 -75.77 -24.97
N THR K 111 -14.34 -76.50 -24.57
CA THR K 111 -13.31 -76.87 -25.53
C THR K 111 -13.93 -77.63 -26.70
N ILE K 112 -13.56 -77.25 -27.92
CA ILE K 112 -14.10 -77.86 -29.14
C ILE K 112 -14.10 -79.38 -29.13
N THR K 113 -13.02 -80.03 -28.65
CA THR K 113 -12.93 -81.49 -28.62
C THR K 113 -13.48 -82.14 -27.37
N THR K 114 -14.03 -81.36 -26.45
CA THR K 114 -14.56 -81.95 -25.23
C THR K 114 -16.01 -82.37 -25.40
N LYS K 115 -16.33 -83.52 -24.83
CA LYS K 115 -17.67 -84.09 -24.85
C LYS K 115 -18.03 -84.38 -23.40
N ASN K 116 -18.79 -83.45 -22.82
CA ASN K 116 -19.26 -83.50 -21.44
C ASN K 116 -20.75 -83.19 -21.47
N ASP K 117 -21.57 -84.21 -21.72
CA ASP K 117 -23.02 -84.02 -21.79
C ASP K 117 -23.61 -83.68 -20.41
N ASP K 118 -23.06 -84.29 -19.36
CA ASP K 118 -23.53 -84.03 -18.00
C ASP K 118 -23.22 -82.59 -17.58
N GLY K 119 -22.13 -82.04 -18.07
CA GLY K 119 -21.71 -80.68 -17.72
C GLY K 119 -21.16 -80.63 -16.32
N ILE K 120 -20.32 -81.61 -15.98
CA ILE K 120 -19.73 -81.69 -14.64
C ILE K 120 -18.27 -81.29 -14.62
N ILE K 121 -17.82 -80.88 -13.44
CA ILE K 121 -16.45 -80.46 -13.20
C ILE K 121 -15.87 -81.41 -12.14
N PRO K 122 -14.67 -81.96 -12.37
CA PRO K 122 -14.10 -82.87 -11.37
C PRO K 122 -14.08 -82.28 -9.96
N ASN K 123 -14.69 -83.00 -9.01
CA ASN K 123 -14.76 -82.58 -7.61
C ASN K 123 -14.41 -83.72 -6.64
N GLU K 124 -14.39 -84.96 -7.12
CA GLU K 124 -14.09 -86.11 -6.28
C GLU K 124 -12.59 -86.38 -6.22
N GLU K 125 -12.05 -86.52 -4.99
CA GLU K 125 -10.62 -86.80 -4.77
C GLU K 125 -9.65 -85.70 -5.27
N VAL K 126 -10.15 -84.62 -5.89
CA VAL K 126 -9.28 -83.55 -6.37
C VAL K 126 -9.51 -82.30 -5.51
N PRO K 127 -8.45 -81.50 -5.29
CA PRO K 127 -8.62 -80.30 -4.46
C PRO K 127 -9.25 -79.13 -5.18
N GLU K 128 -9.87 -78.23 -4.42
CA GLU K 128 -10.50 -77.06 -5.02
C GLU K 128 -9.41 -76.07 -5.39
N LEU K 129 -9.68 -75.21 -6.36
CA LEU K 129 -8.73 -74.20 -6.79
C LEU K 129 -8.85 -73.04 -5.82
N VAL K 130 -7.74 -72.41 -5.41
CA VAL K 130 -7.86 -71.26 -4.49
C VAL K 130 -8.30 -70.04 -5.30
N SER K 131 -8.98 -69.08 -4.65
CA SER K 131 -9.49 -67.86 -5.29
C SER K 131 -8.57 -67.30 -6.38
N ARG K 132 -7.25 -67.26 -6.16
CA ARG K 132 -6.34 -66.74 -7.17
CA ARG K 132 -6.34 -66.74 -7.17
C ARG K 132 -4.96 -67.34 -6.98
N VAL K 133 -4.13 -67.28 -8.02
CA VAL K 133 -2.78 -67.81 -7.92
C VAL K 133 -2.07 -66.83 -6.98
N LYS K 134 -1.45 -67.33 -5.92
CA LYS K 134 -0.75 -66.49 -4.96
C LYS K 134 0.71 -66.89 -4.84
N PRO K 135 1.64 -65.93 -4.74
CA PRO K 135 3.05 -66.32 -4.56
C PRO K 135 3.20 -67.02 -3.21
N LEU K 136 4.26 -67.78 -3.06
CA LEU K 136 4.51 -68.52 -1.83
C LEU K 136 4.56 -67.62 -0.59
N SER K 137 5.26 -66.49 -0.68
CA SER K 137 5.36 -65.56 0.44
C SER K 137 4.00 -65.06 0.95
N GLU K 138 2.92 -65.21 0.17
CA GLU K 138 1.61 -64.76 0.60
C GLU K 138 0.92 -65.76 1.55
N VAL K 139 1.44 -66.98 1.64
CA VAL K 139 0.81 -67.96 2.53
C VAL K 139 1.77 -68.42 3.62
N ILE K 140 3.07 -68.47 3.34
CA ILE K 140 4.03 -68.89 4.36
C ILE K 140 5.23 -67.96 4.42
N GLU K 141 5.96 -68.04 5.53
CA GLU K 141 7.15 -67.22 5.69
C GLU K 141 8.20 -67.81 4.74
N VAL K 142 8.79 -66.97 3.89
CA VAL K 142 9.82 -67.40 2.94
C VAL K 142 11.12 -66.76 3.41
N ASP K 143 12.20 -67.53 3.49
CA ASP K 143 13.48 -67.00 3.96
C ASP K 143 14.30 -66.42 2.82
N TYR K 144 14.37 -67.13 1.71
CA TYR K 144 15.12 -66.66 0.54
C TYR K 144 14.39 -67.06 -0.72
N PHE K 145 14.80 -66.54 -1.88
CA PHE K 145 14.17 -66.90 -3.14
C PHE K 145 15.14 -66.81 -4.31
N ILE K 146 14.96 -67.68 -5.32
CA ILE K 146 15.82 -67.70 -6.50
C ILE K 146 14.95 -67.37 -7.69
N PRO K 147 15.01 -66.13 -8.19
CA PRO K 147 14.16 -65.74 -9.34
C PRO K 147 14.63 -66.31 -10.66
N GLY K 148 13.69 -66.49 -11.57
CA GLY K 148 14.00 -67.02 -12.89
C GLY K 148 12.97 -68.04 -13.31
N CYS K 149 12.63 -68.02 -14.59
CA CYS K 149 11.66 -68.95 -15.14
C CYS K 149 12.31 -69.79 -16.24
N PRO K 150 13.15 -70.75 -15.87
CA PRO K 150 13.59 -71.09 -14.52
C PRO K 150 14.92 -70.41 -14.21
N PRO K 151 15.40 -70.44 -12.95
CA PRO K 151 16.70 -69.82 -12.64
C PRO K 151 17.79 -70.60 -13.36
N ASN K 152 18.87 -69.95 -13.77
CA ASN K 152 19.90 -70.71 -14.45
C ASN K 152 20.56 -71.67 -13.47
N PRO K 153 21.02 -72.84 -13.94
CA PRO K 153 21.62 -73.83 -13.04
C PRO K 153 22.67 -73.31 -12.06
N GLU K 154 23.67 -72.61 -12.59
CA GLU K 154 24.76 -72.06 -11.77
C GLU K 154 24.23 -71.17 -10.64
N MET K 155 23.16 -70.43 -10.88
CA MET K 155 22.60 -69.58 -9.83
C MET K 155 22.01 -70.45 -8.73
N ILE K 156 21.41 -71.58 -9.11
CA ILE K 156 20.80 -72.46 -8.12
C ILE K 156 21.88 -73.09 -7.27
N ALA K 157 23.04 -73.38 -7.87
CA ALA K 157 24.13 -73.98 -7.13
C ALA K 157 24.65 -72.95 -6.12
N GLU K 158 24.93 -71.74 -6.61
CA GLU K 158 25.44 -70.66 -5.78
C GLU K 158 24.61 -70.48 -4.52
N VAL K 159 23.29 -70.40 -4.65
CA VAL K 159 22.41 -70.21 -3.50
C VAL K 159 22.49 -71.38 -2.52
N VAL K 160 22.39 -72.60 -3.03
CA VAL K 160 22.45 -73.78 -2.18
C VAL K 160 23.82 -73.87 -1.52
N LYS K 161 24.88 -73.65 -2.30
CA LYS K 161 26.27 -73.68 -1.83
C LYS K 161 26.49 -72.72 -0.67
N ALA K 162 25.93 -71.52 -0.76
CA ALA K 162 26.08 -70.51 0.29
C ALA K 162 25.47 -71.00 1.59
N LEU K 163 24.27 -71.57 1.53
CA LEU K 163 23.59 -72.07 2.72
C LEU K 163 24.35 -73.22 3.36
N LEU K 164 24.94 -74.10 2.55
CA LEU K 164 25.71 -75.24 3.07
C LEU K 164 26.95 -74.74 3.81
N GLU K 165 27.56 -73.67 3.28
CA GLU K 165 28.76 -73.08 3.87
C GLU K 165 28.43 -72.33 5.15
N GLY K 166 27.19 -71.87 5.27
CA GLY K 166 26.74 -71.12 6.44
C GLY K 166 26.59 -69.65 6.12
N LYS K 167 26.95 -69.26 4.89
CA LYS K 167 26.86 -67.88 4.45
C LYS K 167 25.45 -67.54 4.00
N GLU K 168 25.20 -66.25 3.79
CA GLU K 168 23.90 -65.76 3.35
C GLU K 168 23.92 -65.60 1.84
N PRO K 169 22.95 -66.16 1.12
CA PRO K 169 22.95 -66.02 -0.35
C PRO K 169 22.61 -64.62 -0.82
N GLU K 170 23.38 -64.11 -1.81
CA GLU K 170 23.17 -62.78 -2.36
C GLU K 170 22.86 -62.84 -3.85
N LEU K 171 21.70 -62.31 -4.25
CA LEU K 171 21.27 -62.30 -5.63
C LEU K 171 21.78 -61.07 -6.37
N PRO K 172 21.95 -61.15 -7.71
CA PRO K 172 22.39 -59.95 -8.43
C PRO K 172 21.34 -58.86 -8.30
N LYS K 173 21.78 -57.60 -8.20
CA LYS K 173 20.87 -56.47 -8.02
C LYS K 173 20.60 -55.60 -9.25
N LYS K 174 21.51 -55.59 -10.23
CA LYS K 174 21.30 -54.75 -11.42
C LYS K 174 20.18 -55.24 -12.32
N ASN K 175 19.80 -54.39 -13.30
CA ASN K 175 18.78 -54.76 -14.26
C ASN K 175 19.51 -55.34 -15.46
N LEU K 176 18.80 -56.09 -16.29
CA LEU K 176 19.33 -56.83 -17.44
C LEU K 176 20.25 -56.11 -18.45
N CYS K 177 20.02 -54.84 -18.76
CA CYS K 177 20.87 -54.14 -19.75
C CYS K 177 22.37 -54.34 -19.50
N GLU K 178 22.78 -54.47 -18.24
CA GLU K 178 24.19 -54.65 -17.89
C GLU K 178 24.77 -55.85 -18.63
N GLU K 179 24.17 -57.04 -18.44
CA GLU K 179 24.63 -58.28 -19.10
C GLU K 179 24.37 -58.18 -20.60
N CYS K 180 23.28 -57.49 -20.98
CA CYS K 180 22.95 -57.36 -22.39
C CYS K 180 24.09 -56.73 -23.21
N ALA K 181 24.43 -57.36 -24.33
CA ALA K 181 25.50 -56.92 -25.23
C ALA K 181 25.04 -55.92 -26.28
N ARG K 182 23.72 -55.70 -26.44
CA ARG K 182 23.25 -54.76 -27.45
C ARG K 182 23.73 -53.34 -27.20
N LYS K 183 24.09 -52.65 -28.29
CA LYS K 183 24.61 -51.28 -28.26
C LYS K 183 23.55 -50.25 -27.82
N LYS K 184 23.88 -49.42 -26.82
CA LYS K 184 22.99 -48.38 -26.30
C LYS K 184 23.44 -47.02 -26.83
N SER K 185 22.48 -46.13 -27.11
CA SER K 185 22.82 -44.80 -27.61
C SER K 185 23.39 -44.01 -26.43
N GLU K 186 24.52 -43.32 -26.66
CA GLU K 186 25.17 -42.52 -25.61
C GLU K 186 24.25 -41.41 -25.10
N GLU K 187 23.46 -40.81 -26.01
CA GLU K 187 22.51 -39.73 -25.71
C GLU K 187 21.35 -40.17 -24.79
N GLY K 188 21.09 -41.47 -24.74
CA GLY K 188 20.01 -42.00 -23.92
C GLY K 188 18.99 -42.71 -24.79
N VAL K 189 17.97 -43.31 -24.16
CA VAL K 189 16.96 -44.02 -24.92
C VAL K 189 15.85 -43.09 -25.41
N ALA K 190 15.38 -43.35 -26.64
CA ALA K 190 14.31 -42.59 -27.27
C ALA K 190 13.47 -43.56 -28.11
N ILE K 191 12.16 -43.60 -27.88
CA ILE K 191 11.28 -44.50 -28.62
C ILE K 191 10.36 -43.70 -29.52
N GLU K 192 10.24 -44.10 -30.79
CA GLU K 192 9.40 -43.41 -31.77
C GLU K 192 8.05 -44.08 -31.91
N THR K 193 8.03 -45.36 -32.30
CA THR K 193 6.79 -46.11 -32.49
C THR K 193 6.91 -47.49 -31.87
N ILE K 194 5.81 -47.99 -31.29
CA ILE K 194 5.79 -49.32 -30.68
C ILE K 194 5.38 -50.36 -31.72
N LYS K 195 6.27 -51.33 -31.99
CA LYS K 195 6.02 -52.38 -32.96
C LYS K 195 5.83 -53.73 -32.28
N ARG K 196 4.94 -54.58 -32.80
CA ARG K 196 4.73 -55.92 -32.21
C ARG K 196 5.89 -56.80 -32.65
N ASN K 197 6.19 -57.85 -31.89
CA ASN K 197 7.31 -58.74 -32.20
C ASN K 197 7.38 -59.23 -33.66
N TYR K 198 6.26 -59.21 -34.39
CA TYR K 198 6.25 -59.66 -35.79
C TYR K 198 6.42 -58.48 -36.74
N GLU K 199 6.07 -57.27 -36.29
CA GLU K 199 6.20 -56.09 -37.13
C GLU K 199 7.67 -55.74 -37.31
N GLY K 200 8.18 -55.98 -38.51
CA GLY K 200 9.57 -55.65 -38.83
C GLY K 200 10.60 -56.75 -38.74
N ASN K 201 11.86 -56.35 -38.99
CA ASN K 201 13.08 -57.16 -38.99
C ASN K 201 14.04 -56.42 -38.08
N PRO K 202 14.22 -56.85 -36.82
CA PRO K 202 15.12 -56.09 -35.95
C PRO K 202 16.59 -56.10 -36.31
N ASP K 203 17.29 -55.02 -35.93
CA ASP K 203 18.72 -54.90 -36.17
C ASP K 203 19.39 -55.69 -35.06
N PRO K 204 20.36 -56.57 -35.37
CA PRO K 204 20.99 -57.36 -34.30
C PRO K 204 21.89 -56.61 -33.33
N GLU K 205 22.35 -55.41 -33.69
CA GLU K 205 23.26 -54.64 -32.83
C GLU K 205 22.59 -53.63 -31.91
N LYS K 206 21.63 -52.87 -32.43
CA LYS K 206 20.97 -51.83 -31.64
C LYS K 206 20.04 -52.38 -30.56
N CYS K 207 19.86 -51.61 -29.45
CA CYS K 207 18.98 -51.99 -28.35
C CYS K 207 17.57 -52.16 -28.89
N LEU K 208 16.91 -53.25 -28.49
CA LEU K 208 15.55 -53.55 -28.94
C LEU K 208 14.50 -52.56 -28.44
N LEU K 209 14.72 -51.95 -27.27
CA LEU K 209 13.75 -50.99 -26.76
C LEU K 209 13.78 -49.75 -27.65
N GLU K 210 14.98 -49.27 -28.00
CA GLU K 210 15.16 -48.10 -28.86
C GLU K 210 14.55 -48.34 -30.24
N GLN K 211 14.49 -49.61 -30.68
CA GLN K 211 13.92 -49.97 -31.98
C GLN K 211 12.39 -49.98 -31.95
N GLY K 212 11.79 -49.85 -30.77
CA GLY K 212 10.34 -49.84 -30.64
C GLY K 212 9.70 -51.13 -30.19
N TYR K 213 10.48 -52.07 -29.65
CA TYR K 213 9.93 -53.34 -29.19
C TYR K 213 9.91 -53.33 -27.67
N ILE K 214 8.81 -53.74 -27.03
CA ILE K 214 8.69 -53.76 -25.57
C ILE K 214 9.62 -54.81 -24.98
N CYS K 215 10.81 -54.38 -24.55
CA CYS K 215 11.83 -55.26 -23.95
C CYS K 215 11.79 -55.06 -22.46
N LEU K 216 11.56 -56.10 -21.67
CA LEU K 216 11.47 -55.94 -20.22
C LEU K 216 12.81 -55.99 -19.51
N GLY K 217 13.90 -56.09 -20.25
CA GLY K 217 15.21 -56.12 -19.62
C GLY K 217 15.45 -54.98 -18.67
N ILE K 218 14.89 -53.81 -19.01
CA ILE K 218 15.04 -52.59 -18.23
C ILE K 218 14.37 -52.71 -16.86
N ALA K 219 13.26 -53.46 -16.79
CA ALA K 219 12.53 -53.66 -15.54
C ALA K 219 12.75 -55.07 -15.01
N THR K 220 13.82 -55.75 -15.45
CA THR K 220 14.06 -57.12 -15.00
C THR K 220 15.45 -57.30 -14.42
N ARG K 221 15.52 -58.10 -13.34
CA ARG K 221 16.75 -58.40 -12.63
C ARG K 221 17.69 -59.20 -13.53
N GLU K 222 18.97 -58.87 -13.51
CA GLU K 222 19.96 -59.58 -14.33
C GLU K 222 20.23 -60.97 -13.70
N GLY K 223 21.12 -61.72 -14.32
CA GLY K 223 21.49 -63.05 -13.86
C GLY K 223 21.46 -64.11 -14.94
N CYS K 224 20.44 -64.06 -15.80
CA CYS K 224 20.26 -65.02 -16.89
C CYS K 224 21.27 -64.91 -18.03
N GLY K 225 21.92 -63.77 -18.18
CA GLY K 225 22.87 -63.58 -19.28
C GLY K 225 22.20 -62.97 -20.49
N ALA K 226 20.95 -62.49 -20.33
CA ALA K 226 20.16 -61.86 -21.40
C ALA K 226 20.18 -62.68 -22.68
N PRO K 227 19.67 -63.92 -22.63
CA PRO K 227 19.69 -64.75 -23.85
C PRO K 227 18.67 -64.32 -24.90
N CYS K 228 17.56 -63.73 -24.48
CA CYS K 228 16.51 -63.33 -25.42
C CYS K 228 16.96 -62.24 -26.39
N PRO K 229 17.46 -61.08 -25.94
CA PRO K 229 17.93 -60.06 -26.88
C PRO K 229 19.13 -60.56 -27.67
N SER K 230 19.96 -61.43 -27.07
CA SER K 230 21.12 -61.94 -27.76
C SER K 230 20.67 -62.84 -28.91
N SER K 231 19.47 -63.45 -28.76
CA SER K 231 18.91 -64.35 -29.77
C SER K 231 18.00 -63.65 -30.78
N GLY K 232 17.72 -62.37 -30.58
CA GLY K 232 16.88 -61.60 -31.50
C GLY K 232 15.46 -61.31 -31.08
N VAL K 233 15.14 -61.45 -29.79
CA VAL K 233 13.78 -61.18 -29.32
C VAL K 233 13.82 -60.35 -28.05
N PRO K 234 12.76 -59.61 -27.74
CA PRO K 234 12.79 -58.82 -26.51
C PRO K 234 12.73 -59.71 -25.28
N CYS K 235 13.20 -59.18 -24.16
CA CYS K 235 13.16 -59.87 -22.89
C CYS K 235 11.71 -59.79 -22.47
N SER K 236 11.18 -60.85 -21.87
CA SER K 236 9.79 -60.87 -21.45
C SER K 236 9.67 -60.69 -19.94
N GLY K 237 10.80 -60.43 -19.29
CA GLY K 237 10.87 -60.22 -17.86
C GLY K 237 10.64 -61.45 -17.01
N CYS K 238 11.14 -62.60 -17.45
CA CYS K 238 10.96 -63.88 -16.75
C CYS K 238 11.62 -63.91 -15.37
N SER K 239 12.68 -63.12 -15.16
CA SER K 239 13.37 -63.10 -13.86
C SER K 239 12.66 -62.23 -12.82
N GLY K 240 11.70 -61.41 -13.24
CA GLY K 240 11.01 -60.53 -12.30
C GLY K 240 11.81 -59.27 -12.01
N PRO K 241 11.30 -58.43 -11.11
CA PRO K 241 12.01 -57.18 -10.82
C PRO K 241 13.18 -57.27 -9.86
N THR K 242 13.84 -56.12 -9.66
CA THR K 242 14.99 -55.97 -8.76
C THR K 242 14.51 -55.82 -7.32
N ASP K 243 15.44 -55.84 -6.37
CA ASP K 243 15.09 -55.71 -4.95
C ASP K 243 14.42 -54.40 -4.61
N ALA K 244 14.64 -53.36 -5.43
CA ALA K 244 14.05 -52.05 -5.19
C ALA K 244 12.73 -51.84 -5.93
N VAL K 245 12.19 -52.88 -6.59
CA VAL K 245 10.93 -52.72 -7.32
C VAL K 245 9.95 -53.80 -6.90
N VAL K 246 8.79 -53.38 -6.38
CA VAL K 246 7.75 -54.28 -5.91
C VAL K 246 6.90 -54.81 -7.07
N ASP K 247 6.43 -53.89 -7.95
CA ASP K 247 5.58 -54.21 -9.12
C ASP K 247 6.32 -53.96 -10.44
N GLN K 248 6.69 -55.03 -11.12
CA GLN K 248 7.44 -54.98 -12.38
C GLN K 248 6.70 -54.34 -13.52
N GLY K 249 5.43 -54.66 -13.68
CA GLY K 249 4.65 -54.11 -14.77
C GLY K 249 4.48 -52.62 -14.68
N ALA K 250 4.16 -52.14 -13.49
CA ALA K 250 3.95 -50.70 -13.25
C ALA K 250 5.20 -49.93 -13.62
N LYS K 251 6.35 -50.40 -13.16
CA LYS K 251 7.62 -49.76 -13.46
C LYS K 251 7.97 -49.85 -14.93
N MET K 252 7.68 -51.00 -15.57
CA MET K 252 7.99 -51.15 -16.98
C MET K 252 7.20 -50.14 -17.79
N ILE K 253 5.94 -49.92 -17.41
CA ILE K 253 5.11 -48.95 -18.11
C ILE K 253 5.70 -47.55 -17.93
N SER K 254 5.86 -47.13 -16.66
CA SER K 254 6.42 -45.83 -16.34
C SER K 254 7.58 -45.50 -17.28
N ALA K 255 8.51 -46.45 -17.40
CA ALA K 255 9.69 -46.30 -18.25
C ALA K 255 9.31 -46.16 -19.71
N LEU K 256 8.48 -47.07 -20.19
CA LEU K 256 8.04 -47.05 -21.59
C LEU K 256 7.38 -45.73 -21.97
N CYS K 257 6.48 -45.21 -21.12
CA CYS K 257 5.78 -43.96 -21.38
C CYS K 257 6.73 -42.77 -21.38
N SER K 258 7.62 -42.73 -20.40
CA SER K 258 8.58 -41.64 -20.25
C SER K 258 9.37 -41.35 -21.52
N ASP K 259 9.94 -42.40 -22.12
CA ASP K 259 10.78 -42.25 -23.32
C ASP K 259 10.01 -42.27 -24.65
N PHE K 260 8.73 -42.63 -24.65
CA PHE K 260 7.99 -42.65 -25.90
C PHE K 260 7.76 -41.22 -26.42
N GLY K 261 8.33 -40.92 -27.58
CA GLY K 261 8.22 -39.60 -28.20
C GLY K 261 8.96 -38.53 -27.42
N ILE K 262 10.05 -38.89 -26.75
CA ILE K 262 10.83 -37.94 -25.97
C ILE K 262 11.48 -36.87 -26.87
N ASP K 263 11.87 -37.23 -28.11
CA ASP K 263 12.48 -36.25 -29.01
C ASP K 263 11.43 -35.24 -29.53
N ASN K 264 10.16 -35.44 -29.15
CA ASN K 264 9.04 -34.56 -29.50
C ASN K 264 8.18 -34.51 -28.23
N ASP K 265 8.85 -34.56 -27.09
CA ASP K 265 8.27 -34.57 -25.75
C ASP K 265 7.06 -33.68 -25.52
N ARG K 266 7.13 -32.42 -25.90
CA ARG K 266 6.01 -31.51 -25.66
C ARG K 266 4.86 -31.65 -26.64
N ASP K 267 5.10 -32.12 -27.86
CA ASP K 267 4.05 -32.22 -28.86
C ASP K 267 3.68 -33.63 -29.31
N VAL K 268 4.28 -34.67 -28.73
CA VAL K 268 3.92 -36.03 -29.12
C VAL K 268 2.54 -36.36 -28.55
N ASP K 269 1.74 -37.12 -29.30
CA ASP K 269 0.40 -37.49 -28.85
C ASP K 269 0.49 -38.56 -27.77
N PRO K 270 -0.09 -38.35 -26.58
CA PRO K 270 -0.02 -39.36 -25.53
C PRO K 270 -0.97 -40.55 -25.75
N MET K 271 -1.88 -40.45 -26.72
CA MET K 271 -2.84 -41.51 -27.01
C MET K 271 -2.28 -42.53 -28.00
N ILE K 272 -1.09 -42.30 -28.56
CA ILE K 272 -0.51 -43.26 -29.52
C ILE K 272 -0.16 -44.57 -28.81
N LEU K 273 0.46 -44.48 -27.63
CA LEU K 273 0.89 -45.66 -26.88
C LEU K 273 -0.25 -46.57 -26.43
N PRO K 274 -1.29 -46.08 -25.73
CA PRO K 274 -2.36 -46.99 -25.31
C PRO K 274 -3.12 -47.61 -26.48
N LYS K 275 -3.26 -46.88 -27.58
CA LYS K 275 -3.96 -47.40 -28.74
C LYS K 275 -3.11 -48.46 -29.43
N SER K 276 -1.78 -48.29 -29.38
CA SER K 276 -0.87 -49.25 -30.01
C SER K 276 -0.83 -50.60 -29.30
N ILE K 277 -0.77 -50.59 -27.97
CA ILE K 277 -0.73 -51.83 -27.18
C ILE K 277 -2.14 -52.32 -26.91
N LYS K 278 -2.55 -53.40 -27.61
CA LYS K 278 -3.90 -53.95 -27.45
C LYS K 278 -4.02 -54.74 -26.16
N ASP K 279 -2.99 -55.50 -25.78
CA ASP K 279 -3.01 -56.30 -24.55
C ASP K 279 -1.92 -55.85 -23.58
N LYS K 280 -2.26 -54.91 -22.71
CA LYS K 280 -1.32 -54.36 -21.73
C LYS K 280 -0.89 -55.34 -20.63
N ILE K 281 -1.84 -56.04 -20.01
CA ILE K 281 -1.49 -56.95 -18.93
C ILE K 281 -0.53 -58.03 -19.40
N GLY K 282 -0.85 -58.67 -20.50
CA GLY K 282 0.00 -59.72 -21.05
C GLY K 282 1.32 -59.21 -21.61
N SER K 283 1.50 -57.88 -21.70
CA SER K 283 2.77 -57.33 -22.22
C SER K 283 3.72 -56.99 -21.07
N PHE K 284 3.18 -56.62 -19.89
CA PHE K 284 3.99 -56.25 -18.74
C PHE K 284 3.87 -57.13 -17.49
N TYR K 285 2.81 -57.94 -17.37
CA TYR K 285 2.64 -58.81 -16.19
C TYR K 285 2.60 -60.28 -16.57
N LYS K 286 3.45 -60.69 -17.54
CA LYS K 286 3.48 -62.09 -18.00
C LYS K 286 3.82 -63.09 -16.89
N PHE K 287 4.84 -62.79 -16.08
CA PHE K 287 5.31 -63.68 -15.02
C PHE K 287 5.09 -63.13 -13.63
N THR K 288 4.47 -61.96 -13.47
CA THR K 288 4.34 -61.38 -12.14
C THR K 288 2.98 -60.84 -11.76
N LEU K 289 1.92 -61.17 -12.50
CA LEU K 289 0.61 -60.64 -12.14
C LEU K 289 0.23 -60.91 -10.68
N PRO K 290 0.42 -62.12 -10.16
CA PRO K 290 0.02 -62.39 -8.76
C PRO K 290 0.77 -61.60 -7.69
N SER K 291 1.96 -61.08 -8.02
CA SER K 291 2.73 -60.31 -7.06
C SER K 291 2.47 -58.80 -7.20
N ALA K 292 1.73 -58.39 -8.24
CA ALA K 292 1.39 -56.99 -8.50
C ALA K 292 0.47 -56.43 -7.44
N PHE K 293 0.37 -55.10 -7.40
CA PHE K 293 -0.50 -54.44 -6.42
C PHE K 293 -1.94 -54.86 -6.73
N VAL K 294 -2.32 -54.88 -8.03
CA VAL K 294 -3.65 -55.29 -8.49
C VAL K 294 -3.40 -56.60 -9.22
N PRO K 295 -3.48 -57.73 -8.51
CA PRO K 295 -3.17 -59.02 -9.14
C PRO K 295 -4.34 -59.79 -9.73
N ILE K 296 -5.51 -59.17 -9.89
CA ILE K 296 -6.65 -59.88 -10.45
C ILE K 296 -7.49 -58.95 -11.30
N ARG K 297 -8.44 -59.51 -12.05
CA ARG K 297 -9.36 -58.70 -12.83
C ARG K 297 -10.65 -58.86 -12.07
N LEU K 298 -11.33 -57.77 -11.76
CA LEU K 298 -12.57 -57.85 -11.00
C LEU K 298 -13.77 -58.27 -11.85
N VAL L 2 -12.08 -100.73 3.61
CA VAL L 2 -10.64 -100.46 3.53
C VAL L 2 -10.36 -99.59 2.30
N LYS L 3 -9.53 -98.55 2.48
CA LYS L 3 -9.17 -97.63 1.41
C LYS L 3 -7.73 -97.18 1.50
N LEU L 4 -6.94 -97.50 0.49
CA LEU L 4 -5.53 -97.14 0.44
C LEU L 4 -5.33 -96.10 -0.62
N SER L 5 -4.26 -95.30 -0.48
CA SER L 5 -3.96 -94.28 -1.47
C SER L 5 -2.48 -94.14 -1.68
N VAL L 6 -2.06 -94.06 -2.94
CA VAL L 6 -0.67 -93.88 -3.30
C VAL L 6 -0.55 -92.40 -3.67
N GLU L 7 -0.28 -91.52 -2.69
CA GLU L 7 -0.16 -90.10 -2.98
C GLU L 7 1.05 -89.49 -2.30
N PRO L 8 1.90 -88.83 -3.08
CA PRO L 8 1.78 -88.64 -4.53
C PRO L 8 2.48 -89.76 -5.27
N VAL L 9 2.18 -89.93 -6.56
CA VAL L 9 2.84 -90.93 -7.38
C VAL L 9 4.19 -90.26 -7.61
N THR L 10 5.31 -90.97 -7.51
CA THR L 10 6.60 -90.34 -7.70
C THR L 10 7.30 -90.74 -8.97
N ARG L 11 8.32 -89.97 -9.33
CA ARG L 11 9.11 -90.19 -10.53
C ARG L 11 8.26 -90.07 -11.78
N VAL L 12 7.44 -89.02 -11.78
CA VAL L 12 6.54 -88.64 -12.87
C VAL L 12 6.45 -87.12 -12.80
N GLU L 13 6.28 -86.46 -13.93
CA GLU L 13 6.15 -85.02 -13.90
C GLU L 13 4.70 -84.68 -13.53
N GLY L 14 4.52 -83.81 -12.56
CA GLY L 14 3.19 -83.39 -12.13
C GLY L 14 2.64 -84.14 -10.95
N HIS L 15 1.42 -83.76 -10.51
CA HIS L 15 0.74 -84.35 -9.36
C HIS L 15 -0.27 -85.40 -9.76
N GLY L 16 -0.14 -86.59 -9.20
CA GLY L 16 -1.05 -87.69 -9.48
C GLY L 16 -1.14 -88.65 -8.31
N LYS L 17 -2.24 -89.39 -8.21
CA LYS L 17 -2.39 -90.35 -7.14
C LYS L 17 -3.20 -91.55 -7.62
N ILE L 18 -3.02 -92.67 -6.93
CA ILE L 18 -3.72 -93.91 -7.27
C ILE L 18 -4.46 -94.35 -6.04
N SER L 19 -5.78 -94.56 -6.15
CA SER L 19 -6.62 -95.00 -5.04
C SER L 19 -6.99 -96.46 -5.21
N VAL L 20 -6.89 -97.24 -4.14
CA VAL L 20 -7.23 -98.67 -4.17
C VAL L 20 -8.22 -98.93 -3.05
N SER L 21 -9.49 -99.13 -3.39
CA SER L 21 -10.52 -99.38 -2.38
C SER L 21 -10.95 -100.83 -2.35
N PHE L 22 -11.55 -101.25 -1.22
CA PHE L 22 -12.03 -102.62 -1.04
C PHE L 22 -13.43 -102.61 -0.45
N ASP L 23 -14.19 -103.67 -0.71
CA ASP L 23 -15.53 -103.78 -0.15
C ASP L 23 -15.44 -104.38 1.24
N ASP L 24 -16.57 -104.56 1.91
CA ASP L 24 -16.59 -105.12 3.26
C ASP L 24 -16.06 -106.56 3.32
N SER L 25 -16.22 -107.31 2.23
CA SER L 25 -15.77 -108.70 2.18
C SER L 25 -14.26 -108.83 1.97
N GLY L 26 -13.57 -107.72 1.76
CA GLY L 26 -12.12 -107.72 1.55
C GLY L 26 -11.72 -107.89 0.10
N ASN L 27 -12.70 -107.84 -0.82
CA ASN L 27 -12.40 -108.00 -2.24
C ASN L 27 -12.07 -106.65 -2.87
N LEU L 28 -11.23 -106.68 -3.92
CA LEU L 28 -10.80 -105.49 -4.65
C LEU L 28 -12.04 -104.83 -5.26
N ASP L 29 -12.32 -103.58 -4.88
CA ASP L 29 -13.50 -102.85 -5.34
C ASP L 29 -13.24 -101.85 -6.48
N LYS L 30 -12.51 -100.76 -6.21
CA LYS L 30 -12.24 -99.75 -7.24
C LYS L 30 -10.79 -99.30 -7.24
N VAL L 31 -10.17 -99.27 -8.43
CA VAL L 31 -8.80 -98.83 -8.60
C VAL L 31 -8.83 -97.72 -9.63
N ARG L 32 -8.52 -96.49 -9.20
CA ARG L 32 -8.52 -95.34 -10.09
C ARG L 32 -7.21 -94.57 -10.09
N PHE L 33 -6.98 -93.84 -11.18
CA PHE L 33 -5.78 -93.00 -11.34
C PHE L 33 -6.29 -91.55 -11.35
N HIS L 34 -5.86 -90.74 -10.38
CA HIS L 34 -6.31 -89.35 -10.29
C HIS L 34 -5.20 -88.35 -10.52
N VAL L 35 -5.52 -87.30 -11.25
CA VAL L 35 -4.59 -86.20 -11.51
C VAL L 35 -5.20 -85.05 -10.71
N VAL L 36 -4.49 -84.54 -9.70
CA VAL L 36 -5.00 -83.50 -8.81
C VAL L 36 -4.54 -82.07 -9.13
N GLU L 37 -4.16 -81.78 -10.39
CA GLU L 37 -3.68 -80.45 -10.75
C GLU L 37 -4.25 -79.96 -12.07
N VAL L 38 -4.50 -78.65 -12.15
CA VAL L 38 -4.99 -77.97 -13.35
C VAL L 38 -4.67 -76.48 -13.23
N ARG L 39 -4.18 -75.85 -14.31
CA ARG L 39 -3.87 -74.44 -14.30
C ARG L 39 -4.76 -73.61 -15.22
N GLY L 40 -5.37 -74.25 -16.20
CA GLY L 40 -6.28 -73.59 -17.13
C GLY L 40 -5.67 -72.59 -18.10
N PHE L 41 -4.70 -73.03 -18.90
CA PHE L 41 -4.07 -72.17 -19.90
C PHE L 41 -5.05 -71.86 -21.02
N GLU L 42 -5.80 -72.86 -21.45
CA GLU L 42 -6.75 -72.69 -22.54
C GLU L 42 -7.64 -71.48 -22.38
N LYS L 43 -7.90 -71.06 -21.14
CA LYS L 43 -8.77 -69.89 -20.93
C LYS L 43 -7.97 -68.61 -20.77
N PHE L 44 -6.92 -68.60 -19.96
CA PHE L 44 -6.19 -67.36 -19.79
C PHE L 44 -5.43 -66.94 -21.03
N LEU L 45 -5.19 -67.85 -21.98
CA LEU L 45 -4.53 -67.45 -23.22
C LEU L 45 -5.44 -66.45 -23.94
N GLU L 46 -6.77 -66.51 -23.69
CA GLU L 46 -7.72 -65.59 -24.33
C GLU L 46 -7.39 -64.16 -23.97
N GLY L 47 -7.41 -63.28 -24.96
CA GLY L 47 -7.11 -61.86 -24.76
C GLY L 47 -5.64 -61.54 -24.95
N ARG L 48 -4.78 -62.56 -24.94
CA ARG L 48 -3.35 -62.32 -25.13
C ARG L 48 -3.04 -62.13 -26.60
N TYR L 49 -1.83 -61.68 -26.92
CA TYR L 49 -1.39 -61.52 -28.30
C TYR L 49 -1.11 -62.93 -28.84
N VAL L 50 -1.52 -63.23 -30.06
CA VAL L 50 -1.27 -64.56 -30.61
C VAL L 50 0.22 -64.83 -30.78
N GLU L 51 1.01 -63.82 -31.18
CA GLU L 51 2.46 -64.00 -31.36
C GLU L 51 3.18 -64.27 -30.03
N ASP L 52 2.48 -64.11 -28.90
CA ASP L 52 3.06 -64.36 -27.58
C ASP L 52 2.77 -65.78 -27.11
N ALA L 53 1.94 -66.54 -27.86
CA ALA L 53 1.61 -67.92 -27.47
C ALA L 53 2.87 -68.77 -27.28
N PRO L 54 3.87 -68.68 -28.18
CA PRO L 54 5.09 -69.48 -28.00
C PRO L 54 5.93 -69.05 -26.80
N ILE L 55 5.47 -68.02 -26.05
CA ILE L 55 6.17 -67.55 -24.86
C ILE L 55 5.46 -68.14 -23.63
N TYR L 56 4.10 -68.20 -23.67
CA TYR L 56 3.29 -68.77 -22.58
C TYR L 56 3.17 -70.30 -22.57
N THR L 57 2.90 -70.92 -23.72
CA THR L 57 2.72 -72.38 -23.76
C THR L 57 3.93 -73.16 -23.24
N PRO L 58 5.18 -72.77 -23.53
CA PRO L 58 6.31 -73.53 -22.99
C PRO L 58 6.19 -73.68 -21.48
N ARG L 59 5.57 -72.71 -20.81
CA ARG L 59 5.41 -72.73 -19.36
C ARG L 59 4.39 -73.75 -18.88
N ILE L 60 3.90 -74.60 -19.81
CA ILE L 60 2.95 -75.65 -19.47
C ILE L 60 3.74 -76.78 -18.79
N CYS L 61 4.96 -77.04 -19.26
CA CYS L 61 5.81 -78.07 -18.68
C CYS L 61 7.29 -77.75 -18.90
N GLY L 62 8.09 -78.01 -17.89
CA GLY L 62 9.53 -77.74 -17.93
C GLY L 62 10.37 -78.78 -18.65
N ILE L 63 9.78 -79.91 -19.00
CA ILE L 63 10.51 -80.97 -19.68
C ILE L 63 10.37 -80.90 -21.19
N CYS L 64 9.15 -80.62 -21.66
CA CYS L 64 8.87 -80.58 -23.09
C CYS L 64 8.53 -79.20 -23.59
N GLN L 65 9.10 -78.19 -22.96
CA GLN L 65 8.79 -76.81 -23.35
C GLN L 65 9.07 -76.56 -24.83
N VAL L 66 10.11 -77.19 -25.39
CA VAL L 66 10.45 -76.99 -26.80
C VAL L 66 9.26 -77.37 -27.67
N ALA L 67 8.65 -78.52 -27.38
CA ALA L 67 7.51 -79.00 -28.15
C ALA L 67 6.35 -78.01 -28.19
N HIS L 68 6.08 -77.30 -27.08
CA HIS L 68 5.00 -76.32 -27.03
C HIS L 68 5.40 -75.05 -27.80
N HIS L 69 6.69 -74.70 -27.75
CA HIS L 69 7.20 -73.49 -28.42
C HIS L 69 6.98 -73.61 -29.91
N LEU L 70 7.38 -74.74 -30.46
CA LEU L 70 7.25 -75.00 -31.88
C LEU L 70 5.79 -75.21 -32.25
N ALA L 71 5.06 -75.99 -31.44
CA ALA L 71 3.65 -76.24 -31.70
C ALA L 71 2.91 -74.92 -31.83
N SER L 72 3.17 -73.97 -30.92
CA SER L 72 2.51 -72.68 -30.99
C SER L 72 3.01 -71.93 -32.19
N ALA L 73 4.33 -71.94 -32.41
CA ALA L 73 4.91 -71.25 -33.54
C ALA L 73 4.20 -71.67 -34.81
N LYS L 74 4.03 -72.99 -35.02
CA LYS L 74 3.34 -73.50 -36.20
C LYS L 74 1.92 -72.96 -36.27
N ALA L 75 1.24 -72.90 -35.12
CA ALA L 75 -0.13 -72.40 -35.05
C ALA L 75 -0.16 -70.93 -35.43
N VAL L 76 0.74 -70.15 -34.85
CA VAL L 76 0.83 -68.72 -35.14
C VAL L 76 1.12 -68.55 -36.63
N ASP L 77 1.99 -69.38 -37.20
CA ASP L 77 2.31 -69.29 -38.63
C ASP L 77 1.07 -69.61 -39.50
N ASN L 78 0.06 -70.28 -38.94
CA ASN L 78 -1.16 -70.60 -39.67
C ASN L 78 -2.22 -69.52 -39.42
N VAL L 79 -2.08 -68.75 -38.32
CA VAL L 79 -3.02 -67.66 -38.02
C VAL L 79 -2.76 -66.63 -39.10
N PHE L 80 -1.50 -66.21 -39.26
CA PHE L 80 -1.13 -65.29 -40.33
C PHE L 80 -0.86 -66.28 -41.45
N GLY L 81 -1.36 -66.05 -42.65
CA GLY L 81 -1.13 -66.99 -43.75
C GLY L 81 0.29 -66.95 -44.26
N VAL L 82 1.26 -67.37 -43.44
CA VAL L 82 2.68 -67.35 -43.82
C VAL L 82 3.35 -68.72 -43.75
N LYS L 83 4.09 -69.08 -44.83
CA LYS L 83 4.82 -70.34 -44.93
C LYS L 83 6.27 -70.00 -44.59
N ILE L 84 6.84 -70.62 -43.55
CA ILE L 84 8.21 -70.30 -43.15
C ILE L 84 9.27 -70.86 -44.10
N PRO L 85 10.43 -70.18 -44.20
CA PRO L 85 11.49 -70.68 -45.09
C PRO L 85 12.05 -72.03 -44.67
N GLU L 86 12.66 -72.74 -45.63
CA GLU L 86 13.24 -74.06 -45.37
C GLU L 86 14.28 -74.05 -44.25
N THR L 87 15.12 -73.02 -44.17
CA THR L 87 16.13 -72.95 -43.12
C THR L 87 15.50 -72.95 -41.74
N ALA L 88 14.37 -72.24 -41.60
CA ALA L 88 13.64 -72.15 -40.33
C ALA L 88 12.98 -73.47 -39.99
N GLU L 89 12.62 -74.27 -41.00
CA GLU L 89 12.01 -75.57 -40.75
C GLU L 89 13.07 -76.50 -40.17
N LEU L 90 14.24 -76.55 -40.80
CA LEU L 90 15.34 -77.40 -40.36
C LEU L 90 15.84 -76.99 -38.97
N LEU L 91 15.89 -75.68 -38.70
CA LEU L 91 16.35 -75.19 -37.40
C LEU L 91 15.37 -75.63 -36.32
N ARG L 92 14.09 -75.31 -36.51
CA ARG L 92 13.05 -75.67 -35.56
C ARG L 92 13.07 -77.16 -35.28
N ASN L 93 13.29 -77.96 -36.32
CA ASN L 93 13.34 -79.40 -36.19
C ASN L 93 14.56 -79.81 -35.39
N LEU L 94 15.71 -79.24 -35.70
CA LEU L 94 16.95 -79.54 -34.99
C LEU L 94 16.71 -79.29 -33.51
N MET L 95 15.95 -78.24 -33.19
CA MET L 95 15.64 -77.89 -31.81
C MET L 95 14.76 -79.01 -31.21
N HIS L 96 13.73 -79.40 -31.94
CA HIS L 96 12.80 -80.46 -31.51
C HIS L 96 13.51 -81.79 -31.25
N GLN L 97 14.48 -82.15 -32.10
CA GLN L 97 15.19 -83.41 -31.96
C GLN L 97 16.08 -83.43 -30.73
N GLY L 98 16.73 -82.30 -30.47
CA GLY L 98 17.59 -82.20 -29.30
C GLY L 98 16.79 -82.33 -28.02
N ALA L 99 15.60 -81.71 -28.01
CA ALA L 99 14.72 -81.77 -26.85
C ALA L 99 14.27 -83.20 -26.57
N THR L 100 14.01 -83.99 -27.62
CA THR L 100 13.58 -85.37 -27.44
C THR L 100 14.72 -86.11 -26.77
N VAL L 101 15.93 -85.99 -27.32
CA VAL L 101 17.08 -86.66 -26.74
C VAL L 101 17.12 -86.33 -25.24
N HIS L 102 17.03 -85.04 -24.89
CA HIS L 102 17.05 -84.62 -23.48
C HIS L 102 15.89 -85.23 -22.69
N SER L 103 14.71 -85.30 -23.30
CA SER L 103 13.51 -85.85 -22.64
C SER L 103 13.61 -87.35 -22.43
N HIS L 104 13.79 -88.10 -23.51
CA HIS L 104 13.88 -89.56 -23.43
C HIS L 104 14.97 -90.00 -22.47
N ALA L 105 16.15 -89.35 -22.55
CA ALA L 105 17.26 -89.69 -21.68
C ALA L 105 16.83 -89.49 -20.23
N LEU L 106 16.19 -88.36 -19.96
CA LEU L 106 15.70 -88.01 -18.64
C LEU L 106 14.78 -89.08 -18.08
N HIS L 107 13.63 -89.30 -18.74
CA HIS L 107 12.67 -90.30 -18.27
C HIS L 107 13.29 -91.68 -18.04
N PHE L 108 13.91 -92.26 -19.07
CA PHE L 108 14.49 -93.59 -18.96
C PHE L 108 15.46 -93.76 -17.81
N TYR L 109 16.45 -92.89 -17.71
CA TYR L 109 17.48 -93.01 -16.68
C TYR L 109 17.12 -92.50 -15.29
N MET L 110 16.46 -91.36 -15.20
CA MET L 110 16.17 -90.80 -13.89
C MET L 110 14.78 -91.14 -13.35
N LEU L 111 13.84 -91.53 -14.22
CA LEU L 111 12.50 -91.85 -13.75
C LEU L 111 12.16 -93.36 -13.91
N ALA L 112 12.48 -94.00 -15.05
CA ALA L 112 12.15 -95.43 -15.25
C ALA L 112 13.15 -96.43 -14.68
N ALA L 113 14.44 -96.29 -15.04
CA ALA L 113 15.53 -97.18 -14.61
C ALA L 113 15.51 -97.61 -13.13
N PRO L 114 15.22 -96.75 -12.15
CA PRO L 114 15.22 -97.24 -10.76
C PRO L 114 14.36 -98.47 -10.54
N ASP L 115 13.21 -98.56 -11.22
CA ASP L 115 12.32 -99.71 -11.07
C ASP L 115 12.81 -100.86 -11.95
N LEU L 116 13.30 -100.55 -13.17
CA LEU L 116 13.78 -101.57 -14.09
C LEU L 116 15.05 -102.23 -13.55
N MET L 117 15.78 -101.51 -12.68
CA MET L 117 17.00 -102.05 -12.10
C MET L 117 16.69 -102.74 -10.78
N PHE L 118 15.83 -102.12 -9.96
CA PHE L 118 15.44 -102.66 -8.67
C PHE L 118 13.93 -102.89 -8.63
N PRO L 119 13.42 -103.91 -9.31
CA PRO L 119 11.96 -104.13 -9.30
C PRO L 119 11.39 -104.69 -8.00
N THR L 120 12.17 -105.50 -7.28
CA THR L 120 11.72 -106.11 -6.04
C THR L 120 12.44 -105.54 -4.81
N THR L 121 12.58 -104.22 -4.71
CA THR L 121 13.26 -103.66 -3.53
C THR L 121 12.33 -102.96 -2.55
N ASP L 122 12.70 -103.03 -1.26
CA ASP L 122 11.94 -102.43 -0.16
C ASP L 122 12.56 -101.07 0.21
N ASP L 123 13.89 -100.97 0.11
CA ASP L 123 14.60 -99.73 0.44
C ASP L 123 14.26 -98.65 -0.59
N VAL L 124 13.38 -97.72 -0.21
CA VAL L 124 12.97 -96.61 -1.08
C VAL L 124 14.16 -95.71 -1.39
N LEU L 125 15.07 -95.54 -0.44
CA LEU L 125 16.23 -94.68 -0.66
C LEU L 125 17.18 -95.23 -1.72
N LYS L 126 16.95 -96.46 -2.19
CA LYS L 126 17.77 -97.09 -3.22
C LYS L 126 17.10 -96.98 -4.59
N ARG L 127 15.76 -96.95 -4.63
CA ARG L 127 15.01 -96.88 -5.88
C ARG L 127 14.97 -95.44 -6.46
N ASN L 128 16.14 -94.91 -6.83
CA ASN L 128 16.28 -93.57 -7.41
C ASN L 128 17.63 -93.48 -8.12
N LEU L 129 17.93 -92.35 -8.75
CA LEU L 129 19.20 -92.15 -9.47
C LEU L 129 20.42 -92.18 -8.56
N MET L 130 20.25 -91.77 -7.30
CA MET L 130 21.36 -91.77 -6.36
C MET L 130 21.74 -93.21 -6.05
N GLY L 131 20.74 -94.08 -6.00
CA GLY L 131 20.96 -95.50 -5.73
C GLY L 131 21.60 -96.20 -6.92
N ILE L 132 21.23 -95.80 -8.13
CA ILE L 132 21.80 -96.38 -9.35
C ILE L 132 23.24 -95.94 -9.46
N ALA L 133 23.47 -94.63 -9.27
CA ALA L 133 24.80 -94.04 -9.36
C ALA L 133 25.81 -94.67 -8.38
N LYS L 134 25.34 -95.19 -7.24
CA LYS L 134 26.25 -95.81 -6.28
C LYS L 134 26.80 -97.14 -6.79
N GLU L 135 25.95 -97.97 -7.41
CA GLU L 135 26.39 -99.26 -7.94
C GLU L 135 26.73 -99.19 -9.42
N HIS L 136 26.28 -98.14 -10.10
CA HIS L 136 26.53 -97.97 -11.53
C HIS L 136 26.69 -96.50 -11.85
N PRO L 137 27.86 -95.91 -11.59
CA PRO L 137 28.03 -94.49 -11.89
C PRO L 137 28.06 -94.19 -13.38
N GLU L 138 28.59 -95.13 -14.17
CA GLU L 138 28.72 -95.03 -15.62
C GLU L 138 27.37 -94.78 -16.27
N ILE L 139 26.33 -95.49 -15.81
CA ILE L 139 24.98 -95.37 -16.34
C ILE L 139 24.40 -93.97 -16.18
N ILE L 140 24.61 -93.34 -15.04
CA ILE L 140 24.08 -92.00 -14.77
C ILE L 140 24.93 -90.92 -15.44
N LYS L 141 26.26 -91.12 -15.51
CA LYS L 141 27.16 -90.16 -16.16
C LYS L 141 26.81 -90.10 -17.65
N ASP L 142 26.60 -91.27 -18.27
CA ASP L 142 26.23 -91.35 -19.70
C ASP L 142 24.87 -90.70 -19.91
N ALA L 143 23.95 -90.86 -18.97
CA ALA L 143 22.62 -90.28 -19.06
C ALA L 143 22.71 -88.77 -19.00
N ILE L 144 23.57 -88.27 -18.10
CA ILE L 144 23.80 -86.84 -17.94
C ILE L 144 24.40 -86.26 -19.22
N GLU L 145 25.32 -87.00 -19.84
CA GLU L 145 25.98 -86.55 -21.08
C GLU L 145 24.98 -86.48 -22.21
N LEU L 146 24.01 -87.39 -22.24
CA LEU L 146 23.00 -87.36 -23.29
C LEU L 146 22.16 -86.10 -23.13
N ARG L 147 21.76 -85.79 -21.90
CA ARG L 147 20.96 -84.60 -21.63
C ARG L 147 21.79 -83.35 -21.92
N LYS L 148 23.03 -83.30 -21.40
CA LYS L 148 23.92 -82.15 -21.62
C LYS L 148 23.98 -81.85 -23.12
N ALA L 149 24.12 -82.90 -23.94
CA ALA L 149 24.20 -82.74 -25.39
C ALA L 149 22.88 -82.27 -25.97
N GLY L 150 21.78 -82.89 -25.54
CA GLY L 150 20.45 -82.53 -26.00
C GLY L 150 20.08 -81.09 -25.68
N GLN L 151 20.23 -80.69 -24.41
CA GLN L 151 19.91 -79.34 -23.96
C GLN L 151 20.83 -78.32 -24.65
N ASN L 152 22.09 -78.72 -24.93
CA ASN L 152 23.03 -77.83 -25.60
C ASN L 152 22.45 -77.44 -26.97
N VAL L 153 22.00 -78.43 -27.73
CA VAL L 153 21.39 -78.18 -29.04
C VAL L 153 20.26 -77.14 -28.90
N VAL L 154 19.37 -77.37 -27.93
CA VAL L 154 18.25 -76.47 -27.69
C VAL L 154 18.73 -75.07 -27.29
N ARG L 155 19.70 -75.00 -26.38
CA ARG L 155 20.21 -73.70 -25.93
C ARG L 155 20.75 -72.90 -27.11
N VAL L 156 21.48 -73.57 -28.01
CA VAL L 156 22.07 -72.90 -29.17
C VAL L 156 21.01 -72.44 -30.17
N VAL L 157 20.18 -73.35 -30.64
CA VAL L 157 19.15 -73.07 -31.63
C VAL L 157 18.00 -72.27 -31.03
N GLY L 158 17.44 -72.78 -29.95
CA GLY L 158 16.30 -72.16 -29.27
C GLY L 158 16.61 -70.89 -28.51
N GLY L 159 17.87 -70.71 -28.11
CA GLY L 159 18.28 -69.55 -27.34
C GLY L 159 18.38 -69.87 -25.86
N ARG L 160 17.44 -70.69 -25.34
CA ARG L 160 17.40 -71.12 -23.94
C ARG L 160 17.13 -72.63 -23.84
N ALA L 161 17.89 -73.34 -23.00
CA ALA L 161 17.72 -74.80 -22.80
C ALA L 161 16.32 -75.12 -22.33
N ILE L 162 15.79 -74.30 -21.40
CA ILE L 162 14.44 -74.48 -20.88
C ILE L 162 13.65 -73.23 -21.32
N HIS L 163 12.54 -73.43 -22.02
CA HIS L 163 11.69 -72.35 -22.53
C HIS L 163 12.44 -71.56 -23.62
N PRO L 164 12.59 -72.13 -24.82
CA PRO L 164 13.30 -71.42 -25.89
C PRO L 164 12.50 -70.22 -26.38
N VAL L 165 13.15 -69.33 -27.13
CA VAL L 165 12.46 -68.12 -27.60
C VAL L 165 12.69 -67.74 -29.06
N THR L 166 13.37 -68.57 -29.85
CA THR L 166 13.66 -68.23 -31.25
C THR L 166 12.54 -68.50 -32.24
N ALA L 167 11.65 -69.44 -31.98
CA ALA L 167 10.58 -69.68 -32.94
C ALA L 167 9.62 -68.49 -32.91
N VAL L 168 9.74 -67.60 -33.92
CA VAL L 168 8.90 -66.40 -34.01
C VAL L 168 7.99 -66.46 -35.23
N VAL L 169 7.23 -65.38 -35.48
CA VAL L 169 6.32 -65.29 -36.61
C VAL L 169 7.13 -65.19 -37.91
N GLY L 170 7.00 -66.18 -38.77
CA GLY L 170 7.72 -66.19 -40.04
C GLY L 170 8.98 -67.05 -40.03
N GLY L 171 9.31 -67.63 -38.88
CA GLY L 171 10.48 -68.49 -38.76
C GLY L 171 11.26 -68.35 -37.46
N GLN L 172 12.57 -68.09 -37.58
CA GLN L 172 13.44 -67.92 -36.42
C GLN L 172 13.96 -66.52 -36.28
N SER L 173 14.29 -66.12 -35.04
CA SER L 173 14.81 -64.79 -34.76
C SER L 173 16.32 -64.73 -35.00
N LYS L 174 17.01 -65.88 -34.95
CA LYS L 174 18.44 -65.89 -35.18
C LYS L 174 18.89 -67.10 -35.98
N SER L 175 19.89 -66.92 -36.84
CA SER L 175 20.42 -67.99 -37.69
C SER L 175 21.57 -68.70 -37.01
N LEU L 176 21.77 -69.98 -37.33
CA LEU L 176 22.85 -70.75 -36.75
C LEU L 176 24.16 -70.37 -37.44
N LYS L 177 25.17 -69.95 -36.65
CA LYS L 177 26.45 -69.58 -37.22
C LYS L 177 27.24 -70.83 -37.60
N GLU L 178 28.20 -70.69 -38.52
CA GLU L 178 29.01 -71.81 -38.98
C GLU L 178 29.87 -72.38 -37.86
N GLU L 179 30.35 -71.53 -36.94
CA GLU L 179 31.19 -71.97 -35.84
C GLU L 179 30.36 -72.82 -34.88
N GLU L 180 29.11 -72.43 -34.68
CA GLU L 180 28.19 -73.13 -33.79
C GLU L 180 27.87 -74.50 -34.39
N ARG L 181 27.57 -74.51 -35.69
CA ARG L 181 27.22 -75.73 -36.42
C ARG L 181 28.35 -76.76 -36.31
N ASP L 182 29.59 -76.34 -36.56
CA ASP L 182 30.76 -77.22 -36.51
C ASP L 182 30.89 -77.88 -35.14
N GLU L 183 30.82 -77.08 -34.07
CA GLU L 183 30.94 -77.58 -32.72
C GLU L 183 29.82 -78.58 -32.41
N LEU L 184 28.61 -78.28 -32.85
CA LEU L 184 27.47 -79.15 -32.62
C LEU L 184 27.58 -80.44 -33.41
N LEU L 185 28.11 -80.36 -34.62
CA LEU L 185 28.27 -81.53 -35.49
C LEU L 185 29.32 -82.49 -34.91
N LYS L 186 30.40 -81.96 -34.33
CA LYS L 186 31.45 -82.79 -33.73
C LYS L 186 30.88 -83.56 -32.54
N LEU L 187 30.10 -82.87 -31.71
CA LEU L 187 29.49 -83.46 -30.53
C LEU L 187 28.37 -84.46 -30.84
N SER L 188 27.65 -84.27 -31.97
CA SER L 188 26.53 -85.14 -32.36
C SER L 188 26.87 -86.63 -32.46
N GLU L 189 28.09 -86.95 -32.91
CA GLU L 189 28.53 -88.34 -33.04
C GLU L 189 28.56 -89.02 -31.67
N ARG L 190 29.05 -88.31 -30.66
CA ARG L 190 29.14 -88.82 -29.29
C ARG L 190 27.73 -89.04 -28.69
N THR L 191 26.74 -88.28 -29.16
CA THR L 191 25.36 -88.40 -28.68
C THR L 191 24.74 -89.69 -29.25
N ILE L 192 25.11 -90.04 -30.47
CA ILE L 192 24.62 -91.25 -31.12
C ILE L 192 25.22 -92.47 -30.45
N GLU L 193 26.51 -92.39 -30.10
CA GLU L 193 27.21 -93.48 -29.44
C GLU L 193 26.47 -93.84 -28.16
N LEU L 194 26.25 -92.84 -27.30
CA LEU L 194 25.56 -93.01 -26.03
C LEU L 194 24.15 -93.57 -26.20
N SER L 195 23.44 -93.15 -27.25
CA SER L 195 22.07 -93.61 -27.50
C SER L 195 22.08 -95.09 -27.89
N GLU L 196 23.13 -95.54 -28.58
CA GLU L 196 23.22 -96.94 -28.97
C GLU L 196 23.47 -97.75 -27.69
N LYS L 197 24.32 -97.21 -26.81
CA LYS L 197 24.66 -97.86 -25.54
C LYS L 197 23.42 -97.89 -24.64
N SER L 198 22.56 -96.88 -24.74
CA SER L 198 21.36 -96.82 -23.91
C SER L 198 20.42 -97.95 -24.25
N ILE L 199 20.29 -98.30 -25.54
CA ILE L 199 19.41 -99.37 -25.96
C ILE L 199 19.88 -100.68 -25.35
N GLU L 200 21.20 -100.90 -25.38
CA GLU L 200 21.79 -102.11 -24.81
C GLU L 200 21.49 -102.17 -23.31
N VAL L 201 21.57 -101.04 -22.62
CA VAL L 201 21.27 -101.00 -21.19
C VAL L 201 19.79 -101.35 -20.99
N GLY L 202 18.94 -100.83 -21.86
CA GLY L 202 17.51 -101.09 -21.80
C GLY L 202 17.24 -102.56 -21.99
N LYS L 203 17.95 -103.19 -22.93
CA LYS L 203 17.79 -104.62 -23.18
C LYS L 203 18.07 -105.37 -21.88
N LYS L 204 19.20 -105.08 -21.25
CA LYS L 204 19.58 -105.73 -20.00
C LYS L 204 18.49 -105.58 -18.95
N LEU L 205 18.06 -104.35 -18.69
CA LEU L 205 17.06 -104.07 -17.68
C LEU L 205 15.69 -104.69 -17.97
N LEU L 206 15.25 -104.70 -19.23
CA LEU L 206 13.95 -105.29 -19.56
C LEU L 206 13.97 -106.81 -19.47
N GLU L 207 15.16 -107.42 -19.48
CA GLU L 207 15.31 -108.86 -19.36
C GLU L 207 15.05 -109.17 -17.89
N ASN L 208 15.60 -108.33 -17.01
CA ASN L 208 15.44 -108.45 -15.55
C ASN L 208 13.97 -108.28 -15.17
N ILE L 209 13.24 -107.52 -15.98
CA ILE L 209 11.81 -107.27 -15.77
C ILE L 209 11.06 -108.53 -16.16
N LYS L 210 11.45 -109.16 -17.28
CA LYS L 210 10.78 -110.37 -17.72
C LYS L 210 11.09 -111.50 -16.73
N ASP L 211 12.31 -111.52 -16.19
CA ASP L 211 12.73 -112.53 -15.23
C ASP L 211 11.86 -112.51 -13.96
N GLU L 212 11.20 -111.38 -13.66
CA GLU L 212 10.34 -111.27 -12.48
C GLU L 212 8.86 -111.25 -12.92
N ASP L 213 8.60 -111.55 -14.21
CA ASP L 213 7.26 -111.57 -14.81
C ASP L 213 6.54 -110.24 -14.60
N LEU L 214 7.13 -109.15 -15.10
CA LEU L 214 6.56 -107.81 -14.97
C LEU L 214 6.41 -107.13 -16.35
N LEU L 215 6.79 -107.81 -17.43
CA LEU L 215 6.72 -107.24 -18.78
C LEU L 215 5.27 -107.10 -19.24
N ASP L 216 4.34 -107.84 -18.62
CA ASP L 216 2.92 -107.82 -18.99
C ASP L 216 2.04 -107.01 -18.04
N ILE L 217 2.64 -106.18 -17.15
CA ILE L 217 1.82 -105.39 -16.23
C ILE L 217 1.01 -104.34 -16.98
N GLY L 218 -0.28 -104.24 -16.64
CA GLY L 218 -1.18 -103.29 -17.26
C GLY L 218 -1.49 -103.56 -18.73
N TYR L 219 -1.21 -104.76 -19.22
CA TYR L 219 -1.45 -105.09 -20.63
C TYR L 219 -2.93 -104.94 -21.03
N PHE L 220 -3.15 -104.48 -22.26
CA PHE L 220 -4.47 -104.30 -22.87
C PHE L 220 -4.24 -103.89 -24.33
N GLU L 221 -5.09 -104.32 -25.25
CA GLU L 221 -4.95 -104.01 -26.67
C GLU L 221 -5.71 -102.74 -26.97
N SER L 222 -5.17 -101.88 -27.85
CA SER L 222 -5.81 -100.62 -28.17
C SER L 222 -5.31 -100.06 -29.49
N ALA L 223 -5.93 -98.96 -29.94
CA ALA L 223 -5.50 -98.33 -31.18
C ALA L 223 -4.20 -97.57 -30.87
N HIS L 224 -3.55 -97.02 -31.90
CA HIS L 224 -2.31 -96.29 -31.69
C HIS L 224 -2.20 -95.11 -32.65
N MET L 225 -1.72 -93.97 -32.16
CA MET L 225 -1.61 -92.79 -33.01
C MET L 225 -0.21 -92.21 -33.05
N GLY L 226 0.18 -91.76 -34.24
CA GLY L 226 1.49 -91.15 -34.46
C GLY L 226 1.52 -90.38 -35.77
N MET L 227 2.48 -89.45 -35.90
CA MET L 227 2.64 -88.63 -37.10
C MET L 227 3.61 -89.33 -38.07
N VAL L 228 3.29 -89.37 -39.38
CA VAL L 228 4.16 -90.00 -40.38
C VAL L 228 4.24 -89.14 -41.64
N ASN L 229 5.42 -89.13 -42.29
CA ASN L 229 5.69 -88.38 -43.51
C ASN L 229 5.98 -89.41 -44.60
N ASN L 230 4.96 -89.71 -45.42
CA ASN L 230 5.07 -90.72 -46.49
C ASN L 230 5.27 -92.10 -45.84
N GLY L 231 4.66 -92.28 -44.68
CA GLY L 231 4.73 -93.51 -43.91
C GLY L 231 5.92 -93.60 -42.98
N VAL L 232 6.94 -92.77 -43.23
CA VAL L 232 8.14 -92.78 -42.42
C VAL L 232 7.90 -92.04 -41.11
N HIS L 233 8.54 -92.54 -40.06
CA HIS L 233 8.46 -91.97 -38.72
C HIS L 233 8.97 -90.52 -38.74
N ASP L 234 8.15 -89.57 -38.30
CA ASP L 234 8.56 -88.17 -38.27
C ASP L 234 7.90 -87.46 -37.09
N LEU L 235 8.71 -86.81 -36.25
CA LEU L 235 8.21 -86.11 -35.07
C LEU L 235 7.89 -84.65 -35.33
N TYR L 236 8.43 -84.07 -36.41
CA TYR L 236 8.21 -82.65 -36.74
C TYR L 236 7.07 -82.38 -37.73
N ASP L 237 7.10 -82.99 -38.93
CA ASP L 237 6.06 -82.75 -39.93
C ASP L 237 5.49 -84.06 -40.47
N GLY L 238 4.27 -83.99 -40.98
CA GLY L 238 3.60 -85.15 -41.55
C GLY L 238 2.10 -85.15 -41.30
N LYS L 239 1.48 -86.33 -41.42
CA LYS L 239 0.05 -86.51 -41.21
C LYS L 239 -0.13 -87.49 -40.05
N LEU L 240 -1.24 -87.37 -39.32
CA LEU L 240 -1.46 -88.26 -38.18
C LEU L 240 -2.13 -89.54 -38.60
N ARG L 241 -1.40 -90.66 -38.47
CA ARG L 241 -1.89 -91.99 -38.81
C ARG L 241 -2.40 -92.70 -37.57
N VAL L 242 -3.48 -93.50 -37.71
CA VAL L 242 -4.06 -94.25 -36.60
C VAL L 242 -4.26 -95.69 -37.03
N VAL L 243 -3.76 -96.65 -36.25
CA VAL L 243 -3.92 -98.08 -36.57
C VAL L 243 -4.69 -98.75 -35.44
N ASN L 244 -5.49 -99.78 -35.77
CA ASN L 244 -6.28 -100.49 -34.75
C ASN L 244 -5.43 -101.55 -34.04
N SER L 245 -6.05 -102.30 -33.11
CA SER L 245 -5.32 -103.34 -32.37
C SER L 245 -4.76 -104.45 -33.26
N GLU L 246 -5.29 -104.60 -34.49
CA GLU L 246 -4.83 -105.62 -35.43
C GLU L 246 -3.71 -105.06 -36.33
N GLY L 247 -3.56 -103.74 -36.36
CA GLY L 247 -2.52 -103.09 -37.16
C GLY L 247 -3.03 -102.42 -38.44
N LYS L 248 -4.32 -102.52 -38.72
CA LYS L 248 -4.85 -101.92 -39.95
C LYS L 248 -5.01 -100.42 -39.76
N VAL L 249 -4.64 -99.65 -40.79
CA VAL L 249 -4.73 -98.19 -40.71
C VAL L 249 -6.18 -97.74 -40.73
N GLU L 250 -6.66 -97.27 -39.58
CA GLU L 250 -8.03 -96.78 -39.44
C GLU L 250 -8.15 -95.37 -40.00
N TYR L 251 -7.20 -94.49 -39.69
CA TYR L 251 -7.25 -93.12 -40.17
C TYR L 251 -5.88 -92.57 -40.57
N GLU L 252 -5.91 -91.45 -41.28
CA GLU L 252 -4.72 -90.72 -41.76
C GLU L 252 -5.23 -89.32 -42.12
N PHE L 253 -4.83 -88.29 -41.36
CA PHE L 253 -5.32 -86.95 -41.64
C PHE L 253 -4.37 -85.86 -41.25
N ASP L 254 -4.61 -84.65 -41.81
CA ASP L 254 -3.81 -83.46 -41.52
C ASP L 254 -4.22 -83.00 -40.13
N PRO L 255 -3.25 -82.65 -39.27
CA PRO L 255 -3.61 -82.22 -37.91
C PRO L 255 -4.74 -81.19 -37.85
N SER L 256 -4.90 -80.35 -38.88
CA SER L 256 -5.98 -79.34 -38.89
C SER L 256 -7.39 -79.95 -38.71
N GLU L 257 -7.59 -81.20 -39.14
CA GLU L 257 -8.89 -81.86 -39.04
C GLU L 257 -9.08 -82.71 -37.77
N TYR L 258 -8.13 -82.66 -36.82
CA TYR L 258 -8.19 -83.42 -35.57
C TYR L 258 -9.51 -83.38 -34.80
N MET L 259 -10.28 -82.28 -34.86
CA MET L 259 -11.54 -82.22 -34.11
C MET L 259 -12.58 -83.18 -34.65
N ASN L 260 -12.37 -83.74 -35.84
CA ASN L 260 -13.31 -84.68 -36.44
C ASN L 260 -12.94 -86.12 -36.12
N TYR L 261 -11.72 -86.33 -35.60
CA TYR L 261 -11.22 -87.66 -35.24
C TYR L 261 -11.03 -87.85 -33.74
N ILE L 262 -10.70 -86.78 -33.01
CA ILE L 262 -10.47 -86.89 -31.57
C ILE L 262 -11.57 -86.22 -30.76
N ALA L 263 -11.89 -86.84 -29.62
CA ALA L 263 -12.91 -86.35 -28.69
C ALA L 263 -12.32 -86.54 -27.30
N GLU L 264 -12.71 -85.71 -26.32
CA GLU L 264 -12.19 -85.80 -24.96
C GLU L 264 -13.30 -85.90 -23.92
N GLY L 265 -13.36 -87.04 -23.25
CA GLY L 265 -14.36 -87.29 -22.22
C GLY L 265 -13.93 -86.74 -20.87
N VAL L 266 -14.89 -86.59 -19.95
CA VAL L 266 -14.61 -86.07 -18.61
C VAL L 266 -15.25 -86.98 -17.53
N LYS L 267 -14.46 -87.35 -16.50
CA LYS L 267 -14.93 -88.16 -15.38
C LYS L 267 -14.78 -87.30 -14.11
N PRO L 268 -15.63 -87.49 -13.08
CA PRO L 268 -15.53 -86.63 -11.88
C PRO L 268 -14.37 -86.91 -10.92
N TYR L 269 -13.63 -87.99 -11.10
CA TYR L 269 -12.54 -88.30 -10.18
C TYR L 269 -11.15 -87.78 -10.60
N SER L 270 -11.01 -87.13 -11.78
CA SER L 270 -9.68 -86.64 -12.20
C SER L 270 -9.70 -85.35 -13.05
N TYR L 271 -8.71 -84.46 -12.84
CA TYR L 271 -8.61 -83.22 -13.62
C TYR L 271 -8.11 -83.53 -15.02
N LEU L 272 -7.63 -84.77 -15.27
CA LEU L 272 -7.16 -85.15 -16.59
C LEU L 272 -8.33 -85.77 -17.36
N LYS L 273 -8.53 -85.35 -18.61
CA LYS L 273 -9.63 -85.85 -19.44
C LYS L 273 -9.32 -87.23 -20.00
N PHE L 274 -10.35 -87.88 -20.56
CA PHE L 274 -10.27 -89.22 -21.14
C PHE L 274 -10.59 -89.16 -22.63
N PRO L 275 -9.58 -89.00 -23.51
CA PRO L 275 -9.88 -88.93 -24.94
C PRO L 275 -10.13 -90.27 -25.60
N TYR L 276 -10.57 -90.22 -26.86
CA TYR L 276 -10.86 -91.43 -27.63
C TYR L 276 -11.17 -91.05 -29.07
N LEU L 277 -11.29 -92.05 -29.94
CA LEU L 277 -11.60 -91.84 -31.34
C LEU L 277 -13.10 -91.53 -31.49
N LYS L 278 -13.41 -90.26 -31.75
CA LYS L 278 -14.77 -89.73 -31.93
C LYS L 278 -15.78 -90.73 -32.49
N ASP L 279 -15.45 -91.34 -33.65
CA ASP L 279 -16.33 -92.28 -34.31
C ASP L 279 -16.54 -93.56 -33.52
N LYS L 280 -15.44 -94.21 -33.13
CA LYS L 280 -15.49 -95.46 -32.40
C LYS L 280 -16.14 -95.34 -31.00
N GLY L 281 -15.91 -94.26 -30.29
CA GLY L 281 -16.52 -94.07 -28.97
C GLY L 281 -15.60 -94.31 -27.77
N GLU L 282 -16.10 -93.95 -26.58
CA GLU L 282 -15.39 -94.07 -25.30
C GLU L 282 -14.76 -95.43 -25.02
N GLU L 283 -15.38 -96.53 -25.48
CA GLU L 283 -14.85 -97.87 -25.24
C GLU L 283 -14.10 -98.43 -26.43
N ASP L 284 -14.70 -98.34 -27.62
CA ASP L 284 -14.08 -98.87 -28.84
C ASP L 284 -12.94 -98.00 -29.35
N GLY L 285 -13.04 -96.69 -29.13
CA GLY L 285 -12.04 -95.73 -29.60
C GLY L 285 -10.86 -95.41 -28.70
N ILE L 286 -10.50 -96.27 -27.75
CA ILE L 286 -9.35 -95.97 -26.89
C ILE L 286 -8.07 -96.12 -27.69
N TYR L 287 -7.16 -95.16 -27.58
CA TYR L 287 -5.89 -95.22 -28.33
C TYR L 287 -4.73 -94.76 -27.47
N ARG L 288 -3.51 -94.99 -27.95
CA ARG L 288 -2.32 -94.60 -27.23
C ARG L 288 -1.38 -93.77 -28.08
N VAL L 289 -0.51 -93.00 -27.44
CA VAL L 289 0.44 -92.13 -28.13
C VAL L 289 1.87 -92.33 -27.60
N ASN L 290 2.81 -91.82 -28.38
CA ASN L 290 4.25 -91.81 -28.11
C ASN L 290 4.96 -93.16 -28.20
N THR L 291 6.29 -93.07 -28.25
CA THR L 291 7.24 -94.17 -28.37
C THR L 291 6.70 -95.36 -29.18
N LEU L 292 6.09 -96.34 -28.52
CA LEU L 292 5.59 -97.53 -29.22
C LEU L 292 4.50 -97.18 -30.21
N SER L 293 3.52 -96.41 -29.79
CA SER L 293 2.42 -96.03 -30.67
C SER L 293 2.98 -95.48 -31.97
N ARG L 294 3.99 -94.64 -31.88
CA ARG L 294 4.60 -94.07 -33.09
C ARG L 294 5.29 -95.17 -33.90
N LEU L 295 6.00 -96.12 -33.24
CA LEU L 295 6.67 -97.21 -33.94
C LEU L 295 5.62 -98.10 -34.61
N ASN L 296 4.51 -98.35 -33.91
CA ASN L 296 3.44 -99.18 -34.43
C ASN L 296 2.87 -98.61 -35.73
N VAL L 297 2.51 -97.33 -35.77
CA VAL L 297 1.96 -96.74 -36.98
C VAL L 297 3.01 -96.56 -38.10
N SER L 298 4.29 -96.43 -37.75
CA SER L 298 5.33 -96.22 -38.76
C SER L 298 5.74 -97.45 -39.55
N ASP L 299 5.97 -97.28 -40.85
CA ASP L 299 6.40 -98.36 -41.72
C ASP L 299 7.89 -98.57 -41.46
N LYS L 300 8.64 -97.47 -41.34
CA LYS L 300 10.08 -97.51 -41.07
C LYS L 300 10.56 -96.22 -40.36
N MET L 301 11.77 -96.29 -39.79
CA MET L 301 12.38 -95.16 -39.11
C MET L 301 13.10 -94.30 -40.15
N ALA L 302 13.17 -92.98 -39.91
CA ALA L 302 13.82 -92.06 -40.84
C ALA L 302 15.36 -92.19 -40.87
N THR L 303 15.96 -92.82 -39.84
CA THR L 303 17.41 -92.98 -39.76
C THR L 303 17.80 -94.45 -39.83
N PRO L 304 19.00 -94.76 -40.34
CA PRO L 304 19.42 -96.16 -40.50
C PRO L 304 19.79 -96.94 -39.23
N LEU L 305 20.56 -96.36 -38.32
CA LEU L 305 20.93 -97.11 -37.11
C LEU L 305 19.70 -97.44 -36.27
N ALA L 306 18.72 -96.53 -36.23
CA ALA L 306 17.49 -96.76 -35.47
C ALA L 306 16.66 -97.87 -36.12
N GLN L 307 16.56 -97.84 -37.46
CA GLN L 307 15.79 -98.82 -38.23
C GLN L 307 16.19 -100.26 -37.93
N LYS L 308 17.50 -100.51 -37.78
CA LYS L 308 18.03 -101.83 -37.48
C LYS L 308 17.44 -102.38 -36.18
N TYR L 309 17.50 -101.59 -35.10
CA TYR L 309 16.97 -102.02 -33.81
C TYR L 309 15.45 -102.21 -33.86
N TYR L 310 14.79 -101.39 -34.67
CA TYR L 310 13.34 -101.47 -34.83
C TYR L 310 12.98 -102.75 -35.58
N ASP L 311 13.75 -103.11 -36.62
CA ASP L 311 13.48 -104.33 -37.37
C ASP L 311 13.65 -105.55 -36.47
N GLU L 312 14.71 -105.57 -35.67
CA GLU L 312 14.96 -106.67 -34.74
C GLU L 312 13.82 -106.76 -33.75
N PHE L 313 13.31 -105.59 -33.31
CA PHE L 313 12.21 -105.50 -32.36
C PHE L 313 10.91 -106.03 -32.94
N VAL L 314 10.63 -105.73 -34.22
CA VAL L 314 9.41 -106.19 -34.89
C VAL L 314 9.41 -107.72 -35.02
N LYS L 315 10.57 -108.31 -35.28
CA LYS L 315 10.68 -109.76 -35.43
C LYS L 315 10.46 -110.45 -34.09
N GLU L 316 10.87 -109.81 -32.99
CA GLU L 316 10.75 -110.39 -31.67
C GLU L 316 9.36 -110.19 -31.02
N PHE L 317 8.68 -109.06 -31.27
CA PHE L 317 7.37 -108.79 -30.66
C PHE L 317 6.23 -108.56 -31.66
N GLY L 318 6.55 -108.11 -32.87
CA GLY L 318 5.53 -107.89 -33.89
C GLY L 318 4.84 -106.55 -33.88
N LYS L 319 3.99 -106.35 -34.89
CA LYS L 319 3.24 -105.12 -35.06
C LYS L 319 1.75 -105.42 -35.12
N PRO L 320 0.92 -104.70 -34.34
CA PRO L 320 1.30 -103.66 -33.38
C PRO L 320 1.56 -104.24 -32.00
N CYS L 321 2.59 -103.76 -31.32
CA CYS L 321 2.86 -104.24 -29.98
C CYS L 321 2.02 -103.41 -29.02
N HIS L 322 1.44 -104.04 -27.99
CA HIS L 322 0.57 -103.38 -27.03
C HIS L 322 1.10 -103.40 -25.59
N HIS L 323 2.30 -103.95 -25.39
CA HIS L 323 2.85 -104.03 -24.05
C HIS L 323 3.26 -102.65 -23.50
N PRO L 324 2.60 -102.18 -22.43
CA PRO L 324 2.98 -100.89 -21.85
C PRO L 324 4.47 -100.80 -21.52
N MET L 325 5.02 -101.83 -20.84
CA MET L 325 6.43 -101.85 -20.46
C MET L 325 7.39 -101.76 -21.66
N LEU L 326 6.93 -102.17 -22.85
CA LEU L 326 7.79 -102.09 -24.02
C LEU L 326 7.83 -100.67 -24.61
N PHE L 327 7.19 -99.69 -23.93
CA PHE L 327 7.21 -98.28 -24.35
C PHE L 327 8.58 -97.73 -23.96
N HIS L 328 9.21 -98.31 -22.91
CA HIS L 328 10.56 -97.90 -22.46
C HIS L 328 11.54 -98.23 -23.57
N TYR L 329 11.43 -99.47 -24.14
CA TYR L 329 12.32 -99.90 -25.21
C TYR L 329 12.12 -98.96 -26.39
N ALA L 330 10.87 -98.83 -26.83
CA ALA L 330 10.55 -97.94 -27.94
C ALA L 330 11.16 -96.56 -27.73
N ARG L 331 11.07 -96.04 -26.49
CA ARG L 331 11.61 -94.73 -26.15
C ARG L 331 13.11 -94.65 -26.47
N LEU L 332 13.84 -95.73 -26.22
CA LEU L 332 15.28 -95.75 -26.49
C LEU L 332 15.57 -95.79 -28.00
N ILE L 333 14.65 -96.36 -28.79
CA ILE L 333 14.84 -96.41 -30.24
C ILE L 333 14.68 -94.99 -30.74
N GLU L 334 13.68 -94.29 -30.21
CA GLU L 334 13.42 -92.90 -30.60
C GLU L 334 14.57 -92.02 -30.14
N LEU L 335 15.18 -92.36 -28.99
CA LEU L 335 16.31 -91.60 -28.44
C LEU L 335 17.46 -91.64 -29.46
N LEU L 336 17.69 -92.82 -30.06
CA LEU L 336 18.75 -92.96 -31.06
C LEU L 336 18.36 -92.25 -32.34
N SER L 337 17.14 -92.47 -32.81
CA SER L 337 16.68 -91.83 -34.04
C SER L 337 16.82 -90.32 -33.96
N SER L 338 16.41 -89.71 -32.84
CA SER L 338 16.51 -88.26 -32.65
C SER L 338 17.97 -87.82 -32.64
N ALA L 339 18.84 -88.58 -31.95
CA ALA L 339 20.25 -88.24 -31.88
C ALA L 339 20.86 -88.29 -33.29
N GLU L 340 20.38 -89.24 -34.10
CA GLU L 340 20.84 -89.40 -35.48
C GLU L 340 20.31 -88.26 -36.33
N MET L 341 19.08 -87.84 -36.08
CA MET L 341 18.47 -86.77 -36.85
C MET L 341 19.19 -85.44 -36.59
N VAL L 342 19.75 -85.25 -35.38
CA VAL L 342 20.47 -84.03 -35.04
C VAL L 342 21.69 -83.93 -35.96
N LYS L 343 22.41 -85.06 -36.13
CA LYS L 343 23.58 -85.10 -37.00
C LYS L 343 23.15 -84.87 -38.44
N GLU L 344 22.08 -85.54 -38.88
CA GLU L 344 21.57 -85.43 -40.24
C GLU L 344 21.24 -83.98 -40.61
N LEU L 345 20.53 -83.27 -39.71
CA LEU L 345 20.13 -81.89 -39.95
C LEU L 345 21.32 -80.93 -39.92
N LEU L 346 22.32 -81.18 -39.06
CA LEU L 346 23.47 -80.30 -38.98
C LEU L 346 24.31 -80.39 -40.26
N GLU L 347 24.36 -81.58 -40.88
CA GLU L 347 25.11 -81.79 -42.10
C GLU L 347 24.51 -81.00 -43.27
N ASN L 348 23.20 -80.73 -43.22
CA ASN L 348 22.52 -79.97 -44.27
C ASN L 348 23.03 -78.53 -44.23
N ASP L 349 23.61 -78.05 -45.34
CA ASP L 349 24.16 -76.69 -45.43
C ASP L 349 23.11 -75.59 -45.26
N LYS L 350 21.82 -75.90 -45.46
CA LYS L 350 20.78 -74.88 -45.34
C LYS L 350 20.58 -74.41 -43.90
N ILE L 351 20.94 -75.23 -42.92
CA ILE L 351 20.78 -74.85 -41.52
C ILE L 351 21.45 -73.52 -41.19
N VAL L 352 22.63 -73.26 -41.78
CA VAL L 352 23.37 -72.03 -41.51
C VAL L 352 22.99 -70.89 -42.46
N GLY L 353 21.88 -71.03 -43.18
CA GLY L 353 21.41 -70.01 -44.10
C GLY L 353 20.94 -68.76 -43.39
N GLU L 354 20.86 -67.64 -44.11
CA GLU L 354 20.42 -66.36 -43.55
C GLU L 354 18.95 -66.07 -43.83
N ASP L 355 18.32 -66.76 -44.79
CA ASP L 355 16.91 -66.57 -45.10
C ASP L 355 16.10 -67.34 -44.05
N ILE L 356 16.06 -66.80 -42.83
CA ILE L 356 15.37 -67.43 -41.69
C ILE L 356 13.97 -66.90 -41.44
N ARG L 357 13.65 -65.69 -41.87
CA ARG L 357 12.31 -65.17 -41.62
C ARG L 357 11.58 -64.76 -42.87
N ALA L 358 10.25 -64.71 -42.77
CA ALA L 358 9.36 -64.34 -43.86
C ALA L 358 8.32 -63.35 -43.31
N GLU L 359 8.11 -62.20 -43.98
CA GLU L 359 7.15 -61.20 -43.51
C GLU L 359 5.74 -61.80 -43.42
N PRO L 360 5.05 -61.62 -42.28
CA PRO L 360 3.70 -62.19 -42.15
C PRO L 360 2.66 -61.52 -43.03
N GLU L 361 1.66 -62.31 -43.44
CA GLU L 361 0.57 -61.83 -44.30
C GLU L 361 -0.62 -61.40 -43.43
N GLU L 362 -1.80 -61.14 -44.05
CA GLU L 362 -2.98 -60.72 -43.30
C GLU L 362 -3.41 -61.78 -42.27
N VAL L 363 -4.07 -61.35 -41.19
CA VAL L 363 -4.51 -62.23 -40.12
C VAL L 363 -5.72 -63.09 -40.50
N VAL L 364 -5.58 -64.41 -40.39
CA VAL L 364 -6.64 -65.37 -40.67
C VAL L 364 -7.08 -65.89 -39.30
N GLY L 365 -8.37 -65.84 -39.03
CA GLY L 365 -8.94 -66.25 -37.75
C GLY L 365 -8.48 -67.57 -37.15
N ASP L 366 -8.36 -68.62 -37.95
CA ASP L 366 -7.96 -69.94 -37.46
C ASP L 366 -6.46 -70.22 -37.62
N GLY L 367 -5.91 -70.95 -36.64
CA GLY L 367 -4.49 -71.32 -36.63
C GLY L 367 -4.23 -72.58 -35.85
N VAL L 368 -3.86 -73.67 -36.54
CA VAL L 368 -3.58 -74.95 -35.91
C VAL L 368 -2.13 -75.35 -36.12
N GLY L 369 -1.46 -75.74 -35.05
CA GLY L 369 -0.07 -76.15 -35.08
C GLY L 369 0.08 -77.47 -34.37
N CYS L 370 0.77 -78.42 -34.99
CA CYS L 370 0.94 -79.72 -34.38
C CYS L 370 2.32 -80.29 -34.60
N VAL L 371 2.79 -81.02 -33.58
CA VAL L 371 4.10 -81.65 -33.54
C VAL L 371 4.00 -82.87 -32.63
N GLU L 372 4.88 -83.86 -32.77
CA GLU L 372 4.85 -85.02 -31.92
C GLU L 372 5.75 -84.72 -30.74
N ALA L 373 5.19 -84.39 -29.57
CA ALA L 373 6.04 -84.12 -28.41
C ALA L 373 6.61 -85.45 -27.93
N PRO L 374 7.70 -85.46 -27.14
CA PRO L 374 8.25 -86.73 -26.68
C PRO L 374 7.23 -87.72 -26.12
N ARG L 375 6.19 -87.19 -25.46
CA ARG L 375 5.16 -87.99 -24.82
C ARG L 375 3.89 -88.16 -25.62
N GLY L 376 3.93 -87.79 -26.90
CA GLY L 376 2.77 -87.96 -27.75
C GLY L 376 2.40 -86.79 -28.62
N THR L 377 1.41 -87.02 -29.48
CA THR L 377 0.89 -86.00 -30.38
C THR L 377 0.48 -84.78 -29.59
N LEU L 378 0.94 -83.61 -30.01
CA LEU L 378 0.63 -82.36 -29.34
C LEU L 378 0.01 -81.42 -30.35
N ILE L 379 -1.19 -80.93 -30.06
CA ILE L 379 -1.88 -80.02 -30.95
C ILE L 379 -2.18 -78.71 -30.23
N HIS L 380 -1.84 -77.59 -30.87
CA HIS L 380 -2.09 -76.26 -30.37
C HIS L 380 -3.05 -75.65 -31.40
N HIS L 381 -4.27 -75.28 -30.99
CA HIS L 381 -5.25 -74.70 -31.91
C HIS L 381 -5.63 -73.33 -31.37
N PHE L 382 -5.44 -72.27 -32.17
CA PHE L 382 -5.77 -70.90 -31.75
C PHE L 382 -6.73 -70.17 -32.67
N LYS L 383 -7.71 -69.47 -32.10
CA LYS L 383 -8.68 -68.70 -32.88
C LYS L 383 -8.53 -67.24 -32.45
N THR L 384 -8.35 -66.31 -33.42
CA THR L 384 -8.15 -64.90 -33.08
C THR L 384 -9.03 -63.95 -33.87
N ASP L 385 -8.96 -62.66 -33.52
CA ASP L 385 -9.70 -61.60 -34.20
C ASP L 385 -8.78 -60.97 -35.24
N ASP L 386 -9.32 -60.05 -36.06
CA ASP L 386 -8.56 -59.36 -37.12
C ASP L 386 -7.24 -58.75 -36.63
N ASP L 387 -7.18 -58.29 -35.37
CA ASP L 387 -5.95 -57.69 -34.84
C ASP L 387 -4.91 -58.76 -34.48
N GLY L 388 -5.36 -59.98 -34.21
CA GLY L 388 -4.48 -61.08 -33.85
C GLY L 388 -4.51 -61.38 -32.35
N ILE L 389 -5.63 -61.06 -31.69
CA ILE L 389 -5.79 -61.30 -30.26
C ILE L 389 -6.55 -62.61 -30.11
N ILE L 390 -6.04 -63.52 -29.27
CA ILE L 390 -6.66 -64.82 -29.04
C ILE L 390 -8.07 -64.72 -28.47
N THR L 391 -9.03 -65.35 -29.14
CA THR L 391 -10.43 -65.35 -28.72
C THR L 391 -10.80 -66.70 -28.09
N ASP L 392 -10.22 -67.81 -28.59
CA ASP L 392 -10.49 -69.15 -28.07
C ASP L 392 -9.31 -70.09 -28.37
N THR L 393 -8.98 -70.99 -27.43
CA THR L 393 -7.88 -71.93 -27.66
C THR L 393 -8.24 -73.33 -27.21
N ASN L 394 -7.57 -74.30 -27.81
CA ASN L 394 -7.78 -75.69 -27.48
C ASN L 394 -6.44 -76.39 -27.53
N LEU L 395 -6.13 -77.17 -26.49
CA LEU L 395 -4.89 -77.90 -26.44
C LEU L 395 -5.18 -79.36 -26.18
N VAL L 396 -4.63 -80.25 -27.03
CA VAL L 396 -4.75 -81.69 -26.92
C VAL L 396 -3.30 -82.15 -26.70
N VAL L 397 -2.85 -82.12 -25.43
CA VAL L 397 -1.47 -82.44 -25.05
C VAL L 397 -1.10 -83.91 -24.80
N ALA L 398 -0.26 -84.42 -25.68
CA ALA L 398 0.29 -85.76 -25.63
C ALA L 398 -0.30 -86.72 -24.59
N THR L 399 0.24 -86.69 -23.34
CA THR L 399 -0.16 -87.59 -22.23
C THR L 399 -1.66 -87.68 -21.93
N VAL L 400 -2.48 -86.64 -22.19
CA VAL L 400 -3.91 -86.79 -21.90
C VAL L 400 -4.40 -88.00 -22.69
N GLN L 401 -3.86 -88.18 -23.91
CA GLN L 401 -4.23 -89.29 -24.80
C GLN L 401 -3.86 -90.66 -24.27
N ASN L 402 -3.06 -90.71 -23.21
CA ASN L 402 -2.66 -91.96 -22.57
C ASN L 402 -3.31 -92.07 -21.19
N ASN L 403 -4.30 -91.21 -20.84
CA ASN L 403 -4.95 -91.26 -19.52
C ASN L 403 -5.80 -92.50 -19.39
N PRO L 404 -6.66 -92.83 -20.37
CA PRO L 404 -7.46 -94.06 -20.25
C PRO L 404 -6.51 -95.26 -20.10
N ALA L 405 -5.47 -95.33 -20.94
CA ALA L 405 -4.49 -96.41 -20.86
C ALA L 405 -3.88 -96.51 -19.47
N MET L 406 -3.65 -95.37 -18.82
CA MET L 406 -3.08 -95.35 -17.47
C MET L 406 -4.13 -95.74 -16.44
N ASP L 407 -5.38 -95.34 -16.63
CA ASP L 407 -6.45 -95.68 -15.70
C ASP L 407 -6.76 -97.17 -15.78
N ILE L 408 -6.70 -97.72 -16.99
CA ILE L 408 -6.97 -99.14 -17.22
C ILE L 408 -5.79 -99.97 -16.74
N GLY L 409 -4.58 -99.55 -17.12
CA GLY L 409 -3.36 -100.23 -16.74
C GLY L 409 -3.23 -100.44 -15.24
N VAL L 410 -3.39 -99.38 -14.45
CA VAL L 410 -3.28 -99.53 -12.99
C VAL L 410 -4.32 -100.52 -12.47
N ARG L 411 -5.51 -100.50 -13.07
CA ARG L 411 -6.59 -101.40 -12.65
C ARG L 411 -6.19 -102.87 -12.90
N LYS L 412 -5.53 -103.15 -14.05
CA LYS L 412 -5.09 -104.49 -14.41
C LYS L 412 -3.91 -104.96 -13.54
N VAL L 413 -3.15 -104.03 -12.97
CA VAL L 413 -2.02 -104.41 -12.13
C VAL L 413 -2.59 -104.94 -10.82
N ALA L 414 -3.54 -104.20 -10.24
CA ALA L 414 -4.18 -104.59 -8.99
C ALA L 414 -4.94 -105.90 -9.16
N GLU L 415 -5.55 -106.10 -10.33
CA GLU L 415 -6.28 -107.33 -10.60
C GLU L 415 -5.34 -108.52 -10.63
N LYS L 416 -4.09 -108.30 -11.10
CA LYS L 416 -3.10 -109.36 -11.20
C LYS L 416 -2.39 -109.67 -9.89
N TYR L 417 -2.11 -108.65 -9.07
CA TYR L 417 -1.38 -108.86 -7.82
C TYR L 417 -2.21 -108.70 -6.54
N ILE L 418 -3.36 -108.02 -6.59
CA ILE L 418 -4.15 -107.82 -5.38
C ILE L 418 -5.47 -108.57 -5.37
N LYS L 419 -5.73 -109.29 -4.28
CA LYS L 419 -6.95 -110.05 -4.05
C LYS L 419 -7.52 -109.65 -2.69
N ALA L 420 -6.65 -109.18 -1.77
CA ALA L 420 -7.04 -108.75 -0.44
C ALA L 420 -6.17 -107.56 -0.03
N PRO L 421 -6.57 -106.76 0.99
CA PRO L 421 -5.75 -105.61 1.38
C PRO L 421 -4.32 -105.95 1.76
N GLU L 422 -4.09 -107.14 2.31
CA GLU L 422 -2.76 -107.59 2.70
C GLU L 422 -1.84 -107.75 1.49
N ASP L 423 -2.39 -108.12 0.33
CA ASP L 423 -1.58 -108.32 -0.88
C ASP L 423 -0.97 -107.02 -1.36
N ALA L 424 -1.60 -105.88 -1.06
CA ALA L 424 -1.10 -104.58 -1.48
C ALA L 424 0.12 -104.18 -0.64
N THR L 425 1.27 -104.77 -0.93
CA THR L 425 2.52 -104.50 -0.23
C THR L 425 3.28 -103.36 -0.91
N PRO L 426 4.33 -102.83 -0.28
CA PRO L 426 5.09 -101.75 -0.91
C PRO L 426 5.57 -102.08 -2.33
N GLN L 427 6.06 -103.30 -2.56
CA GLN L 427 6.54 -103.70 -3.88
C GLN L 427 5.39 -103.76 -4.87
N VAL L 428 4.26 -104.31 -4.45
CA VAL L 428 3.09 -104.44 -5.30
C VAL L 428 2.58 -103.06 -5.67
N LEU L 429 2.43 -102.18 -4.69
CA LEU L 429 1.94 -100.83 -4.98
C LEU L 429 2.88 -100.13 -5.96
N ASN L 430 4.19 -100.39 -5.86
CA ASN L 430 5.16 -99.77 -6.77
C ASN L 430 4.91 -100.28 -8.20
N TYR L 431 4.47 -101.53 -8.36
CA TYR L 431 4.20 -102.07 -9.69
C TYR L 431 3.16 -101.21 -10.40
N MET L 432 2.18 -100.69 -9.65
CA MET L 432 1.13 -99.87 -10.24
C MET L 432 1.76 -98.57 -10.77
N GLU L 433 2.71 -97.99 -10.02
CA GLU L 433 3.36 -96.77 -10.47
C GLU L 433 4.26 -97.08 -11.66
N MET L 434 4.78 -98.31 -11.74
CA MET L 434 5.64 -98.73 -12.83
C MET L 434 4.87 -98.71 -14.13
N LEU L 435 3.58 -99.05 -14.06
CA LEU L 435 2.73 -99.05 -15.25
C LEU L 435 2.58 -97.61 -15.69
N ILE L 436 2.25 -96.72 -14.72
CA ILE L 436 2.08 -95.30 -14.98
C ILE L 436 3.35 -94.78 -15.64
N ARG L 437 4.49 -95.01 -14.98
CA ARG L 437 5.80 -94.57 -15.44
C ARG L 437 6.12 -95.03 -16.85
N ALA L 438 5.77 -96.24 -17.21
CA ALA L 438 6.07 -96.76 -18.53
C ALA L 438 5.63 -95.81 -19.65
N TYR L 439 4.48 -95.14 -19.45
CA TYR L 439 3.95 -94.21 -20.46
C TYR L 439 4.65 -92.85 -20.43
N ASP L 440 5.56 -92.62 -19.47
CA ASP L 440 6.26 -91.35 -19.37
C ASP L 440 5.21 -90.22 -19.24
N PRO L 441 4.46 -90.21 -18.15
CA PRO L 441 3.43 -89.18 -17.98
C PRO L 441 3.93 -87.82 -17.47
N CYS L 442 3.46 -86.76 -18.15
CA CYS L 442 3.77 -85.39 -17.79
C CYS L 442 2.41 -84.79 -17.40
N LEU L 443 2.03 -85.01 -16.15
CA LEU L 443 0.71 -84.59 -15.63
C LEU L 443 0.41 -83.11 -15.71
N SER L 444 1.40 -82.23 -15.49
CA SER L 444 1.18 -80.79 -15.58
C SER L 444 0.84 -80.47 -17.03
N CYS L 445 1.61 -81.09 -17.93
CA CYS L 445 1.45 -81.00 -19.37
C CYS L 445 0.04 -81.37 -19.78
N ALA L 446 -0.36 -82.59 -19.40
CA ALA L 446 -1.66 -83.18 -19.73
C ALA L 446 -2.91 -82.43 -19.27
N THR L 447 -2.82 -81.68 -18.16
CA THR L 447 -4.00 -80.95 -17.70
C THR L 447 -3.98 -79.53 -18.20
N HIS L 448 -2.80 -78.91 -18.26
CA HIS L 448 -2.63 -77.54 -18.73
C HIS L 448 -3.76 -76.63 -18.23
#